data_4D2X
#
_entry.id   4D2X
#
_cell.length_a   1.000
_cell.length_b   1.000
_cell.length_c   1.000
_cell.angle_alpha   90.00
_cell.angle_beta   90.00
_cell.angle_gamma   90.00
#
_symmetry.space_group_name_H-M   'P 1'
#
_entity_poly.entity_id   1
_entity_poly.type   'polypeptide(L)'
_entity_poly.pdbx_seq_one_letter_code
;(MSE)RLDRLTNKFQLALADAQSLALGHDNQFIEPLHL(MSE)SALLNQEGGSVSPLLTSAGINAGQLRTDINQALNRLP
QVEGTGGDVQPSQDLVRVLNLCDKLAQKRGDNFISSELFVLAALESRGTLADILKAAGATTANITQAIEQ(MSE)RGGES
VNDQGAEDQRQALKKYTIDLTERAEQGKLDPVIGRDEEIRRTIQVLQRRTKNNPVLIGEPGVGKTAIVEGLAQRIINGEV
PEGLKGRRVLALD(MSE)GALVAGAKYRGEFEERLKGVLNDLAKQEGNVILFIDELHT(MSE)VGAGKADGA(MSE)DAG
N(MSE)LKPALARGELHCVGATTLDEYRQYIEKDAALERRFQKVFVAEPSVEDTIAILRGLKERYELHHHVQITDPAIVA
AATLSHRYIADRQLPDKAIDLIDEAASSIR(MSE)QIDSKPEELDRLDRRIIQLKLEQQAL(MSE)KESDEASKKRLD
(MSE)LNEELSDKERQYSELEEEWKAEKASLSGTQTIKAELEQAKIAIEQARRVGDLAR(MSE)SELQYGKIPELEKQLE
AATQLEGKT(MSE)RLLRNKVTDAEIAEVLARWTGIPVSR(MSE)(MSE)ESEREKLLR(MSE)EQELHHRVIGQNEAVD
AVSNAIRRSRAGLADPNRPIGSFLFLGPTGVGKTELCKALANF(MSE)FDSDEA(MSE)VRID(MSE)SEF(MSE)EKHS
VSRLVGAPPGYVGYEEGGYLTEAVRRRPYSVILLDEVEKAHPDVFNILLQVLDDGRLTDGQGRTVDFRNTVVI(MSE)TS
NLGSDLIQERFGELDYAH(MSE)KELVLGVVSHNFRPEFINRIDEVVVFHPLGEQHIASIAQIQLKRLYKRLEERGYEIH
ISDEALKLLSENGYDPVYGARPLKRAIQQQIENPLAQQILSGELVPGKVIRLEVNEDRIVAVQH
;
_entity_poly.pdbx_strand_id   A,B,C,D,E,F
#
# COMPACT_ATOMS: atom_id res chain seq x y z
N GLN A 159 -45.47 -16.44 12.84
CA GLN A 159 -44.64 -17.64 12.81
C GLN A 159 -43.21 -17.32 13.19
N ALA A 160 -42.73 -16.18 12.72
CA ALA A 160 -41.31 -15.85 12.79
C ALA A 160 -40.78 -15.74 14.23
N LEU A 161 -41.67 -15.53 15.19
CA LEU A 161 -41.25 -15.46 16.59
C LEU A 161 -41.02 -16.82 17.23
N LYS A 162 -41.91 -17.77 16.96
CA LYS A 162 -41.76 -19.10 17.51
C LYS A 162 -40.45 -19.74 17.04
N LYS A 163 -40.03 -19.39 15.82
CA LYS A 163 -38.80 -19.94 15.26
C LYS A 163 -37.51 -19.34 15.84
N TYR A 164 -37.36 -18.02 15.80
CA TYR A 164 -36.05 -17.40 16.15
C TYR A 164 -35.87 -16.77 17.51
N THR A 165 -36.89 -16.81 18.36
CA THR A 165 -36.73 -16.32 19.71
C THR A 165 -37.05 -17.44 20.68
N ILE A 166 -36.40 -17.40 21.84
CA ILE A 166 -36.70 -18.36 22.89
C ILE A 166 -37.60 -17.63 23.88
N ASP A 167 -38.56 -18.35 24.46
CA ASP A 167 -39.52 -17.69 25.34
C ASP A 167 -38.99 -17.80 26.75
N LEU A 168 -38.52 -16.67 27.28
CA LEU A 168 -37.84 -16.66 28.56
C LEU A 168 -38.80 -16.65 29.74
N THR A 169 -39.99 -16.12 29.53
CA THR A 169 -41.01 -16.15 30.56
C THR A 169 -41.63 -17.55 30.65
N GLU A 170 -41.70 -18.22 29.51
CA GLU A 170 -42.19 -19.59 29.46
C GLU A 170 -41.26 -20.43 30.31
N ARG A 171 -39.99 -20.40 29.94
CA ARG A 171 -38.94 -21.10 30.68
C ARG A 171 -39.02 -20.74 32.16
N ALA A 172 -39.24 -19.48 32.47
CA ALA A 172 -39.34 -19.05 33.85
C ALA A 172 -40.46 -19.77 34.61
N GLU A 173 -41.63 -19.98 33.98
CA GLU A 173 -42.69 -20.67 34.71
C GLU A 173 -42.48 -22.17 34.87
N GLN A 174 -41.61 -22.74 34.04
CA GLN A 174 -41.25 -24.15 34.18
C GLN A 174 -40.16 -24.32 35.24
N GLY A 175 -39.77 -23.23 35.90
CA GLY A 175 -38.66 -23.28 36.84
C GLY A 175 -37.35 -23.61 36.15
N LYS A 176 -37.32 -23.50 34.83
CA LYS A 176 -36.16 -23.87 34.05
C LYS A 176 -35.09 -22.80 34.08
N LEU A 177 -35.45 -21.62 34.55
CA LEU A 177 -34.46 -20.56 34.74
C LEU A 177 -33.92 -20.62 36.15
N ASP A 178 -32.60 -20.52 36.26
CA ASP A 178 -31.92 -20.55 37.54
C ASP A 178 -32.19 -19.23 38.26
N PRO A 179 -32.12 -19.24 39.59
CA PRO A 179 -32.37 -18.03 40.37
C PRO A 179 -31.41 -16.90 40.01
N VAL A 180 -31.87 -15.66 40.22
CA VAL A 180 -31.04 -14.47 40.05
C VAL A 180 -30.96 -13.81 41.42
N ILE A 181 -29.89 -13.06 41.69
CA ILE A 181 -29.53 -12.70 43.06
C ILE A 181 -29.01 -11.29 43.34
N GLY A 182 -29.63 -10.63 44.31
CA GLY A 182 -29.15 -9.35 44.80
C GLY A 182 -29.04 -8.31 43.71
N ARG A 183 -29.80 -8.51 42.64
CA ARG A 183 -29.85 -7.58 41.53
C ARG A 183 -31.01 -6.62 41.65
N ASP A 184 -31.67 -6.61 42.81
CA ASP A 184 -32.93 -5.89 42.97
C ASP A 184 -32.88 -4.50 42.35
N GLU A 185 -31.73 -3.84 42.49
CA GLU A 185 -31.54 -2.48 42.01
C GLU A 185 -31.63 -2.35 40.49
N GLU A 186 -30.90 -3.21 39.79
CA GLU A 186 -30.76 -3.08 38.34
C GLU A 186 -32.06 -3.51 37.65
N ILE A 187 -32.80 -4.41 38.27
CA ILE A 187 -34.07 -4.83 37.72
C ILE A 187 -35.06 -3.68 37.88
N ARG A 188 -35.16 -3.10 39.07
CA ARG A 188 -36.06 -1.98 39.29
C ARG A 188 -35.85 -0.85 38.29
N ARG A 189 -34.61 -0.41 38.16
CA ARG A 189 -34.27 0.61 37.16
C ARG A 189 -34.72 0.17 35.76
N THR A 190 -34.43 -1.08 35.40
CA THR A 190 -34.86 -1.63 34.11
C THR A 190 -36.37 -1.52 33.90
N ILE A 191 -37.15 -1.75 34.96
CA ILE A 191 -38.60 -1.70 34.86
C ILE A 191 -39.08 -0.26 34.70
N GLN A 192 -38.47 0.66 35.42
CA GLN A 192 -38.84 2.06 35.34
C GLN A 192 -38.71 2.48 33.91
N VAL A 193 -37.56 2.16 33.32
CA VAL A 193 -37.28 2.46 31.93
C VAL A 193 -38.23 1.73 30.97
N LEU A 194 -38.69 0.53 31.32
CA LEU A 194 -39.69 -0.15 30.49
C LEU A 194 -41.06 0.52 30.56
N GLN A 195 -41.40 1.07 31.71
CA GLN A 195 -42.70 1.69 31.90
C GLN A 195 -42.80 3.12 31.34
N ARG A 196 -41.65 3.69 31.01
CA ARG A 196 -41.59 5.07 30.57
C ARG A 196 -42.40 5.36 29.32
N ARG A 197 -42.84 6.60 29.22
CA ARG A 197 -43.57 7.08 28.06
C ARG A 197 -42.61 7.33 26.92
N THR A 198 -41.53 8.01 27.25
CA THR A 198 -40.51 8.41 26.27
C THR A 198 -39.15 7.99 26.80
N LYS A 199 -38.26 7.54 25.90
CA LYS A 199 -36.97 6.97 26.28
C LYS A 199 -37.25 5.71 27.11
N ASN A 200 -38.11 4.87 26.52
CA ASN A 200 -38.70 3.73 27.19
C ASN A 200 -38.02 2.39 26.96
N ASN A 201 -36.89 2.39 26.25
CA ASN A 201 -36.12 1.15 26.08
C ASN A 201 -34.88 1.09 26.97
N PRO A 202 -34.85 0.15 27.94
CA PRO A 202 -33.60 -0.04 28.66
C PRO A 202 -32.56 -0.82 27.86
N VAL A 203 -31.30 -0.43 27.99
CA VAL A 203 -30.18 -1.19 27.45
C VAL A 203 -29.23 -1.47 28.60
N LEU A 204 -28.85 -2.74 28.76
CA LEU A 204 -27.98 -3.13 29.85
C LEU A 204 -26.52 -2.98 29.42
N ILE A 205 -25.75 -2.26 30.23
CA ILE A 205 -24.38 -1.91 29.89
C ILE A 205 -23.42 -2.43 30.94
N GLY A 206 -22.50 -3.30 30.53
CA GLY A 206 -21.52 -3.86 31.44
C GLY A 206 -20.53 -4.75 30.71
N GLU A 207 -19.54 -5.23 31.45
CA GLU A 207 -18.52 -6.09 30.87
C GLU A 207 -19.09 -7.47 30.56
N PRO A 208 -18.36 -8.29 29.80
CA PRO A 208 -18.88 -9.63 29.54
C PRO A 208 -18.95 -10.53 30.79
N GLY A 209 -20.10 -11.17 30.98
CA GLY A 209 -20.27 -12.17 32.00
C GLY A 209 -20.59 -11.66 33.40
N VAL A 210 -21.15 -10.46 33.51
CA VAL A 210 -21.35 -9.85 34.83
C VAL A 210 -22.75 -9.93 35.44
N GLY A 211 -23.70 -10.61 34.79
CA GLY A 211 -25.10 -10.52 35.18
C GLY A 211 -26.03 -9.78 34.23
N LYS A 212 -25.56 -9.49 33.01
CA LYS A 212 -26.40 -8.85 31.99
C LYS A 212 -27.68 -9.61 31.65
N THR A 213 -27.54 -10.75 30.97
CA THR A 213 -28.72 -11.52 30.59
C THR A 213 -29.38 -12.05 31.86
N ALA A 214 -28.56 -12.34 32.87
CA ALA A 214 -29.07 -12.77 34.16
C ALA A 214 -30.19 -11.84 34.63
N ILE A 215 -29.97 -10.55 34.46
CA ILE A 215 -30.95 -9.55 34.86
C ILE A 215 -32.23 -9.66 34.05
N VAL A 216 -32.12 -9.89 32.74
CA VAL A 216 -33.30 -10.04 31.89
C VAL A 216 -34.15 -11.17 32.43
N GLU A 217 -33.49 -12.22 32.91
CA GLU A 217 -34.23 -13.36 33.44
C GLU A 217 -34.78 -13.11 34.83
N GLY A 218 -34.13 -12.23 35.58
CA GLY A 218 -34.72 -11.77 36.81
C GLY A 218 -36.08 -11.18 36.47
N LEU A 219 -36.07 -10.23 35.53
CA LEU A 219 -37.29 -9.62 35.00
C LEU A 219 -38.29 -10.68 34.54
N ALA A 220 -37.82 -11.74 33.90
CA ALA A 220 -38.71 -12.80 33.47
C ALA A 220 -39.44 -13.39 34.67
N GLN A 221 -38.70 -13.82 35.68
CA GLN A 221 -39.32 -14.50 36.82
C GLN A 221 -40.15 -13.57 37.68
N ARG A 222 -39.88 -12.27 37.62
CA ARG A 222 -40.69 -11.33 38.38
C ARG A 222 -42.04 -11.17 37.71
N ILE A 223 -42.01 -10.97 36.40
CA ILE A 223 -43.22 -10.86 35.58
C ILE A 223 -44.13 -12.02 35.89
N ILE A 224 -43.57 -13.23 35.83
CA ILE A 224 -44.34 -14.44 36.09
C ILE A 224 -44.89 -14.45 37.53
N ASN A 225 -44.06 -14.08 38.50
CA ASN A 225 -44.47 -14.04 39.91
C ASN A 225 -45.38 -12.89 40.30
N GLY A 226 -45.38 -11.82 39.52
CA GLY A 226 -46.11 -10.62 39.89
C GLY A 226 -45.37 -9.82 40.94
N GLU A 227 -44.05 -9.82 40.81
CA GLU A 227 -43.19 -8.93 41.58
C GLU A 227 -42.96 -7.62 40.79
N VAL A 228 -43.73 -7.44 39.72
CA VAL A 228 -43.61 -6.30 38.82
C VAL A 228 -44.86 -5.42 38.90
N PRO A 229 -44.75 -4.13 38.53
CA PRO A 229 -45.92 -3.26 38.49
C PRO A 229 -46.94 -3.82 37.52
N GLU A 230 -48.20 -3.41 37.65
CA GLU A 230 -49.26 -4.13 36.97
C GLU A 230 -49.35 -3.86 35.48
N GLY A 231 -48.77 -2.77 35.02
CA GLY A 231 -48.67 -2.54 33.58
C GLY A 231 -47.88 -3.65 32.90
N LEU A 232 -46.93 -4.23 33.64
CA LEU A 232 -46.02 -5.23 33.08
C LEU A 232 -46.49 -6.67 33.32
N LYS A 233 -47.52 -6.88 34.15
CA LYS A 233 -48.01 -8.23 34.41
C LYS A 233 -48.61 -8.82 33.15
N GLY A 234 -48.11 -9.99 32.76
CA GLY A 234 -48.64 -10.67 31.59
C GLY A 234 -47.77 -10.51 30.35
N ARG A 235 -46.84 -9.56 30.37
CA ARG A 235 -45.98 -9.38 29.21
C ARG A 235 -45.13 -10.64 29.10
N ARG A 236 -44.60 -10.88 27.90
CA ARG A 236 -43.82 -12.08 27.66
C ARG A 236 -42.46 -11.72 27.10
N VAL A 237 -41.42 -12.01 27.88
CA VAL A 237 -40.05 -11.68 27.51
C VAL A 237 -39.46 -12.77 26.65
N LEU A 238 -39.02 -12.40 25.45
CA LEU A 238 -38.39 -13.33 24.52
C LEU A 238 -36.99 -12.84 24.21
N ALA A 239 -36.10 -13.77 23.92
CA ALA A 239 -34.74 -13.44 23.51
C ALA A 239 -34.54 -13.78 22.04
N LEU A 240 -34.36 -12.74 21.23
CA LEU A 240 -33.97 -12.89 19.84
C LEU A 240 -32.62 -13.53 19.86
N ASP A 241 -32.49 -14.64 19.15
CA ASP A 241 -31.26 -15.38 19.18
C ASP A 241 -30.46 -15.08 17.93
N MSE A 242 -29.25 -14.59 18.15
CA MSE A 242 -28.27 -14.36 17.12
C MSE A 242 -28.13 -15.59 16.26
N GLY A 243 -27.84 -16.70 16.93
CA GLY A 243 -27.61 -17.96 16.27
C GLY A 243 -28.85 -18.49 15.58
N ALA A 244 -30.02 -18.15 16.10
CA ALA A 244 -31.26 -18.57 15.48
C ALA A 244 -31.35 -18.05 14.03
N LEU A 245 -30.84 -16.85 13.80
CA LEU A 245 -30.86 -16.27 12.45
C LEU A 245 -29.59 -16.64 11.69
N ARG A 258 -33.80 -12.34 4.15
CA ARG A 258 -33.25 -12.58 5.47
C ARG A 258 -34.39 -12.72 6.50
N LEU A 259 -35.61 -13.03 6.03
CA LEU A 259 -36.78 -12.95 6.89
C LEU A 259 -36.92 -11.54 7.41
N LYS A 260 -36.72 -11.32 8.72
CA LYS A 260 -36.77 -9.97 9.29
C LYS A 260 -38.18 -9.37 9.34
N GLY A 261 -39.16 -10.06 8.76
CA GLY A 261 -40.55 -9.76 8.99
C GLY A 261 -41.01 -10.31 10.33
N VAL A 262 -40.06 -10.75 11.16
CA VAL A 262 -40.29 -10.99 12.58
C VAL A 262 -40.95 -9.77 13.22
N LEU A 263 -40.41 -8.60 12.88
CA LEU A 263 -40.90 -7.34 13.41
C LEU A 263 -42.39 -7.15 13.13
N ASN A 264 -42.90 -7.84 12.12
CA ASN A 264 -44.33 -7.85 11.85
C ASN A 264 -45.07 -8.53 13.00
N ASP A 265 -44.59 -9.72 13.39
CA ASP A 265 -45.24 -10.46 14.48
C ASP A 265 -45.19 -9.71 15.80
N LEU A 266 -44.10 -8.98 16.05
CA LEU A 266 -44.03 -8.14 17.25
C LEU A 266 -44.88 -6.88 17.15
N ALA A 267 -45.04 -6.37 15.93
CA ALA A 267 -45.88 -5.20 15.70
C ALA A 267 -47.34 -5.59 15.84
N LYS A 268 -47.66 -6.87 15.62
CA LYS A 268 -49.02 -7.37 15.84
C LYS A 268 -49.44 -7.38 17.32
N GLN A 269 -48.49 -7.63 18.21
CA GLN A 269 -48.80 -7.76 19.65
C GLN A 269 -48.52 -6.52 20.52
N GLU A 270 -48.21 -5.37 19.92
CA GLU A 270 -47.47 -4.31 20.62
C GLU A 270 -47.94 -4.00 22.05
N GLY A 271 -46.97 -3.98 22.96
CA GLY A 271 -47.16 -3.67 24.36
C GLY A 271 -47.22 -4.88 25.27
N ASN A 272 -47.60 -6.03 24.72
CA ASN A 272 -47.69 -7.27 25.49
C ASN A 272 -46.47 -8.19 25.32
N VAL A 273 -45.46 -7.75 24.59
CA VAL A 273 -44.26 -8.55 24.36
C VAL A 273 -42.99 -7.70 24.47
N ILE A 274 -42.06 -8.13 25.32
CA ILE A 274 -40.74 -7.51 25.43
C ILE A 274 -39.72 -8.39 24.71
N LEU A 275 -38.87 -7.78 23.89
CA LEU A 275 -37.86 -8.50 23.12
C LEU A 275 -36.46 -8.28 23.68
N PHE A 276 -35.59 -9.29 23.61
CA PHE A 276 -34.22 -9.15 24.10
C PHE A 276 -33.14 -9.54 23.08
N ILE A 277 -32.35 -8.55 22.69
CA ILE A 277 -31.21 -8.75 21.81
C ILE A 277 -29.93 -8.58 22.60
N ASP A 278 -29.20 -9.67 22.82
CA ASP A 278 -27.89 -9.57 23.47
C ASP A 278 -26.90 -9.11 22.42
N GLU A 279 -25.85 -8.41 22.85
CA GLU A 279 -24.86 -7.86 21.93
C GLU A 279 -25.55 -7.02 20.85
N LEU A 280 -26.44 -6.12 21.28
CA LEU A 280 -27.23 -5.28 20.37
C LEU A 280 -26.37 -4.49 19.37
N HIS A 281 -25.12 -4.23 19.74
CA HIS A 281 -24.16 -3.56 18.87
C HIS A 281 -23.96 -4.23 17.51
N THR A 282 -24.20 -5.53 17.45
CA THR A 282 -23.89 -6.32 16.25
C THR A 282 -24.85 -6.12 15.07
N MSE A 283 -26.11 -5.81 15.36
CA MSE A 283 -27.10 -5.58 14.30
C MSE A 283 -27.30 -4.10 13.97
N VAL A 284 -26.55 -3.24 14.64
CA VAL A 284 -26.34 -1.87 14.16
C VAL A 284 -25.05 -1.77 13.34
N GLY A 285 -24.44 -2.93 13.04
CA GLY A 285 -23.32 -3.00 12.12
C GLY A 285 -21.95 -3.34 12.68
N ALA A 286 -21.86 -3.61 13.97
CA ALA A 286 -20.58 -3.95 14.58
C ALA A 286 -20.22 -5.41 14.31
N ASP A 294 -25.44 -4.31 8.88
CA ASP A 294 -26.37 -3.29 9.37
C ASP A 294 -27.82 -3.72 9.19
N ALA A 295 -28.50 -3.98 10.30
CA ALA A 295 -29.96 -4.06 10.30
C ALA A 295 -30.56 -2.73 10.78
N GLY A 296 -29.72 -1.73 11.03
CA GLY A 296 -30.15 -0.50 11.67
C GLY A 296 -31.40 0.15 11.09
N ASN A 297 -31.53 0.12 9.76
CA ASN A 297 -32.66 0.76 9.10
C ASN A 297 -33.98 0.04 9.36
N MSE A 298 -33.91 -1.26 9.62
CA MSE A 298 -35.08 -2.05 9.96
C MSE A 298 -35.69 -1.63 11.29
N LEU A 299 -34.81 -1.53 12.27
CA LEU A 299 -35.19 -1.44 13.67
C LEU A 299 -35.54 0.00 14.06
N LYS A 300 -34.81 0.95 13.46
CA LYS A 300 -35.00 2.37 13.74
C LYS A 300 -36.45 2.87 13.70
N PRO A 301 -37.21 2.51 12.66
CA PRO A 301 -38.62 2.94 12.68
C PRO A 301 -39.44 2.29 13.80
N ALA A 302 -39.12 1.05 14.16
CA ALA A 302 -39.90 0.30 15.13
C ALA A 302 -39.89 0.91 16.53
N LEU A 303 -38.74 1.45 16.95
CA LEU A 303 -38.58 1.99 18.29
C LEU A 303 -39.34 3.30 18.48
N ALA A 304 -39.43 4.09 17.41
CA ALA A 304 -40.15 5.36 17.44
C ALA A 304 -41.65 5.14 17.21
N ARG A 305 -42.02 3.98 16.68
CA ARG A 305 -43.42 3.63 16.47
C ARG A 305 -44.01 2.81 17.63
N GLY A 306 -43.17 2.47 18.62
CA GLY A 306 -43.64 1.70 19.76
C GLY A 306 -43.96 0.25 19.46
N GLU A 307 -43.76 -0.18 18.21
CA GLU A 307 -44.12 -1.53 17.79
C GLU A 307 -43.21 -2.51 18.50
N LEU A 308 -41.97 -2.05 18.71
CA LEU A 308 -40.91 -2.85 19.27
C LEU A 308 -40.45 -2.31 20.62
N HIS A 309 -40.78 -3.04 21.68
CA HIS A 309 -40.26 -2.77 23.01
C HIS A 309 -39.18 -3.80 23.21
N CYS A 310 -37.91 -3.41 23.31
CA CYS A 310 -36.84 -4.39 23.53
C CYS A 310 -35.83 -4.06 24.65
N VAL A 311 -34.84 -4.94 24.78
CA VAL A 311 -33.77 -4.80 25.76
C VAL A 311 -32.44 -5.21 25.10
N GLY A 312 -31.43 -4.35 25.23
CA GLY A 312 -30.12 -4.62 24.66
C GLY A 312 -29.08 -5.03 25.69
N ALA A 313 -27.94 -5.52 25.21
CA ALA A 313 -26.76 -5.68 26.06
C ALA A 313 -25.48 -5.49 25.25
N THR A 314 -24.51 -4.79 25.83
CA THR A 314 -23.26 -4.43 25.16
C THR A 314 -22.27 -3.96 26.21
N THR A 315 -21.04 -3.63 25.83
CA THR A 315 -20.15 -2.95 26.75
C THR A 315 -20.44 -1.45 26.63
N LEU A 316 -19.83 -0.65 27.50
CA LEU A 316 -20.10 0.80 27.48
C LEU A 316 -19.47 1.42 26.25
N ASP A 317 -18.32 0.90 25.85
CA ASP A 317 -17.66 1.34 24.62
C ASP A 317 -18.55 1.12 23.40
N GLU A 318 -19.17 -0.04 23.33
CA GLU A 318 -20.08 -0.37 22.23
C GLU A 318 -21.34 0.49 22.26
N TYR A 319 -21.74 0.99 23.43
CA TYR A 319 -22.88 1.90 23.54
C TYR A 319 -22.54 3.29 23.02
N ARG A 320 -21.44 3.84 23.49
CA ARG A 320 -21.01 5.18 23.09
C ARG A 320 -20.85 5.22 21.58
N GLN A 321 -20.17 4.20 21.05
CA GLN A 321 -19.88 4.14 19.61
C GLN A 321 -21.12 3.94 18.75
N TYR A 322 -21.83 2.83 18.97
CA TYR A 322 -22.91 2.43 18.09
C TYR A 322 -24.32 2.87 18.52
N ILE A 323 -24.43 3.64 19.61
CA ILE A 323 -25.73 4.19 20.02
C ILE A 323 -25.69 5.68 20.26
N GLU A 324 -24.90 6.12 21.22
CA GLU A 324 -24.99 7.49 21.73
C GLU A 324 -24.74 8.55 20.66
N LYS A 325 -24.02 8.19 19.59
CA LYS A 325 -23.71 9.13 18.52
C LYS A 325 -24.87 9.40 17.56
N ASP A 326 -25.99 8.68 17.72
CA ASP A 326 -27.14 8.79 16.82
C ASP A 326 -28.32 9.43 17.55
N ALA A 327 -29.19 10.12 16.80
CA ALA A 327 -30.45 10.60 17.37
C ALA A 327 -31.47 9.46 17.41
N ALA A 328 -31.61 8.76 16.28
CA ALA A 328 -32.59 7.70 16.12
C ALA A 328 -32.52 6.63 17.21
N LEU A 329 -31.32 6.32 17.69
CA LEU A 329 -31.17 5.37 18.79
C LEU A 329 -31.24 6.07 20.14
N GLU A 330 -30.26 6.93 20.41
CA GLU A 330 -30.07 7.51 21.75
C GLU A 330 -31.32 8.19 22.31
N ARG A 331 -32.21 8.66 21.44
CA ARG A 331 -33.43 9.31 21.90
C ARG A 331 -34.47 8.32 22.43
N ARG A 332 -34.44 7.09 21.95
CA ARG A 332 -35.38 6.05 22.39
C ARG A 332 -34.83 5.18 23.53
N PHE A 333 -33.53 5.26 23.82
CA PHE A 333 -32.87 4.29 24.68
C PHE A 333 -32.31 4.86 25.98
N GLN A 334 -32.10 3.96 26.93
CA GLN A 334 -31.55 4.31 28.23
C GLN A 334 -30.31 3.49 28.55
N LYS A 335 -29.41 4.09 29.34
CA LYS A 335 -28.29 3.37 29.91
C LYS A 335 -28.72 2.82 31.25
N VAL A 336 -28.64 1.49 31.43
CA VAL A 336 -28.76 0.89 32.75
C VAL A 336 -27.50 0.09 33.04
N PHE A 337 -26.71 0.58 34.00
CA PHE A 337 -25.40 0.00 34.25
C PHE A 337 -25.44 -1.22 35.16
N VAL A 338 -24.78 -2.28 34.71
CA VAL A 338 -24.59 -3.49 35.49
C VAL A 338 -23.11 -3.57 35.83
N ALA A 339 -22.77 -3.32 37.08
CA ALA A 339 -21.38 -3.41 37.52
C ALA A 339 -20.95 -4.86 37.63
N GLU A 340 -19.65 -5.08 37.66
CA GLU A 340 -19.11 -6.39 37.98
C GLU A 340 -19.31 -6.63 39.48
N PRO A 341 -19.86 -7.79 39.86
CA PRO A 341 -20.03 -8.09 41.28
C PRO A 341 -18.77 -7.98 42.13
N SER A 342 -18.98 -7.65 43.40
CA SER A 342 -17.96 -7.69 44.44
C SER A 342 -17.59 -9.15 44.68
N VAL A 343 -16.47 -9.42 45.35
CA VAL A 343 -16.17 -10.80 45.73
C VAL A 343 -17.24 -11.29 46.71
N GLU A 344 -17.59 -10.46 47.69
CA GLU A 344 -18.63 -10.80 48.66
C GLU A 344 -19.98 -11.03 47.98
N ASP A 345 -20.26 -10.17 47.00
CA ASP A 345 -21.50 -10.25 46.25
C ASP A 345 -21.51 -11.59 45.56
N THR A 346 -20.39 -11.89 44.89
CA THR A 346 -20.24 -13.10 44.12
C THR A 346 -20.37 -14.34 44.98
N ILE A 347 -19.94 -14.25 46.23
CA ILE A 347 -20.11 -15.36 47.15
C ILE A 347 -21.58 -15.58 47.41
N ALA A 348 -22.33 -14.50 47.57
CA ALA A 348 -23.78 -14.63 47.73
C ALA A 348 -24.44 -15.15 46.47
N ILE A 349 -23.94 -14.76 45.30
CA ILE A 349 -24.56 -15.20 44.06
C ILE A 349 -24.35 -16.71 43.97
N LEU A 350 -23.14 -17.17 44.23
CA LEU A 350 -22.82 -18.59 44.08
C LEU A 350 -23.52 -19.41 45.14
N ARG A 351 -23.71 -18.81 46.32
CA ARG A 351 -24.39 -19.51 47.39
C ARG A 351 -25.84 -19.75 47.04
N GLY A 352 -26.46 -18.80 46.35
CA GLY A 352 -27.81 -19.02 45.88
C GLY A 352 -27.89 -20.01 44.72
N LEU A 353 -26.92 -19.99 43.81
CA LEU A 353 -26.85 -20.97 42.73
C LEU A 353 -26.43 -22.36 43.23
N LYS A 354 -25.77 -22.42 44.38
CA LYS A 354 -25.16 -23.65 44.89
C LYS A 354 -26.06 -24.90 44.82
N GLU A 355 -27.30 -24.79 45.31
CA GLU A 355 -28.24 -25.90 45.30
C GLU A 355 -28.47 -26.47 43.91
N ARG A 356 -28.91 -25.60 43.01
CA ARG A 356 -29.24 -26.00 41.64
C ARG A 356 -28.05 -26.67 40.98
N TYR A 357 -26.87 -26.07 41.18
CA TYR A 357 -25.63 -26.57 40.57
C TYR A 357 -25.22 -27.95 41.04
N GLU A 358 -25.36 -28.24 42.32
CA GLU A 358 -25.03 -29.57 42.82
C GLU A 358 -26.13 -30.58 42.49
N LEU A 359 -27.33 -30.12 42.16
CA LEU A 359 -28.31 -31.01 41.52
C LEU A 359 -27.92 -31.30 40.07
N HIS A 360 -27.38 -30.29 39.39
CA HIS A 360 -27.00 -30.40 37.98
C HIS A 360 -25.92 -31.44 37.77
N HIS A 361 -24.79 -31.22 38.44
CA HIS A 361 -23.60 -32.06 38.25
C HIS A 361 -23.57 -33.37 39.02
N HIS A 362 -24.54 -33.60 39.88
CA HIS A 362 -24.56 -34.81 40.68
C HIS A 362 -23.31 -34.87 41.55
N VAL A 363 -23.04 -33.75 42.22
CA VAL A 363 -21.91 -33.64 43.11
C VAL A 363 -22.41 -32.88 44.30
N GLN A 364 -21.51 -32.46 45.16
CA GLN A 364 -21.89 -31.66 46.30
C GLN A 364 -20.84 -30.59 46.42
N ILE A 365 -21.27 -29.34 46.46
CA ILE A 365 -20.35 -28.23 46.46
C ILE A 365 -20.22 -27.73 47.88
N THR A 366 -19.02 -27.29 48.22
CA THR A 366 -18.63 -26.99 49.60
C THR A 366 -18.55 -25.50 49.77
N ASP A 367 -19.04 -24.96 50.87
CA ASP A 367 -19.07 -23.50 51.00
C ASP A 367 -17.66 -22.90 50.88
N PRO A 368 -16.67 -23.56 51.49
CA PRO A 368 -15.27 -23.31 51.13
C PRO A 368 -14.98 -23.31 49.62
N ALA A 369 -15.55 -24.21 48.84
CA ALA A 369 -15.37 -24.19 47.38
C ALA A 369 -15.93 -22.93 46.77
N ILE A 370 -17.02 -22.44 47.32
CA ILE A 370 -17.62 -21.24 46.77
C ILE A 370 -16.71 -20.05 47.03
N VAL A 371 -16.42 -19.79 48.30
CA VAL A 371 -15.58 -18.66 48.64
C VAL A 371 -14.20 -18.74 47.98
N ALA A 372 -13.69 -19.95 47.77
CA ALA A 372 -12.40 -20.11 47.08
C ALA A 372 -12.55 -19.77 45.61
N ALA A 373 -13.62 -20.23 44.99
CA ALA A 373 -13.83 -20.02 43.56
C ALA A 373 -14.05 -18.57 43.23
N ALA A 374 -14.62 -17.82 44.16
CA ALA A 374 -14.78 -16.38 44.00
C ALA A 374 -13.46 -15.63 44.24
N THR A 375 -12.92 -15.79 45.45
CA THR A 375 -11.70 -15.11 45.90
C THR A 375 -10.51 -15.27 44.95
N LEU A 376 -10.18 -16.51 44.63
CA LEU A 376 -9.03 -16.83 43.79
C LEU A 376 -9.22 -16.34 42.39
N SER A 377 -10.37 -16.64 41.80
CA SER A 377 -10.65 -16.21 40.43
C SER A 377 -10.47 -14.70 40.30
N HIS A 378 -10.94 -13.95 41.28
CA HIS A 378 -10.72 -12.51 41.31
C HIS A 378 -9.23 -12.22 41.26
N ARG A 379 -8.48 -12.84 42.17
CA ARG A 379 -7.03 -12.69 42.20
C ARG A 379 -6.32 -13.11 40.91
N TYR A 380 -6.28 -14.41 40.63
CA TYR A 380 -5.36 -14.94 39.63
C TYR A 380 -5.83 -14.90 38.18
N ILE A 381 -7.05 -14.43 37.93
CA ILE A 381 -7.53 -14.28 36.56
C ILE A 381 -7.70 -12.81 36.27
N ALA A 382 -6.79 -12.29 35.46
CA ALA A 382 -6.69 -10.87 35.22
C ALA A 382 -7.81 -10.39 34.30
N ASP A 383 -7.97 -11.10 33.18
CA ASP A 383 -8.77 -10.62 32.05
C ASP A 383 -10.31 -10.73 32.14
N ARG A 384 -10.84 -11.88 32.53
CA ARG A 384 -12.30 -12.08 32.52
C ARG A 384 -12.97 -11.48 33.76
N GLN A 385 -14.30 -11.52 33.83
CA GLN A 385 -15.07 -10.81 34.85
C GLN A 385 -15.79 -11.72 35.83
N LEU A 386 -16.03 -11.20 37.03
CA LEU A 386 -16.09 -12.02 38.23
C LEU A 386 -17.19 -13.08 38.32
N PRO A 387 -18.46 -12.70 38.22
CA PRO A 387 -19.46 -13.71 38.59
C PRO A 387 -19.40 -14.85 37.60
N ASP A 388 -18.91 -14.59 36.40
CA ASP A 388 -18.72 -15.66 35.42
C ASP A 388 -17.48 -16.52 35.71
N LYS A 389 -16.29 -15.94 35.69
CA LYS A 389 -15.07 -16.74 35.89
C LYS A 389 -15.13 -17.61 37.16
N ALA A 390 -15.79 -17.12 38.21
CA ALA A 390 -15.96 -17.88 39.43
C ALA A 390 -16.77 -19.12 39.13
N ILE A 391 -17.86 -18.95 38.38
CA ILE A 391 -18.69 -20.07 38.02
C ILE A 391 -17.89 -21.08 37.20
N ASP A 392 -17.30 -20.68 36.08
CA ASP A 392 -16.55 -21.61 35.22
C ASP A 392 -15.59 -22.46 36.05
N LEU A 393 -14.96 -21.84 37.04
CA LEU A 393 -14.09 -22.56 37.96
C LEU A 393 -14.84 -23.67 38.68
N ILE A 394 -15.93 -23.33 39.36
CA ILE A 394 -16.75 -24.35 40.02
C ILE A 394 -17.14 -25.46 39.07
N ASP A 395 -17.79 -25.07 37.97
CA ASP A 395 -18.29 -25.95 36.93
C ASP A 395 -17.29 -26.99 36.53
N GLU A 396 -16.06 -26.57 36.28
CA GLU A 396 -15.07 -27.49 35.76
C GLU A 396 -14.54 -28.40 36.86
N ALA A 397 -14.44 -27.89 38.09
CA ALA A 397 -14.08 -28.74 39.21
C ALA A 397 -15.15 -29.80 39.40
N ALA A 398 -16.40 -29.44 39.12
CA ALA A 398 -17.53 -30.35 39.28
C ALA A 398 -17.45 -31.46 38.26
N SER A 399 -17.28 -31.14 36.99
CA SER A 399 -17.19 -32.18 35.96
C SER A 399 -15.91 -32.99 36.09
N SER A 400 -14.91 -32.48 36.80
CA SER A 400 -13.75 -33.30 37.15
C SER A 400 -14.09 -34.30 38.26
N ILE A 401 -14.88 -33.89 39.25
CA ILE A 401 -15.30 -34.84 40.29
C ILE A 401 -16.25 -35.87 39.70
N ARG A 402 -17.10 -35.45 38.77
CA ARG A 402 -18.14 -36.34 38.26
C ARG A 402 -17.51 -37.42 37.39
N MSE A 403 -16.30 -37.18 36.90
CA MSE A 403 -15.53 -38.24 36.24
C MSE A 403 -14.80 -39.13 37.25
N GLN A 404 -14.18 -38.53 38.26
CA GLN A 404 -13.50 -39.29 39.31
C GLN A 404 -14.47 -40.25 40.04
N ILE A 405 -15.77 -39.95 39.96
CA ILE A 405 -16.83 -40.82 40.49
C ILE A 405 -17.09 -42.06 39.63
N ASP A 406 -17.16 -41.87 38.32
CA ASP A 406 -17.60 -42.91 37.41
C ASP A 406 -16.45 -43.88 37.08
N SER A 407 -15.28 -43.69 37.69
CA SER A 407 -14.13 -44.55 37.44
C SER A 407 -13.93 -45.48 38.63
N LYS A 408 -13.40 -46.68 38.37
CA LYS A 408 -13.14 -47.66 39.42
C LYS A 408 -12.22 -47.06 40.48
N PRO A 409 -12.30 -47.52 41.74
CA PRO A 409 -11.35 -46.99 42.71
C PRO A 409 -9.94 -47.55 42.50
N GLU A 410 -8.91 -46.85 42.96
CA GLU A 410 -7.55 -47.34 42.85
C GLU A 410 -7.34 -48.51 43.80
N GLU A 411 -8.15 -48.57 44.86
CA GLU A 411 -7.95 -49.59 45.89
C GLU A 411 -8.11 -50.99 45.30
N LEU A 412 -5.99 -34.44 45.76
CA LEU A 412 -5.88 -35.26 44.56
C LEU A 412 -5.76 -34.30 43.40
N ASP A 413 -5.50 -34.82 42.20
CA ASP A 413 -5.18 -34.00 41.02
C ASP A 413 -3.87 -33.22 41.15
N ARG A 414 -3.34 -33.13 42.36
CA ARG A 414 -1.91 -33.13 42.59
C ARG A 414 -1.44 -34.57 42.44
N LEU A 415 -2.21 -35.51 42.98
CA LEU A 415 -1.90 -36.93 42.79
C LEU A 415 -2.27 -37.44 41.40
N ASP A 416 -3.15 -36.77 40.67
CA ASP A 416 -3.39 -37.19 39.28
C ASP A 416 -2.24 -36.73 38.41
N ARG A 417 -1.70 -35.55 38.72
CA ARG A 417 -0.50 -35.04 38.05
C ARG A 417 0.71 -35.96 38.31
N ARG A 418 0.85 -36.39 39.55
CA ARG A 418 1.93 -37.31 39.91
C ARG A 418 1.79 -38.63 39.15
N ILE A 419 0.62 -39.24 39.29
CA ILE A 419 0.36 -40.54 38.67
C ILE A 419 0.64 -40.45 37.16
N ILE A 420 0.19 -39.36 36.52
CA ILE A 420 0.27 -39.25 35.06
C ILE A 420 1.72 -39.17 34.58
N GLN A 421 2.54 -38.37 35.26
CA GLN A 421 3.95 -38.32 34.89
C GLN A 421 4.66 -39.65 35.12
N LEU A 422 4.22 -40.40 36.14
CA LEU A 422 4.74 -41.76 36.35
C LEU A 422 4.15 -42.79 35.38
N LYS A 423 2.99 -42.52 34.78
CA LYS A 423 2.46 -43.41 33.77
C LYS A 423 3.27 -43.30 32.49
N LEU A 424 3.67 -42.09 32.14
CA LEU A 424 4.54 -41.89 30.97
C LEU A 424 5.98 -42.38 31.18
N GLU A 425 6.61 -42.02 32.30
CA GLU A 425 7.92 -42.58 32.63
C GLU A 425 7.85 -44.09 32.58
N GLN A 426 6.81 -44.65 33.18
CA GLN A 426 6.71 -46.09 33.29
C GLN A 426 6.53 -46.75 31.95
N GLN A 427 5.83 -46.12 31.01
CA GLN A 427 5.77 -46.69 29.67
C GLN A 427 7.09 -46.50 28.91
N ALA A 428 7.87 -45.50 29.29
CA ALA A 428 9.21 -45.31 28.71
C ALA A 428 10.17 -46.36 29.23
N LEU A 429 10.21 -46.46 30.56
CA LEU A 429 10.99 -47.47 31.27
C LEU A 429 10.46 -48.88 30.96
N MSE A 430 9.33 -48.97 30.27
CA MSE A 430 8.78 -50.23 29.77
C MSE A 430 9.29 -50.64 28.36
N LYS A 431 9.99 -49.73 27.67
CA LYS A 431 10.45 -49.98 26.32
C LYS A 431 11.93 -50.36 26.30
N ARG A 440 14.22 -50.57 38.84
CA ARG A 440 13.59 -49.25 38.89
C ARG A 440 12.19 -49.33 38.30
N LEU A 441 12.04 -50.12 37.25
CA LEU A 441 10.75 -50.30 36.60
C LEU A 441 9.73 -50.79 37.61
N ASP A 442 9.93 -52.03 38.06
CA ASP A 442 8.97 -52.71 38.92
C ASP A 442 8.82 -51.94 40.24
N MSE A 443 9.92 -51.33 40.69
CA MSE A 443 9.91 -50.53 41.92
C MSE A 443 8.98 -49.34 41.77
N LEU A 444 9.23 -48.55 40.73
CA LEU A 444 8.38 -47.42 40.39
C LEU A 444 6.94 -47.89 40.18
N ASN A 445 6.80 -49.14 39.76
CA ASN A 445 5.49 -49.77 39.57
C ASN A 445 4.76 -49.99 40.91
N GLU A 446 5.52 -50.35 41.94
CA GLU A 446 4.96 -50.48 43.28
C GLU A 446 4.50 -49.12 43.83
N GLU A 447 5.38 -48.12 43.76
CA GLU A 447 5.02 -46.75 44.14
C GLU A 447 3.73 -46.36 43.42
N LEU A 448 3.63 -46.73 42.16
CA LEU A 448 2.45 -46.42 41.35
C LEU A 448 1.15 -46.98 41.95
N SER A 449 1.06 -48.30 42.13
CA SER A 449 -0.18 -48.87 42.66
C SER A 449 -0.56 -48.29 44.03
N ASP A 450 0.41 -48.23 44.94
CA ASP A 450 0.13 -47.68 46.26
C ASP A 450 -0.24 -46.21 46.22
N LYS A 451 0.12 -45.51 45.13
CA LYS A 451 -0.37 -44.15 44.91
C LYS A 451 -1.68 -44.04 44.12
N GLU A 452 -2.12 -45.13 43.49
CA GLU A 452 -3.46 -45.19 42.90
C GLU A 452 -4.50 -45.80 43.85
N ARG A 453 -4.04 -46.35 44.97
CA ARG A 453 -4.94 -46.70 46.06
C ARG A 453 -5.20 -45.43 46.84
N GLN A 454 -4.16 -44.63 47.05
CA GLN A 454 -4.32 -43.29 47.62
C GLN A 454 -5.38 -42.57 46.80
N TYR A 455 -5.35 -42.75 45.49
CA TYR A 455 -6.19 -41.97 44.59
C TYR A 455 -7.63 -42.46 44.49
N SER A 456 -7.89 -43.76 44.58
CA SER A 456 -9.29 -44.24 44.63
C SER A 456 -9.90 -43.91 45.99
N GLU A 457 -9.18 -44.24 47.05
CA GLU A 457 -9.59 -43.88 48.40
C GLU A 457 -9.92 -42.41 48.49
N LEU A 458 -9.10 -41.58 47.85
CA LEU A 458 -9.34 -40.15 47.87
C LEU A 458 -10.58 -39.79 47.07
N GLU A 459 -10.68 -40.32 45.86
CA GLU A 459 -11.80 -39.97 44.98
C GLU A 459 -13.12 -40.36 45.64
N GLU A 460 -13.09 -41.42 46.43
CA GLU A 460 -14.29 -41.95 47.04
C GLU A 460 -14.65 -41.13 48.26
N GLU A 461 -13.64 -40.75 49.04
CA GLU A 461 -13.84 -39.86 50.16
C GLU A 461 -14.53 -38.59 49.69
N TRP A 462 -14.04 -38.07 48.57
CA TRP A 462 -14.51 -36.82 47.99
C TRP A 462 -15.95 -36.94 47.48
N LYS A 463 -16.27 -38.06 46.85
CA LYS A 463 -17.64 -38.33 46.46
C LYS A 463 -18.57 -38.41 47.68
N ALA A 464 -18.03 -38.91 48.79
CA ALA A 464 -18.81 -38.98 50.02
C ALA A 464 -18.96 -37.60 50.66
N GLU A 465 -17.98 -36.71 50.44
CA GLU A 465 -18.12 -35.32 50.89
C GLU A 465 -19.31 -34.70 50.17
N LYS A 466 -19.23 -34.74 48.85
CA LYS A 466 -20.23 -34.17 47.95
C LYS A 466 -21.61 -34.63 48.37
N ILE A 484 -43.01 -22.84 55.42
CA ILE A 484 -43.87 -22.09 54.50
C ILE A 484 -45.26 -22.68 54.57
N ALA A 485 -45.39 -24.01 54.51
CA ALA A 485 -46.71 -24.67 54.59
C ALA A 485 -47.53 -24.33 55.83
N ILE A 486 -46.99 -24.50 57.04
CA ILE A 486 -47.79 -24.20 58.23
C ILE A 486 -48.08 -22.71 58.43
N GLU A 487 -47.22 -21.84 57.92
CA GLU A 487 -47.56 -20.42 57.81
C GLU A 487 -48.56 -20.20 56.68
N GLN A 488 -48.59 -21.12 55.72
CA GLN A 488 -49.50 -21.04 54.60
C GLN A 488 -50.93 -21.32 55.02
N ALA A 489 -51.17 -22.35 55.83
CA ALA A 489 -52.46 -22.45 56.47
C ALA A 489 -52.39 -22.35 58.02
N ARG A 490 -52.43 -21.10 58.48
CA ARG A 490 -53.23 -20.65 59.59
C ARG A 490 -54.47 -20.06 58.91
N ARG A 491 -54.39 -19.99 57.58
CA ARG A 491 -55.47 -19.60 56.70
C ARG A 491 -56.17 -20.81 56.10
N MSE A 498 -53.55 -29.43 58.58
CA MSE A 498 -52.23 -29.95 58.93
C MSE A 498 -51.98 -29.68 60.44
N SER A 499 -52.41 -30.64 61.27
CA SER A 499 -52.51 -30.54 62.73
C SER A 499 -51.22 -30.79 63.54
N GLU A 500 -51.33 -30.96 64.87
CA GLU A 500 -50.18 -30.90 65.81
C GLU A 500 -48.87 -31.62 65.45
N LEU A 501 -48.92 -32.84 64.90
CA LEU A 501 -47.68 -33.42 64.35
C LEU A 501 -47.57 -33.30 62.81
N GLN A 502 -48.52 -32.61 62.17
CA GLN A 502 -48.27 -32.00 60.86
C GLN A 502 -47.64 -30.58 60.99
N TYR A 503 -48.08 -29.82 61.99
CA TYR A 503 -47.23 -28.81 62.62
C TYR A 503 -45.95 -29.55 62.94
N GLY A 504 -46.15 -30.80 63.31
CA GLY A 504 -45.06 -31.76 63.44
C GLY A 504 -44.53 -32.06 62.05
N LYS A 505 -43.86 -33.20 61.83
CA LYS A 505 -42.98 -33.25 60.67
C LYS A 505 -41.87 -32.23 60.92
N ILE A 506 -42.14 -30.96 60.67
CA ILE A 506 -41.21 -29.86 60.96
C ILE A 506 -40.28 -30.08 62.21
N PRO A 507 -40.75 -30.66 63.34
CA PRO A 507 -39.85 -30.96 64.47
C PRO A 507 -38.96 -32.19 64.22
N GLU A 508 -39.34 -33.08 63.30
CA GLU A 508 -38.42 -34.13 62.84
C GLU A 508 -37.42 -33.61 61.80
N LEU A 509 -37.89 -32.91 60.76
CA LEU A 509 -36.98 -32.42 59.74
C LEU A 509 -36.07 -31.41 60.40
N GLU A 510 -36.48 -30.96 61.59
CA GLU A 510 -35.64 -30.14 62.44
C GLU A 510 -34.49 -31.01 62.99
N LYS A 511 -34.80 -32.22 63.45
CA LYS A 511 -33.75 -33.15 63.92
C LYS A 511 -32.94 -33.80 62.79
N GLN A 512 -33.55 -34.00 61.62
CA GLN A 512 -32.80 -34.49 60.47
C GLN A 512 -31.73 -33.47 60.06
N LEU A 513 -32.09 -32.19 60.00
CA LEU A 513 -31.09 -31.15 59.71
C LEU A 513 -30.10 -30.99 60.86
N GLU A 514 -30.59 -31.23 62.08
CA GLU A 514 -29.72 -31.30 63.24
C GLU A 514 -28.73 -32.43 62.99
N ALA A 515 -29.22 -33.51 62.41
CA ALA A 515 -28.43 -34.72 62.20
C ALA A 515 -27.38 -34.54 61.12
N ALA A 516 -27.74 -33.80 60.07
CA ALA A 516 -26.84 -33.66 58.93
C ALA A 516 -25.60 -32.83 59.25
N THR A 517 -25.77 -31.62 59.79
CA THR A 517 -24.63 -30.82 60.25
C THR A 517 -23.89 -31.52 61.40
N GLN A 518 -24.63 -32.26 62.22
CA GLN A 518 -24.03 -33.06 63.28
C GLN A 518 -23.06 -34.06 62.66
N LEU A 519 -23.49 -34.64 61.55
CA LEU A 519 -22.69 -35.60 60.80
C LEU A 519 -21.59 -34.86 60.04
N GLU A 520 -21.93 -33.68 59.51
CA GLU A 520 -21.11 -32.96 58.56
C GLU A 520 -19.81 -32.53 59.24
N GLY A 521 -19.92 -32.16 60.51
CA GLY A 521 -18.76 -31.79 61.29
C GLY A 521 -17.79 -32.95 61.42
N LYS A 522 -18.34 -34.16 61.57
CA LYS A 522 -17.51 -35.36 61.67
C LYS A 522 -16.84 -35.72 60.34
N THR A 523 -17.64 -35.88 59.30
CA THR A 523 -17.16 -36.33 58.00
C THR A 523 -16.19 -35.36 57.30
N MSE A 524 -16.44 -34.05 57.40
CA MSE A 524 -15.93 -33.08 56.41
C MSE A 524 -14.47 -32.59 56.50
N ARG A 525 -16.76 -44.01 51.32
CA ARG A 525 -15.31 -43.97 51.11
C ARG A 525 -15.20 -44.71 49.77
N LEU A 526 -14.08 -44.63 49.06
CA LEU A 526 -13.88 -45.19 47.70
C LEU A 526 -14.45 -44.34 46.58
N LEU A 527 -15.38 -43.46 46.88
CA LEU A 527 -15.88 -42.50 45.90
C LEU A 527 -15.97 -41.18 46.63
N ARG A 528 -15.19 -40.19 46.20
CA ARG A 528 -15.31 -38.88 46.82
C ARG A 528 -16.22 -37.99 46.00
N ASN A 529 -17.26 -37.55 46.67
CA ASN A 529 -18.41 -36.91 46.07
C ASN A 529 -18.32 -35.40 46.03
N LYS A 530 -17.38 -34.82 46.76
CA LYS A 530 -17.39 -33.38 47.01
C LYS A 530 -16.49 -32.60 46.07
N VAL A 531 -16.97 -31.42 45.69
CA VAL A 531 -16.15 -30.42 45.02
C VAL A 531 -15.81 -29.42 46.10
N THR A 532 -14.56 -29.42 46.53
CA THR A 532 -14.18 -28.66 47.71
C THR A 532 -12.94 -27.86 47.45
N ASP A 533 -12.94 -26.59 47.84
CA ASP A 533 -11.74 -25.93 48.32
C ASP A 533 -10.57 -26.17 47.34
N ALA A 534 -9.62 -27.01 47.75
CA ALA A 534 -8.52 -27.47 46.90
C ALA A 534 -8.89 -27.96 45.48
N GLU A 535 -10.07 -28.55 45.33
CA GLU A 535 -10.54 -28.96 44.00
C GLU A 535 -10.72 -27.79 43.04
N ILE A 536 -11.16 -26.66 43.57
CA ILE A 536 -11.24 -25.42 42.81
C ILE A 536 -9.81 -24.96 42.51
N ALA A 537 -8.94 -25.17 43.47
CA ALA A 537 -7.54 -24.75 43.38
C ALA A 537 -6.78 -25.50 42.29
N GLU A 538 -7.13 -26.76 42.09
CA GLU A 538 -6.52 -27.57 41.05
C GLU A 538 -6.84 -26.98 39.69
N VAL A 539 -8.12 -26.78 39.44
CA VAL A 539 -8.58 -26.26 38.16
C VAL A 539 -7.83 -24.96 37.86
N LEU A 540 -7.74 -24.08 38.85
CA LEU A 540 -7.03 -22.82 38.64
C LEU A 540 -5.50 -23.00 38.59
N ALA A 541 -4.98 -24.11 39.09
CA ALA A 541 -3.56 -24.47 38.90
C ALA A 541 -3.31 -24.79 37.45
N ARG A 542 -4.29 -25.37 36.78
CA ARG A 542 -4.14 -25.67 35.36
C ARG A 542 -4.29 -24.44 34.48
N TRP A 543 -5.26 -23.59 34.77
CA TRP A 543 -5.42 -22.37 33.98
C TRP A 543 -4.22 -21.47 34.16
N THR A 544 -3.73 -21.38 35.39
CA THR A 544 -2.58 -20.56 35.70
C THR A 544 -1.21 -21.21 35.51
N GLY A 545 -1.07 -22.44 35.97
CA GLY A 545 0.24 -23.04 36.13
C GLY A 545 0.97 -22.48 37.35
N ILE A 546 0.29 -22.50 38.50
CA ILE A 546 0.90 -22.14 39.78
C ILE A 546 0.98 -23.48 40.54
N PRO A 547 1.95 -23.64 41.46
CA PRO A 547 2.17 -24.96 42.04
C PRO A 547 1.14 -25.45 43.09
N VAL A 548 0.50 -24.51 43.79
CA VAL A 548 -0.73 -24.74 44.57
C VAL A 548 -0.83 -25.74 45.75
N SER A 549 0.08 -25.81 46.73
CA SER A 549 1.29 -25.01 46.94
C SER A 549 1.16 -23.46 47.00
N ARG A 550 2.08 -22.73 46.35
CA ARG A 550 2.28 -21.30 46.61
C ARG A 550 0.99 -20.51 46.59
N MSE A 551 0.02 -21.01 45.86
CA MSE A 551 -1.30 -20.42 45.82
C MSE A 551 -2.05 -20.56 47.15
N MSE A 552 -2.02 -21.75 47.75
CA MSE A 552 -2.79 -22.02 48.98
C MSE A 552 -2.12 -22.10 50.38
N GLU A 553 3.85 -32.55 30.95
CA GLU A 553 4.04 -32.92 32.35
C GLU A 553 3.72 -31.69 33.16
N SER A 554 2.79 -31.75 34.12
CA SER A 554 2.54 -30.49 34.84
C SER A 554 3.42 -30.42 36.06
N GLU A 555 4.62 -29.90 35.84
CA GLU A 555 5.26 -28.77 36.52
C GLU A 555 5.23 -28.60 38.05
N ARG A 556 4.33 -29.28 38.73
CA ARG A 556 4.16 -29.07 40.14
C ARG A 556 5.20 -29.90 40.84
N GLU A 557 5.41 -31.12 40.37
CA GLU A 557 6.49 -31.93 40.90
C GLU A 557 7.81 -31.39 40.37
N LYS A 558 7.81 -30.96 39.12
CA LYS A 558 8.97 -30.30 38.52
C LYS A 558 9.46 -29.16 39.42
N LEU A 559 8.64 -28.13 39.61
CA LEU A 559 8.98 -26.98 40.45
C LEU A 559 9.43 -27.33 41.88
N LEU A 560 8.85 -28.37 42.47
CA LEU A 560 9.23 -28.71 43.84
C LEU A 560 10.56 -29.47 43.85
N ARG A 561 10.93 -30.03 42.70
CA ARG A 561 12.25 -30.62 42.49
C ARG A 561 13.32 -29.61 42.02
N MSE A 562 12.92 -28.36 41.85
CA MSE A 562 13.66 -27.39 41.03
C MSE A 562 15.14 -27.13 41.36
N GLU A 563 15.54 -27.21 42.63
CA GLU A 563 16.93 -26.92 42.98
C GLU A 563 17.84 -28.10 42.60
N GLN A 564 17.35 -29.32 42.76
CA GLN A 564 18.14 -30.50 42.46
C GLN A 564 18.26 -30.56 40.95
N GLU A 565 17.15 -30.25 40.28
CA GLU A 565 17.10 -30.18 38.83
C GLU A 565 18.12 -29.22 38.27
N LEU A 566 18.06 -27.99 38.76
CA LEU A 566 18.98 -26.96 38.29
C LEU A 566 20.39 -27.35 38.64
N HIS A 567 20.53 -28.14 39.71
CA HIS A 567 21.86 -28.58 40.14
C HIS A 567 22.50 -29.66 39.28
N HIS A 568 21.75 -30.28 38.36
CA HIS A 568 22.37 -31.24 37.46
C HIS A 568 23.32 -30.52 36.54
N ARG A 569 22.96 -29.31 36.10
CA ARG A 569 23.87 -28.49 35.32
C ARG A 569 24.69 -27.46 36.08
N VAL A 570 24.25 -27.09 37.28
CA VAL A 570 24.93 -26.01 38.00
C VAL A 570 25.61 -26.54 39.25
N ILE A 571 26.94 -26.56 39.20
CA ILE A 571 27.75 -27.01 40.33
C ILE A 571 27.97 -25.91 41.35
N GLY A 572 27.52 -26.14 42.58
CA GLY A 572 27.68 -25.14 43.61
C GLY A 572 26.75 -23.97 43.36
N GLN A 573 27.11 -22.82 43.90
CA GLN A 573 26.28 -21.63 43.89
C GLN A 573 24.89 -21.91 44.42
N ASN A 574 24.81 -22.28 45.70
CA ASN A 574 23.55 -22.69 46.27
C ASN A 574 22.65 -21.52 46.68
N GLU A 575 23.23 -20.45 47.21
CA GLU A 575 22.46 -19.25 47.53
C GLU A 575 21.76 -18.80 46.25
N ALA A 576 22.42 -18.99 45.11
CA ALA A 576 21.88 -18.58 43.82
C ALA A 576 20.73 -19.44 43.36
N VAL A 577 20.93 -20.75 43.32
CA VAL A 577 19.88 -21.69 42.89
C VAL A 577 18.65 -21.55 43.76
N ASP A 578 18.83 -21.54 45.08
CA ASP A 578 17.74 -21.31 46.03
C ASP A 578 16.98 -20.04 45.72
N ALA A 579 17.66 -18.90 45.65
CA ALA A 579 16.99 -17.62 45.41
C ALA A 579 16.17 -17.62 44.12
N VAL A 580 16.75 -18.19 43.07
CA VAL A 580 16.08 -18.26 41.78
C VAL A 580 14.83 -19.11 41.91
N SER A 581 14.95 -20.20 42.62
CA SER A 581 13.89 -21.20 42.70
C SER A 581 12.71 -20.72 43.54
N ASN A 582 13.00 -20.06 44.63
CA ASN A 582 11.98 -19.53 45.48
C ASN A 582 11.30 -18.34 44.79
N ALA A 583 12.06 -17.44 44.18
CA ALA A 583 11.47 -16.33 43.43
C ALA A 583 10.56 -16.80 42.29
N ILE A 584 10.87 -17.93 41.67
CA ILE A 584 9.97 -18.46 40.66
C ILE A 584 8.78 -19.26 41.20
N ARG A 585 8.95 -19.98 42.30
CA ARG A 585 7.87 -20.77 42.86
C ARG A 585 6.82 -19.85 43.46
N ARG A 586 7.28 -18.74 44.03
CA ARG A 586 6.44 -17.69 44.54
C ARG A 586 5.55 -17.26 43.42
N SER A 587 6.18 -16.96 42.30
CA SER A 587 5.49 -16.44 41.14
C SER A 587 4.44 -17.41 40.64
N ARG A 588 4.77 -18.70 40.63
CA ARG A 588 3.89 -19.71 40.09
C ARG A 588 2.79 -20.19 41.03
N ALA A 589 2.96 -19.98 42.32
CA ALA A 589 1.90 -20.30 43.27
C ALA A 589 0.83 -19.21 43.20
N GLY A 590 1.16 -18.09 42.58
CA GLY A 590 0.22 -16.99 42.40
C GLY A 590 0.41 -15.93 43.46
N LEU A 591 1.52 -15.99 44.18
CA LEU A 591 1.79 -15.07 45.28
C LEU A 591 2.50 -13.80 44.79
N ALA A 592 2.57 -13.63 43.46
CA ALA A 592 3.29 -12.52 42.87
C ALA A 592 2.37 -11.61 42.08
N ASP A 593 2.76 -10.33 41.99
CA ASP A 593 2.10 -9.35 41.14
C ASP A 593 1.96 -9.90 39.71
N PRO A 594 0.73 -9.96 39.17
CA PRO A 594 0.47 -10.59 37.87
C PRO A 594 1.02 -9.83 36.68
N ASN A 595 1.27 -8.54 36.83
CA ASN A 595 1.70 -7.71 35.72
C ASN A 595 3.19 -7.86 35.39
N ARG A 596 4.01 -7.93 36.42
CA ARG A 596 5.47 -8.00 36.30
C ARG A 596 5.92 -9.31 35.61
N PRO A 597 7.20 -9.43 35.18
CA PRO A 597 7.56 -10.70 34.55
C PRO A 597 7.66 -11.85 35.58
N ILE A 598 8.05 -13.07 35.17
CA ILE A 598 8.00 -14.24 36.07
C ILE A 598 9.02 -14.15 37.19
N GLY A 599 10.17 -13.60 36.86
CA GLY A 599 11.24 -13.41 37.83
C GLY A 599 12.16 -12.36 37.28
N SER A 600 12.87 -11.71 38.18
CA SER A 600 13.86 -10.73 37.80
C SER A 600 15.00 -10.81 38.81
N PHE A 601 16.23 -10.86 38.33
CA PHE A 601 17.36 -11.13 39.22
C PHE A 601 18.56 -10.30 38.88
N LEU A 602 19.25 -9.82 39.90
CA LEU A 602 20.57 -9.23 39.70
C LEU A 602 21.63 -10.20 40.15
N PHE A 603 22.39 -10.74 39.19
CA PHE A 603 23.47 -11.64 39.50
C PHE A 603 24.75 -10.84 39.67
N LEU A 604 25.24 -10.77 40.91
CA LEU A 604 26.53 -10.16 41.22
C LEU A 604 27.55 -11.25 41.57
N GLY A 605 28.81 -11.02 41.24
CA GLY A 605 29.85 -12.00 41.44
C GLY A 605 30.98 -11.93 40.43
N PRO A 606 32.01 -12.79 40.60
CA PRO A 606 33.08 -12.95 39.62
C PRO A 606 32.58 -13.49 38.29
N THR A 607 33.51 -13.73 37.38
CA THR A 607 33.19 -14.24 36.06
C THR A 607 33.73 -15.66 35.89
N GLY A 608 32.86 -16.54 35.40
CA GLY A 608 33.19 -17.94 35.17
C GLY A 608 32.85 -18.81 36.38
N VAL A 609 31.93 -18.34 37.22
CA VAL A 609 31.48 -19.13 38.37
C VAL A 609 30.10 -19.79 38.21
N GLY A 610 29.51 -19.68 37.02
CA GLY A 610 28.18 -20.24 36.76
C GLY A 610 27.02 -19.27 36.60
N LYS A 611 27.29 -17.97 36.48
CA LYS A 611 26.22 -17.01 36.17
C LYS A 611 25.47 -17.41 34.89
N THR A 612 26.18 -17.50 33.77
CA THR A 612 25.48 -17.82 32.54
C THR A 612 25.09 -19.29 32.55
N GLU A 613 25.82 -20.15 33.24
CA GLU A 613 25.42 -21.55 33.26
C GLU A 613 24.06 -21.68 33.95
N LEU A 614 23.82 -20.87 34.98
CA LEU A 614 22.52 -20.90 35.65
C LEU A 614 21.45 -20.27 34.75
N CYS A 615 21.84 -19.26 33.96
CA CYS A 615 20.93 -18.71 32.96
C CYS A 615 20.45 -19.74 31.96
N LYS A 616 21.35 -20.44 31.28
CA LYS A 616 20.98 -21.47 30.31
C LYS A 616 20.25 -22.61 31.04
N ALA A 617 20.67 -22.91 32.26
CA ALA A 617 20.13 -24.05 33.00
C ALA A 617 18.67 -23.80 33.31
N LEU A 618 18.37 -22.54 33.57
CA LEU A 618 17.04 -22.08 33.94
C LEU A 618 16.14 -22.01 32.70
N ALA A 619 16.69 -21.38 31.66
CA ALA A 619 16.04 -21.28 30.36
C ALA A 619 15.63 -22.68 29.91
N ASN A 620 16.46 -23.66 30.23
CA ASN A 620 16.15 -25.03 29.85
C ASN A 620 15.05 -25.59 30.73
N PHE A 621 15.21 -25.41 32.04
CA PHE A 621 14.29 -25.98 33.02
C PHE A 621 12.83 -25.58 32.82
N MSE A 622 12.58 -24.37 32.33
CA MSE A 622 11.20 -23.93 32.10
C MSE A 622 10.78 -24.01 30.66
N PHE A 623 11.52 -23.29 29.83
CA PHE A 623 11.16 -23.06 28.44
C PHE A 623 11.67 -24.19 27.54
N ASP A 624 12.13 -25.28 28.13
CA ASP A 624 12.31 -26.53 27.41
C ASP A 624 13.60 -26.52 26.59
N SER A 625 14.37 -25.43 26.65
CA SER A 625 15.54 -25.26 25.80
C SER A 625 16.61 -24.33 26.37
N ASP A 626 17.85 -24.48 25.90
CA ASP A 626 18.85 -23.45 26.13
C ASP A 626 18.68 -22.34 25.11
N GLU A 627 18.12 -22.64 23.93
CA GLU A 627 17.85 -21.58 22.95
C GLU A 627 16.70 -20.71 23.39
N ALA A 628 16.04 -21.07 24.49
CA ALA A 628 14.95 -20.29 25.01
C ALA A 628 15.29 -18.82 25.27
N MSE A 629 16.56 -18.44 25.33
CA MSE A 629 16.90 -17.10 25.80
C MSE A 629 17.08 -15.99 24.72
N VAL A 630 17.28 -14.78 25.24
CA VAL A 630 17.64 -13.60 24.48
C VAL A 630 18.80 -12.98 25.22
N ARG A 631 19.91 -12.72 24.52
CA ARG A 631 21.08 -12.11 25.16
C ARG A 631 21.47 -10.79 24.55
N ILE A 632 21.41 -9.75 25.38
CA ILE A 632 21.87 -8.44 25.01
C ILE A 632 23.06 -8.06 25.88
N ASP A 633 24.07 -7.46 25.25
CA ASP A 633 25.31 -7.15 25.95
C ASP A 633 25.27 -5.66 26.21
N MSE A 634 25.18 -5.26 27.46
CA MSE A 634 25.01 -3.85 27.77
C MSE A 634 26.34 -3.08 27.69
N SER A 635 27.43 -3.81 27.49
CA SER A 635 28.69 -3.15 27.16
C SER A 635 28.54 -2.34 25.88
N GLU A 636 27.66 -2.76 24.98
CA GLU A 636 27.39 -2.01 23.74
C GLU A 636 26.15 -1.10 23.76
N PHE A 637 25.47 -0.98 24.90
CA PHE A 637 24.37 -0.01 25.10
C PHE A 637 24.63 1.29 25.89
N MSE A 638 25.91 1.60 26.11
CA MSE A 638 26.31 2.63 27.07
C MSE A 638 26.00 4.05 26.60
N GLU A 639 26.01 4.27 25.29
CA GLU A 639 25.87 5.61 24.73
C GLU A 639 24.43 6.13 24.75
N LYS A 640 24.23 7.37 24.29
CA LYS A 640 22.97 8.09 24.46
C LYS A 640 21.90 7.63 23.48
N HIS A 641 22.33 7.21 22.30
CA HIS A 641 21.44 6.78 21.25
C HIS A 641 20.96 5.34 21.46
N SER A 642 21.50 4.67 22.47
CA SER A 642 21.34 3.25 22.68
C SER A 642 19.89 2.74 22.68
N VAL A 643 19.02 3.45 23.38
CA VAL A 643 17.61 3.05 23.50
C VAL A 643 16.95 2.94 22.12
N SER A 644 17.42 3.71 21.15
CA SER A 644 16.91 3.60 19.79
C SER A 644 17.11 2.18 19.26
N ARG A 645 18.34 1.68 19.40
CA ARG A 645 18.67 0.34 18.95
C ARG A 645 18.01 -0.70 19.85
N LEU A 646 17.72 -0.30 21.08
CA LEU A 646 17.14 -1.20 22.08
C LEU A 646 15.63 -1.45 21.92
N VAL A 647 14.83 -0.40 22.05
CA VAL A 647 13.38 -0.50 21.91
C VAL A 647 12.88 -0.15 20.49
N GLY A 648 13.74 0.43 19.68
CA GLY A 648 13.35 0.93 18.36
C GLY A 648 13.12 2.44 18.39
N ALA A 649 13.42 3.10 17.27
CA ALA A 649 13.34 4.56 17.18
C ALA A 649 12.01 4.99 16.56
N GLY A 659 13.14 -1.39 14.25
CA GLY A 659 12.80 -1.59 15.65
C GLY A 659 14.04 -1.89 16.49
N GLY A 660 13.82 -2.11 17.78
CA GLY A 660 14.91 -2.41 18.68
C GLY A 660 15.11 -3.90 18.92
N TYR A 661 16.33 -4.30 19.25
CA TYR A 661 16.66 -5.71 19.40
C TYR A 661 15.76 -6.40 20.41
N LEU A 662 15.68 -5.83 21.61
CA LEU A 662 14.90 -6.42 22.70
C LEU A 662 13.41 -6.57 22.36
N THR A 663 12.74 -5.51 21.93
CA THR A 663 11.29 -5.59 21.70
C THR A 663 10.95 -6.63 20.63
N GLU A 664 11.83 -6.80 19.66
CA GLU A 664 11.62 -7.79 18.60
C GLU A 664 11.73 -9.20 19.13
N ALA A 665 12.86 -9.51 19.77
CA ALA A 665 13.11 -10.83 20.31
C ALA A 665 11.97 -11.28 21.22
N VAL A 666 11.64 -10.46 22.20
CA VAL A 666 10.65 -10.82 23.21
C VAL A 666 9.26 -11.01 22.57
N ARG A 667 9.04 -10.41 21.41
CA ARG A 667 7.78 -10.63 20.69
C ARG A 667 7.77 -11.93 19.89
N ARG A 668 8.90 -12.30 19.28
CA ARG A 668 8.96 -13.54 18.52
C ARG A 668 9.00 -14.76 19.45
N ARG A 669 9.80 -14.68 20.51
CA ARG A 669 9.90 -15.75 21.49
C ARG A 669 9.45 -15.22 22.86
N PRO A 670 8.13 -15.26 23.13
CA PRO A 670 7.60 -14.71 24.38
C PRO A 670 8.18 -15.40 25.60
N TYR A 671 8.28 -16.73 25.58
CA TYR A 671 8.75 -17.47 26.74
C TYR A 671 10.25 -17.59 26.59
N SER A 672 10.99 -16.91 27.46
CA SER A 672 12.42 -16.79 27.27
C SER A 672 13.09 -16.08 28.43
N VAL A 673 14.36 -16.37 28.59
CA VAL A 673 15.18 -15.81 29.65
C VAL A 673 15.95 -14.69 29.03
N ILE A 674 15.82 -13.50 29.60
CA ILE A 674 16.44 -12.32 29.04
C ILE A 674 17.64 -11.98 29.89
N LEU A 675 18.80 -12.14 29.29
CA LEU A 675 20.06 -11.99 29.99
C LEU A 675 20.75 -10.75 29.52
N LEU A 676 20.88 -9.77 30.41
CA LEU A 676 21.53 -8.51 30.11
C LEU A 676 22.87 -8.44 30.85
N ASP A 677 23.98 -8.52 30.12
CA ASP A 677 25.30 -8.63 30.74
C ASP A 677 25.92 -7.28 31.10
N GLU A 678 26.39 -7.18 32.33
CA GLU A 678 26.97 -5.94 32.87
C GLU A 678 26.10 -4.72 32.61
N VAL A 679 24.96 -4.62 33.30
CA VAL A 679 24.07 -3.46 33.12
C VAL A 679 24.63 -2.18 33.72
N GLU A 680 25.58 -2.29 34.64
CA GLU A 680 26.21 -1.10 35.20
C GLU A 680 26.66 -0.17 34.07
N LYS A 681 27.15 -0.80 32.99
CA LYS A 681 27.74 -0.09 31.87
C LYS A 681 26.66 0.63 31.03
N ALA A 682 25.39 0.28 31.25
CA ALA A 682 24.28 0.74 30.42
C ALA A 682 23.95 2.21 30.63
N HIS A 683 23.23 2.77 29.65
CA HIS A 683 22.87 4.19 29.67
C HIS A 683 21.67 4.41 30.60
N PRO A 684 21.54 5.62 31.18
CA PRO A 684 20.39 5.90 32.06
C PRO A 684 19.00 5.69 31.45
N ASP A 685 18.73 6.22 30.26
CA ASP A 685 17.50 5.87 29.55
C ASP A 685 17.28 4.36 29.49
N VAL A 686 18.32 3.57 29.24
CA VAL A 686 18.17 2.12 29.17
C VAL A 686 17.64 1.62 30.51
N PHE A 687 18.37 1.95 31.57
CA PHE A 687 18.05 1.62 32.95
C PHE A 687 16.57 1.95 33.24
N ASN A 688 16.05 3.00 32.62
CA ASN A 688 14.61 3.33 32.70
C ASN A 688 13.67 2.37 31.94
N ILE A 689 14.06 1.94 30.74
CA ILE A 689 13.27 0.94 30.01
C ILE A 689 13.20 -0.37 30.79
N LEU A 690 14.30 -0.72 31.46
CA LEU A 690 14.33 -1.88 32.33
C LEU A 690 13.35 -1.72 33.48
N LEU A 691 13.34 -0.54 34.12
CA LEU A 691 12.29 -0.29 35.09
C LEU A 691 10.93 -0.55 34.50
N GLN A 692 10.68 -0.08 33.28
CA GLN A 692 9.37 -0.26 32.66
C GLN A 692 8.97 -1.72 32.57
N VAL A 693 9.86 -2.58 32.14
CA VAL A 693 9.54 -4.01 32.07
C VAL A 693 9.33 -4.64 33.45
N LEU A 694 10.29 -4.44 34.34
CA LEU A 694 10.23 -4.95 35.70
C LEU A 694 8.93 -4.60 36.43
N ASP A 695 8.60 -3.30 36.49
CA ASP A 695 7.39 -2.82 37.17
C ASP A 695 6.09 -3.05 36.41
N ASP A 696 6.02 -2.62 35.16
CA ASP A 696 4.77 -2.72 34.39
C ASP A 696 4.57 -4.12 33.82
N GLY A 697 5.65 -4.70 33.30
CA GLY A 697 5.57 -6.02 32.68
C GLY A 697 5.31 -5.98 31.19
N ARG A 698 5.38 -4.78 30.61
CA ARG A 698 5.19 -4.60 29.18
C ARG A 698 6.09 -3.47 28.78
N LEU A 699 6.49 -3.43 27.52
CA LEU A 699 7.31 -2.33 27.04
C LEU A 699 6.79 -1.78 25.72
N THR A 700 6.34 -0.52 25.72
CA THR A 700 5.92 0.12 24.48
C THR A 700 7.14 0.43 23.62
N ASP A 701 7.04 0.18 22.32
CA ASP A 701 8.19 0.34 21.43
C ASP A 701 8.22 1.65 20.62
N GLY A 702 9.28 1.80 19.82
CA GLY A 702 9.41 2.94 18.93
C GLY A 702 8.31 2.98 17.88
N GLN A 703 7.59 1.87 17.73
CA GLN A 703 6.44 1.80 16.84
C GLN A 703 5.08 1.97 17.53
N GLY A 704 5.08 2.15 18.85
CA GLY A 704 3.83 2.39 19.59
C GLY A 704 3.18 1.16 20.20
N ARG A 705 3.60 -0.03 19.76
CA ARG A 705 2.96 -1.27 20.20
C ARG A 705 3.55 -1.67 21.53
N THR A 706 2.80 -2.43 22.33
CA THR A 706 3.32 -2.94 23.60
C THR A 706 3.77 -4.40 23.43
N VAL A 707 4.95 -4.69 23.96
CA VAL A 707 5.53 -6.02 23.91
C VAL A 707 5.31 -6.68 25.25
N ASP A 708 4.90 -7.93 25.24
CA ASP A 708 4.54 -8.63 26.47
C ASP A 708 5.70 -9.44 27.04
N PHE A 709 6.19 -9.00 28.19
CA PHE A 709 7.25 -9.67 28.93
C PHE A 709 6.68 -10.57 30.04
N ARG A 710 5.36 -10.69 30.11
CA ARG A 710 4.72 -11.34 31.25
C ARG A 710 5.22 -12.77 31.49
N ASN A 711 5.64 -13.47 30.43
CA ASN A 711 6.37 -14.72 30.61
C ASN A 711 7.81 -14.57 30.20
N THR A 712 8.67 -14.26 31.15
CA THR A 712 10.12 -14.25 30.93
C THR A 712 10.76 -14.25 32.29
N VAL A 713 12.04 -14.61 32.34
CA VAL A 713 12.86 -14.30 33.51
C VAL A 713 13.90 -13.33 33.09
N VAL A 714 13.87 -12.14 33.66
CA VAL A 714 14.82 -11.12 33.28
C VAL A 714 16.00 -11.21 34.23
N ILE A 715 17.21 -11.15 33.67
CA ILE A 715 18.41 -11.38 34.45
C ILE A 715 19.48 -10.34 34.15
N MSE A 716 19.82 -9.56 35.16
CA MSE A 716 20.86 -8.57 35.08
C MSE A 716 22.13 -9.28 35.54
N THR A 717 23.22 -9.25 34.78
CA THR A 717 24.52 -9.63 35.36
C THR A 717 25.41 -8.40 35.45
N SER A 718 26.24 -8.38 36.48
CA SER A 718 27.18 -7.30 36.69
C SER A 718 28.33 -7.78 37.56
N ASN A 719 29.55 -7.30 37.29
CA ASN A 719 30.73 -7.70 38.07
C ASN A 719 31.10 -6.73 39.21
N LEU A 720 30.23 -5.76 39.47
CA LEU A 720 30.52 -4.68 40.41
C LEU A 720 31.03 -5.11 41.80
N GLY A 721 30.35 -6.06 42.43
CA GLY A 721 30.79 -6.53 43.73
C GLY A 721 31.97 -7.47 43.68
N SER A 722 32.28 -8.00 42.49
CA SER A 722 33.30 -9.04 42.34
C SER A 722 34.62 -8.68 43.01
N ASP A 723 34.87 -7.38 43.12
CA ASP A 723 36.00 -6.87 43.88
C ASP A 723 35.94 -7.39 45.32
N LEU A 724 34.94 -6.93 46.06
CA LEU A 724 34.78 -7.28 47.46
C LEU A 724 34.23 -8.69 47.63
N ILE A 725 33.66 -9.26 46.55
CA ILE A 725 32.98 -10.55 46.67
C ILE A 725 33.95 -11.72 46.60
N GLN A 726 34.93 -11.62 45.72
CA GLN A 726 35.94 -12.64 45.60
C GLN A 726 36.79 -12.64 46.87
N GLU A 727 37.05 -11.43 47.34
CA GLU A 727 37.92 -11.18 48.47
C GLU A 727 37.43 -11.78 49.78
N ARG A 728 36.11 -11.81 49.96
CA ARG A 728 35.50 -12.25 51.20
C ARG A 728 34.43 -13.27 50.85
N PHE A 729 34.09 -14.16 51.76
CA PHE A 729 32.84 -14.92 51.69
C PHE A 729 32.76 -15.63 53.02
N LEU A 732 32.10 -14.88 53.90
CA LEU A 732 32.09 -15.02 55.34
C LEU A 732 30.66 -14.80 55.80
N ASP A 733 30.04 -15.81 56.41
CA ASP A 733 28.72 -15.67 57.01
C ASP A 733 27.60 -15.25 56.04
N TYR A 734 27.35 -16.07 55.02
CA TYR A 734 26.08 -16.06 54.27
C TYR A 734 25.50 -14.65 53.96
N ALA A 735 24.27 -14.39 54.40
CA ALA A 735 23.53 -13.17 54.10
C ALA A 735 24.16 -11.92 54.72
N HIS A 736 25.03 -12.09 55.71
CA HIS A 736 25.70 -10.93 56.30
C HIS A 736 26.69 -10.32 55.30
N MSE A 737 27.08 -11.10 54.30
CA MSE A 737 27.87 -10.57 53.20
C MSE A 737 26.99 -9.90 52.15
N LYS A 738 25.89 -10.56 51.84
CA LYS A 738 24.89 -10.00 50.95
C LYS A 738 24.42 -8.64 51.51
N GLU A 739 24.58 -8.42 52.81
CA GLU A 739 24.43 -7.09 53.39
C GLU A 739 25.53 -6.13 52.95
N LEU A 740 26.78 -6.50 53.18
CA LEU A 740 27.91 -5.58 53.00
C LEU A 740 28.48 -5.53 51.57
N VAL A 741 27.84 -6.28 50.66
CA VAL A 741 27.99 -6.01 49.22
C VAL A 741 27.05 -4.86 48.81
N LEU A 742 25.85 -4.86 49.38
CA LEU A 742 24.87 -3.82 49.06
C LEU A 742 25.39 -2.42 49.41
N GLY A 743 26.40 -2.35 50.27
CA GLY A 743 27.06 -1.09 50.57
C GLY A 743 27.83 -0.56 49.38
N VAL A 744 28.36 -1.47 48.57
CA VAL A 744 29.11 -1.11 47.37
C VAL A 744 28.12 -0.84 46.23
N VAL A 745 27.04 -1.60 46.17
CA VAL A 745 26.06 -1.41 45.10
C VAL A 745 25.31 -0.09 45.29
N SER A 746 25.13 0.31 46.55
CA SER A 746 24.44 1.57 46.88
C SER A 746 25.01 2.74 46.09
N HIS A 747 26.29 3.01 46.30
CA HIS A 747 26.96 4.15 45.68
C HIS A 747 26.60 4.22 44.19
N ASN A 748 26.56 3.06 43.56
CA ASN A 748 26.19 2.96 42.15
C ASN A 748 24.70 2.97 41.81
N PHE A 749 23.89 2.18 42.53
CA PHE A 749 22.55 1.83 42.06
C PHE A 749 21.45 2.60 42.78
N ARG A 750 20.52 3.15 41.99
CA ARG A 750 19.38 3.89 42.53
C ARG A 750 18.45 2.97 43.34
N PRO A 751 17.74 3.53 44.33
CA PRO A 751 16.81 2.74 45.15
C PRO A 751 15.58 2.22 44.39
N GLU A 752 15.02 3.09 43.56
CA GLU A 752 13.78 2.80 42.83
C GLU A 752 13.91 1.49 42.07
N PHE A 753 15.13 1.21 41.58
CA PHE A 753 15.41 0.06 40.73
C PHE A 753 15.60 -1.28 41.44
N ILE A 754 16.45 -1.31 42.48
CA ILE A 754 16.71 -2.56 43.18
C ILE A 754 15.49 -3.02 43.95
N ASN A 755 14.64 -2.07 44.35
CA ASN A 755 13.39 -2.46 45.00
C ASN A 755 12.50 -3.34 44.10
N ARG A 756 12.57 -3.12 42.79
CA ARG A 756 11.71 -3.84 41.84
C ARG A 756 12.36 -5.10 41.23
N ILE A 757 13.53 -5.50 41.75
CA ILE A 757 14.15 -6.78 41.40
C ILE A 757 13.75 -7.86 42.43
N ASP A 758 13.29 -9.01 41.95
CA ASP A 758 12.80 -10.06 42.85
C ASP A 758 13.86 -10.53 43.84
N GLU A 759 15.05 -10.84 43.34
CA GLU A 759 16.16 -11.24 44.19
C GLU A 759 17.45 -10.67 43.63
N VAL A 760 18.36 -10.36 44.54
CA VAL A 760 19.72 -10.02 44.15
C VAL A 760 20.58 -11.13 44.71
N VAL A 761 21.25 -11.84 43.81
CA VAL A 761 22.00 -13.02 44.14
C VAL A 761 23.49 -12.72 44.21
N VAL A 762 24.18 -13.43 45.08
CA VAL A 762 25.63 -13.37 45.17
C VAL A 762 26.22 -14.68 44.69
N PHE A 763 27.19 -14.58 43.77
CA PHE A 763 27.91 -15.74 43.26
C PHE A 763 29.29 -15.79 43.90
N HIS A 764 29.61 -16.90 44.55
CA HIS A 764 30.90 -17.05 45.21
C HIS A 764 31.99 -17.60 44.26
N PRO A 765 33.28 -17.39 44.58
CA PRO A 765 34.43 -17.97 43.87
C PRO A 765 34.50 -19.49 43.91
N LEU A 766 35.24 -20.13 42.99
CA LEU A 766 35.11 -21.57 42.82
C LEU A 766 36.12 -22.47 43.54
N GLY A 767 35.59 -23.46 44.24
CA GLY A 767 36.37 -24.39 45.05
C GLY A 767 36.89 -25.63 44.33
N GLU A 768 38.02 -26.11 44.81
CA GLU A 768 38.79 -27.19 44.18
C GLU A 768 37.90 -28.37 43.74
N GLN A 769 37.08 -28.86 44.67
CA GLN A 769 36.16 -29.95 44.37
C GLN A 769 35.10 -29.52 43.36
N HIS A 770 34.71 -28.23 43.38
CA HIS A 770 33.78 -27.72 42.39
C HIS A 770 34.34 -27.80 40.99
N ILE A 771 35.56 -27.30 40.78
CA ILE A 771 36.12 -27.27 39.44
C ILE A 771 36.32 -28.70 38.95
N ALA A 772 36.61 -29.59 39.88
CA ALA A 772 36.66 -31.01 39.55
C ALA A 772 35.30 -31.51 39.05
N SER A 773 34.21 -31.11 39.72
CA SER A 773 32.87 -31.58 39.32
C SER A 773 32.40 -30.92 38.02
N ILE A 774 32.77 -29.65 37.85
CA ILE A 774 32.48 -28.85 36.67
C ILE A 774 33.14 -29.53 35.49
N ALA A 775 34.38 -29.97 35.72
CA ALA A 775 35.18 -30.63 34.72
C ALA A 775 34.57 -31.97 34.36
N GLN A 776 34.15 -32.72 35.38
CA GLN A 776 33.56 -34.02 35.16
C GLN A 776 32.32 -33.84 34.31
N ILE A 777 31.60 -32.74 34.50
CA ILE A 777 30.43 -32.45 33.68
C ILE A 777 30.85 -32.20 32.22
N GLN A 778 31.91 -31.43 32.02
CA GLN A 778 32.35 -31.17 30.64
C GLN A 778 32.83 -32.44 29.96
N LEU A 779 33.35 -33.39 30.72
CA LEU A 779 33.78 -34.66 30.14
C LEU A 779 32.56 -35.52 29.77
N LYS A 780 31.38 -35.20 30.31
CA LYS A 780 30.17 -35.94 29.96
C LYS A 780 29.81 -35.79 28.49
N ARG A 781 29.72 -34.55 27.98
CA ARG A 781 29.37 -34.33 26.57
C ARG A 781 30.28 -35.19 25.71
N LEU A 782 31.57 -35.13 26.00
CA LEU A 782 32.58 -35.91 25.26
C LEU A 782 32.38 -37.41 25.36
N TYR A 783 32.17 -37.93 26.58
CA TYR A 783 32.08 -39.36 26.79
C TYR A 783 30.93 -39.87 25.96
N LYS A 784 29.85 -39.09 25.95
CA LYS A 784 28.62 -39.45 25.26
C LYS A 784 28.82 -39.46 23.75
N ARG A 785 29.52 -38.46 23.22
CA ARG A 785 29.79 -38.42 21.78
C ARG A 785 30.60 -39.63 21.35
N LEU A 786 31.50 -40.08 22.22
CA LEU A 786 32.25 -41.31 22.02
C LEU A 786 31.45 -42.57 22.35
N GLU A 787 30.50 -42.43 23.26
CA GLU A 787 29.69 -43.55 23.71
C GLU A 787 28.98 -44.08 22.48
N GLU A 788 28.43 -43.14 21.72
CA GLU A 788 27.76 -43.43 20.46
C GLU A 788 28.63 -44.24 19.51
N ARG A 789 29.94 -43.99 19.56
CA ARG A 789 30.90 -44.61 18.65
C ARG A 789 31.53 -45.92 19.13
N GLY A 790 31.27 -46.31 20.38
CA GLY A 790 31.72 -47.61 20.88
C GLY A 790 32.97 -47.56 21.74
N TYR A 791 33.32 -46.37 22.21
CA TYR A 791 34.46 -46.17 23.09
C TYR A 791 33.98 -45.83 24.50
N GLU A 792 34.34 -46.66 25.46
CA GLU A 792 34.13 -46.31 26.87
C GLU A 792 35.33 -45.44 27.30
N ILE A 793 35.15 -44.56 28.28
CA ILE A 793 36.28 -43.79 28.81
C ILE A 793 36.23 -43.59 30.31
N HIS A 794 37.42 -43.58 30.92
CA HIS A 794 37.58 -43.25 32.32
C HIS A 794 38.73 -42.29 32.42
N ILE A 795 38.64 -41.35 33.34
CA ILE A 795 39.74 -40.43 33.58
C ILE A 795 40.37 -40.70 34.94
N SER A 796 41.69 -40.85 34.92
CA SER A 796 42.49 -41.08 36.10
C SER A 796 42.19 -39.99 37.11
N ASP A 797 42.28 -40.31 38.40
CA ASP A 797 42.08 -39.27 39.40
C ASP A 797 43.12 -38.17 39.18
N GLU A 798 44.31 -38.56 38.75
CA GLU A 798 45.42 -37.62 38.54
C GLU A 798 45.16 -36.73 37.34
N ALA A 799 44.83 -37.34 36.22
CA ALA A 799 44.47 -36.61 35.01
C ALA A 799 43.37 -35.58 35.30
N LEU A 800 42.36 -35.96 36.07
CA LEU A 800 41.27 -35.04 36.35
C LEU A 800 41.72 -33.85 37.20
N LYS A 801 42.56 -34.07 38.19
CA LYS A 801 43.05 -32.92 38.94
C LYS A 801 43.97 -32.04 38.08
N LEU A 802 44.69 -32.64 37.14
CA LEU A 802 45.57 -31.87 36.28
C LEU A 802 44.73 -30.98 35.37
N LEU A 803 43.63 -31.52 34.90
CA LEU A 803 42.72 -30.80 34.04
C LEU A 803 42.01 -29.73 34.84
N SER A 804 41.73 -30.03 36.11
CA SER A 804 41.03 -29.13 37.01
C SER A 804 41.90 -27.93 37.36
N GLU A 805 43.21 -28.14 37.42
CA GLU A 805 44.14 -27.05 37.70
C GLU A 805 44.37 -26.20 36.47
N ASN A 806 44.41 -26.85 35.31
CA ASN A 806 44.50 -26.14 34.05
C ASN A 806 43.32 -25.19 33.85
N GLY A 807 42.15 -25.58 34.33
CA GLY A 807 40.93 -24.85 34.04
C GLY A 807 40.69 -23.63 34.91
N TYR A 808 41.33 -23.58 36.08
CA TYR A 808 40.93 -22.65 37.11
C TYR A 808 41.96 -21.55 37.39
N ASP A 809 41.62 -20.33 37.01
CA ASP A 809 42.29 -19.15 37.55
C ASP A 809 41.22 -18.14 37.98
N PRO A 810 41.45 -17.43 39.09
CA PRO A 810 40.46 -16.47 39.62
C PRO A 810 40.07 -15.34 38.66
N VAL A 811 40.84 -15.09 37.61
CA VAL A 811 40.53 -13.98 36.71
C VAL A 811 39.36 -14.36 35.78
N TYR A 812 39.58 -15.37 34.94
CA TYR A 812 38.57 -15.84 34.00
C TYR A 812 37.76 -17.05 34.51
N GLY A 813 37.93 -17.44 35.78
CA GLY A 813 37.06 -18.43 36.40
C GLY A 813 37.28 -19.87 36.00
N ALA A 814 36.19 -20.57 35.71
CA ALA A 814 36.25 -21.91 35.11
C ALA A 814 36.13 -21.85 33.60
N ARG A 815 36.17 -20.64 33.03
CA ARG A 815 36.01 -20.45 31.58
C ARG A 815 37.03 -21.25 30.75
N PRO A 816 38.33 -21.18 31.12
CA PRO A 816 39.36 -21.87 30.34
C PRO A 816 39.14 -23.38 30.26
N LEU A 817 38.45 -23.94 31.24
CA LEU A 817 38.36 -25.39 31.36
C LEU A 817 37.84 -26.13 30.11
N LYS A 818 36.89 -25.58 29.35
CA LYS A 818 36.40 -26.33 28.16
C LYS A 818 37.42 -26.32 27.02
N ARG A 819 38.16 -25.23 26.88
CA ARG A 819 39.17 -25.16 25.81
C ARG A 819 40.45 -25.87 26.24
N ALA A 820 40.60 -26.11 27.53
CA ALA A 820 41.68 -26.97 28.03
C ALA A 820 41.33 -28.43 27.78
N ILE A 821 40.05 -28.80 27.86
CA ILE A 821 39.66 -30.16 27.56
C ILE A 821 39.93 -30.39 26.10
N GLN A 822 39.54 -29.42 25.29
CA GLN A 822 39.69 -29.51 23.86
C GLN A 822 41.14 -29.78 23.44
N GLN A 823 42.07 -28.93 23.88
CA GLN A 823 43.47 -29.02 23.47
C GLN A 823 44.30 -30.08 24.20
N GLN A 824 43.95 -30.40 25.44
CA GLN A 824 44.64 -31.43 26.22
C GLN A 824 44.21 -32.86 25.92
N ILE A 825 42.92 -33.03 25.64
CA ILE A 825 42.29 -34.34 25.55
C ILE A 825 41.75 -34.60 24.15
N GLU A 826 40.84 -33.76 23.67
CA GLU A 826 40.17 -34.00 22.39
C GLU A 826 41.13 -34.14 21.19
N ASN A 827 42.12 -33.25 21.08
CA ASN A 827 43.05 -33.33 19.94
C ASN A 827 43.86 -34.63 19.85
N PRO A 828 44.60 -34.97 20.92
CA PRO A 828 45.42 -36.18 20.84
C PRO A 828 44.55 -37.42 20.61
N LEU A 829 43.46 -37.52 21.35
CA LEU A 829 42.51 -38.61 21.24
C LEU A 829 41.99 -38.72 19.82
N ALA A 830 41.72 -37.56 19.20
CA ALA A 830 41.15 -37.49 17.86
C ALA A 830 42.07 -38.16 16.84
N GLN A 831 43.38 -38.02 17.01
CA GLN A 831 44.32 -38.60 16.07
C GLN A 831 44.45 -40.08 16.30
N GLN A 832 44.56 -40.48 17.55
CA GLN A 832 44.64 -41.87 17.91
C GLN A 832 43.43 -42.63 17.36
N ILE A 833 42.26 -42.00 17.45
CA ILE A 833 41.06 -42.60 16.90
C ILE A 833 41.19 -42.77 15.40
N LEU A 834 41.63 -41.72 14.72
CA LEU A 834 41.77 -41.72 13.26
C LEU A 834 42.88 -42.64 12.73
N SER A 835 43.93 -42.84 13.53
CA SER A 835 45.04 -43.70 13.16
C SER A 835 44.79 -45.17 13.45
N GLY A 836 43.94 -45.47 14.43
CA GLY A 836 43.71 -46.84 14.84
C GLY A 836 44.36 -47.29 16.15
N GLU A 837 45.28 -46.49 16.69
CA GLU A 837 45.89 -46.79 18.00
C GLU A 837 44.83 -47.16 19.02
N LEU A 838 43.77 -46.36 19.10
CA LEU A 838 42.60 -46.69 19.91
C LEU A 838 41.53 -47.38 19.07
N VAL A 839 41.05 -48.51 19.59
CA VAL A 839 39.98 -49.27 18.94
C VAL A 839 38.73 -49.27 19.81
N PRO A 840 37.53 -49.29 19.18
CA PRO A 840 36.28 -49.47 19.91
C PRO A 840 36.14 -50.83 20.59
N GLY A 841 35.56 -50.87 21.77
CA GLY A 841 35.45 -52.10 22.52
C GLY A 841 36.66 -52.35 23.41
N LYS A 842 37.39 -51.27 23.70
CA LYS A 842 38.44 -51.30 24.69
C LYS A 842 38.28 -50.01 25.45
N VAL A 843 38.08 -50.09 26.76
CA VAL A 843 37.99 -48.89 27.57
C VAL A 843 39.25 -48.07 27.39
N ILE A 844 39.06 -46.76 27.37
CA ILE A 844 40.12 -45.80 27.14
C ILE A 844 40.39 -45.11 28.44
N ARG A 845 41.59 -45.27 28.96
CA ARG A 845 41.93 -44.68 30.23
C ARG A 845 42.72 -43.41 29.97
N LEU A 846 42.41 -42.34 30.70
CA LEU A 846 43.13 -41.09 30.53
C LEU A 846 44.03 -40.90 31.73
N GLU A 847 45.34 -41.05 31.52
CA GLU A 847 46.32 -41.03 32.62
C GLU A 847 47.27 -39.88 32.39
N VAL A 848 47.89 -39.36 33.45
CA VAL A 848 49.00 -38.42 33.24
C VAL A 848 50.27 -39.20 32.98
N ASN A 849 51.04 -38.68 32.04
CA ASN A 849 52.36 -39.17 31.76
C ASN A 849 53.28 -37.97 31.62
N GLU A 850 54.22 -37.83 32.55
CA GLU A 850 55.14 -36.71 32.55
C GLU A 850 54.46 -35.37 32.23
N ASP A 851 53.64 -34.90 33.17
CA ASP A 851 53.01 -33.59 33.06
C ASP A 851 52.11 -33.45 31.85
N ARG A 852 51.62 -34.56 31.31
CA ARG A 852 50.86 -34.54 30.06
C ARG A 852 49.74 -35.57 30.07
N ILE A 853 48.50 -35.13 29.81
CA ILE A 853 47.39 -36.10 29.77
C ILE A 853 47.47 -36.92 28.48
N VAL A 854 47.29 -38.22 28.61
CA VAL A 854 47.36 -39.14 27.49
C VAL A 854 46.29 -40.22 27.59
N ALA A 855 46.03 -40.89 26.48
CA ALA A 855 44.99 -41.91 26.38
C ALA A 855 45.62 -43.25 26.01
N VAL A 856 45.30 -44.29 26.80
CA VAL A 856 45.86 -45.62 26.60
C VAL A 856 44.77 -46.67 26.60
N GLN A 857 45.08 -47.84 26.06
CA GLN A 857 44.21 -49.01 26.20
C GLN A 857 45.03 -50.17 26.71
N GLN B 159 -30.76 -38.94 6.25
CA GLN B 159 -29.98 -39.26 5.06
C GLN B 159 -28.59 -38.67 5.14
N ALA B 160 -28.51 -37.45 5.65
CA ALA B 160 -27.31 -36.66 5.58
C ALA B 160 -26.10 -37.27 6.31
N LEU B 161 -26.37 -38.19 7.24
CA LEU B 161 -25.29 -38.87 7.96
C LEU B 161 -24.65 -40.00 7.16
N LYS B 162 -25.48 -40.80 6.50
CA LYS B 162 -24.97 -41.90 5.71
C LYS B 162 -24.05 -41.38 4.59
N LYS B 163 -24.36 -40.18 4.09
CA LYS B 163 -23.57 -39.58 3.02
C LYS B 163 -22.21 -39.01 3.47
N TYR B 164 -22.20 -38.12 4.46
CA TYR B 164 -20.97 -37.38 4.79
C TYR B 164 -20.14 -37.80 5.99
N THR B 165 -20.56 -38.84 6.70
CA THR B 165 -19.76 -39.36 7.78
C THR B 165 -19.43 -40.82 7.50
N ILE B 166 -18.28 -41.25 8.01
CA ILE B 166 -17.92 -42.65 7.90
C ILE B 166 -18.21 -43.27 9.25
N ASP B 167 -18.68 -44.51 9.26
CA ASP B 167 -19.08 -45.13 10.51
C ASP B 167 -17.87 -45.87 11.05
N LEU B 168 -17.28 -45.33 12.12
CA LEU B 168 -16.04 -45.85 12.66
C LEU B 168 -16.24 -47.05 13.56
N THR B 169 -17.39 -47.14 14.19
CA THR B 169 -17.72 -48.29 15.00
C THR B 169 -18.09 -49.47 14.10
N GLU B 170 -18.70 -49.17 12.96
CA GLU B 170 -19.04 -50.20 11.98
C GLU B 170 -17.75 -50.83 11.52
N ARG B 171 -16.86 -49.99 11.01
CA ARG B 171 -15.53 -50.42 10.59
C ARG B 171 -14.84 -51.21 11.70
N ALA B 172 -14.96 -50.74 12.93
CA ALA B 172 -14.36 -51.44 14.06
C ALA B 172 -14.86 -52.87 14.19
N GLU B 173 -16.16 -53.12 14.00
CA GLU B 173 -16.63 -54.50 14.13
C GLU B 173 -16.26 -55.41 12.97
N GLN B 174 -15.91 -54.82 11.84
CA GLN B 174 -15.43 -55.59 10.69
C GLN B 174 -13.93 -55.89 10.84
N GLY B 175 -13.33 -55.48 11.96
CA GLY B 175 -11.90 -55.62 12.15
C GLY B 175 -11.12 -54.78 11.17
N LYS B 176 -11.80 -53.83 10.52
CA LYS B 176 -11.19 -53.02 9.49
C LYS B 176 -10.35 -51.90 10.07
N LEU B 177 -10.49 -51.65 11.36
CA LEU B 177 -9.64 -50.69 12.04
C LEU B 177 -8.44 -51.41 12.62
N ASP B 178 -7.27 -50.81 12.41
CA ASP B 178 -6.02 -51.35 12.92
C ASP B 178 -5.98 -51.14 14.42
N PRO B 179 -5.22 -51.99 15.13
CA PRO B 179 -5.11 -51.88 16.58
C PRO B 179 -4.58 -50.53 17.03
N VAL B 180 -4.94 -50.13 18.24
CA VAL B 180 -4.42 -48.92 18.87
C VAL B 180 -3.70 -49.38 20.13
N ILE B 181 -2.70 -48.61 20.58
CA ILE B 181 -1.69 -49.13 21.52
C ILE B 181 -1.23 -48.22 22.66
N GLY B 182 -1.29 -48.74 23.88
CA GLY B 182 -0.73 -48.06 25.03
C GLY B 182 -1.28 -46.67 25.23
N ARG B 183 -2.47 -46.44 24.69
CA ARG B 183 -3.17 -45.17 24.83
C ARG B 183 -4.17 -45.21 25.97
N ASP B 184 -4.12 -46.25 26.79
CA ASP B 184 -5.15 -46.51 27.79
C ASP B 184 -5.55 -45.24 28.53
N GLU B 185 -4.55 -44.41 28.83
CA GLU B 185 -4.74 -43.18 29.59
C GLU B 185 -5.62 -42.16 28.88
N GLU B 186 -5.31 -41.88 27.62
CA GLU B 186 -5.96 -40.79 26.89
C GLU B 186 -7.38 -41.19 26.52
N ILE B 187 -7.61 -42.49 26.34
CA ILE B 187 -8.96 -42.96 26.06
C ILE B 187 -9.81 -42.82 27.31
N ARG B 188 -9.30 -43.30 28.45
CA ARG B 188 -10.04 -43.18 29.71
C ARG B 188 -10.47 -41.74 29.98
N ARG B 189 -9.52 -40.81 29.95
CA ARG B 189 -9.83 -39.40 30.11
C ARG B 189 -10.91 -38.95 29.11
N THR B 190 -10.76 -39.35 27.85
CA THR B 190 -11.76 -39.03 26.82
C THR B 190 -13.16 -39.53 27.20
N ILE B 191 -13.25 -40.71 27.79
CA ILE B 191 -14.54 -41.28 28.18
C ILE B 191 -15.15 -40.52 29.35
N GLN B 192 -14.31 -40.15 30.32
CA GLN B 192 -14.78 -39.43 31.49
C GLN B 192 -15.45 -38.18 30.99
N VAL B 193 -14.75 -37.46 30.12
CA VAL B 193 -15.27 -36.24 29.52
C VAL B 193 -16.52 -36.50 28.67
N LEU B 194 -16.63 -37.65 28.03
CA LEU B 194 -17.86 -37.98 27.30
C LEU B 194 -19.04 -38.24 28.23
N GLN B 195 -18.77 -38.81 29.40
CA GLN B 195 -19.83 -39.16 30.33
C GLN B 195 -20.30 -37.99 31.19
N ARG B 196 -19.55 -36.90 31.15
CA ARG B 196 -19.84 -35.75 31.99
C ARG B 196 -21.20 -35.13 31.74
N ARG B 197 -21.73 -34.51 32.80
CA ARG B 197 -22.99 -33.80 32.74
C ARG B 197 -22.79 -32.47 32.05
N THR B 198 -21.75 -31.77 32.49
CA THR B 198 -21.42 -30.44 31.99
C THR B 198 -19.96 -30.41 31.60
N LYS B 199 -19.64 -29.69 30.51
CA LYS B 199 -18.31 -29.70 29.92
C LYS B 199 -18.02 -31.12 29.45
N ASN B 200 -18.98 -31.64 28.68
CA ASN B 200 -19.05 -33.04 28.31
C ASN B 200 -18.49 -33.39 26.93
N ASN B 201 -17.91 -32.40 26.24
CA ASN B 201 -17.24 -32.68 24.97
C ASN B 201 -15.72 -32.74 25.08
N PRO B 202 -15.12 -33.92 24.85
CA PRO B 202 -13.65 -33.94 24.77
C PRO B 202 -13.14 -33.42 23.43
N VAL B 203 -12.03 -32.68 23.48
CA VAL B 203 -11.30 -32.29 22.28
C VAL B 203 -9.87 -32.77 22.43
N LEU B 204 -9.38 -33.46 21.42
CA LEU B 204 -8.04 -34.01 21.47
C LEU B 204 -7.04 -32.97 20.97
N ILE B 205 -6.01 -32.72 21.77
CA ILE B 205 -5.05 -31.65 21.49
C ILE B 205 -3.65 -32.22 21.41
N GLY B 206 -3.02 -32.06 20.25
CA GLY B 206 -1.68 -32.54 20.04
C GLY B 206 -1.14 -32.15 18.68
N GLU B 207 0.12 -32.47 18.44
CA GLU B 207 0.76 -32.13 17.16
C GLU B 207 0.22 -33.03 16.06
N PRO B 208 0.50 -32.70 14.79
CA PRO B 208 0.02 -33.57 13.72
C PRO B 208 0.69 -34.96 13.71
N GLY B 209 -0.14 -36.00 13.62
CA GLY B 209 0.33 -37.36 13.43
C GLY B 209 0.75 -38.10 14.68
N VAL B 210 0.23 -37.70 15.84
CA VAL B 210 0.71 -38.28 17.10
C VAL B 210 -0.15 -39.38 17.75
N GLY B 211 -1.24 -39.80 17.10
CA GLY B 211 -2.24 -40.63 17.77
C GLY B 211 -3.58 -39.99 18.06
N LYS B 212 -3.84 -38.80 17.51
CA LYS B 212 -5.13 -38.14 17.68
C LYS B 212 -6.34 -38.96 17.23
N THR B 213 -6.49 -39.15 15.92
CA THR B 213 -7.64 -39.90 15.41
C THR B 213 -7.49 -41.35 15.86
N ALA B 214 -6.24 -41.80 15.97
CA ALA B 214 -5.96 -43.15 16.47
C ALA B 214 -6.74 -43.40 17.76
N ILE B 215 -6.74 -42.41 18.63
CA ILE B 215 -7.45 -42.52 19.91
C ILE B 215 -8.94 -42.64 19.72
N VAL B 216 -9.51 -41.88 18.80
CA VAL B 216 -10.95 -41.95 18.51
C VAL B 216 -11.30 -43.38 18.15
N GLU B 217 -10.41 -44.01 17.40
CA GLU B 217 -10.68 -45.38 16.98
C GLU B 217 -10.43 -46.39 18.09
N GLY B 218 -9.56 -46.06 19.02
CA GLY B 218 -9.45 -46.85 20.23
C GLY B 218 -10.82 -46.90 20.86
N LEU B 219 -11.39 -45.71 21.09
CA LEU B 219 -12.74 -45.54 21.62
C LEU B 219 -13.75 -46.35 20.80
N ALA B 220 -13.61 -46.35 19.48
CA ALA B 220 -14.50 -47.12 18.63
C ALA B 220 -14.46 -48.60 19.01
N GLN B 221 -13.26 -49.18 19.03
CA GLN B 221 -13.13 -50.61 19.28
C GLN B 221 -13.47 -51.00 20.70
N ARG B 222 -13.36 -50.05 21.64
CA ARG B 222 -13.73 -50.34 23.01
C ARG B 222 -15.23 -50.42 23.14
N ILE B 223 -15.92 -49.43 22.56
CA ILE B 223 -17.38 -49.40 22.53
C ILE B 223 -17.91 -50.71 22.02
N ILE B 224 -17.36 -51.14 20.88
CA ILE B 224 -17.78 -52.40 20.27
C ILE B 224 -17.50 -53.59 21.20
N ASN B 225 -16.31 -53.63 21.80
CA ASN B 225 -15.92 -54.71 22.71
C ASN B 225 -16.58 -54.68 24.08
N GLY B 226 -17.08 -53.53 24.49
CA GLY B 226 -17.60 -53.38 25.84
C GLY B 226 -16.48 -53.24 26.86
N GLU B 227 -15.42 -52.55 26.44
CA GLU B 227 -14.36 -52.12 27.33
C GLU B 227 -14.67 -50.72 27.89
N VAL B 228 -15.90 -50.26 27.65
CA VAL B 228 -16.37 -48.92 28.02
C VAL B 228 -17.44 -49.02 29.10
N PRO B 229 -17.64 -47.94 29.89
CA PRO B 229 -18.73 -47.93 30.88
C PRO B 229 -20.06 -48.11 30.17
N GLU B 230 -21.09 -48.51 30.90
CA GLU B 230 -22.29 -48.99 30.24
C GLU B 230 -23.17 -47.90 29.66
N GLY B 231 -22.99 -46.67 30.11
CA GLY B 231 -23.68 -45.55 29.49
C GLY B 231 -23.29 -45.42 28.03
N LEU B 232 -22.05 -45.80 27.72
CA LEU B 232 -21.50 -45.63 26.37
C LEU B 232 -21.67 -46.88 25.49
N LYS B 233 -22.08 -48.01 26.06
CA LYS B 233 -22.25 -49.22 25.25
C LYS B 233 -23.37 -49.03 24.25
N GLY B 234 -23.07 -49.26 22.97
CA GLY B 234 -24.08 -49.14 21.94
C GLY B 234 -24.01 -47.84 21.16
N ARG B 235 -23.27 -46.86 21.67
CA ARG B 235 -23.16 -45.60 20.95
C ARG B 235 -22.41 -45.89 19.67
N ARG B 236 -22.56 -45.02 18.68
CA ARG B 236 -21.95 -45.23 17.38
C ARG B 236 -21.10 -44.02 17.00
N VAL B 237 -19.79 -44.23 16.92
CA VAL B 237 -18.85 -43.17 16.61
C VAL B 237 -18.71 -42.99 15.12
N LEU B 238 -18.99 -41.78 14.65
CA LEU B 238 -18.87 -41.45 13.24
C LEU B 238 -17.88 -40.31 13.07
N ALA B 239 -17.21 -40.28 11.94
CA ALA B 239 -16.30 -39.19 11.62
C ALA B 239 -16.87 -38.35 10.50
N LEU B 240 -17.22 -37.10 10.82
CA LEU B 240 -17.61 -36.11 9.83
C LEU B 240 -16.40 -35.90 8.98
N ASP B 241 -16.57 -36.04 7.68
CA ASP B 241 -15.45 -35.95 6.78
C ASP B 241 -15.47 -34.58 6.12
N MSE B 242 -14.36 -33.88 6.32
CA MSE B 242 -14.09 -32.61 5.67
C MSE B 242 -14.32 -32.73 4.19
N GLY B 243 -13.63 -33.70 3.59
CA GLY B 243 -13.70 -33.92 2.17
C GLY B 243 -15.07 -34.37 1.70
N ALA B 244 -15.81 -35.03 2.57
CA ALA B 244 -17.16 -35.45 2.22
C ALA B 244 -18.03 -34.23 1.87
N LEU B 245 -17.81 -33.12 2.56
CA LEU B 245 -18.58 -31.91 2.29
C LEU B 245 -17.87 -31.05 1.24
N ARG B 258 -25.72 -25.45 1.65
CA ARG B 258 -24.54 -26.21 2.04
C ARG B 258 -24.96 -27.49 2.78
N LEU B 259 -26.21 -27.92 2.60
CA LEU B 259 -26.77 -28.97 3.44
C LEU B 259 -26.72 -28.52 4.89
N LYS B 260 -25.88 -29.14 5.73
CA LYS B 260 -25.73 -28.72 7.13
C LYS B 260 -26.94 -29.05 8.01
N GLY B 261 -28.02 -29.53 7.40
CA GLY B 261 -29.12 -30.15 8.13
C GLY B 261 -28.76 -31.56 8.56
N VAL B 262 -27.49 -31.94 8.41
CA VAL B 262 -26.92 -33.11 9.05
C VAL B 262 -27.23 -33.09 10.55
N LEU B 263 -27.04 -31.91 11.15
CA LEU B 263 -27.28 -31.73 12.57
C LEU B 263 -28.70 -32.11 12.96
N ASN B 264 -29.61 -32.10 12.00
CA ASN B 264 -30.96 -32.58 12.22
C ASN B 264 -30.95 -34.08 12.50
N ASP B 265 -30.24 -34.83 11.65
CA ASP B 265 -30.15 -36.29 11.82
C ASP B 265 -29.47 -36.68 13.13
N LEU B 266 -28.49 -35.90 13.56
CA LEU B 266 -27.87 -36.15 14.87
C LEU B 266 -28.74 -35.70 16.04
N ALA B 267 -29.55 -34.68 15.81
CA ALA B 267 -30.47 -34.20 16.84
C ALA B 267 -31.62 -35.20 16.99
N LYS B 268 -31.89 -35.97 15.95
CA LYS B 268 -32.89 -37.04 16.03
C LYS B 268 -32.48 -38.20 16.95
N GLN B 269 -31.18 -38.51 16.99
CA GLN B 269 -30.68 -39.66 17.74
C GLN B 269 -30.09 -39.35 19.14
N GLU B 270 -30.23 -38.14 19.63
CA GLU B 270 -29.31 -37.61 20.66
C GLU B 270 -28.99 -38.56 21.83
N GLY B 271 -27.68 -38.70 22.07
CA GLY B 271 -27.15 -39.52 23.14
C GLY B 271 -26.63 -40.87 22.69
N ASN B 272 -27.15 -41.38 21.58
CA ASN B 272 -26.71 -42.68 21.04
C ASN B 272 -25.71 -42.57 19.89
N VAL B 273 -25.27 -41.35 19.57
CA VAL B 273 -24.30 -41.13 18.49
C VAL B 273 -23.24 -40.11 18.89
N ILE B 274 -21.97 -40.51 18.77
CA ILE B 274 -20.84 -39.59 18.97
C ILE B 274 -20.29 -39.20 17.61
N LEU B 275 -20.04 -37.91 17.42
CA LEU B 275 -19.53 -37.37 16.15
C LEU B 275 -18.06 -36.96 16.27
N PHE B 276 -17.29 -37.13 15.19
CA PHE B 276 -15.87 -36.75 15.20
C PHE B 276 -15.47 -35.83 14.05
N ILE B 277 -15.07 -34.60 14.41
CA ILE B 277 -14.56 -33.63 13.46
C ILE B 277 -13.06 -33.45 13.69
N ASP B 278 -12.25 -33.93 12.76
CA ASP B 278 -10.81 -33.70 12.84
C ASP B 278 -10.55 -32.27 12.37
N GLU B 279 -9.48 -31.66 12.88
CA GLU B 279 -9.17 -30.27 12.55
C GLU B 279 -10.39 -29.38 12.81
N LEU B 280 -10.98 -29.51 13.99
CA LEU B 280 -12.19 -28.78 14.38
C LEU B 280 -12.05 -27.25 14.23
N HIS B 281 -10.82 -26.77 14.30
CA HIS B 281 -10.50 -25.35 14.11
C HIS B 281 -11.00 -24.77 12.78
N THR B 282 -11.14 -25.63 11.76
CA THR B 282 -11.44 -25.18 10.41
C THR B 282 -12.89 -24.73 10.17
N MSE B 283 -13.83 -25.31 10.91
CA MSE B 283 -15.23 -24.93 10.78
C MSE B 283 -15.70 -23.91 11.83
N VAL B 284 -14.77 -23.48 12.68
CA VAL B 284 -14.95 -22.26 13.45
C VAL B 284 -14.28 -21.07 12.72
N GLY B 285 -13.85 -21.29 11.48
CA GLY B 285 -13.37 -20.22 10.63
C GLY B 285 -11.88 -20.17 10.30
N ALA B 286 -11.11 -21.14 10.77
CA ALA B 286 -9.68 -21.15 10.49
C ALA B 286 -9.42 -21.69 9.09
N ASP B 294 -16.77 -19.88 8.37
CA ASP B 294 -17.37 -19.99 9.70
C ASP B 294 -18.67 -20.80 9.64
N ALA B 295 -18.65 -22.00 10.22
CA ALA B 295 -19.87 -22.70 10.55
C ALA B 295 -20.23 -22.49 12.03
N GLY B 296 -19.47 -21.68 12.74
CA GLY B 296 -19.59 -21.54 14.18
C GLY B 296 -21.01 -21.33 14.70
N ASN B 297 -21.81 -20.54 13.99
CA ASN B 297 -23.17 -20.25 14.44
C ASN B 297 -24.10 -21.47 14.37
N MSE B 298 -23.80 -22.39 13.46
CA MSE B 298 -24.56 -23.63 13.33
C MSE B 298 -24.41 -24.51 14.55
N LEU B 299 -23.16 -24.69 14.93
CA LEU B 299 -22.76 -25.72 15.87
C LEU B 299 -22.94 -25.26 17.31
N LYS B 300 -22.71 -23.97 17.55
CA LYS B 300 -22.85 -23.38 18.88
C LYS B 300 -24.13 -23.72 19.64
N PRO B 301 -25.30 -23.61 18.98
CA PRO B 301 -26.51 -23.99 19.72
C PRO B 301 -26.58 -25.49 20.03
N ALA B 302 -26.02 -26.33 19.15
CA ALA B 302 -26.12 -27.78 19.30
C ALA B 302 -25.43 -28.32 20.56
N LEU B 303 -24.28 -27.74 20.90
CA LEU B 303 -23.47 -28.21 22.04
C LEU B 303 -24.12 -27.89 23.38
N ALA B 304 -24.81 -26.75 23.44
CA ALA B 304 -25.51 -26.35 24.64
C ALA B 304 -26.89 -27.01 24.75
N ARG B 305 -27.38 -27.53 23.63
CA ARG B 305 -28.66 -28.24 23.62
C ARG B 305 -28.48 -29.76 23.76
N GLY B 306 -27.24 -30.24 23.81
CA GLY B 306 -26.98 -31.66 23.94
C GLY B 306 -27.29 -32.50 22.71
N GLU B 307 -27.75 -31.84 21.63
CA GLU B 307 -28.17 -32.55 20.44
C GLU B 307 -26.94 -33.18 19.81
N LEU B 308 -25.82 -32.48 19.95
CA LEU B 308 -24.56 -32.84 19.33
C LEU B 308 -23.52 -33.19 20.38
N HIS B 309 -23.18 -34.47 20.48
CA HIS B 309 -22.07 -34.94 21.28
C HIS B 309 -20.96 -35.21 20.28
N CYS B 310 -19.86 -34.46 20.31
CA CYS B 310 -18.76 -34.69 19.37
C CYS B 310 -17.35 -34.76 19.97
N VAL B 311 -16.37 -34.92 19.08
CA VAL B 311 -14.96 -34.99 19.44
C VAL B 311 -14.15 -34.21 18.40
N GLY B 312 -13.29 -33.31 18.88
CA GLY B 312 -12.45 -32.51 18.01
C GLY B 312 -11.00 -32.95 17.99
N ALA B 313 -10.25 -32.40 17.03
CA ALA B 313 -8.80 -32.52 17.04
C ALA B 313 -8.14 -31.29 16.40
N THR B 314 -7.07 -30.80 17.03
CA THR B 314 -6.39 -29.58 16.62
C THR B 314 -5.03 -29.53 17.30
N THR B 315 -4.22 -28.52 17.02
CA THR B 315 -3.02 -28.30 17.83
C THR B 315 -3.44 -27.45 19.03
N LEU B 316 -2.54 -27.24 19.99
CA LEU B 316 -2.89 -26.49 21.20
C LEU B 316 -3.04 -25.02 20.85
N ASP B 317 -2.23 -24.55 19.90
CA ASP B 317 -2.35 -23.17 19.41
C ASP B 317 -3.73 -22.92 18.81
N GLU B 318 -4.21 -23.86 18.00
CA GLU B 318 -5.52 -23.75 17.39
C GLU B 318 -6.66 -23.84 18.42
N TYR B 319 -6.41 -24.48 19.57
CA TYR B 319 -7.40 -24.53 20.65
C TYR B 319 -7.49 -23.19 21.37
N ARG B 320 -6.34 -22.65 21.78
CA ARG B 320 -6.29 -21.39 22.51
C ARG B 320 -6.94 -20.31 21.67
N GLN B 321 -6.58 -20.26 20.39
CA GLN B 321 -7.07 -19.23 19.49
C GLN B 321 -8.57 -19.36 19.18
N TYR B 322 -8.96 -20.50 18.61
CA TYR B 322 -10.33 -20.65 18.09
C TYR B 322 -11.32 -21.32 19.05
N ILE B 323 -10.90 -21.61 20.29
CA ILE B 323 -11.83 -22.14 21.29
C ILE B 323 -11.79 -21.36 22.60
N GLU B 324 -10.64 -21.38 23.27
CA GLU B 324 -10.56 -20.93 24.65
C GLU B 324 -10.99 -19.47 24.84
N LYS B 325 -10.90 -18.67 23.78
CA LYS B 325 -11.27 -17.26 23.85
C LYS B 325 -12.79 -16.99 23.85
N ASP B 326 -13.59 -18.04 23.67
CA ASP B 326 -15.05 -17.92 23.57
C ASP B 326 -15.73 -18.55 24.79
N ALA B 327 -16.90 -18.04 25.16
CA ALA B 327 -17.72 -18.70 26.19
C ALA B 327 -18.48 -19.88 25.57
N ALA B 328 -19.12 -19.62 24.45
CA ALA B 328 -19.96 -20.61 23.77
C ALA B 328 -19.25 -21.95 23.51
N LEU B 329 -17.96 -21.89 23.21
CA LEU B 329 -17.18 -23.12 23.00
C LEU B 329 -16.58 -23.61 24.32
N GLU B 330 -15.68 -22.82 24.89
CA GLU B 330 -14.87 -23.25 26.03
C GLU B 330 -15.68 -23.78 27.21
N ARG B 331 -16.93 -23.33 27.35
CA ARG B 331 -17.77 -23.81 28.45
C ARG B 331 -18.30 -25.22 28.22
N ARG B 332 -18.43 -25.64 26.97
CA ARG B 332 -18.92 -26.98 26.64
C ARG B 332 -17.79 -28.00 26.42
N PHE B 333 -16.55 -27.55 26.31
CA PHE B 333 -15.45 -28.39 25.82
C PHE B 333 -14.35 -28.64 26.84
N GLN B 334 -13.59 -29.71 26.59
CA GLN B 334 -12.48 -30.08 27.44
C GLN B 334 -11.20 -30.22 26.64
N LYS B 335 -10.08 -29.97 27.29
CA LYS B 335 -8.77 -30.26 26.74
C LYS B 335 -8.38 -31.68 27.15
N VAL B 336 -8.12 -32.54 26.18
CA VAL B 336 -7.48 -33.83 26.46
C VAL B 336 -6.20 -33.92 25.65
N PHE B 337 -5.06 -33.90 26.34
CA PHE B 337 -3.78 -33.82 25.68
C PHE B 337 -3.25 -35.16 25.22
N VAL B 338 -2.85 -35.21 23.95
CA VAL B 338 -2.17 -36.36 23.38
C VAL B 338 -0.74 -35.95 23.09
N ALA B 339 0.19 -36.46 23.89
CA ALA B 339 1.61 -36.17 23.68
C ALA B 339 2.14 -36.93 22.49
N GLU B 340 3.28 -36.48 21.99
CA GLU B 340 4.00 -37.23 20.97
C GLU B 340 4.62 -38.44 21.66
N PRO B 341 4.45 -39.65 21.09
CA PRO B 341 5.08 -40.84 21.67
C PRO B 341 6.59 -40.75 21.90
N SER B 342 7.03 -41.47 22.91
CA SER B 342 8.45 -41.71 23.17
C SER B 342 9.00 -42.59 22.05
N VAL B 343 10.33 -42.67 21.90
CA VAL B 343 10.89 -43.61 20.93
C VAL B 343 10.54 -45.04 21.37
N GLU B 344 10.68 -45.33 22.66
CA GLU B 344 10.33 -46.66 23.20
C GLU B 344 8.85 -46.96 23.01
N ASP B 345 8.03 -45.93 23.23
CA ASP B 345 6.59 -46.06 23.08
C ASP B 345 6.33 -46.41 21.64
N THR B 346 6.95 -45.65 20.75
CA THR B 346 6.76 -45.81 19.31
C THR B 346 7.20 -47.18 18.83
N ILE B 347 8.22 -47.76 19.47
CA ILE B 347 8.64 -49.10 19.14
C ILE B 347 7.54 -50.08 19.50
N ALA B 348 6.91 -49.86 20.65
CA ALA B 348 5.77 -50.71 21.02
C ALA B 348 4.59 -50.50 20.09
N ILE B 349 4.37 -49.27 19.63
CA ILE B 349 3.23 -49.02 18.76
C ILE B 349 3.47 -49.77 17.46
N LEU B 350 4.67 -49.67 16.91
CA LEU B 350 4.98 -50.27 15.62
C LEU B 350 5.00 -51.78 15.74
N ARG B 351 5.40 -52.28 16.91
CA ARG B 351 5.44 -53.72 17.12
C ARG B 351 4.05 -54.29 17.13
N GLY B 352 3.09 -53.55 17.66
CA GLY B 352 1.71 -53.98 17.59
C GLY B 352 1.11 -53.87 16.19
N LEU B 353 1.46 -52.82 15.46
CA LEU B 353 1.04 -52.68 14.06
C LEU B 353 1.75 -53.65 13.12
N LYS B 354 2.92 -54.14 13.54
CA LYS B 354 3.80 -54.93 12.67
C LYS B 354 3.10 -56.05 11.89
N GLU B 355 2.30 -56.86 12.57
CA GLU B 355 1.57 -57.97 11.93
C GLU B 355 0.69 -57.51 10.78
N ARG B 356 -0.22 -56.59 11.09
CA ARG B 356 -1.18 -56.09 10.11
C ARG B 356 -0.46 -55.52 8.91
N TYR B 357 0.58 -54.74 9.18
CA TYR B 357 1.36 -54.09 8.12
C TYR B 357 2.06 -55.04 7.17
N GLU B 358 2.65 -56.12 7.69
CA GLU B 358 3.28 -57.10 6.81
C GLU B 358 2.26 -58.00 6.11
N LEU B 359 1.03 -58.04 6.62
CA LEU B 359 -0.07 -58.62 5.83
C LEU B 359 -0.46 -57.67 4.69
N HIS B 360 -0.45 -56.37 4.98
CA HIS B 360 -0.86 -55.35 4.02
C HIS B 360 0.04 -55.33 2.80
N HIS B 361 1.32 -55.13 3.03
CA HIS B 361 2.30 -54.96 1.95
C HIS B 361 2.81 -56.25 1.33
N HIS B 362 2.46 -57.39 1.88
CA HIS B 362 2.96 -58.64 1.35
C HIS B 362 4.49 -58.69 1.46
N VAL B 363 4.98 -58.32 2.63
CA VAL B 363 6.40 -58.32 2.92
C VAL B 363 6.53 -58.87 4.30
N GLN B 364 7.71 -58.76 4.86
CA GLN B 364 7.94 -59.19 6.21
C GLN B 364 8.80 -58.14 6.86
N ILE B 365 8.36 -57.62 7.98
CA ILE B 365 9.06 -56.52 8.62
C ILE B 365 9.88 -57.09 9.76
N THR B 366 11.04 -56.50 9.97
CA THR B 366 12.07 -57.04 10.86
C THR B 366 12.10 -56.22 12.11
N ASP B 367 12.22 -56.83 13.28
CA ASP B 367 12.16 -56.05 14.51
C ASP B 367 13.24 -54.97 14.56
N PRO B 368 14.46 -55.30 14.10
CA PRO B 368 15.43 -54.29 13.73
C PRO B 368 14.90 -53.16 12.83
N ALA B 369 14.06 -53.45 11.83
CA ALA B 369 13.46 -52.40 11.00
C ALA B 369 12.57 -51.51 11.83
N ILE B 370 11.88 -52.07 12.80
CA ILE B 370 11.00 -51.26 13.60
C ILE B 370 11.81 -50.29 14.46
N VAL B 371 12.70 -50.83 15.27
CA VAL B 371 13.52 -49.98 16.14
C VAL B 371 14.34 -48.97 15.35
N ALA B 372 14.76 -49.33 14.13
CA ALA B 372 15.51 -48.39 13.28
C ALA B 372 14.59 -47.29 12.80
N ALA B 373 13.39 -47.66 12.36
CA ALA B 373 12.44 -46.70 11.80
C ALA B 373 11.96 -45.69 12.84
N ALA B 374 11.91 -46.11 14.09
CA ALA B 374 11.58 -45.21 15.19
C ALA B 374 12.78 -44.32 15.56
N THR B 375 13.87 -44.95 15.96
CA THR B 375 15.10 -44.28 16.42
C THR B 375 15.64 -43.21 15.46
N LEU B 376 15.83 -43.61 14.20
CA LEU B 376 16.40 -42.73 13.19
C LEU B 376 15.45 -41.59 12.87
N SER B 377 14.20 -41.92 12.61
CA SER B 377 13.21 -40.90 12.26
C SER B 377 13.18 -39.81 13.35
N HIS B 378 13.24 -40.22 14.61
CA HIS B 378 13.33 -39.27 15.71
C HIS B 378 14.55 -38.38 15.51
N ARG B 379 15.70 -39.01 15.32
CA ARG B 379 16.94 -38.28 15.07
C ARG B 379 16.90 -37.35 13.84
N TYR B 380 16.89 -37.94 12.65
CA TYR B 380 17.19 -37.19 11.43
C TYR B 380 16.03 -36.43 10.80
N ILE B 381 14.82 -36.54 11.35
CA ILE B 381 13.68 -35.78 10.85
C ILE B 381 13.28 -34.77 11.91
N ALA B 382 13.60 -33.52 11.63
CA ALA B 382 13.44 -32.47 12.61
C ALA B 382 11.97 -32.08 12.78
N ASP B 383 11.31 -31.85 11.65
CA ASP B 383 9.99 -31.19 11.63
C ASP B 383 8.74 -32.02 11.99
N ARG B 384 8.59 -33.22 11.43
CA ARG B 384 7.36 -34.00 11.66
C ARG B 384 7.40 -34.74 13.00
N GLN B 385 6.30 -35.41 13.36
CA GLN B 385 6.13 -36.00 14.69
C GLN B 385 6.10 -37.53 14.68
N LEU B 386 6.49 -38.11 15.82
CA LEU B 386 7.12 -39.41 15.84
C LEU B 386 6.33 -40.61 15.34
N PRO B 387 5.16 -40.91 15.94
CA PRO B 387 4.58 -42.21 15.59
C PRO B 387 4.20 -42.23 14.13
N ASP B 388 3.97 -41.06 13.54
CA ASP B 388 3.70 -40.97 12.12
C ASP B 388 4.96 -41.13 11.27
N LYS B 389 5.93 -40.21 11.39
CA LYS B 389 7.13 -40.27 10.55
C LYS B 389 7.80 -41.66 10.56
N ALA B 390 7.76 -42.33 11.70
CA ALA B 390 8.31 -43.67 11.82
C ALA B 390 7.56 -44.61 10.88
N ILE B 391 6.24 -44.51 10.90
CA ILE B 391 5.42 -45.33 10.03
C ILE B 391 5.75 -45.04 8.57
N ASP B 392 5.63 -43.79 8.11
CA ASP B 392 5.90 -43.45 6.71
C ASP B 392 7.20 -44.07 6.23
N LEU B 393 8.20 -44.05 7.10
CA LEU B 393 9.48 -44.68 6.80
C LEU B 393 9.31 -46.16 6.51
N ILE B 394 8.72 -46.91 7.45
CA ILE B 394 8.45 -48.33 7.21
C ILE B 394 7.69 -48.56 5.92
N ASP B 395 6.54 -47.90 5.81
CA ASP B 395 5.64 -47.98 4.67
C ASP B 395 6.36 -47.90 3.34
N GLU B 396 7.23 -46.91 3.22
CA GLU B 396 7.88 -46.69 1.95
C GLU B 396 8.98 -47.70 1.69
N ALA B 397 9.67 -48.15 2.73
CA ALA B 397 10.63 -49.23 2.57
C ALA B 397 9.89 -50.48 2.12
N ALA B 398 8.65 -50.65 2.60
CA ALA B 398 7.85 -51.83 2.26
C ALA B 398 7.47 -51.80 0.80
N SER B 399 6.92 -50.69 0.30
CA SER B 399 6.53 -50.61 -1.10
C SER B 399 7.77 -50.60 -2.02
N SER B 400 8.95 -50.29 -1.49
CA SER B 400 10.18 -50.49 -2.25
C SER B 400 10.54 -51.97 -2.35
N ILE B 401 10.36 -52.74 -1.27
CA ILE B 401 10.62 -54.17 -1.35
C ILE B 401 9.58 -54.85 -2.23
N ARG B 402 8.35 -54.38 -2.19
CA ARG B 402 7.26 -55.05 -2.88
C ARG B 402 7.41 -54.86 -4.40
N MSE B 403 8.18 -53.84 -4.80
CA MSE B 403 8.57 -53.70 -6.20
C MSE B 403 9.78 -54.56 -6.55
N GLN B 404 10.79 -54.57 -5.68
CA GLN B 404 11.97 -55.40 -5.90
C GLN B 404 11.60 -56.89 -5.99
N ILE B 405 10.45 -57.27 -5.45
CA ILE B 405 9.89 -58.62 -5.58
C ILE B 405 9.31 -58.94 -6.96
N ASP B 406 8.56 -57.99 -7.51
CA ASP B 406 7.78 -58.22 -8.72
C ASP B 406 8.65 -58.06 -9.97
N SER B 407 9.95 -57.81 -9.79
CA SER B 407 10.86 -57.64 -10.92
C SER B 407 11.73 -58.89 -11.07
N LYS B 408 12.13 -59.20 -12.30
CA LYS B 408 12.98 -60.36 -12.57
C LYS B 408 14.27 -60.27 -11.75
N PRO B 409 14.89 -61.41 -11.41
CA PRO B 409 16.18 -61.28 -10.71
C PRO B 409 17.29 -60.84 -11.65
N GLU B 410 18.36 -60.25 -11.10
CA GLU B 410 19.49 -59.86 -11.93
C GLU B 410 20.26 -61.09 -12.39
N GLU B 411 20.13 -62.19 -11.65
CA GLU B 411 20.91 -63.37 -11.94
C GLU B 411 20.58 -63.91 -13.32
N LEU B 412 21.35 -53.26 -0.51
CA LEU B 412 20.89 -52.92 -1.85
C LEU B 412 20.30 -51.51 -1.76
N ASP B 413 19.93 -50.94 -2.89
CA ASP B 413 19.53 -49.52 -2.97
C ASP B 413 20.65 -48.54 -2.63
N ARG B 414 21.73 -49.03 -2.03
CA ARG B 414 23.06 -48.53 -2.28
C ARG B 414 23.48 -49.08 -3.64
N LEU B 415 23.19 -50.35 -3.89
CA LEU B 415 23.46 -50.94 -5.20
C LEU B 415 22.46 -50.51 -6.27
N ASP B 416 21.27 -50.03 -5.91
CA ASP B 416 20.38 -49.50 -6.94
C ASP B 416 20.86 -48.11 -7.35
N ARG B 417 21.39 -47.36 -6.39
CA ARG B 417 22.03 -46.07 -6.67
C ARG B 417 23.25 -46.24 -7.57
N ARG B 418 24.05 -47.25 -7.27
CA ARG B 418 25.23 -47.55 -8.09
C ARG B 418 24.81 -47.92 -9.51
N ILE B 419 23.94 -48.91 -9.62
CA ILE B 419 23.50 -49.40 -10.92
C ILE B 419 22.94 -48.24 -11.75
N ILE B 420 22.14 -47.36 -11.13
CA ILE B 420 21.43 -46.31 -11.84
C ILE B 420 22.40 -45.28 -12.44
N GLN B 421 23.39 -44.87 -11.65
CA GLN B 421 24.40 -43.96 -12.18
C GLN B 421 25.22 -44.59 -13.30
N LEU B 422 25.44 -45.90 -13.23
CA LEU B 422 26.09 -46.62 -14.32
C LEU B 422 25.17 -46.88 -15.52
N LYS B 423 23.86 -46.85 -15.32
CA LYS B 423 22.93 -46.98 -16.44
C LYS B 423 22.95 -45.71 -17.28
N LEU B 424 23.00 -44.55 -16.60
CA LEU B 424 23.11 -43.29 -17.32
C LEU B 424 24.49 -43.05 -17.98
N GLU B 425 25.57 -43.28 -17.25
CA GLU B 425 26.91 -43.23 -17.86
C GLU B 425 26.94 -44.15 -19.07
N GLN B 426 26.41 -45.35 -18.91
CA GLN B 426 26.51 -46.34 -19.95
C GLN B 426 25.70 -45.94 -21.17
N GLN B 427 24.55 -45.28 -20.99
CA GLN B 427 23.84 -44.76 -22.17
C GLN B 427 24.56 -43.56 -22.78
N ALA B 428 25.34 -42.83 -21.99
CA ALA B 428 26.17 -41.73 -22.50
C ALA B 428 27.33 -42.27 -23.32
N LEU B 429 28.07 -43.17 -22.69
CA LEU B 429 29.18 -43.88 -23.30
C LEU B 429 28.68 -44.79 -24.44
N MSE B 430 27.36 -44.91 -24.60
CA MSE B 430 26.72 -45.59 -25.73
C MSE B 430 26.46 -44.69 -26.95
N LYS B 431 26.62 -43.38 -26.79
CA LYS B 431 26.32 -42.43 -27.86
C LYS B 431 27.60 -41.97 -28.55
N ARG B 440 36.12 -49.24 -22.46
CA ARG B 440 35.51 -48.76 -21.23
C ARG B 440 34.02 -49.06 -21.24
N LEU B 441 33.40 -48.92 -22.41
CA LEU B 441 31.98 -49.19 -22.56
C LEU B 441 31.68 -50.62 -22.13
N ASP B 442 32.18 -51.57 -22.92
CA ASP B 442 31.87 -52.98 -22.72
C ASP B 442 32.38 -53.44 -21.36
N MSE B 443 33.49 -52.87 -20.91
CA MSE B 443 34.07 -53.20 -19.62
C MSE B 443 33.11 -52.80 -18.50
N LEU B 444 32.71 -51.53 -18.51
CA LEU B 444 31.74 -51.02 -17.57
C LEU B 444 30.44 -51.81 -17.68
N ASN B 445 30.19 -52.37 -18.86
CA ASN B 445 29.03 -53.22 -19.11
C ASN B 445 29.13 -54.55 -18.36
N GLU B 446 30.33 -55.11 -18.29
CA GLU B 446 30.57 -56.31 -17.50
C GLU B 446 30.36 -56.06 -16.01
N GLU B 447 31.00 -55.01 -15.49
CA GLU B 447 30.78 -54.60 -14.10
C GLU B 447 29.29 -54.49 -13.83
N LEU B 448 28.56 -53.92 -14.79
CA LEU B 448 27.13 -53.75 -14.67
C LEU B 448 26.38 -55.07 -14.45
N SER B 449 26.49 -56.03 -15.37
CA SER B 449 25.76 -57.29 -15.19
C SER B 449 26.12 -57.99 -13.90
N ASP B 450 27.40 -58.11 -13.60
CA ASP B 450 27.82 -58.78 -12.36
C ASP B 450 27.37 -58.02 -11.12
N LYS B 451 27.05 -56.73 -11.26
CA LYS B 451 26.42 -55.99 -10.18
C LYS B 451 24.88 -56.00 -10.17
N GLU B 452 24.27 -56.46 -11.27
CA GLU B 452 22.82 -56.73 -11.28
C GLU B 452 22.49 -58.19 -10.97
N ARG B 453 23.51 -59.04 -10.91
CA ARG B 453 23.33 -60.37 -10.35
C ARG B 453 23.43 -60.24 -8.84
N GLN B 454 24.36 -59.41 -8.38
CA GLN B 454 24.41 -59.04 -6.96
C GLN B 454 23.04 -58.56 -6.55
N TYR B 455 22.39 -57.79 -7.43
CA TYR B 455 21.15 -57.14 -7.07
C TYR B 455 19.90 -58.02 -7.13
N SER B 456 19.84 -58.99 -8.04
CA SER B 456 18.71 -59.93 -8.02
C SER B 456 18.88 -60.90 -6.86
N GLU B 457 20.07 -61.47 -6.74
CA GLU B 457 20.40 -62.33 -5.60
C GLU B 457 20.06 -61.64 -4.30
N LEU B 458 20.35 -60.34 -4.20
CA LEU B 458 20.05 -59.60 -3.00
C LEU B 458 18.55 -59.44 -2.82
N GLU B 459 17.87 -59.01 -3.87
CA GLU B 459 16.44 -58.74 -3.78
C GLU B 459 15.68 -60.01 -3.38
N GLU B 460 16.21 -61.15 -3.80
CA GLU B 460 15.55 -62.42 -3.55
C GLU B 460 15.82 -62.88 -2.14
N GLU B 461 17.06 -62.70 -1.69
CA GLU B 461 17.41 -62.99 -0.30
C GLU B 461 16.47 -62.23 0.61
N TRP B 462 16.27 -60.95 0.29
CA TRP B 462 15.47 -60.04 1.08
C TRP B 462 14.00 -60.44 1.09
N LYS B 463 13.47 -60.85 -0.05
CA LYS B 463 12.12 -61.38 -0.11
C LYS B 463 11.99 -62.65 0.73
N ALA B 464 13.06 -63.44 0.80
CA ALA B 464 13.05 -64.63 1.64
C ALA B 464 13.15 -64.28 3.11
N GLU B 465 13.80 -63.17 3.44
CA GLU B 465 13.81 -62.68 4.82
C GLU B 465 12.38 -62.37 5.24
N LYS B 466 11.75 -61.51 4.47
CA LYS B 466 10.40 -61.03 4.70
C LYS B 466 9.47 -62.21 4.92
N ALA B 467 9.57 -63.23 4.06
CA ALA B 467 8.80 -64.45 4.20
C ALA B 467 9.05 -65.21 5.51
N SER B 468 10.31 -65.46 5.84
CA SER B 468 10.68 -66.20 7.06
C SER B 468 10.12 -65.52 8.28
N LEU B 469 10.00 -64.21 8.23
CA LEU B 469 9.36 -63.44 9.30
C LEU B 469 7.85 -63.68 9.33
N SER B 470 7.18 -63.45 8.21
CA SER B 470 5.73 -63.53 8.17
C SER B 470 5.22 -64.88 8.65
N GLY B 471 5.98 -65.93 8.35
CA GLY B 471 5.61 -67.28 8.74
C GLY B 471 5.68 -67.43 10.25
N THR B 472 6.72 -66.87 10.85
CA THR B 472 6.91 -66.94 12.29
C THR B 472 5.81 -66.15 12.99
N GLN B 473 5.32 -65.11 12.34
CA GLN B 473 4.21 -64.35 12.91
C GLN B 473 2.89 -65.08 12.79
N THR B 474 2.68 -65.78 11.69
CA THR B 474 1.44 -66.54 11.54
C THR B 474 1.36 -67.56 12.64
N ILE B 475 2.36 -68.42 12.73
CA ILE B 475 2.38 -69.44 13.78
C ILE B 475 2.32 -68.81 15.17
N LYS B 476 3.00 -67.70 15.40
CA LYS B 476 2.94 -67.04 16.70
C LYS B 476 1.45 -66.80 17.04
N ALA B 477 0.72 -66.26 16.09
CA ALA B 477 -0.69 -65.92 16.28
C ALA B 477 -1.53 -67.14 16.55
N GLU B 478 -1.45 -68.13 15.68
CA GLU B 478 -2.27 -69.35 15.73
C GLU B 478 -2.09 -70.02 17.07
N LEU B 479 -0.86 -70.07 17.54
CA LEU B 479 -0.58 -70.58 18.87
C LEU B 479 -1.40 -69.79 19.89
N GLU B 480 -1.27 -68.46 19.93
CA GLU B 480 -2.03 -67.66 20.90
C GLU B 480 -3.55 -67.85 20.85
N GLN B 481 -4.13 -67.98 19.67
CA GLN B 481 -5.58 -68.13 19.55
C GLN B 481 -5.99 -69.51 20.02
N ALA B 482 -5.09 -70.47 19.86
CA ALA B 482 -5.37 -71.81 20.32
C ALA B 482 -5.32 -71.88 21.85
N LYS B 483 -4.34 -71.24 22.47
CA LYS B 483 -4.25 -71.23 23.93
C LYS B 483 -5.48 -70.54 24.49
N ILE B 484 -5.90 -69.47 23.82
CA ILE B 484 -7.16 -68.83 24.15
C ILE B 484 -8.27 -69.86 24.09
N ALA B 485 -8.30 -70.68 23.04
CA ALA B 485 -9.34 -71.73 22.91
C ALA B 485 -9.41 -72.72 24.08
N ILE B 486 -8.30 -73.35 24.46
CA ILE B 486 -8.38 -74.33 25.56
C ILE B 486 -8.64 -73.68 26.93
N GLU B 487 -8.24 -72.43 27.11
CA GLU B 487 -8.70 -71.67 28.27
C GLU B 487 -10.15 -71.24 28.09
N GLN B 488 -10.60 -71.19 26.85
CA GLN B 488 -11.98 -70.83 26.53
C GLN B 488 -12.94 -71.92 26.93
N ALA B 489 -12.64 -73.17 26.61
CA ALA B 489 -13.40 -74.25 27.24
C ALA B 489 -12.54 -75.17 28.14
N ARG B 490 -12.42 -74.73 29.39
CA ARG B 490 -12.55 -75.55 30.56
C ARG B 490 -14.00 -75.33 30.99
N ARG B 491 -14.65 -74.38 30.30
CA ARG B 491 -16.05 -74.05 30.42
C ARG B 491 -16.87 -74.71 29.31
N MSE B 498 -12.68 -80.34 23.14
CA MSE B 498 -11.35 -80.28 22.58
C MSE B 498 -10.36 -80.99 23.54
N SER B 499 -10.21 -82.31 23.34
CA SER B 499 -9.54 -83.24 24.25
C SER B 499 -8.01 -83.34 24.16
N GLU B 500 -7.39 -84.35 24.77
CA GLU B 500 -5.93 -84.41 25.03
C GLU B 500 -4.96 -84.00 23.91
N LEU B 501 -5.18 -84.41 22.65
CA LEU B 501 -4.39 -83.83 21.56
C LEU B 501 -5.10 -82.70 20.79
N GLN B 502 -6.30 -82.32 21.25
CA GLN B 502 -6.81 -80.97 20.95
C GLN B 502 -6.32 -79.91 21.97
N TYR B 503 -6.23 -80.30 23.24
CA TYR B 503 -5.25 -79.71 24.15
C TYR B 503 -3.95 -79.78 23.41
N GLY B 504 -3.82 -80.88 22.66
CA GLY B 504 -2.76 -81.04 21.69
C GLY B 504 -3.01 -80.07 20.55
N LYS B 505 -2.48 -80.31 19.35
CA LYS B 505 -2.31 -79.18 18.44
C LYS B 505 -1.33 -78.22 19.08
N ILE B 506 -1.79 -77.41 20.03
CA ILE B 506 -0.94 -76.51 20.81
C ILE B 506 0.52 -77.03 21.07
N PRO B 507 0.76 -78.35 21.36
CA PRO B 507 2.14 -78.85 21.50
C PRO B 507 2.86 -79.02 20.15
N GLU B 508 2.12 -79.13 19.04
CA GLU B 508 2.74 -79.04 17.71
C GLU B 508 3.00 -77.59 17.29
N LEU B 509 2.02 -76.70 17.41
CA LEU B 509 2.21 -75.33 16.98
C LEU B 509 3.25 -74.73 17.92
N GLU B 510 3.49 -75.43 19.02
CA GLU B 510 4.60 -75.10 19.92
C GLU B 510 5.92 -75.46 19.23
N LYS B 511 6.00 -76.63 18.60
CA LYS B 511 7.20 -77.02 17.84
C LYS B 511 7.33 -76.30 16.49
N GLN B 512 6.23 -75.95 15.85
CA GLN B 512 6.30 -75.14 14.63
C GLN B 512 6.91 -73.77 14.93
N LEU B 513 6.48 -73.12 16.02
CA LEU B 513 7.10 -71.85 16.42
C LEU B 513 8.52 -72.06 16.92
N GLU B 514 8.77 -73.22 17.52
CA GLU B 514 10.12 -73.62 17.87
C GLU B 514 10.91 -73.69 16.57
N ALA B 515 10.28 -74.19 15.51
CA ALA B 515 10.94 -74.42 14.24
C ALA B 515 11.24 -73.12 13.50
N ALA B 516 10.33 -72.15 13.61
CA ALA B 516 10.49 -70.92 12.86
C ALA B 516 11.65 -70.06 13.38
N THR B 517 11.69 -69.76 14.67
CA THR B 517 12.84 -69.06 15.26
C THR B 517 14.12 -69.88 15.13
N GLN B 518 13.98 -71.20 15.19
CA GLN B 518 15.11 -72.11 14.98
C GLN B 518 15.68 -71.87 13.59
N LEU B 519 14.79 -71.68 12.63
CA LEU B 519 15.13 -71.41 11.25
C LEU B 519 15.61 -69.96 11.13
N GLU B 520 14.96 -69.07 11.86
CA GLU B 520 15.11 -67.62 11.70
C GLU B 520 16.52 -67.22 12.07
N GLY B 521 17.07 -67.88 13.08
CA GLY B 521 18.45 -67.63 13.49
C GLY B 521 19.42 -67.98 12.38
N LYS B 522 19.12 -69.05 11.65
CA LYS B 522 19.97 -69.46 10.53
C LYS B 522 19.88 -68.51 9.34
N THR B 523 18.66 -68.29 8.86
CA THR B 523 18.41 -67.49 7.66
C THR B 523 18.80 -66.00 7.80
N MSE B 524 18.54 -65.39 8.95
CA MSE B 524 18.38 -63.93 9.04
C MSE B 524 19.63 -63.03 9.09
N ARG B 525 15.86 -67.58 -2.19
CA ARG B 525 16.97 -66.76 -2.67
C ARG B 525 16.42 -66.29 -4.01
N LEU B 526 17.00 -65.26 -4.63
CA LEU B 526 16.50 -64.62 -5.89
C LEU B 526 15.35 -63.63 -5.67
N LEU B 527 14.66 -63.72 -4.55
CA LEU B 527 13.65 -62.73 -4.20
C LEU B 527 13.85 -62.45 -2.73
N ARG B 528 14.21 -61.22 -2.38
CA ARG B 528 14.34 -60.89 -0.97
C ARG B 528 13.07 -60.23 -0.48
N ASN B 529 12.50 -60.88 0.52
CA ASN B 529 11.16 -60.63 1.00
C ASN B 529 11.10 -59.65 2.15
N LYS B 530 12.24 -59.34 2.76
CA LYS B 530 12.26 -58.65 4.05
C LYS B 530 12.47 -57.15 3.91
N VAL B 531 11.77 -56.40 4.77
CA VAL B 531 12.04 -54.98 4.97
C VAL B 531 12.80 -54.94 6.27
N THR B 532 14.09 -54.65 6.18
CA THR B 532 14.97 -54.78 7.32
C THR B 532 15.84 -53.56 7.48
N ASP B 533 15.94 -53.05 8.71
CA ASP B 533 17.16 -52.41 9.17
C ASP B 533 17.66 -51.39 8.14
N ALA B 534 18.74 -51.73 7.44
CA ALA B 534 19.27 -50.94 6.32
C ALA B 534 18.25 -50.49 5.26
N GLU B 535 17.22 -51.27 5.01
CA GLU B 535 16.15 -50.87 4.09
C GLU B 535 15.41 -49.62 4.54
N ILE B 536 15.22 -49.49 5.84
CA ILE B 536 14.66 -48.27 6.43
C ILE B 536 15.67 -47.15 6.26
N ALA B 537 16.95 -47.51 6.38
CA ALA B 537 18.04 -46.56 6.29
C ALA B 537 18.18 -45.96 4.90
N GLU B 538 17.86 -46.74 3.88
CA GLU B 538 17.91 -46.26 2.50
C GLU B 538 16.88 -45.18 2.31
N VAL B 539 15.65 -45.48 2.68
CA VAL B 539 14.55 -44.53 2.52
C VAL B 539 14.93 -43.21 3.18
N LEU B 540 15.46 -43.28 4.39
CA LEU B 540 15.85 -42.06 5.09
C LEU B 540 17.14 -41.43 4.51
N ALA B 541 17.93 -42.20 3.76
CA ALA B 541 19.06 -41.64 3.00
C ALA B 541 18.55 -40.77 1.87
N ARG B 542 17.40 -41.14 1.31
CA ARG B 542 16.80 -40.33 0.27
C ARG B 542 16.13 -39.08 0.79
N TRP B 543 15.39 -39.19 1.89
CA TRP B 543 14.75 -38.01 2.46
C TRP B 543 15.79 -37.03 2.97
N THR B 544 16.83 -37.56 3.58
CA THR B 544 17.92 -36.74 4.09
C THR B 544 19.03 -36.38 3.10
N GLY B 545 19.48 -37.36 2.33
CA GLY B 545 20.73 -37.23 1.61
C GLY B 545 21.94 -37.35 2.52
N ILE B 546 21.97 -38.42 3.32
CA ILE B 546 23.13 -38.77 4.14
C ILE B 546 23.70 -40.04 3.48
N PRO B 547 25.01 -40.29 3.60
CA PRO B 547 25.61 -41.38 2.80
C PRO B 547 25.32 -42.82 3.27
N VAL B 548 25.07 -43.00 4.56
CA VAL B 548 24.45 -44.22 5.13
C VAL B 548 25.05 -45.64 5.01
N SER B 549 26.35 -45.90 5.26
CA SER B 549 27.44 -45.00 5.69
C SER B 549 27.23 -44.16 6.98
N ARG B 550 27.60 -42.88 6.96
CA ARG B 550 27.81 -42.09 8.18
C ARG B 550 26.65 -42.19 9.15
N MSE B 551 25.47 -42.45 8.60
CA MSE B 551 24.29 -42.68 9.40
C MSE B 551 24.37 -43.97 10.22
N MSE B 552 24.79 -45.08 9.60
CA MSE B 552 24.80 -46.40 10.26
C MSE B 552 26.11 -47.04 10.78
N GLU B 553 21.80 -37.94 -9.73
CA GLU B 553 22.73 -39.00 -9.32
C GLU B 553 22.79 -38.93 -7.81
N SER B 554 22.51 -40.01 -7.08
CA SER B 554 22.58 -39.83 -5.63
C SER B 554 23.95 -40.18 -5.15
N GLU B 555 24.82 -39.18 -5.16
CA GLU B 555 25.63 -38.65 -4.06
C GLU B 555 26.39 -39.56 -3.09
N ARG B 556 26.04 -40.84 -3.01
CA ARG B 556 26.61 -41.70 -2.02
C ARG B 556 27.93 -42.19 -2.57
N GLU B 557 27.95 -42.52 -3.86
CA GLU B 557 29.21 -42.86 -4.50
C GLU B 557 30.01 -41.58 -4.71
N LYS B 558 29.32 -40.50 -5.06
CA LYS B 558 29.94 -39.19 -5.17
C LYS B 558 30.75 -38.87 -3.90
N LEU B 559 30.06 -38.73 -2.76
CA LEU B 559 30.70 -38.43 -1.47
C LEU B 559 31.86 -39.37 -1.10
N LEU B 560 31.76 -40.65 -1.45
CA LEU B 560 32.83 -41.58 -1.07
C LEU B 560 34.02 -41.44 -2.01
N ARG B 561 33.77 -40.85 -3.19
CA ARG B 561 34.83 -40.47 -4.13
C ARG B 561 35.41 -39.07 -3.86
N MSE B 562 34.88 -38.38 -2.85
CA MSE B 562 35.01 -36.92 -2.73
C MSE B 562 36.42 -36.31 -2.75
N GLU B 563 37.43 -37.01 -2.22
CA GLU B 563 38.77 -36.42 -2.17
C GLU B 563 39.43 -36.46 -3.55
N GLN B 564 39.20 -37.53 -4.30
CA GLN B 564 39.80 -37.69 -5.62
C GLN B 564 39.12 -36.68 -6.52
N GLU B 565 37.80 -36.56 -6.34
CA GLU B 565 36.99 -35.59 -7.08
C GLU B 565 37.50 -34.19 -6.89
N LEU B 566 37.61 -33.78 -5.63
CA LEU B 566 38.05 -32.44 -5.30
C LEU B 566 39.47 -32.26 -5.80
N HIS B 567 40.22 -33.37 -5.88
CA HIS B 567 41.60 -33.31 -6.35
C HIS B 567 41.77 -33.11 -7.85
N HIS B 568 40.70 -33.22 -8.64
CA HIS B 568 40.84 -32.94 -10.06
C HIS B 568 41.11 -31.46 -10.24
N ARG B 569 40.47 -30.62 -9.43
CA ARG B 569 40.77 -29.19 -9.46
C ARG B 569 41.79 -28.69 -8.43
N VAL B 570 42.02 -29.45 -7.37
CA VAL B 570 42.88 -28.95 -6.29
C VAL B 570 44.16 -29.78 -6.21
N ILE B 571 45.27 -29.16 -6.61
CA ILE B 571 46.57 -29.80 -6.56
C ILE B 571 47.21 -29.70 -5.19
N GLY B 572 47.49 -30.84 -4.58
CA GLY B 572 48.09 -30.83 -3.27
C GLY B 572 47.08 -30.40 -2.24
N GLN B 573 47.58 -29.89 -1.11
CA GLN B 573 46.78 -29.55 0.04
C GLN B 573 45.90 -30.70 0.48
N ASN B 574 46.53 -31.79 0.91
CA ASN B 574 45.78 -32.98 1.24
C ASN B 574 45.15 -32.96 2.63
N GLU B 575 45.84 -32.39 3.61
CA GLU B 575 45.26 -32.23 4.94
C GLU B 575 43.95 -31.44 4.79
N ALA B 576 43.94 -30.51 3.84
CA ALA B 576 42.77 -29.66 3.60
C ALA B 576 41.63 -30.42 2.96
N VAL B 577 41.88 -31.09 1.85
CA VAL B 577 40.83 -31.85 1.15
C VAL B 577 40.22 -32.91 2.08
N ASP B 578 41.07 -33.67 2.75
CA ASP B 578 40.63 -34.66 3.74
C ASP B 578 39.73 -34.03 4.78
N ALA B 579 40.18 -32.99 5.47
CA ALA B 579 39.38 -32.36 6.53
C ALA B 579 38.02 -31.90 6.04
N VAL B 580 37.99 -31.29 4.86
CA VAL B 580 36.76 -30.79 4.27
C VAL B 580 35.83 -31.96 4.01
N SER B 581 36.39 -33.04 3.49
CA SER B 581 35.61 -34.17 3.04
C SER B 581 35.02 -34.97 4.18
N ASN B 582 35.78 -35.15 5.23
CA ASN B 582 35.31 -35.84 6.39
C ASN B 582 34.28 -34.99 7.13
N ALA B 583 34.55 -33.70 7.30
CA ALA B 583 33.56 -32.82 7.93
C ALA B 583 32.24 -32.77 7.18
N ILE B 584 32.26 -32.90 5.86
CA ILE B 584 31.00 -32.98 5.12
C ILE B 584 30.34 -34.37 5.11
N ARG B 585 31.12 -35.43 5.09
CA ARG B 585 30.55 -36.77 5.07
C ARG B 585 29.90 -37.07 6.40
N ARG B 586 30.52 -36.58 7.46
CA ARG B 586 29.98 -36.66 8.81
C ARG B 586 28.60 -36.08 8.77
N SER B 587 28.53 -34.86 8.23
CA SER B 587 27.30 -34.11 8.18
C SER B 587 26.22 -34.85 7.43
N ARG B 588 26.60 -35.47 6.31
CA ARG B 588 25.65 -36.15 5.45
C ARG B 588 25.24 -37.55 5.88
N ALA B 589 26.04 -38.19 6.70
CA ALA B 589 25.65 -39.47 7.24
C ALA B 589 24.63 -39.27 8.36
N GLY B 590 24.51 -38.03 8.83
CA GLY B 590 23.53 -37.68 9.84
C GLY B 590 24.16 -37.65 11.22
N LEU B 591 25.49 -37.64 11.27
CA LEU B 591 26.22 -37.68 12.53
C LEU B 591 26.46 -36.27 13.08
N ALA B 592 25.82 -35.27 12.47
CA ALA B 592 26.04 -33.88 12.83
C ALA B 592 24.78 -33.23 13.36
N ASP B 593 24.95 -32.23 14.22
CA ASP B 593 23.88 -31.38 14.72
C ASP B 593 23.06 -30.84 13.54
N PRO B 594 21.74 -31.10 13.52
CA PRO B 594 20.88 -30.76 12.37
C PRO B 594 20.66 -29.26 12.17
N ASN B 595 20.86 -28.47 13.22
CA ASN B 595 20.57 -27.03 13.16
C ASN B 595 21.68 -26.24 12.46
N ARG B 596 22.93 -26.58 12.75
CA ARG B 596 24.10 -25.87 12.25
C ARG B 596 24.22 -26.01 10.71
N PRO B 597 25.10 -25.21 10.04
CA PRO B 597 25.18 -25.40 8.58
C PRO B 597 25.88 -26.72 8.21
N ILE B 598 26.09 -27.01 6.92
CA ILE B 598 26.61 -28.32 6.49
C ILE B 598 28.06 -28.54 6.90
N GLY B 599 28.82 -27.47 6.85
CA GLY B 599 30.21 -27.50 7.25
C GLY B 599 30.62 -26.09 7.54
N SER B 600 31.65 -25.95 8.36
CA SER B 600 32.21 -24.66 8.66
C SER B 600 33.71 -24.85 8.85
N PHE B 601 34.52 -24.00 8.21
CA PHE B 601 35.96 -24.23 8.19
C PHE B 601 36.73 -22.96 8.34
N LEU B 602 37.82 -23.02 9.11
CA LEU B 602 38.79 -21.92 9.11
C LEU B 602 40.00 -22.32 8.30
N PHE B 603 40.17 -21.68 7.15
CA PHE B 603 41.33 -21.93 6.31
C PHE B 603 42.45 -20.97 6.71
N LEU B 604 43.51 -21.52 7.31
CA LEU B 604 44.72 -20.76 7.61
C LEU B 604 45.85 -21.18 6.67
N GLY B 605 46.72 -20.24 6.35
CA GLY B 605 47.79 -20.50 5.40
C GLY B 605 48.22 -19.28 4.60
N PRO B 606 49.24 -19.44 3.74
CA PRO B 606 49.65 -18.41 2.78
C PRO B 606 48.57 -18.10 1.76
N THR B 607 48.91 -17.21 0.82
CA THR B 607 47.98 -16.81 -0.22
C THR B 607 48.45 -17.31 -1.58
N GLY B 608 47.53 -17.92 -2.32
CA GLY B 608 47.80 -18.47 -3.63
C GLY B 608 48.21 -19.93 -3.57
N VAL B 609 47.83 -20.62 -2.50
CA VAL B 609 48.11 -22.05 -2.37
C VAL B 609 46.90 -22.98 -2.63
N GLY B 610 45.77 -22.40 -3.03
CA GLY B 610 44.55 -23.18 -3.26
C GLY B 610 43.42 -23.02 -2.26
N LYS B 611 43.47 -22.03 -1.38
CA LYS B 611 42.33 -21.74 -0.50
C LYS B 611 41.06 -21.49 -1.32
N THR B 612 41.08 -20.48 -2.19
CA THR B 612 39.87 -20.19 -2.94
C THR B 612 39.65 -21.27 -4.00
N GLU B 613 40.71 -21.90 -4.49
CA GLU B 613 40.49 -22.95 -5.48
C GLU B 613 39.70 -24.10 -4.85
N LEU B 614 39.97 -24.39 -3.57
CA LEU B 614 39.22 -25.44 -2.87
C LEU B 614 37.80 -24.96 -2.59
N CYS B 615 37.64 -23.66 -2.33
CA CYS B 615 36.29 -23.08 -2.20
C CYS B 615 35.43 -23.28 -3.44
N LYS B 616 35.91 -22.84 -4.60
CA LYS B 616 35.16 -23.01 -5.85
C LYS B 616 35.01 -24.51 -6.16
N ALA B 617 36.03 -25.29 -5.85
CA ALA B 617 36.04 -26.70 -6.20
C ALA B 617 34.95 -27.43 -5.44
N LEU B 618 34.73 -26.96 -4.21
CA LEU B 618 33.77 -27.54 -3.30
C LEU B 618 32.35 -27.10 -3.68
N ALA B 619 32.22 -25.79 -3.91
CA ALA B 619 30.99 -25.18 -4.36
C ALA B 619 30.51 -25.92 -5.60
N ASN B 620 31.45 -26.34 -6.44
CA ASN B 620 31.09 -27.06 -7.64
C ASN B 620 30.67 -28.48 -7.31
N PHE B 621 31.47 -29.14 -6.49
CA PHE B 621 31.24 -30.55 -6.16
C PHE B 621 29.87 -30.84 -5.57
N MSE B 622 29.31 -29.92 -4.81
CA MSE B 622 27.99 -30.12 -4.23
C MSE B 622 26.88 -29.42 -4.97
N PHE B 623 27.02 -28.11 -5.04
CA PHE B 623 25.97 -27.24 -5.53
C PHE B 623 26.01 -27.09 -7.05
N ASP B 624 26.80 -27.92 -7.71
CA ASP B 624 26.67 -28.12 -9.14
C ASP B 624 27.34 -27.00 -9.94
N SER B 625 27.94 -26.03 -9.24
CA SER B 625 28.48 -24.83 -9.89
C SER B 625 29.61 -24.16 -9.12
N ASP B 626 30.43 -23.38 -9.82
CA ASP B 626 31.31 -22.43 -9.15
C ASP B 626 30.55 -21.18 -8.77
N GLU B 627 29.49 -20.85 -9.52
CA GLU B 627 28.66 -19.70 -9.14
C GLU B 627 27.85 -19.98 -7.89
N ALA B 628 27.90 -21.22 -7.41
CA ALA B 628 27.18 -21.58 -6.21
C ALA B 628 27.49 -20.71 -5.00
N MSE B 629 28.58 -19.94 -5.00
CA MSE B 629 29.01 -19.28 -3.76
C MSE B 629 28.51 -17.83 -3.52
N VAL B 630 28.86 -17.34 -2.35
CA VAL B 630 28.67 -15.97 -1.91
C VAL B 630 29.99 -15.54 -1.33
N ARG B 631 30.55 -14.43 -1.80
CA ARG B 631 31.82 -13.94 -1.28
C ARG B 631 31.73 -12.57 -0.66
N ILE B 632 32.04 -12.52 0.63
CA ILE B 632 32.14 -11.26 1.35
C ILE B 632 33.58 -11.06 1.81
N ASP B 633 34.07 -9.83 1.67
CA ASP B 633 35.45 -9.52 1.98
C ASP B 633 35.44 -8.81 3.30
N MSE B 634 35.99 -9.43 4.33
CA MSE B 634 35.91 -8.86 5.67
C MSE B 634 36.93 -7.74 5.87
N SER B 635 37.81 -7.54 4.90
CA SER B 635 38.65 -6.37 4.91
C SER B 635 37.80 -5.10 4.89
N GLU B 636 36.60 -5.17 4.29
CA GLU B 636 35.67 -4.03 4.29
C GLU B 636 34.57 -4.05 5.35
N PHE B 637 34.57 -5.05 6.25
CA PHE B 637 33.66 -5.09 7.42
C PHE B 637 34.21 -4.70 8.81
N MSE B 638 35.37 -4.08 8.84
CA MSE B 638 36.14 -3.91 10.08
C MSE B 638 35.52 -2.87 11.03
N GLU B 639 34.83 -1.88 10.48
CA GLU B 639 34.31 -0.77 11.28
C GLU B 639 33.06 -1.14 12.09
N LYS B 640 32.56 -0.17 12.86
CA LYS B 640 31.52 -0.42 13.87
C LYS B 640 30.14 -0.54 13.25
N HIS B 641 29.92 0.16 12.16
CA HIS B 641 28.64 0.18 11.48
C HIS B 641 28.46 -1.04 10.58
N SER B 642 29.50 -1.85 10.46
CA SER B 642 29.58 -2.92 9.47
C SER B 642 28.39 -3.90 9.47
N VAL B 643 27.96 -4.33 10.65
CA VAL B 643 26.87 -5.28 10.77
C VAL B 643 25.58 -4.76 10.11
N SER B 644 25.42 -3.45 10.06
CA SER B 644 24.29 -2.85 9.36
C SER B 644 24.29 -3.26 7.89
N ARG B 645 25.43 -3.11 7.25
CA ARG B 645 25.58 -3.47 5.85
C ARG B 645 25.57 -4.99 5.69
N LEU B 646 25.94 -5.68 6.75
CA LEU B 646 26.04 -7.14 6.75
C LEU B 646 24.70 -7.88 6.87
N VAL B 647 24.00 -7.69 7.98
CA VAL B 647 22.71 -8.32 8.21
C VAL B 647 21.51 -7.43 7.84
N GLY B 648 21.77 -6.13 7.63
CA GLY B 648 20.71 -5.16 7.41
C GLY B 648 20.43 -4.37 8.67
N ALA B 649 20.04 -3.11 8.51
CA ALA B 649 19.81 -2.21 9.64
C ALA B 649 18.33 -2.15 10.01
N GLY B 659 18.56 -3.98 3.37
CA GLY B 659 19.03 -5.16 4.06
C GLY B 659 20.53 -5.33 3.96
N GLY B 660 21.04 -6.40 4.55
CA GLY B 660 22.46 -6.68 4.52
C GLY B 660 22.87 -7.64 3.41
N TYR B 661 24.12 -7.54 2.96
CA TYR B 661 24.58 -8.33 1.83
C TYR B 661 24.39 -9.82 2.08
N LEU B 662 24.92 -10.31 3.20
CA LEU B 662 24.86 -11.73 3.54
C LEU B 662 23.43 -12.28 3.62
N THR B 663 22.56 -11.66 4.42
CA THR B 663 21.23 -12.21 4.61
C THR B 663 20.45 -12.31 3.29
N GLU B 664 20.70 -11.37 2.38
CA GLU B 664 20.04 -11.37 1.09
C GLU B 664 20.52 -12.52 0.22
N ALA B 665 21.84 -12.60 0.03
CA ALA B 665 22.44 -13.65 -0.79
C ALA B 665 21.98 -15.03 -0.36
N VAL B 666 22.15 -15.33 0.93
CA VAL B 666 21.86 -16.66 1.45
C VAL B 666 20.37 -16.99 1.33
N ARG B 667 19.52 -15.97 1.22
CA ARG B 667 18.09 -16.21 0.99
C ARG B 667 17.76 -16.48 -0.48
N ARG B 668 18.43 -15.78 -1.40
CA ARG B 668 18.18 -16.01 -2.82
C ARG B 668 18.80 -17.34 -3.28
N ARG B 669 20.02 -17.61 -2.85
CA ARG B 669 20.71 -18.85 -3.19
C ARG B 669 21.00 -19.64 -1.91
N PRO B 670 20.03 -20.44 -1.44
CA PRO B 670 20.18 -21.17 -0.19
C PRO B 670 21.36 -22.11 -0.21
N TYR B 671 21.54 -22.85 -1.30
CA TYR B 671 22.61 -23.85 -1.37
C TYR B 671 23.81 -23.14 -1.96
N SER B 672 24.84 -22.95 -1.14
CA SER B 672 25.95 -22.10 -1.53
C SER B 672 27.07 -22.12 -0.51
N VAL B 673 28.26 -21.83 -0.99
CA VAL B 673 29.46 -21.80 -0.17
C VAL B 673 29.71 -20.37 0.17
N ILE B 674 29.80 -20.09 1.46
CA ILE B 674 29.94 -18.73 1.92
C ILE B 674 31.38 -18.53 2.33
N LEU B 675 32.07 -17.69 1.57
CA LEU B 675 33.49 -17.49 1.74
C LEU B 675 33.73 -16.11 2.28
N LEU B 676 34.23 -16.05 3.51
CA LEU B 676 34.54 -14.79 4.17
C LEU B 676 36.05 -14.63 4.27
N ASP B 677 36.61 -13.69 3.52
CA ASP B 677 38.07 -13.55 3.42
C ASP B 677 38.69 -12.69 4.53
N GLU B 678 39.73 -13.22 5.15
CA GLU B 678 40.40 -12.56 6.28
C GLU B 678 39.43 -12.05 7.33
N VAL B 679 38.81 -12.96 8.10
CA VAL B 679 37.87 -12.55 9.15
C VAL B 679 38.56 -11.91 10.34
N GLU B 680 39.86 -12.14 10.51
CA GLU B 680 40.60 -11.49 11.60
C GLU B 680 40.32 -10.01 11.59
N LYS B 681 40.21 -9.45 10.38
CA LYS B 681 40.07 -8.01 10.17
C LYS B 681 38.67 -7.53 10.58
N ALA B 682 37.73 -8.46 10.75
CA ALA B 682 36.32 -8.15 10.95
C ALA B 682 36.02 -7.55 12.32
N HIS B 683 34.88 -6.90 12.42
CA HIS B 683 34.48 -6.22 13.65
C HIS B 683 33.93 -7.25 14.66
N PRO B 684 34.01 -6.94 15.97
CA PRO B 684 33.48 -7.88 16.98
C PRO B 684 31.99 -8.25 16.85
N ASP B 685 31.10 -7.27 16.69
CA ASP B 685 29.71 -7.58 16.34
C ASP B 685 29.61 -8.57 15.18
N VAL B 686 30.43 -8.40 14.14
CA VAL B 686 30.38 -9.30 12.98
C VAL B 686 30.66 -10.71 13.47
N PHE B 687 31.81 -10.86 14.11
CA PHE B 687 32.28 -12.12 14.68
C PHE B 687 31.17 -12.79 15.51
N ASN B 688 30.31 -11.98 16.14
CA ASN B 688 29.10 -12.50 16.82
C ASN B 688 27.99 -13.00 15.90
N ILE B 689 27.72 -12.31 14.79
CA ILE B 689 26.74 -12.79 13.82
C ILE B 689 27.19 -14.13 13.21
N LEU B 690 28.50 -14.27 13.02
CA LEU B 690 29.07 -15.53 12.56
C LEU B 690 28.82 -16.63 13.59
N LEU B 691 29.06 -16.34 14.87
CA LEU B 691 28.67 -17.31 15.88
C LEU B 691 27.21 -17.69 15.71
N GLN B 692 26.34 -16.72 15.48
CA GLN B 692 24.91 -17.04 15.36
C GLN B 692 24.64 -18.05 14.25
N VAL B 693 25.24 -17.86 13.08
CA VAL B 693 25.03 -18.84 12.01
C VAL B 693 25.62 -20.21 12.32
N LEU B 694 26.89 -20.24 12.71
CA LEU B 694 27.59 -21.48 13.07
C LEU B 694 26.84 -22.32 14.10
N ASP B 695 26.50 -21.73 15.24
CA ASP B 695 25.79 -22.43 16.32
C ASP B 695 24.30 -22.67 16.06
N ASP B 696 23.55 -21.63 15.74
CA ASP B 696 22.11 -21.76 15.57
C ASP B 696 21.74 -22.32 14.20
N GLY B 697 22.43 -21.84 13.17
CA GLY B 697 22.15 -22.26 11.81
C GLY B 697 21.13 -21.38 11.09
N ARG B 698 20.80 -20.25 11.70
CA ARG B 698 19.88 -19.30 11.11
C ARG B 698 20.34 -17.94 11.56
N LEU B 699 20.03 -16.91 10.79
CA LEU B 699 20.38 -15.56 11.18
C LEU B 699 19.20 -14.61 11.04
N THR B 700 18.73 -14.05 12.15
CA THR B 700 17.67 -13.05 12.09
C THR B 700 18.24 -11.74 11.55
N ASP B 701 17.49 -11.09 10.66
CA ASP B 701 17.99 -9.88 10.00
C ASP B 701 17.49 -8.56 10.58
N GLY B 702 17.96 -7.46 9.99
CA GLY B 702 17.51 -6.12 10.36
C GLY B 702 16.03 -5.91 10.11
N GLN B 703 15.43 -6.81 9.34
CA GLN B 703 13.99 -6.80 9.10
C GLN B 703 13.18 -7.78 9.98
N GLY B 704 13.86 -8.53 10.85
CA GLY B 704 13.18 -9.43 11.77
C GLY B 704 13.03 -10.87 11.30
N ARG B 705 13.26 -11.12 10.01
CA ARG B 705 13.03 -12.43 9.42
C ARG B 705 14.26 -13.29 9.68
N THR B 706 14.10 -14.60 9.73
CA THR B 706 15.24 -15.50 9.87
C THR B 706 15.65 -16.07 8.51
N VAL B 707 16.95 -16.05 8.24
CA VAL B 707 17.51 -16.56 7.01
C VAL B 707 18.09 -17.93 7.29
N ASP B 708 17.82 -18.87 6.39
CA ASP B 708 18.22 -20.25 6.61
C ASP B 708 19.56 -20.59 5.97
N PHE B 709 20.55 -20.85 6.82
CA PHE B 709 21.88 -21.25 6.39
C PHE B 709 22.06 -22.77 6.45
N ARG B 710 20.98 -23.49 6.75
CA ARG B 710 21.07 -24.93 7.03
C ARG B 710 21.74 -25.72 5.89
N ASN B 711 21.58 -25.27 4.65
CA ASN B 711 22.40 -25.81 3.55
C ASN B 711 23.40 -24.78 3.07
N THR B 712 24.61 -24.82 3.61
CA THR B 712 25.71 -24.02 3.10
C THR B 712 26.98 -24.60 3.68
N VAL B 713 28.12 -24.27 3.08
CA VAL B 713 29.39 -24.48 3.75
C VAL B 713 29.98 -23.14 4.01
N VAL B 714 30.16 -22.80 5.27
CA VAL B 714 30.70 -21.50 5.63
C VAL B 714 32.21 -21.64 5.76
N ILE B 715 32.93 -20.69 5.17
CA ILE B 715 34.38 -20.79 5.10
C ILE B 715 35.04 -19.47 5.48
N MSE B 716 35.80 -19.51 6.57
CA MSE B 716 36.57 -18.38 7.02
C MSE B 716 37.94 -18.53 6.37
N THR B 717 38.47 -17.51 5.70
CA THR B 717 39.90 -17.53 5.37
C THR B 717 40.61 -16.45 6.16
N SER B 718 41.86 -16.72 6.52
CA SER B 718 42.67 -15.78 7.24
C SER B 718 44.15 -16.10 7.02
N ASN B 719 45.00 -15.08 6.93
CA ASN B 719 46.44 -15.29 6.73
C ASN B 719 47.28 -15.28 8.01
N LEU B 720 46.60 -15.28 9.17
CA LEU B 720 47.26 -15.10 10.46
C LEU B 720 48.45 -16.03 10.74
N GLY B 721 48.28 -17.33 10.51
CA GLY B 721 49.36 -18.26 10.75
C GLY B 721 50.42 -18.26 9.64
N SER B 722 50.10 -17.65 8.50
CA SER B 722 50.95 -17.72 7.31
C SER B 722 52.40 -17.34 7.62
N ASP B 723 52.58 -16.50 8.64
CA ASP B 723 53.89 -16.17 9.17
C ASP B 723 54.63 -17.45 9.56
N LEU B 724 54.14 -18.12 10.59
CA LEU B 724 54.76 -19.32 11.12
C LEU B 724 54.49 -20.54 10.25
N ILE B 725 53.49 -20.44 9.36
CA ILE B 725 53.07 -21.59 8.57
C ILE B 725 53.95 -21.83 7.36
N GLN B 726 54.30 -20.74 6.69
CA GLN B 726 55.19 -20.81 5.54
C GLN B 726 56.57 -21.25 6.02
N GLU B 727 56.95 -20.72 7.16
CA GLU B 727 58.25 -20.90 7.75
C GLU B 727 58.57 -22.34 8.11
N ARG B 728 57.54 -23.07 8.55
CA ARG B 728 57.71 -24.43 9.04
C ARG B 728 56.69 -25.31 8.32
N PHE B 729 56.95 -26.61 8.20
CA PHE B 729 55.91 -27.60 7.89
C PHE B 729 56.60 -28.92 8.08
N LEU B 732 56.44 -29.35 9.33
CA LEU B 732 57.19 -30.38 10.01
C LEU B 732 56.20 -31.20 10.82
N ASP B 733 56.07 -32.48 10.51
CA ASP B 733 55.26 -33.39 11.31
C ASP B 733 53.77 -33.03 11.41
N TYR B 734 53.08 -32.97 10.26
CA TYR B 734 51.61 -33.05 10.21
C TYR B 734 50.85 -32.26 11.30
N ALA B 735 50.02 -32.96 12.08
CA ALA B 735 49.14 -32.35 13.09
C ALA B 735 49.90 -31.71 14.24
N HIS B 736 51.17 -32.07 14.42
CA HIS B 736 51.97 -31.44 15.48
C HIS B 736 52.22 -29.98 15.15
N MSE B 737 52.10 -29.61 13.88
CA MSE B 737 52.15 -28.21 13.50
C MSE B 737 50.80 -27.53 13.68
N LYS B 738 49.76 -28.24 13.29
CA LYS B 738 48.41 -27.77 13.51
C LYS B 738 48.19 -27.53 15.01
N GLU B 739 48.99 -28.19 15.86
CA GLU B 739 49.07 -27.82 17.27
C GLU B 739 49.70 -26.45 17.50
N LEU B 740 50.91 -26.24 16.99
CA LEU B 740 51.71 -25.05 17.33
C LEU B 740 51.43 -23.84 16.43
N VAL B 741 50.47 -23.97 15.52
CA VAL B 741 49.82 -22.81 14.91
C VAL B 741 48.73 -22.27 15.84
N LEU B 742 48.00 -23.19 16.48
CA LEU B 742 46.92 -22.80 17.39
C LEU B 742 47.44 -21.96 18.55
N GLY B 743 48.75 -22.02 18.81
CA GLY B 743 49.36 -21.14 19.79
C GLY B 743 49.35 -19.69 19.35
N VAL B 744 49.44 -19.48 18.05
CA VAL B 744 49.42 -18.14 17.48
C VAL B 744 47.98 -17.67 17.34
N VAL B 745 47.08 -18.60 16.99
CA VAL B 745 45.68 -18.22 16.81
C VAL B 745 45.04 -17.90 18.17
N SER B 746 45.52 -18.56 19.22
CA SER B 746 45.01 -18.32 20.57
C SER B 746 44.98 -16.85 20.92
N HIS B 747 46.17 -16.22 20.91
CA HIS B 747 46.32 -14.83 21.30
C HIS B 747 45.23 -13.99 20.63
N ASN B 748 44.95 -14.29 19.38
CA ASN B 748 43.91 -13.60 18.62
C ASN B 748 42.46 -14.05 18.85
N PHE B 749 42.21 -15.36 18.83
CA PHE B 749 40.86 -15.90 18.65
C PHE B 749 40.24 -16.39 19.94
N ARG B 750 39.00 -15.97 20.19
CA ARG B 750 38.26 -16.40 21.38
C ARG B 750 37.96 -17.90 21.34
N PRO B 751 37.84 -18.55 22.52
CA PRO B 751 37.54 -19.99 22.59
C PRO B 751 36.14 -20.36 22.08
N GLU B 752 35.16 -19.55 22.47
CA GLU B 752 33.75 -19.82 22.18
C GLU B 752 33.55 -20.06 20.68
N PHE B 753 34.35 -19.35 19.87
CA PHE B 753 34.23 -19.35 18.41
C PHE B 753 34.88 -20.54 17.69
N ILE B 754 36.13 -20.84 18.01
CA ILE B 754 36.83 -21.93 17.33
C ILE B 754 36.23 -23.28 17.71
N ASN B 755 35.64 -23.36 18.91
CA ASN B 755 34.94 -24.58 19.29
C ASN B 755 33.80 -24.94 18.34
N ARG B 756 33.15 -23.92 17.77
CA ARG B 756 31.98 -24.13 16.92
C ARG B 756 32.31 -24.19 15.40
N ILE B 757 33.60 -24.23 15.06
CA ILE B 757 34.05 -24.51 13.69
C ILE B 757 34.32 -26.00 13.50
N ASP B 758 33.77 -26.59 12.46
CA ASP B 758 33.90 -28.04 12.24
C ASP B 758 35.36 -28.48 12.12
N GLU B 759 36.12 -27.80 11.28
CA GLU B 759 37.55 -28.09 11.15
C GLU B 759 38.31 -26.80 10.95
N VAL B 760 39.54 -26.78 11.45
CA VAL B 760 40.46 -25.69 11.15
C VAL B 760 41.57 -26.33 10.34
N VAL B 761 41.71 -25.87 9.11
CA VAL B 761 42.62 -26.47 8.15
C VAL B 761 43.90 -25.65 8.03
N VAL B 762 45.00 -26.34 7.75
CA VAL B 762 46.25 -25.68 7.47
C VAL B 762 46.62 -25.89 6.01
N PHE B 763 46.95 -24.79 5.33
CA PHE B 763 47.38 -24.82 3.94
C PHE B 763 48.88 -24.64 3.89
N HIS B 764 49.58 -25.59 3.27
CA HIS B 764 51.04 -25.53 3.17
C HIS B 764 51.51 -24.74 1.92
N PRO B 765 52.75 -24.24 1.93
CA PRO B 765 53.41 -23.59 0.77
C PRO B 765 53.60 -24.50 -0.44
N LEU B 766 53.80 -23.95 -1.63
CA LEU B 766 53.70 -24.77 -2.85
C LEU B 766 55.00 -25.32 -3.42
N GLY B 767 55.00 -26.63 -3.69
CA GLY B 767 56.16 -27.35 -4.19
C GLY B 767 56.32 -27.39 -5.70
N GLU B 768 57.57 -27.49 -6.12
CA GLU B 768 57.97 -27.38 -7.54
C GLU B 768 57.07 -28.21 -8.46
N GLN B 769 56.90 -29.48 -8.14
CA GLN B 769 56.05 -30.37 -8.92
C GLN B 769 54.60 -29.93 -8.84
N HIS B 770 54.18 -29.35 -7.71
CA HIS B 770 52.82 -28.81 -7.61
C HIS B 770 52.58 -27.69 -8.58
N ILE B 771 53.46 -26.70 -8.63
CA ILE B 771 53.23 -25.54 -9.49
C ILE B 771 53.26 -25.99 -10.93
N ALA B 772 54.07 -27.01 -11.22
CA ALA B 772 54.03 -27.62 -12.53
C ALA B 772 52.66 -28.22 -12.84
N SER B 773 52.06 -28.93 -11.88
CA SER B 773 50.74 -29.55 -12.11
C SER B 773 49.61 -28.52 -12.16
N ILE B 774 49.74 -27.47 -11.35
CA ILE B 774 48.81 -26.35 -11.29
C ILE B 774 48.80 -25.69 -12.65
N ALA B 775 50.01 -25.54 -13.19
CA ALA B 775 50.22 -24.92 -14.48
C ALA B 775 49.62 -25.77 -15.58
N GLN B 776 49.85 -27.08 -15.50
CA GLN B 776 49.33 -27.99 -16.50
C GLN B 776 47.82 -27.90 -16.50
N ILE B 777 47.23 -27.68 -15.32
CA ILE B 777 45.78 -27.51 -15.23
C ILE B 777 45.37 -26.21 -15.94
N GLN B 778 46.10 -25.13 -15.73
CA GLN B 778 45.73 -23.88 -16.39
C GLN B 778 45.88 -23.98 -17.91
N LEU B 779 46.78 -24.82 -18.38
CA LEU B 779 46.94 -25.00 -19.82
C LEU B 779 45.79 -25.83 -20.37
N LYS B 780 45.04 -26.54 -19.51
CA LYS B 780 43.89 -27.31 -19.96
C LYS B 780 42.80 -26.42 -20.56
N ARG B 781 42.37 -25.38 -19.83
CA ARG B 781 41.30 -24.49 -20.33
C ARG B 781 41.70 -24.03 -21.73
N LEU B 782 42.95 -23.59 -21.87
CA LEU B 782 43.47 -23.12 -23.15
C LEU B 782 43.47 -24.19 -24.25
N TYR B 783 43.97 -25.39 -23.93
CA TYR B 783 44.11 -26.42 -24.93
C TYR B 783 42.74 -26.71 -25.48
N LYS B 784 41.76 -26.74 -24.58
CA LYS B 784 40.38 -27.07 -24.92
C LYS B 784 39.76 -26.00 -25.81
N ARG B 785 39.99 -24.73 -25.49
CA ARG B 785 39.46 -23.64 -26.32
C ARG B 785 40.02 -23.72 -27.74
N LEU B 786 41.28 -24.15 -27.85
CA LEU B 786 41.90 -24.42 -29.14
C LEU B 786 41.50 -25.76 -29.74
N GLU B 787 41.16 -26.71 -28.88
CA GLU B 787 40.79 -28.05 -29.30
C GLU B 787 39.59 -27.88 -30.21
N GLU B 788 38.66 -27.07 -29.73
CA GLU B 788 37.45 -26.73 -30.47
C GLU B 788 37.75 -26.21 -31.87
N ARG B 789 38.86 -25.49 -31.99
CA ARG B 789 39.24 -24.83 -33.24
C ARG B 789 40.14 -25.65 -34.17
N GLY B 790 40.59 -26.81 -33.74
CA GLY B 790 41.35 -27.71 -34.61
C GLY B 790 42.85 -27.67 -34.43
N TYR B 791 43.30 -27.10 -33.32
CA TYR B 791 44.71 -27.04 -32.99
C TYR B 791 45.02 -27.98 -31.83
N GLU B 792 45.89 -28.94 -32.04
CA GLU B 792 46.43 -29.74 -30.95
C GLU B 792 47.59 -28.95 -30.34
N ILE B 793 47.90 -29.14 -29.06
CA ILE B 793 49.08 -28.50 -28.46
C ILE B 793 49.81 -29.39 -27.46
N HIS B 794 51.13 -29.24 -27.43
CA HIS B 794 51.97 -29.88 -26.45
C HIS B 794 52.92 -28.83 -25.94
N ILE B 795 53.26 -28.91 -24.67
CA ILE B 795 54.25 -28.01 -24.10
C ILE B 795 55.52 -28.77 -23.74
N SER B 796 56.64 -28.24 -24.21
CA SER B 796 57.95 -28.79 -23.96
C SER B 796 58.14 -28.94 -22.47
N ASP B 797 58.92 -29.92 -22.04
CA ASP B 797 59.19 -30.03 -20.61
C ASP B 797 59.88 -28.76 -20.13
N GLU B 798 60.69 -28.16 -21.00
CA GLU B 798 61.45 -26.96 -20.66
C GLU B 798 60.53 -25.75 -20.54
N ALA B 799 59.70 -25.54 -21.56
CA ALA B 799 58.71 -24.48 -21.54
C ALA B 799 57.85 -24.54 -20.28
N LEU B 800 57.43 -25.74 -19.88
CA LEU B 800 56.58 -25.86 -18.70
C LEU B 800 57.31 -25.50 -17.43
N LYS B 801 58.57 -25.90 -17.27
CA LYS B 801 59.28 -25.46 -16.09
C LYS B 801 59.54 -23.95 -16.10
N LEU B 802 59.71 -23.38 -17.29
CA LEU B 802 59.95 -21.93 -17.38
C LEU B 802 58.71 -21.19 -16.95
N LEU B 803 57.55 -21.71 -17.34
CA LEU B 803 56.28 -21.13 -17.00
C LEU B 803 56.00 -21.33 -15.51
N SER B 804 56.47 -22.47 -15.00
CA SER B 804 56.26 -22.83 -13.60
C SER B 804 57.11 -21.95 -12.69
N GLU B 805 58.26 -21.51 -13.17
CA GLU B 805 59.11 -20.61 -12.38
C GLU B 805 58.59 -19.19 -12.46
N ASN B 806 58.07 -18.81 -13.61
CA ASN B 806 57.44 -17.51 -13.77
C ASN B 806 56.27 -17.34 -12.81
N GLY B 807 55.54 -18.43 -12.55
CA GLY B 807 54.30 -18.35 -11.80
C GLY B 807 54.47 -18.30 -10.29
N TYR B 808 55.61 -18.74 -9.79
CA TYR B 808 55.75 -19.03 -8.37
C TYR B 808 56.68 -18.09 -7.62
N ASP B 809 56.10 -17.25 -6.76
CA ASP B 809 56.85 -16.58 -5.72
C ASP B 809 56.09 -16.74 -4.40
N PRO B 810 56.82 -16.94 -3.28
CA PRO B 810 56.18 -17.15 -1.97
C PRO B 810 55.26 -16.03 -1.48
N VAL B 811 55.35 -14.84 -2.07
CA VAL B 811 54.53 -13.72 -1.61
C VAL B 811 53.08 -13.88 -2.10
N TYR B 812 52.91 -13.83 -3.42
CA TYR B 812 51.59 -13.97 -4.04
C TYR B 812 51.26 -15.41 -4.51
N GLY B 813 52.11 -16.39 -4.17
CA GLY B 813 51.76 -17.80 -4.38
C GLY B 813 51.85 -18.30 -5.81
N ALA B 814 50.82 -19.02 -6.23
CA ALA B 814 50.66 -19.42 -7.62
C ALA B 814 49.77 -18.45 -8.38
N ARG B 815 49.41 -17.33 -7.75
CA ARG B 815 48.51 -16.34 -8.35
C ARG B 815 49.00 -15.82 -9.71
N PRO B 816 50.28 -15.42 -9.79
CA PRO B 816 50.81 -14.86 -11.04
C PRO B 816 50.70 -15.81 -12.23
N LEU B 817 50.66 -17.12 -11.95
CA LEU B 817 50.76 -18.10 -13.01
C LEU B 817 49.73 -17.98 -14.15
N LYS B 818 48.47 -17.58 -13.88
CA LYS B 818 47.50 -17.47 -14.99
C LYS B 818 47.76 -16.26 -15.87
N ARG B 819 48.23 -15.17 -15.28
CA ARG B 819 48.53 -13.97 -16.07
C ARG B 819 49.89 -14.10 -16.75
N ALA B 820 50.72 -15.03 -16.27
CA ALA B 820 51.95 -15.37 -16.97
C ALA B 820 51.63 -16.25 -18.18
N ILE B 821 50.63 -17.11 -18.08
CA ILE B 821 50.24 -17.92 -19.23
C ILE B 821 49.73 -16.98 -20.27
N GLN B 822 48.89 -16.05 -19.84
CA GLN B 822 48.28 -15.08 -20.75
C GLN B 822 49.32 -14.32 -21.58
N GLN B 823 50.26 -13.67 -20.91
CA GLN B 823 51.24 -12.82 -21.57
C GLN B 823 52.42 -13.56 -22.23
N GLN B 824 52.79 -14.72 -21.72
CA GLN B 824 53.87 -15.53 -22.28
C GLN B 824 53.45 -16.39 -23.47
N ILE B 825 52.22 -16.90 -23.41
CA ILE B 825 51.74 -17.92 -24.34
C ILE B 825 50.57 -17.41 -25.17
N GLU B 826 49.48 -16.99 -24.52
CA GLU B 826 48.26 -16.62 -25.23
C GLU B 826 48.46 -15.49 -26.25
N ASN B 827 49.18 -14.42 -25.88
CA ASN B 827 49.38 -13.31 -26.81
C ASN B 827 50.12 -13.66 -28.10
N PRO B 828 51.33 -14.23 -27.99
CA PRO B 828 52.07 -14.53 -29.21
C PRO B 828 51.31 -15.52 -30.09
N LEU B 829 50.79 -16.57 -29.47
CA LEU B 829 50.01 -17.60 -30.14
C LEU B 829 48.82 -16.96 -30.87
N ALA B 830 48.17 -15.99 -30.22
CA ALA B 830 46.99 -15.33 -30.75
C ALA B 830 47.29 -14.65 -32.08
N GLN B 831 48.48 -14.07 -32.23
CA GLN B 831 48.82 -13.37 -33.46
C GLN B 831 49.16 -14.36 -34.54
N GLN B 832 49.95 -15.37 -34.18
CA GLN B 832 50.32 -16.41 -35.13
C GLN B 832 49.05 -17.06 -35.70
N ILE B 833 48.07 -17.27 -34.85
CA ILE B 833 46.80 -17.83 -35.29
C ILE B 833 46.14 -16.89 -36.30
N LEU B 834 46.08 -15.61 -35.95
CA LEU B 834 45.43 -14.58 -36.79
C LEU B 834 46.17 -14.29 -38.10
N SER B 835 47.49 -14.46 -38.09
CA SER B 835 48.31 -14.23 -39.28
C SER B 835 48.36 -15.42 -40.22
N GLY B 836 48.18 -16.63 -39.70
CA GLY B 836 48.30 -17.83 -40.50
C GLY B 836 49.57 -18.66 -40.31
N GLU B 837 50.57 -18.11 -39.62
CA GLU B 837 51.80 -18.86 -39.30
C GLU B 837 51.46 -20.24 -38.75
N LEU B 838 50.54 -20.29 -37.80
CA LEU B 838 50.00 -21.56 -37.30
C LEU B 838 48.70 -21.91 -38.03
N VAL B 839 48.65 -23.14 -38.52
CA VAL B 839 47.47 -23.68 -39.20
C VAL B 839 46.86 -24.82 -38.38
N PRO B 840 45.51 -24.96 -38.42
CA PRO B 840 44.85 -26.12 -37.83
C PRO B 840 45.20 -27.44 -38.51
N GLY B 841 45.32 -28.52 -37.73
CA GLY B 841 45.71 -29.80 -38.27
C GLY B 841 47.22 -29.97 -38.30
N LYS B 842 47.91 -29.18 -37.48
CA LYS B 842 49.32 -29.36 -37.24
C LYS B 842 49.49 -29.16 -35.75
N VAL B 843 50.01 -30.15 -35.05
CA VAL B 843 50.27 -30.00 -33.63
C VAL B 843 51.18 -28.80 -33.40
N ILE B 844 50.90 -28.09 -32.33
CA ILE B 844 51.61 -26.87 -32.00
C ILE B 844 52.46 -27.18 -30.80
N ARG B 845 53.77 -27.07 -30.96
CA ARG B 845 54.68 -27.38 -29.89
C ARG B 845 55.12 -26.08 -29.23
N LEU B 846 55.15 -26.05 -27.90
CA LEU B 846 55.58 -24.87 -27.19
C LEU B 846 56.96 -25.12 -26.63
N GLU B 847 57.98 -24.48 -27.21
CA GLU B 847 59.37 -24.74 -26.86
C GLU B 847 59.97 -23.45 -26.32
N VAL B 848 61.00 -23.55 -25.49
CA VAL B 848 61.77 -22.35 -25.15
C VAL B 848 62.78 -22.06 -26.25
N ASN B 849 62.90 -20.78 -26.55
CA ASN B 849 63.91 -20.30 -27.45
C ASN B 849 64.52 -19.05 -26.82
N GLU B 850 65.79 -19.14 -26.45
CA GLU B 850 66.49 -18.05 -25.80
C GLU B 850 65.65 -17.35 -24.74
N ASP B 851 65.41 -18.04 -23.64
CA ASP B 851 64.71 -17.47 -22.48
C ASP B 851 63.29 -17.01 -22.79
N ARG B 852 62.70 -17.55 -23.84
CA ARG B 852 61.40 -17.07 -24.30
C ARG B 852 60.52 -18.21 -24.81
N ILE B 853 59.30 -18.35 -24.30
CA ILE B 853 58.42 -19.41 -24.78
C ILE B 853 57.87 -19.03 -26.16
N VAL B 854 57.89 -19.98 -27.07
CA VAL B 854 57.43 -19.77 -28.44
C VAL B 854 56.66 -20.98 -28.95
N ALA B 855 55.90 -20.77 -30.02
CA ALA B 855 55.05 -21.80 -30.61
C ALA B 855 55.49 -22.09 -32.04
N VAL B 856 55.71 -23.37 -32.35
CA VAL B 856 56.18 -23.78 -33.66
C VAL B 856 55.34 -24.93 -34.21
N GLN B 857 55.41 -25.14 -35.51
CA GLN B 857 54.83 -26.32 -36.13
C GLN B 857 55.90 -26.98 -37.00
N GLN C 159 -20.01 -41.49 -19.12
CA GLN C 159 -19.94 -40.56 -20.24
C GLN C 159 -18.76 -39.62 -20.10
N ALA C 160 -18.52 -39.18 -18.86
CA ALA C 160 -17.60 -38.10 -18.59
C ALA C 160 -16.15 -38.40 -19.01
N LEU C 161 -15.81 -39.68 -19.15
CA LEU C 161 -14.46 -40.07 -19.58
C LEU C 161 -14.27 -39.94 -21.09
N LYS C 162 -15.25 -40.36 -21.86
CA LYS C 162 -15.14 -40.28 -23.31
C LYS C 162 -15.00 -38.82 -23.75
N LYS C 163 -15.61 -37.91 -22.99
CA LYS C 163 -15.53 -36.49 -23.32
C LYS C 163 -14.20 -35.81 -22.97
N TYR C 164 -13.74 -35.91 -21.72
CA TYR C 164 -12.57 -35.12 -21.28
C TYR C 164 -11.21 -35.78 -21.19
N THR C 165 -11.12 -37.06 -21.51
CA THR C 165 -9.83 -37.71 -21.55
C THR C 165 -9.59 -38.27 -22.94
N ILE C 166 -8.31 -38.33 -23.31
CA ILE C 166 -7.95 -38.93 -24.58
C ILE C 166 -7.45 -40.33 -24.25
N ASP C 167 -7.74 -41.30 -25.11
CA ASP C 167 -7.38 -42.68 -24.81
C ASP C 167 -6.02 -42.93 -25.42
N LEU C 168 -5.00 -43.02 -24.57
CA LEU C 168 -3.63 -43.12 -25.01
C LEU C 168 -3.23 -44.53 -25.42
N THR C 169 -3.88 -45.52 -24.83
CA THR C 169 -3.64 -46.89 -25.22
C THR C 169 -4.34 -47.19 -26.55
N GLU C 170 -5.48 -46.54 -26.78
CA GLU C 170 -6.19 -46.68 -28.03
C GLU C 170 -5.28 -46.16 -29.14
N ARG C 171 -4.86 -44.92 -28.99
CA ARG C 171 -3.92 -44.29 -29.90
C ARG C 171 -2.70 -45.18 -30.11
N ALA C 172 -2.20 -45.76 -29.02
CA ALA C 172 -1.05 -46.64 -29.12
C ALA C 172 -1.29 -47.83 -30.06
N GLU C 173 -2.47 -48.44 -30.01
CA GLU C 173 -2.70 -49.58 -30.90
C GLU C 173 -2.92 -49.20 -32.38
N GLN C 174 -3.26 -47.95 -32.61
CA GLN C 174 -3.38 -47.44 -33.98
C GLN C 174 -2.01 -47.04 -34.53
N GLY C 175 -0.95 -47.24 -33.75
CA GLY C 175 0.38 -46.80 -34.14
C GLY C 175 0.44 -45.29 -34.22
N LYS C 176 -0.54 -44.61 -33.64
CA LYS C 176 -0.63 -43.16 -33.73
C LYS C 176 0.32 -42.48 -32.74
N LEU C 177 0.85 -43.24 -31.79
CA LEU C 177 1.85 -42.72 -30.90
C LEU C 177 3.23 -42.98 -31.46
N ASP C 178 4.07 -41.94 -31.41
CA ASP C 178 5.43 -42.04 -31.90
C ASP C 178 6.24 -42.87 -30.93
N PRO C 179 7.31 -43.50 -31.40
CA PRO C 179 8.16 -44.33 -30.55
C PRO C 179 8.74 -43.56 -29.38
N VAL C 180 9.03 -44.28 -28.30
CA VAL C 180 9.71 -43.72 -27.13
C VAL C 180 11.03 -44.49 -27.01
N ILE C 181 12.05 -43.86 -26.41
CA ILE C 181 13.44 -44.34 -26.58
C ILE C 181 14.36 -44.31 -25.36
N GLY C 182 14.98 -45.45 -25.09
CA GLY C 182 16.02 -45.54 -24.06
C GLY C 182 15.54 -45.08 -22.70
N ARG C 183 14.23 -45.14 -22.50
CA ARG C 183 13.61 -44.78 -21.24
C ARG C 183 13.37 -46.00 -20.37
N ASP C 184 13.92 -47.15 -20.77
CA ASP C 184 13.58 -48.42 -20.15
C ASP C 184 13.54 -48.31 -18.63
N GLU C 185 14.48 -47.56 -18.07
CA GLU C 185 14.62 -47.41 -16.63
C GLU C 185 13.42 -46.73 -15.97
N GLU C 186 13.00 -45.59 -16.53
CA GLU C 186 11.99 -44.76 -15.90
C GLU C 186 10.62 -45.40 -16.03
N ILE C 187 10.43 -46.17 -17.09
CA ILE C 187 9.17 -46.89 -17.27
C ILE C 187 9.10 -48.01 -16.25
N ARG C 188 10.16 -48.81 -16.14
CA ARG C 188 10.18 -49.90 -15.15
C ARG C 188 9.85 -49.42 -13.75
N ARG C 189 10.56 -48.39 -13.30
CA ARG C 189 10.28 -47.79 -11.99
C ARG C 189 8.82 -47.36 -11.90
N THR C 190 8.31 -46.70 -12.94
CA THR C 190 6.89 -46.29 -12.98
C THR C 190 5.94 -47.48 -12.80
N ILE C 191 6.28 -48.63 -13.39
CA ILE C 191 5.42 -49.81 -13.28
C ILE C 191 5.46 -50.39 -11.88
N GLN C 192 6.65 -50.42 -11.28
CA GLN C 192 6.80 -50.96 -9.94
C GLN C 192 5.88 -50.19 -9.05
N VAL C 193 5.96 -48.87 -9.14
CA VAL C 193 5.12 -47.98 -8.36
C VAL C 193 3.62 -48.15 -8.70
N LEU C 194 3.28 -48.47 -9.93
CA LEU C 194 1.89 -48.76 -10.27
C LEU C 194 1.39 -50.07 -9.65
N GLN C 195 2.28 -51.05 -9.55
CA GLN C 195 1.90 -52.36 -9.02
C GLN C 195 1.85 -52.42 -7.50
N ARG C 196 2.39 -51.40 -6.85
CA ARG C 196 2.49 -51.38 -5.40
C ARG C 196 1.16 -51.47 -4.68
N ARG C 197 1.23 -52.03 -3.47
CA ARG C 197 0.06 -52.14 -2.62
C ARG C 197 -0.23 -50.79 -1.98
N THR C 198 0.83 -50.18 -1.47
CA THR C 198 0.74 -48.91 -0.77
C THR C 198 1.78 -47.96 -1.35
N LYS C 199 1.42 -46.67 -1.45
CA LYS C 199 2.25 -45.68 -2.14
C LYS C 199 2.35 -46.10 -3.61
N ASN C 200 1.18 -46.36 -4.17
CA ASN C 200 1.03 -46.99 -5.47
C ASN C 200 0.81 -46.03 -6.65
N ASN C 201 0.87 -44.72 -6.41
CA ASN C 201 0.79 -43.76 -7.51
C ASN C 201 2.14 -43.17 -7.89
N PRO C 202 2.63 -43.46 -9.11
CA PRO C 202 3.82 -42.74 -9.56
C PRO C 202 3.52 -41.32 -10.03
N VAL C 203 4.43 -40.40 -9.71
CA VAL C 203 4.38 -39.05 -10.24
C VAL C 203 5.72 -38.79 -10.91
N LEU C 204 5.66 -38.31 -12.16
CA LEU C 204 6.86 -38.07 -12.92
C LEU C 204 7.37 -36.65 -12.64
N ILE C 205 8.65 -36.56 -12.27
CA ILE C 205 9.23 -35.30 -11.83
C ILE C 205 10.43 -34.94 -12.71
N GLY C 206 10.33 -33.79 -13.37
CA GLY C 206 11.41 -33.34 -14.24
C GLY C 206 11.12 -31.97 -14.81
N GLU C 207 12.09 -31.42 -15.53
CA GLU C 207 11.93 -30.10 -16.13
C GLU C 207 10.97 -30.17 -17.31
N PRO C 208 10.52 -29.01 -17.81
CA PRO C 208 9.62 -29.06 -18.97
C PRO C 208 10.29 -29.59 -20.25
N GLY C 209 9.62 -30.53 -20.91
CA GLY C 209 10.02 -31.00 -22.21
C GLY C 209 11.08 -32.09 -22.22
N VAL C 210 11.23 -32.84 -21.13
CA VAL C 210 12.33 -33.80 -21.03
C VAL C 210 12.02 -35.28 -21.32
N GLY C 211 10.79 -35.60 -21.71
CA GLY C 211 10.36 -36.99 -21.76
C GLY C 211 9.33 -37.42 -20.72
N LYS C 212 8.73 -36.46 -20.01
CA LYS C 212 7.67 -36.76 -19.04
C LYS C 212 6.47 -37.51 -19.62
N THR C 213 5.67 -36.84 -20.45
CA THR C 213 4.49 -37.49 -21.02
C THR C 213 4.97 -38.58 -21.96
N ALA C 214 6.11 -38.36 -22.60
CA ALA C 214 6.72 -39.38 -23.46
C ALA C 214 6.75 -40.72 -22.75
N ILE C 215 7.13 -40.70 -21.48
CA ILE C 215 7.21 -41.91 -20.69
C ILE C 215 5.85 -42.55 -20.49
N VAL C 216 4.82 -41.74 -20.24
CA VAL C 216 3.46 -42.26 -20.06
C VAL C 216 3.08 -43.05 -21.30
N GLU C 217 3.49 -42.54 -22.45
CA GLU C 217 3.15 -43.21 -23.70
C GLU C 217 4.01 -44.43 -23.97
N GLY C 218 5.22 -44.44 -23.42
CA GLY C 218 6.00 -45.66 -23.42
C GLY C 218 5.17 -46.73 -22.74
N LEU C 219 4.73 -46.42 -21.51
CA LEU C 219 3.84 -47.28 -20.75
C LEU C 219 2.62 -47.69 -21.55
N ALA C 220 2.04 -46.76 -22.32
CA ALA C 220 0.90 -47.09 -23.15
C ALA C 220 1.25 -48.21 -24.14
N GLN C 221 2.32 -48.02 -24.90
CA GLN C 221 2.66 -48.99 -25.94
C GLN C 221 3.16 -50.31 -25.37
N ARG C 222 3.67 -50.30 -24.14
CA ARG C 222 4.10 -51.54 -23.52
C ARG C 222 2.90 -52.36 -23.12
N ILE C 223 1.93 -51.71 -22.46
CA ILE C 223 0.67 -52.32 -22.06
C ILE C 223 0.07 -53.02 -23.25
N ILE C 224 -0.04 -52.29 -24.36
CA ILE C 224 -0.62 -52.84 -25.57
C ILE C 224 0.20 -54.04 -26.09
N ASN C 225 1.52 -53.91 -26.11
CA ASN C 225 2.41 -54.98 -26.57
C ASN C 225 2.56 -56.16 -25.62
N GLY C 226 2.27 -55.97 -24.34
CA GLY C 226 2.53 -57.00 -23.35
C GLY C 226 4.00 -57.06 -22.99
N GLU C 227 4.62 -55.89 -22.95
CA GLU C 227 5.96 -55.72 -22.40
C GLU C 227 5.88 -55.38 -20.90
N VAL C 228 4.67 -55.51 -20.34
CA VAL C 228 4.37 -55.16 -18.95
C VAL C 228 4.03 -56.41 -18.16
N PRO C 229 4.19 -56.37 -16.82
CA PRO C 229 3.79 -57.50 -15.98
C PRO C 229 2.30 -57.76 -16.15
N GLU C 230 1.84 -58.95 -15.80
CA GLU C 230 0.51 -59.35 -16.21
C GLU C 230 -0.62 -58.72 -15.44
N GLY C 231 -0.33 -58.19 -14.25
CA GLY C 231 -1.33 -57.42 -13.53
C GLY C 231 -1.77 -56.21 -14.33
N LEU C 232 -0.85 -55.67 -15.12
CA LEU C 232 -1.09 -54.44 -15.88
C LEU C 232 -1.61 -54.69 -17.31
N LYS C 233 -1.58 -55.93 -17.78
CA LYS C 233 -2.05 -56.21 -19.14
C LYS C 233 -3.54 -55.96 -19.24
N GLY C 234 -3.93 -55.13 -20.20
CA GLY C 234 -5.34 -54.84 -20.42
C GLY C 234 -5.79 -53.52 -19.82
N ARG C 235 -4.97 -52.92 -18.96
CA ARG C 235 -5.34 -51.64 -18.38
C ARG C 235 -5.36 -50.64 -19.51
N ARG C 236 -6.08 -49.54 -19.32
CA ARG C 236 -6.21 -48.53 -20.37
C ARG C 236 -5.79 -47.16 -19.84
N VAL C 237 -4.71 -46.64 -20.40
CA VAL C 237 -4.15 -45.37 -19.97
C VAL C 237 -4.82 -44.22 -20.69
N LEU C 238 -5.40 -43.32 -19.91
CA LEU C 238 -6.06 -42.14 -20.46
C LEU C 238 -5.40 -40.89 -19.90
N ALA C 239 -5.42 -39.82 -20.68
CA ALA C 239 -4.90 -38.53 -20.22
C ALA C 239 -6.03 -37.55 -20.03
N LEU C 240 -6.26 -37.19 -18.76
CA LEU C 240 -7.18 -36.12 -18.42
C LEU C 240 -6.62 -34.87 -19.03
N ASP C 241 -7.44 -34.19 -19.80
CA ASP C 241 -6.97 -33.04 -20.53
C ASP C 241 -7.42 -31.79 -19.80
N MSE C 242 -6.43 -30.98 -19.42
CA MSE C 242 -6.64 -29.67 -18.86
C MSE C 242 -7.61 -28.88 -19.70
N GLY C 243 -7.26 -28.76 -20.97
CA GLY C 243 -8.04 -28.00 -21.92
C GLY C 243 -9.41 -28.59 -22.16
N ALA C 244 -9.54 -29.90 -22.01
CA ALA C 244 -10.84 -30.54 -22.18
C ALA C 244 -11.85 -29.98 -21.18
N LEU C 245 -11.39 -29.65 -19.97
CA LEU C 245 -12.27 -29.09 -18.95
C LEU C 245 -12.29 -27.56 -19.03
N ARG C 258 -19.17 -28.04 -12.29
CA ARG C 258 -17.91 -28.21 -12.98
C ARG C 258 -17.77 -29.66 -13.48
N LEU C 259 -18.89 -30.38 -13.58
CA LEU C 259 -18.85 -31.82 -13.81
C LEU C 259 -18.08 -32.46 -12.68
N LYS C 260 -16.89 -33.01 -12.94
CA LYS C 260 -16.06 -33.60 -11.88
C LYS C 260 -16.60 -34.93 -11.33
N GLY C 261 -17.80 -35.32 -11.76
CA GLY C 261 -18.29 -36.66 -11.55
C GLY C 261 -17.66 -37.63 -12.55
N VAL C 262 -16.63 -37.17 -13.25
CA VAL C 262 -15.72 -38.05 -13.98
C VAL C 262 -15.21 -39.15 -13.06
N LEU C 263 -14.82 -38.75 -11.86
CA LEU C 263 -14.29 -39.67 -10.86
C LEU C 263 -15.27 -40.82 -10.58
N ASN C 264 -16.55 -40.59 -10.85
CA ASN C 264 -17.54 -41.65 -10.76
C ASN C 264 -17.26 -42.72 -11.80
N ASP C 265 -17.05 -42.32 -13.05
CA ASP C 265 -16.78 -43.26 -14.13
C ASP C 265 -15.49 -44.04 -13.91
N LEU C 266 -14.48 -43.40 -13.32
CA LEU C 266 -13.25 -44.11 -12.96
C LEU C 266 -13.41 -45.01 -11.74
N ALA C 267 -14.29 -44.61 -10.83
CA ALA C 267 -14.58 -45.41 -9.65
C ALA C 267 -15.40 -46.64 -10.05
N LYS C 268 -16.11 -46.55 -11.17
CA LYS C 268 -16.85 -47.70 -11.69
C LYS C 268 -15.92 -48.82 -12.21
N GLN C 269 -14.78 -48.44 -12.78
CA GLN C 269 -13.87 -49.40 -13.42
C GLN C 269 -12.66 -49.86 -12.58
N GLU C 270 -12.61 -49.51 -11.29
CA GLU C 270 -11.33 -49.44 -10.56
C GLU C 270 -10.38 -50.62 -10.77
N GLY C 271 -9.14 -50.28 -11.09
CA GLY C 271 -8.05 -51.22 -11.29
C GLY C 271 -7.74 -51.51 -12.75
N ASN C 272 -8.73 -51.33 -13.63
CA ASN C 272 -8.55 -51.57 -15.06
C ASN C 272 -8.30 -50.29 -15.88
N VAL C 273 -8.18 -49.14 -15.20
CA VAL C 273 -7.95 -47.85 -15.87
C VAL C 273 -6.92 -47.02 -15.14
N ILE C 274 -5.87 -46.59 -15.85
CA ILE C 274 -4.88 -45.67 -15.32
C ILE C 274 -5.15 -44.28 -15.90
N LEU C 275 -5.14 -43.26 -15.04
CA LEU C 275 -5.41 -41.88 -15.44
C LEU C 275 -4.13 -41.03 -15.45
N PHE C 276 -4.03 -40.08 -16.38
CA PHE C 276 -2.85 -39.20 -16.44
C PHE C 276 -3.18 -37.72 -16.45
N ILE C 277 -2.75 -37.03 -15.39
CA ILE C 277 -2.88 -35.59 -15.27
C ILE C 277 -1.51 -34.95 -15.40
N ASP C 278 -1.27 -34.25 -16.50
CA ASP C 278 -0.02 -33.50 -16.66
C ASP C 278 -0.16 -32.23 -15.85
N GLU C 279 0.96 -31.71 -15.37
CA GLU C 279 0.94 -30.51 -14.53
C GLU C 279 -0.01 -30.68 -13.36
N LEU C 280 0.12 -31.82 -12.66
CA LEU C 280 -0.77 -32.17 -11.55
C LEU C 280 -0.85 -31.10 -10.46
N HIS C 281 0.20 -30.29 -10.36
CA HIS C 281 0.26 -29.16 -9.43
C HIS C 281 -0.91 -28.17 -9.57
N THR C 282 -1.48 -28.09 -10.77
CA THR C 282 -2.48 -27.06 -11.07
C THR C 282 -3.86 -27.31 -10.46
N MSE C 283 -4.23 -28.57 -10.25
CA MSE C 283 -5.53 -28.90 -9.66
C MSE C 283 -5.46 -29.17 -8.15
N VAL C 284 -4.26 -29.05 -7.59
CA VAL C 284 -4.09 -28.89 -6.15
C VAL C 284 -4.00 -27.40 -5.78
N GLY C 285 -4.26 -26.52 -6.76
CA GLY C 285 -4.38 -25.10 -6.50
C GLY C 285 -3.30 -24.18 -7.03
N ALA C 286 -2.33 -24.72 -7.74
CA ALA C 286 -1.26 -23.88 -8.30
C ALA C 286 -1.72 -23.17 -9.57
N ASP C 294 -8.47 -24.97 -6.55
CA ASP C 294 -8.29 -26.19 -5.77
C ASP C 294 -9.35 -27.23 -6.08
N ALA C 295 -8.94 -28.32 -6.73
CA ALA C 295 -9.76 -29.53 -6.78
C ALA C 295 -9.31 -30.52 -5.71
N GLY C 296 -8.34 -30.14 -4.88
CA GLY C 296 -7.71 -31.07 -3.94
C GLY C 296 -8.65 -31.92 -3.12
N ASN C 297 -9.76 -31.35 -2.67
CA ASN C 297 -10.71 -32.08 -1.83
C ASN C 297 -11.44 -33.20 -2.58
N MSE C 298 -11.59 -33.03 -3.90
CA MSE C 298 -12.21 -34.04 -4.74
C MSE C 298 -11.37 -35.30 -4.82
N LEU C 299 -10.10 -35.09 -5.09
CA LEU C 299 -9.18 -36.14 -5.50
C LEU C 299 -8.63 -36.89 -4.29
N LYS C 300 -8.41 -36.16 -3.20
CA LYS C 300 -7.87 -36.73 -1.96
C LYS C 300 -8.54 -38.02 -1.48
N PRO C 301 -9.88 -38.05 -1.43
CA PRO C 301 -10.49 -39.32 -1.02
C PRO C 301 -10.27 -40.46 -2.03
N ALA C 302 -10.20 -40.14 -3.31
CA ALA C 302 -10.09 -41.16 -4.36
C ALA C 302 -8.80 -41.98 -4.29
N LEU C 303 -7.69 -41.33 -3.94
CA LEU C 303 -6.38 -41.99 -3.91
C LEU C 303 -6.25 -42.97 -2.74
N ALA C 304 -6.89 -42.64 -1.63
CA ALA C 304 -6.89 -43.50 -0.45
C ALA C 304 -7.94 -44.59 -0.55
N ARG C 305 -8.91 -44.41 -1.45
CA ARG C 305 -9.94 -45.41 -1.68
C ARG C 305 -9.61 -46.35 -2.86
N GLY C 306 -8.50 -46.10 -3.55
CA GLY C 306 -8.09 -46.93 -4.67
C GLY C 306 -8.94 -46.76 -5.91
N GLU C 307 -9.93 -45.88 -5.87
CA GLU C 307 -10.87 -45.71 -6.98
C GLU C 307 -10.11 -45.12 -8.15
N LEU C 308 -9.14 -44.28 -7.81
CA LEU C 308 -8.36 -43.52 -8.77
C LEU C 308 -6.90 -43.94 -8.75
N HIS C 309 -6.47 -44.62 -9.80
CA HIS C 309 -5.06 -44.92 -10.03
C HIS C 309 -4.63 -43.92 -11.09
N CYS C 310 -3.74 -42.98 -10.76
CA CYS C 310 -3.28 -42.01 -11.75
C CYS C 310 -1.77 -41.80 -11.86
N VAL C 311 -1.38 -40.87 -12.74
CA VAL C 311 0.01 -40.50 -12.97
C VAL C 311 0.09 -38.98 -13.13
N GLY C 312 1.01 -38.36 -12.39
CA GLY C 312 1.20 -36.93 -12.45
C GLY C 312 2.45 -36.50 -13.20
N ALA C 313 2.55 -35.20 -13.49
CA ALA C 313 3.79 -34.62 -13.96
C ALA C 313 3.93 -33.17 -13.51
N THR C 314 5.12 -32.79 -13.07
CA THR C 314 5.39 -31.47 -12.50
C THR C 314 6.89 -31.27 -12.46
N THR C 315 7.36 -30.10 -12.02
CA THR C 315 8.79 -29.95 -11.72
C THR C 315 9.00 -30.42 -10.27
N LEU C 316 10.25 -30.51 -9.83
CA LEU C 316 10.52 -31.00 -8.48
C LEU C 316 10.10 -29.94 -7.46
N ASP C 317 10.26 -28.68 -7.82
CA ASP C 317 9.79 -27.58 -6.97
C ASP C 317 8.28 -27.67 -6.73
N GLU C 318 7.53 -27.93 -7.79
CA GLU C 318 6.08 -28.06 -7.69
C GLU C 318 5.67 -29.30 -6.88
N TYR C 319 6.53 -30.32 -6.84
CA TYR C 319 6.26 -31.51 -6.02
C TYR C 319 6.46 -31.22 -4.53
N ARG C 320 7.61 -30.64 -4.19
CA ARG C 320 7.92 -30.33 -2.81
C ARG C 320 6.85 -29.43 -2.24
N GLN C 321 6.49 -28.39 -2.99
CA GLN C 321 5.51 -27.41 -2.54
C GLN C 321 4.11 -27.96 -2.42
N TYR C 322 3.55 -28.46 -3.52
CA TYR C 322 2.14 -28.84 -3.56
C TYR C 322 1.85 -30.32 -3.30
N ILE C 323 2.87 -31.12 -2.97
CA ILE C 323 2.65 -32.52 -2.60
C ILE C 323 3.31 -32.89 -1.28
N GLU C 324 4.63 -32.80 -1.23
CA GLU C 324 5.39 -33.39 -0.13
C GLU C 324 5.02 -32.83 1.24
N LYS C 325 4.46 -31.62 1.28
CA LYS C 325 4.09 -30.99 2.54
C LYS C 325 2.78 -31.53 3.15
N ASP C 326 2.08 -32.40 2.43
CA ASP C 326 0.79 -32.93 2.86
C ASP C 326 0.90 -34.42 3.21
N ALA C 327 0.06 -34.89 4.13
CA ALA C 327 -0.05 -36.32 4.38
C ALA C 327 -0.92 -36.98 3.31
N ALA C 328 -2.09 -36.38 3.07
CA ALA C 328 -3.07 -36.94 2.14
C ALA C 328 -2.51 -37.24 0.75
N LEU C 329 -1.57 -36.42 0.28
CA LEU C 329 -0.92 -36.68 -1.00
C LEU C 329 0.31 -37.56 -0.84
N GLU C 330 1.31 -37.04 -0.14
CA GLU C 330 2.63 -37.67 -0.07
C GLU C 330 2.61 -39.13 0.38
N ARG C 331 1.59 -39.53 1.14
CA ARG C 331 1.48 -40.91 1.59
C ARG C 331 1.02 -41.87 0.48
N ARG C 332 0.28 -41.35 -0.50
CA ARG C 332 -0.19 -42.17 -1.62
C ARG C 332 0.72 -42.14 -2.85
N PHE C 333 1.69 -41.21 -2.88
CA PHE C 333 2.42 -40.91 -4.11
C PHE C 333 3.91 -41.21 -4.04
N GLN C 334 4.50 -41.35 -5.23
CA GLN C 334 5.92 -41.62 -5.36
C GLN C 334 6.60 -40.60 -6.26
N LYS C 335 7.88 -40.36 -5.99
CA LYS C 335 8.72 -39.58 -6.87
C LYS C 335 9.37 -40.52 -7.87
N VAL C 336 9.15 -40.30 -9.17
CA VAL C 336 9.94 -40.96 -10.20
C VAL C 336 10.61 -39.90 -11.05
N PHE C 337 11.92 -39.83 -10.96
CA PHE C 337 12.67 -38.75 -11.59
C PHE C 337 12.98 -39.02 -13.06
N VAL C 338 12.67 -38.04 -13.90
CA VAL C 338 13.02 -38.05 -15.30
C VAL C 338 14.07 -36.97 -15.51
N ALA C 339 15.31 -37.37 -15.74
CA ALA C 339 16.38 -36.40 -15.99
C ALA C 339 16.26 -35.84 -17.38
N GLU C 340 16.93 -34.72 -17.61
CA GLU C 340 17.07 -34.19 -18.96
C GLU C 340 18.05 -35.08 -19.71
N PRO C 341 17.70 -35.52 -20.92
CA PRO C 341 18.62 -36.33 -21.71
C PRO C 341 20.02 -35.73 -21.93
N SER C 342 20.99 -36.63 -22.06
CA SER C 342 22.34 -36.30 -22.48
C SER C 342 22.29 -35.83 -23.95
N VAL C 343 23.34 -35.19 -24.44
CA VAL C 343 23.38 -34.86 -25.87
C VAL C 343 23.42 -36.18 -26.67
N GLU C 344 24.25 -37.13 -26.23
CA GLU C 344 24.33 -38.43 -26.89
C GLU C 344 23.00 -39.16 -26.84
N ASP C 345 22.34 -39.07 -25.70
CA ASP C 345 21.04 -39.70 -25.49
C ASP C 345 20.09 -39.10 -26.49
N THR C 346 20.09 -37.77 -26.55
CA THR C 346 19.20 -37.02 -27.41
C THR C 346 19.43 -37.34 -28.88
N ILE C 347 20.68 -37.64 -29.24
CA ILE C 347 20.95 -38.03 -30.61
C ILE C 347 20.29 -39.36 -30.89
N ALA C 348 20.34 -40.28 -29.93
CA ALA C 348 19.64 -41.54 -30.09
C ALA C 348 18.13 -41.35 -30.12
N ILE C 349 17.60 -40.41 -29.33
CA ILE C 349 16.17 -40.21 -29.31
C ILE C 349 15.74 -39.71 -30.68
N LEU C 350 16.47 -38.73 -31.22
CA LEU C 350 16.10 -38.12 -32.50
C LEU C 350 16.30 -39.10 -33.63
N ARG C 351 17.29 -39.98 -33.49
CA ARG C 351 17.54 -40.96 -34.53
C ARG C 351 16.40 -41.95 -34.61
N GLY C 352 15.82 -42.29 -33.47
CA GLY C 352 14.65 -43.13 -33.49
C GLY C 352 13.40 -42.43 -34.01
N LEU C 353 13.22 -41.16 -33.66
CA LEU C 353 12.13 -40.36 -34.20
C LEU C 353 12.32 -40.00 -35.67
N LYS C 354 13.56 -40.02 -36.15
CA LYS C 354 13.91 -39.54 -37.49
C LYS C 354 12.99 -40.03 -38.62
N GLU C 355 12.73 -41.33 -38.68
CA GLU C 355 11.87 -41.91 -39.72
C GLU C 355 10.48 -41.28 -39.74
N ARG C 356 9.81 -41.35 -38.60
CA ARG C 356 8.44 -40.85 -38.48
C ARG C 356 8.37 -39.40 -38.88
N TYR C 357 9.34 -38.63 -38.40
CA TYR C 357 9.40 -37.18 -38.67
C TYR C 357 9.57 -36.81 -40.12
N GLU C 358 10.41 -37.53 -40.85
CA GLU C 358 10.57 -37.26 -42.27
C GLU C 358 9.41 -37.82 -43.10
N LEU C 359 8.63 -38.74 -42.53
CA LEU C 359 7.33 -39.08 -43.13
C LEU C 359 6.32 -37.94 -42.89
N HIS C 360 6.40 -37.34 -41.71
CA HIS C 360 5.47 -36.28 -41.31
C HIS C 360 5.58 -35.06 -42.21
N HIS C 361 6.78 -34.50 -42.26
CA HIS C 361 7.03 -33.24 -42.98
C HIS C 361 7.24 -33.38 -44.48
N HIS C 362 7.31 -34.59 -44.99
CA HIS C 362 7.57 -34.78 -46.41
C HIS C 362 8.92 -34.17 -46.78
N VAL C 363 9.91 -34.49 -45.99
CA VAL C 363 11.27 -34.03 -46.21
C VAL C 363 12.15 -35.20 -45.92
N GLN C 364 13.44 -34.97 -45.84
CA GLN C 364 14.38 -36.01 -45.51
C GLN C 364 15.36 -35.40 -44.55
N ILE C 365 15.53 -36.02 -43.41
CA ILE C 365 16.37 -35.45 -42.37
C ILE C 365 17.71 -36.17 -42.42
N THR C 366 18.77 -35.42 -42.13
CA THR C 366 20.14 -35.86 -42.35
C THR C 366 20.77 -36.16 -41.02
N ASP C 367 21.53 -37.24 -40.91
CA ASP C 367 22.05 -37.60 -39.59
C ASP C 367 22.91 -36.48 -39.00
N PRO C 368 23.73 -35.83 -39.83
CA PRO C 368 24.29 -34.52 -39.49
C PRO C 368 23.28 -33.50 -38.95
N ALA C 369 22.07 -33.41 -39.51
CA ALA C 369 21.04 -32.52 -38.96
C ALA C 369 20.65 -32.92 -37.57
N ILE C 370 20.62 -34.21 -37.29
CA ILE C 370 20.23 -34.65 -35.97
C ILE C 370 21.29 -34.24 -34.96
N VAL C 371 22.52 -34.70 -35.18
CA VAL C 371 23.60 -34.38 -34.25
C VAL C 371 23.81 -32.87 -34.09
N ALA C 372 23.55 -32.10 -35.16
CA ALA C 372 23.66 -30.65 -35.08
C ALA C 372 22.54 -30.08 -34.23
N ALA C 373 21.33 -30.57 -34.44
CA ALA C 373 20.17 -30.06 -33.73
C ALA C 373 20.23 -30.34 -32.24
N ALA C 374 20.87 -31.44 -31.87
CA ALA C 374 21.09 -31.76 -30.47
C ALA C 374 22.23 -30.92 -29.87
N THR C 375 23.42 -31.06 -30.44
CA THR C 375 24.65 -30.39 -29.99
C THR C 375 24.52 -28.88 -29.82
N LEU C 376 24.06 -28.20 -30.86
CA LEU C 376 23.95 -26.75 -30.88
C LEU C 376 22.89 -26.28 -29.90
N SER C 377 21.71 -26.89 -29.97
CA SER C 377 20.62 -26.50 -29.08
C SER C 377 21.07 -26.56 -27.62
N HIS C 378 21.81 -27.62 -27.27
CA HIS C 378 22.39 -27.72 -25.94
C HIS C 378 23.25 -26.49 -25.66
N ARG C 379 24.18 -26.22 -26.57
CA ARG C 379 25.04 -25.05 -26.45
C ARG C 379 24.30 -23.70 -26.38
N TYR C 380 23.70 -23.28 -27.50
CA TYR C 380 23.27 -21.90 -27.65
C TYR C 380 21.89 -21.56 -27.09
N ILE C 381 21.17 -22.54 -26.56
CA ILE C 381 19.88 -22.27 -25.92
C ILE C 381 20.01 -22.54 -24.43
N ALA C 382 20.04 -21.46 -23.67
CA ALA C 382 20.34 -21.53 -22.26
C ALA C 382 19.15 -22.08 -21.47
N ASP C 383 17.98 -21.50 -21.73
CA ASP C 383 16.80 -21.69 -20.87
C ASP C 383 16.00 -23.00 -21.00
N ARG C 384 15.66 -23.44 -22.21
CA ARG C 384 14.79 -24.61 -22.38
C ARG C 384 15.60 -25.93 -22.25
N GLN C 385 14.89 -27.06 -22.29
CA GLN C 385 15.49 -28.37 -21.98
C GLN C 385 15.58 -29.30 -23.19
N LEU C 386 16.55 -30.22 -23.13
CA LEU C 386 17.20 -30.73 -24.32
C LEU C 386 16.36 -31.48 -25.33
N PRO C 387 15.71 -32.58 -24.93
CA PRO C 387 15.13 -33.41 -26.00
C PRO C 387 14.04 -32.65 -26.72
N ASP C 388 13.45 -31.66 -26.05
CA ASP C 388 12.47 -30.80 -26.68
C ASP C 388 13.10 -29.76 -27.61
N LYS C 389 13.92 -28.84 -27.08
CA LYS C 389 14.50 -27.78 -27.90
C LYS C 389 15.18 -28.32 -29.17
N ALA C 390 15.80 -29.50 -29.08
CA ALA C 390 16.43 -30.13 -30.23
C ALA C 390 15.37 -30.43 -31.27
N ILE C 391 14.25 -30.98 -30.83
CA ILE C 391 13.16 -31.28 -31.75
C ILE C 391 12.67 -30.00 -32.40
N ASP C 392 12.23 -29.01 -31.63
CA ASP C 392 11.69 -27.76 -32.20
C ASP C 392 12.60 -27.22 -33.29
N LEU C 393 13.91 -27.32 -33.07
CA LEU C 393 14.88 -26.92 -34.08
C LEU C 393 14.69 -27.70 -35.37
N ILE C 394 14.74 -29.04 -35.29
CA ILE C 394 14.49 -29.87 -36.47
C ILE C 394 13.20 -29.50 -37.17
N ASP C 395 12.11 -29.56 -36.40
CA ASP C 395 10.75 -29.28 -36.85
C ASP C 395 10.67 -28.03 -37.69
N GLU C 396 11.27 -26.96 -37.22
CA GLU C 396 11.14 -25.70 -37.90
C GLU C 396 12.00 -25.64 -39.14
N ALA C 397 13.17 -26.28 -39.11
CA ALA C 397 13.99 -26.39 -40.31
C ALA C 397 13.22 -27.19 -41.35
N ALA C 398 12.44 -28.16 -40.90
CA ALA C 398 11.67 -29.01 -41.80
C ALA C 398 10.58 -28.22 -42.49
N SER C 399 9.77 -27.48 -41.72
CA SER C 399 8.70 -26.69 -42.33
C SER C 399 9.25 -25.53 -43.15
N SER C 400 10.52 -25.14 -42.92
CA SER C 400 11.17 -24.21 -43.84
C SER C 400 11.55 -24.88 -45.16
N ILE C 401 12.02 -26.11 -45.13
CA ILE C 401 12.31 -26.82 -46.38
C ILE C 401 11.01 -27.11 -47.12
N ARG C 402 9.95 -27.43 -46.39
CA ARG C 402 8.72 -27.87 -47.02
C ARG C 402 8.05 -26.71 -47.74
N MSE C 403 8.39 -25.48 -47.35
CA MSE C 403 7.98 -24.29 -48.11
C MSE C 403 8.90 -24.04 -49.31
N GLN C 404 10.21 -24.14 -49.10
CA GLN C 404 11.17 -23.97 -50.20
C GLN C 404 10.92 -24.97 -51.35
N ILE C 405 10.25 -26.08 -51.03
CA ILE C 405 9.81 -27.07 -52.02
C ILE C 405 8.62 -26.62 -52.88
N ASP C 406 7.62 -26.04 -52.22
CA ASP C 406 6.35 -25.75 -52.87
C ASP C 406 6.43 -24.44 -53.66
N SER C 407 7.59 -23.80 -53.71
CA SER C 407 7.77 -22.55 -54.43
C SER C 407 8.52 -22.82 -55.74
N LYS C 408 8.25 -22.01 -56.76
CA LYS C 408 8.91 -22.15 -58.06
C LYS C 408 10.42 -22.04 -57.88
N PRO C 409 11.22 -22.66 -58.76
CA PRO C 409 12.67 -22.45 -58.62
C PRO C 409 13.09 -21.07 -59.08
N GLU C 410 14.23 -20.57 -58.60
CA GLU C 410 14.73 -19.28 -59.04
C GLU C 410 15.24 -19.37 -60.46
N GLU C 411 15.60 -20.58 -60.90
CA GLU C 411 16.20 -20.74 -62.21
C GLU C 411 15.24 -20.33 -63.31
N LEU C 412 21.78 -21.91 -48.04
CA LEU C 412 20.66 -21.03 -48.39
C LEU C 412 20.11 -20.52 -47.07
N ASP C 413 19.16 -19.59 -47.12
CA ASP C 413 18.66 -18.87 -45.93
C ASP C 413 19.72 -17.98 -45.28
N ARG C 414 20.98 -18.18 -45.63
CA ARG C 414 21.94 -17.11 -45.72
C ARG C 414 21.63 -16.36 -47.01
N LEU C 415 21.35 -17.10 -48.08
CA LEU C 415 20.94 -16.48 -49.34
C LEU C 415 19.50 -15.98 -49.32
N ASP C 416 18.64 -16.46 -48.42
CA ASP C 416 17.30 -15.89 -48.33
C ASP C 416 17.40 -14.56 -47.58
N ARG C 417 18.29 -14.48 -46.60
CA ARG C 417 18.57 -13.24 -45.89
C ARG C 417 19.15 -12.19 -46.85
N ARG C 418 20.08 -12.62 -47.70
CA ARG C 418 20.66 -11.73 -48.70
C ARG C 418 19.60 -11.21 -49.66
N ILE C 419 18.87 -12.14 -50.28
CA ILE C 419 17.86 -11.80 -51.25
C ILE C 419 16.86 -10.81 -50.64
N ILE C 420 16.44 -11.06 -49.39
CA ILE C 420 15.38 -10.27 -48.75
C ILE C 420 15.83 -8.82 -48.52
N GLN C 421 17.05 -8.63 -48.03
CA GLN C 421 17.55 -7.26 -47.86
C GLN C 421 17.71 -6.55 -49.20
N LEU C 422 18.03 -7.28 -50.26
CA LEU C 422 18.07 -6.70 -51.60
C LEU C 422 16.68 -6.51 -52.23
N LYS C 423 15.66 -7.22 -51.74
CA LYS C 423 14.30 -6.99 -52.20
C LYS C 423 13.79 -5.67 -51.66
N LEU C 424 14.10 -5.38 -50.40
CA LEU C 424 13.72 -4.10 -49.80
C LEU C 424 14.52 -2.90 -50.34
N GLU C 425 15.85 -3.02 -50.42
CA GLU C 425 16.65 -1.98 -51.07
C GLU C 425 16.12 -1.73 -52.47
N GLN C 426 15.84 -2.80 -53.19
CA GLN C 426 15.45 -2.67 -54.57
C GLN C 426 14.09 -2.00 -54.70
N GLN C 427 13.17 -2.24 -53.78
CA GLN C 427 11.92 -1.50 -53.83
C GLN C 427 12.11 -0.04 -53.40
N ALA C 428 13.13 0.24 -52.59
CA ALA C 428 13.47 1.62 -52.23
C ALA C 428 14.08 2.36 -53.40
N LEU C 429 15.10 1.74 -53.98
CA LEU C 429 15.78 2.21 -55.17
C LEU C 429 14.82 2.19 -56.39
N MSE C 430 13.63 1.61 -56.20
CA MSE C 430 12.55 1.65 -57.20
C MSE C 430 11.63 2.87 -57.08
N LYS C 431 11.74 3.64 -55.99
CA LYS C 431 10.85 4.77 -55.75
C LYS C 431 11.55 6.08 -56.10
N ARG C 440 22.51 1.62 -60.81
CA ARG C 440 22.61 0.82 -59.59
C ARG C 440 21.36 -0.03 -59.43
N LEU C 441 20.22 0.52 -59.80
CA LEU C 441 18.95 -0.19 -59.73
C LEU C 441 19.03 -1.47 -60.54
N ASP C 442 19.11 -1.30 -61.85
CA ASP C 442 19.06 -2.42 -62.79
C ASP C 442 20.24 -3.37 -62.53
N MSE C 443 21.37 -2.79 -62.14
CA MSE C 443 22.57 -3.58 -61.83
C MSE C 443 22.31 -4.50 -60.65
N LEU C 444 21.88 -3.92 -59.55
CA LEU C 444 21.50 -4.66 -58.37
C LEU C 444 20.40 -5.67 -58.72
N ASN C 445 19.61 -5.34 -59.74
CA ASN C 445 18.56 -6.22 -60.24
C ASN C 445 19.14 -7.48 -60.91
N GLU C 446 20.25 -7.31 -61.63
CA GLU C 446 20.95 -8.44 -62.22
C GLU C 446 21.53 -9.36 -61.16
N GLU C 447 22.27 -8.78 -60.21
CA GLU C 447 22.78 -9.52 -59.06
C GLU C 447 21.64 -10.32 -58.43
N LEU C 448 20.48 -9.68 -58.31
CA LEU C 448 19.31 -10.32 -57.73
C LEU C 448 18.89 -11.60 -58.45
N SER C 449 18.58 -11.52 -59.75
CA SER C 449 18.15 -12.73 -60.46
C SER C 449 19.19 -13.84 -60.41
N ASP C 450 20.44 -13.52 -60.67
CA ASP C 450 21.49 -14.54 -60.64
C ASP C 450 21.70 -15.10 -59.23
N LYS C 451 21.25 -14.37 -58.21
CA LYS C 451 21.23 -14.92 -56.85
C LYS C 451 19.93 -15.64 -56.45
N GLU C 452 18.87 -15.48 -57.24
CA GLU C 452 17.66 -16.29 -57.08
C GLU C 452 17.65 -17.53 -57.98
N ARG C 453 18.61 -17.62 -58.90
CA ARG C 453 18.87 -18.86 -59.60
C ARG C 453 19.72 -19.73 -58.70
N GLN C 454 20.69 -19.11 -58.03
CA GLN C 454 21.44 -19.78 -56.98
C GLN C 454 20.46 -20.40 -56.01
N TYR C 455 19.40 -19.65 -55.70
CA TYR C 455 18.47 -20.05 -54.66
C TYR C 455 17.45 -21.11 -55.06
N SER C 456 16.99 -21.14 -56.31
CA SER C 456 16.12 -22.23 -56.75
C SER C 456 16.94 -23.50 -56.93
N GLU C 457 18.06 -23.39 -57.63
CA GLU C 457 19.00 -24.49 -57.78
C GLU C 457 19.34 -25.08 -56.42
N LEU C 458 19.54 -24.23 -55.43
CA LEU C 458 19.85 -24.72 -54.10
C LEU C 458 18.67 -25.41 -53.47
N GLU C 459 17.51 -24.77 -53.52
CA GLU C 459 16.32 -25.33 -52.88
C GLU C 459 15.98 -26.69 -53.47
N GLU C 460 16.31 -26.87 -54.74
CA GLU C 460 15.97 -28.10 -55.44
C GLU C 460 16.97 -29.18 -55.10
N GLU C 461 18.24 -28.80 -55.04
CA GLU C 461 19.29 -29.72 -54.61
C GLU C 461 18.92 -30.28 -53.24
N TRP C 462 18.48 -29.39 -52.36
CA TRP C 462 18.14 -29.74 -50.99
C TRP C 462 16.94 -30.65 -50.91
N LYS C 463 15.92 -30.39 -51.72
CA LYS C 463 14.78 -31.29 -51.82
C LYS C 463 15.20 -32.66 -52.32
N ALA C 464 16.21 -32.71 -53.19
CA ALA C 464 16.73 -33.96 -53.69
C ALA C 464 17.56 -34.67 -52.63
N GLU C 465 18.20 -33.92 -51.73
CA GLU C 465 18.90 -34.52 -50.59
C GLU C 465 17.88 -35.27 -49.75
N LYS C 466 16.87 -34.52 -49.31
CA LYS C 466 15.81 -35.00 -48.45
C LYS C 466 15.23 -36.29 -49.02
N ALA C 467 14.94 -36.29 -50.32
CA ALA C 467 14.45 -37.48 -51.01
C ALA C 467 15.41 -38.67 -50.96
N SER C 468 16.67 -38.46 -51.32
CA SER C 468 17.67 -39.54 -51.32
C SER C 468 17.79 -40.19 -49.98
N LEU C 469 17.56 -39.41 -48.93
CA LEU C 469 17.52 -39.94 -47.56
C LEU C 469 16.27 -40.79 -47.34
N SER C 470 15.10 -40.23 -47.60
CA SER C 470 13.85 -40.92 -47.29
C SER C 470 13.78 -42.27 -47.96
N GLY C 471 14.34 -42.37 -49.16
CA GLY C 471 14.34 -43.60 -49.92
C GLY C 471 15.20 -44.64 -49.24
N THR C 472 16.34 -44.22 -48.73
CA THR C 472 17.27 -45.12 -48.05
C THR C 472 16.65 -45.60 -46.76
N GLN C 473 15.80 -44.77 -46.15
CA GLN C 473 15.11 -45.20 -44.94
C GLN C 473 13.99 -46.17 -45.23
N THR C 474 13.28 -45.97 -46.33
CA THR C 474 12.20 -46.89 -46.69
C THR C 474 12.80 -48.27 -46.88
N ILE C 475 13.76 -48.40 -47.78
CA ILE C 475 14.40 -49.67 -48.01
C ILE C 475 15.02 -50.23 -46.73
N LYS C 476 15.65 -49.39 -45.92
CA LYS C 476 16.22 -49.88 -44.66
C LYS C 476 15.12 -50.64 -43.89
N ALA C 477 13.95 -50.02 -43.79
CA ALA C 477 12.84 -50.59 -43.03
C ALA C 477 12.35 -51.90 -43.63
N GLU C 478 12.05 -51.88 -44.93
CA GLU C 478 11.47 -53.02 -45.63
C GLU C 478 12.37 -54.23 -45.48
N LEU C 479 13.68 -54.00 -45.59
CA LEU C 479 14.63 -55.05 -45.33
C LEU C 479 14.41 -55.61 -43.93
N GLU C 480 14.45 -54.77 -42.90
CA GLU C 480 14.25 -55.27 -41.53
C GLU C 480 12.95 -56.05 -41.30
N GLN C 481 11.84 -55.61 -41.89
CA GLN C 481 10.56 -56.30 -41.70
C GLN C 481 10.56 -57.62 -42.43
N ALA C 482 11.32 -57.68 -43.52
CA ALA C 482 11.43 -58.92 -44.27
C ALA C 482 12.28 -59.94 -43.48
N LYS C 483 13.38 -59.51 -42.90
CA LYS C 483 14.22 -60.41 -42.11
C LYS C 483 13.42 -60.93 -40.93
N ILE C 484 12.63 -60.04 -40.34
CA ILE C 484 11.68 -60.44 -39.30
C ILE C 484 10.80 -61.53 -39.87
N ALA C 485 10.28 -61.36 -41.09
CA ALA C 485 9.41 -62.38 -41.72
C ALA C 485 10.04 -63.77 -41.84
N ILE C 486 11.22 -63.89 -42.44
CA ILE C 486 11.81 -65.24 -42.58
C ILE C 486 12.25 -65.87 -41.25
N GLU C 487 12.59 -65.04 -40.26
CA GLU C 487 12.75 -65.55 -38.90
C GLU C 487 11.39 -65.83 -38.27
N GLN C 488 10.35 -65.20 -38.80
CA GLN C 488 9.00 -65.41 -38.31
C GLN C 488 8.45 -66.76 -38.70
N ALA C 489 8.65 -67.18 -39.96
CA ALA C 489 8.42 -68.59 -40.27
C ALA C 489 9.69 -69.33 -40.73
N ARG C 490 10.41 -69.83 -39.73
CA ARG C 490 10.98 -71.17 -39.71
C ARG C 490 9.95 -71.96 -38.90
N ARG C 491 8.97 -71.24 -38.36
CA ARG C 491 7.82 -71.75 -37.66
C ARG C 491 6.59 -71.79 -38.58
N MSE C 498 7.35 -69.26 -47.54
CA MSE C 498 8.18 -68.24 -48.16
C MSE C 498 9.58 -68.85 -48.44
N SER C 499 9.70 -69.45 -49.64
CA SER C 499 10.82 -70.31 -50.06
C SER C 499 12.08 -69.59 -50.59
N GLU C 500 13.01 -70.32 -51.23
CA GLU C 500 14.38 -69.87 -51.52
C GLU C 500 14.60 -68.44 -52.07
N LEU C 501 13.78 -67.96 -53.01
CA LEU C 501 13.83 -66.55 -53.38
C LEU C 501 12.73 -65.68 -52.71
N GLN C 502 11.93 -66.29 -51.83
CA GLN C 502 11.23 -65.53 -50.79
C GLN C 502 12.10 -65.33 -49.51
N TYR C 503 12.88 -66.34 -49.16
CA TYR C 503 14.13 -66.14 -48.45
C TYR C 503 14.86 -65.11 -49.27
N GLY C 504 14.67 -65.21 -50.58
CA GLY C 504 15.07 -64.19 -51.52
C GLY C 504 14.18 -62.98 -51.30
N LYS C 505 14.02 -62.10 -52.30
CA LYS C 505 13.59 -60.74 -51.94
C LYS C 505 14.71 -60.14 -51.09
N ILE C 506 14.74 -60.48 -49.81
CA ILE C 506 15.80 -60.05 -48.89
C ILE C 506 17.22 -59.88 -49.55
N PRO C 507 17.67 -60.75 -50.50
CA PRO C 507 18.95 -60.52 -51.19
C PRO C 507 18.87 -59.41 -52.26
N GLU C 508 17.67 -59.09 -52.75
CA GLU C 508 17.49 -57.88 -53.57
C GLU C 508 17.40 -56.61 -52.73
N LEU C 509 16.55 -56.60 -51.70
CA LEU C 509 16.38 -55.40 -50.89
C LEU C 509 17.71 -55.17 -50.18
N GLU C 510 18.54 -56.21 -50.19
CA GLU C 510 19.93 -56.09 -49.74
C GLU C 510 20.72 -55.25 -50.75
N LYS C 511 20.54 -55.52 -52.05
CA LYS C 511 21.19 -54.70 -53.08
C LYS C 511 20.56 -53.33 -53.29
N GLN C 512 19.25 -53.20 -53.06
CA GLN C 512 18.60 -51.89 -53.11
C GLN C 512 19.18 -50.98 -52.02
N LEU C 513 19.34 -51.48 -50.80
CA LEU C 513 19.97 -50.70 -49.74
C LEU C 513 21.45 -50.50 -50.01
N GLU C 514 22.07 -51.48 -50.67
CA GLU C 514 23.42 -51.33 -51.16
C GLU C 514 23.43 -50.16 -52.13
N ALA C 515 22.37 -50.07 -52.93
CA ALA C 515 22.29 -49.07 -53.99
C ALA C 515 22.05 -47.67 -53.45
N ALA C 516 21.28 -47.57 -52.37
CA ALA C 516 20.92 -46.26 -51.84
C ALA C 516 22.10 -45.55 -51.19
N THR C 517 22.79 -46.20 -50.26
CA THR C 517 24.02 -45.63 -49.68
C THR C 517 25.11 -45.46 -50.75
N GLN C 518 25.12 -46.36 -51.72
CA GLN C 518 26.03 -46.25 -52.86
C GLN C 518 25.78 -44.93 -53.58
N LEU C 519 24.49 -44.61 -53.72
CA LEU C 519 24.05 -43.38 -54.35
C LEU C 519 24.29 -42.21 -53.40
N GLU C 520 24.04 -42.45 -52.12
CA GLU C 520 23.97 -41.41 -51.10
C GLU C 520 25.33 -40.75 -50.95
N GLY C 521 26.39 -41.56 -51.06
CA GLY C 521 27.74 -41.05 -51.01
C GLY C 521 28.01 -40.09 -52.15
N LYS C 522 27.46 -40.40 -53.33
CA LYS C 522 27.64 -39.54 -54.49
C LYS C 522 26.85 -38.22 -54.35
N THR C 523 25.56 -38.33 -54.13
CA THR C 523 24.66 -37.17 -54.08
C THR C 523 24.94 -36.19 -52.93
N MSE C 524 25.28 -36.70 -51.75
CA MSE C 524 25.08 -35.94 -50.49
C MSE C 524 26.09 -34.86 -50.09
N ARG C 525 17.33 -31.97 -58.87
CA ARG C 525 17.97 -30.65 -58.77
C ARG C 525 16.77 -29.73 -58.99
N LEU C 526 16.86 -28.45 -58.67
CA LEU C 526 15.72 -27.47 -58.71
C LEU C 526 14.78 -27.54 -57.51
N LEU C 527 14.78 -28.64 -56.78
CA LEU C 527 14.04 -28.74 -55.53
C LEU C 527 14.96 -29.43 -54.56
N ARG C 528 15.36 -28.76 -53.48
CA ARG C 528 16.17 -29.42 -52.49
C ARG C 528 15.30 -29.93 -51.35
N ASN C 529 15.40 -31.23 -51.17
CA ASN C 529 14.49 -32.00 -50.36
C ASN C 529 14.96 -32.19 -48.93
N LYS C 530 16.23 -31.88 -48.65
CA LYS C 530 16.85 -32.29 -47.40
C LYS C 530 16.85 -31.21 -46.34
N VAL C 531 16.66 -31.63 -45.10
CA VAL C 531 16.89 -30.79 -43.94
C VAL C 531 18.21 -31.25 -43.40
N THR C 532 19.23 -30.43 -43.55
CA THR C 532 20.59 -30.84 -43.27
C THR C 532 21.30 -29.83 -42.44
N ASP C 533 22.00 -30.27 -41.39
CA ASP C 533 23.23 -29.63 -40.96
C ASP C 533 23.03 -28.10 -40.84
N ALA C 534 23.61 -27.36 -41.79
CA ALA C 534 23.41 -25.91 -41.91
C ALA C 534 21.96 -25.41 -41.87
N GLU C 535 21.01 -26.20 -42.34
CA GLU C 535 19.59 -25.84 -42.25
C GLU C 535 19.09 -25.72 -40.81
N ILE C 536 19.61 -26.57 -39.94
CA ILE C 536 19.35 -26.49 -38.51
C ILE C 536 20.03 -25.22 -37.99
N ALA C 537 21.21 -24.94 -38.54
CA ALA C 537 22.02 -23.81 -38.12
C ALA C 537 21.36 -22.47 -38.44
N GLU C 538 20.62 -22.42 -39.54
CA GLU C 538 19.90 -21.23 -39.93
C GLU C 538 18.84 -20.91 -38.90
N VAL C 539 18.01 -21.89 -38.60
CA VAL C 539 16.93 -21.71 -37.66
C VAL C 539 17.50 -21.18 -36.35
N LEU C 540 18.58 -21.77 -35.88
CA LEU C 540 19.19 -21.31 -34.63
C LEU C 540 19.93 -19.97 -34.79
N ALA C 541 20.27 -19.58 -36.03
CA ALA C 541 20.78 -18.23 -36.29
C ALA C 541 19.69 -17.21 -36.09
N ARG C 542 18.45 -17.58 -36.38
CA ARG C 542 17.34 -16.68 -36.14
C ARG C 542 16.94 -16.57 -34.69
N TRP C 543 16.90 -17.71 -33.98
CA TRP C 543 16.57 -17.66 -32.57
C TRP C 543 17.64 -16.92 -31.80
N THR C 544 18.89 -17.15 -32.16
CA THR C 544 20.01 -16.51 -31.51
C THR C 544 20.41 -15.12 -32.06
N GLY C 545 20.48 -15.02 -33.38
CA GLY C 545 21.13 -13.89 -34.01
C GLY C 545 22.65 -14.01 -33.92
N ILE C 546 23.18 -15.16 -34.35
CA ILE C 546 24.61 -15.38 -34.48
C ILE C 546 24.84 -15.45 -36.00
N PRO C 547 26.04 -15.09 -36.48
CA PRO C 547 26.21 -14.95 -37.94
C PRO C 547 26.33 -16.25 -38.75
N VAL C 548 26.81 -17.33 -38.13
CA VAL C 548 26.67 -18.71 -38.61
C VAL C 548 27.23 -19.22 -39.96
N SER C 549 28.48 -18.94 -40.37
CA SER C 549 29.56 -18.18 -39.72
C SER C 549 29.99 -18.62 -38.29
N ARG C 550 30.21 -17.65 -37.39
CA ARG C 550 30.96 -17.88 -36.15
C ARG C 550 30.49 -19.10 -35.39
N MSE C 551 29.22 -19.44 -35.58
CA MSE C 551 28.65 -20.64 -35.01
C MSE C 551 29.24 -21.93 -35.60
N MSE C 552 29.36 -21.98 -36.94
CA MSE C 552 29.82 -23.21 -37.63
C MSE C 552 31.25 -23.35 -38.20
N GLU C 553 16.17 -6.42 -41.06
CA GLU C 553 17.26 -6.91 -41.92
C GLU C 553 18.08 -7.82 -41.05
N SER C 554 18.32 -9.08 -41.44
CA SER C 554 19.11 -9.89 -40.52
C SER C 554 20.56 -9.79 -40.90
N GLU C 555 21.21 -8.78 -40.34
CA GLU C 555 22.44 -8.81 -39.54
C GLU C 555 23.66 -9.64 -39.93
N ARG C 556 23.50 -10.63 -40.81
CA ARG C 556 24.56 -11.53 -41.11
C ARG C 556 25.44 -10.86 -42.15
N GLU C 557 24.80 -10.21 -43.11
CA GLU C 557 25.55 -9.42 -44.07
C GLU C 557 26.04 -8.15 -43.38
N LYS C 558 25.19 -7.58 -42.53
CA LYS C 558 25.56 -6.43 -41.72
C LYS C 558 26.88 -6.70 -40.98
N LEU C 559 26.88 -7.68 -40.07
CA LEU C 559 28.07 -8.05 -39.30
C LEU C 559 29.33 -8.32 -40.15
N LEU C 560 29.16 -8.92 -41.32
CA LEU C 560 30.33 -9.24 -42.15
C LEU C 560 30.84 -8.00 -42.86
N ARG C 561 29.98 -6.99 -42.98
CA ARG C 561 30.35 -5.65 -43.47
C ARG C 561 30.87 -4.71 -42.36
N MSE C 562 30.90 -5.19 -41.13
CA MSE C 562 30.97 -4.34 -39.94
C MSE C 562 32.11 -3.32 -39.83
N GLU C 563 33.28 -3.62 -40.36
CA GLU C 563 34.41 -2.69 -40.22
C GLU C 563 34.25 -1.51 -41.19
N GLN C 564 33.74 -1.77 -42.39
CA GLN C 564 33.57 -0.73 -43.39
C GLN C 564 32.45 0.15 -42.91
N GLU C 565 31.41 -0.49 -42.37
CA GLU C 565 30.27 0.20 -41.78
C GLU C 565 30.69 1.16 -40.70
N LEU C 566 31.41 0.63 -39.73
CA LEU C 566 31.85 1.43 -38.60
C LEU C 566 32.79 2.51 -39.11
N HIS C 567 33.45 2.24 -40.22
CA HIS C 567 34.38 3.21 -40.80
C HIS C 567 33.73 4.39 -41.51
N HIS C 568 32.42 4.36 -41.74
CA HIS C 568 31.76 5.51 -42.33
C HIS C 568 31.78 6.64 -41.33
N ARG C 569 31.60 6.33 -40.06
CA ARG C 569 31.74 7.34 -39.01
C ARG C 569 33.10 7.45 -38.34
N VAL C 570 33.91 6.40 -38.40
CA VAL C 570 35.17 6.40 -37.65
C VAL C 570 36.36 6.42 -38.60
N ILE C 571 37.04 7.56 -38.62
CA ILE C 571 38.22 7.75 -39.45
C ILE C 571 39.48 7.20 -38.80
N GLY C 572 40.12 6.25 -39.45
CA GLY C 572 41.32 5.66 -38.88
C GLY C 572 40.96 4.79 -37.70
N GLN C 573 41.93 4.59 -36.82
CA GLN C 573 41.84 3.68 -35.69
C GLN C 573 41.41 2.30 -36.14
N ASN C 574 42.25 1.65 -36.93
CA ASN C 574 41.88 0.36 -37.51
C ASN C 574 42.07 -0.81 -36.56
N GLU C 575 43.12 -0.79 -35.74
CA GLU C 575 43.32 -1.83 -34.73
C GLU C 575 42.06 -1.85 -33.85
N ALA C 576 41.49 -0.67 -33.62
CA ALA C 576 40.30 -0.55 -32.78
C ALA C 576 39.06 -1.11 -33.42
N VAL C 577 38.74 -0.67 -34.62
CA VAL C 577 37.55 -1.15 -35.33
C VAL C 577 37.59 -2.67 -35.50
N ASP C 578 38.73 -3.19 -35.97
CA ASP C 578 38.95 -4.63 -36.08
C ASP C 578 38.67 -5.35 -34.78
N ALA C 579 39.34 -4.96 -33.69
CA ALA C 579 39.17 -5.64 -32.41
C ALA C 579 37.71 -5.66 -31.95
N VAL C 580 37.03 -4.54 -32.09
CA VAL C 580 35.64 -4.42 -31.70
C VAL C 580 34.80 -5.38 -32.53
N SER C 581 35.10 -5.43 -33.81
CA SER C 581 34.28 -6.17 -34.75
C SER C 581 34.43 -7.68 -34.61
N ASN C 582 35.65 -8.12 -34.37
CA ASN C 582 35.90 -9.51 -34.17
C ASN C 582 35.36 -9.95 -32.81
N ALA C 583 35.57 -9.17 -31.76
CA ALA C 583 35.00 -9.49 -30.46
C ALA C 583 33.48 -9.57 -30.47
N ILE C 584 32.82 -8.79 -31.31
CA ILE C 584 31.36 -8.92 -31.43
C ILE C 584 30.90 -10.05 -32.36
N ARG C 585 31.65 -10.33 -33.43
CA ARG C 585 31.24 -11.38 -34.36
C ARG C 585 31.42 -12.73 -33.70
N ARG C 586 32.45 -12.85 -32.88
CA ARG C 586 32.70 -14.02 -32.07
C ARG C 586 31.48 -14.27 -31.26
N SER C 587 31.04 -13.22 -30.58
CA SER C 587 29.91 -13.30 -29.67
C SER C 587 28.65 -13.74 -30.39
N ARG C 588 28.44 -13.22 -31.60
CA ARG C 588 27.23 -13.50 -32.35
C ARG C 588 27.21 -14.81 -33.12
N ALA C 589 28.38 -15.36 -33.39
CA ALA C 589 28.44 -16.68 -34.01
C ALA C 589 28.13 -17.74 -32.96
N GLY C 590 28.17 -17.36 -31.68
CA GLY C 590 27.85 -18.26 -30.60
C GLY C 590 29.10 -18.85 -29.99
N LEU C 591 30.26 -18.27 -30.31
CA LEU C 591 31.54 -18.78 -29.85
C LEU C 591 31.93 -18.18 -28.49
N ALA C 592 30.99 -17.47 -27.87
CA ALA C 592 31.26 -16.77 -26.62
C ALA C 592 30.41 -17.31 -25.47
N ASP C 593 30.94 -17.17 -24.26
CA ASP C 593 30.22 -17.48 -23.03
C ASP C 593 28.86 -16.76 -23.02
N PRO C 594 27.75 -17.51 -22.89
CA PRO C 594 26.40 -16.94 -23.01
C PRO C 594 26.00 -16.01 -21.88
N ASN C 595 26.65 -16.12 -20.72
CA ASN C 595 26.26 -15.35 -19.55
C ASN C 595 26.78 -13.91 -19.60
N ARG C 596 28.02 -13.73 -20.04
CA ARG C 596 28.70 -12.44 -20.07
C ARG C 596 27.99 -11.45 -21.05
N PRO C 597 28.33 -10.14 -21.01
CA PRO C 597 27.65 -9.27 -21.99
C PRO C 597 28.15 -9.50 -23.43
N ILE C 598 27.68 -8.73 -24.42
CA ILE C 598 28.00 -9.02 -25.83
C ILE C 598 29.46 -8.75 -26.16
N GLY C 599 30.00 -7.73 -25.54
CA GLY C 599 31.39 -7.37 -25.72
C GLY C 599 31.79 -6.52 -24.54
N SER C 600 33.07 -6.49 -24.27
CA SER C 600 33.62 -5.65 -23.22
C SER C 600 35.00 -5.21 -23.68
N PHE C 601 35.28 -3.92 -23.56
CA PHE C 601 36.51 -3.38 -24.14
C PHE C 601 37.15 -2.35 -23.24
N LEU C 602 38.47 -2.39 -23.17
CA LEU C 602 39.21 -1.29 -22.55
C LEU C 602 39.85 -0.45 -23.64
N PHE C 603 39.35 0.78 -23.80
CA PHE C 603 39.90 1.71 -24.77
C PHE C 603 40.99 2.52 -24.10
N LEU C 604 42.25 2.29 -24.48
CA LEU C 604 43.37 3.10 -24.03
C LEU C 604 43.87 3.97 -25.18
N GLY C 605 44.38 5.16 -24.84
CA GLY C 605 44.81 6.11 -25.86
C GLY C 605 44.65 7.56 -25.43
N PRO C 606 45.08 8.49 -26.32
CA PRO C 606 44.85 9.93 -26.12
C PRO C 606 43.39 10.29 -26.14
N THR C 607 43.10 11.58 -26.05
CA THR C 607 41.74 12.09 -26.05
C THR C 607 41.46 12.89 -27.32
N GLY C 608 40.35 12.59 -27.96
CA GLY C 608 39.92 13.23 -29.19
C GLY C 608 40.42 12.50 -30.42
N VAL C 609 40.71 11.21 -30.28
CA VAL C 609 41.12 10.39 -31.42
C VAL C 609 40.04 9.45 -31.97
N GLY C 610 38.82 9.54 -31.44
CA GLY C 610 37.73 8.67 -31.86
C GLY C 610 37.27 7.59 -30.89
N LYS C 611 37.71 7.63 -29.63
CA LYS C 611 37.18 6.71 -28.62
C LYS C 611 35.65 6.83 -28.52
N THR C 612 35.14 8.01 -28.22
CA THR C 612 33.70 8.12 -28.07
C THR C 612 33.04 8.06 -29.44
N GLU C 613 33.72 8.47 -30.49
CA GLU C 613 33.10 8.39 -31.80
C GLU C 613 32.85 6.92 -32.17
N LEU C 614 33.77 6.04 -31.78
CA LEU C 614 33.57 4.61 -32.03
C LEU C 614 32.48 4.07 -31.10
N CYS C 615 32.38 4.61 -29.89
CA CYS C 615 31.27 4.25 -29.01
C CYS C 615 29.91 4.56 -29.61
N LYS C 616 29.66 5.79 -30.02
CA LYS C 616 28.39 6.17 -30.64
C LYS C 616 28.22 5.39 -31.96
N ALA C 617 29.31 5.18 -32.68
CA ALA C 617 29.25 4.56 -34.00
C ALA C 617 28.77 3.14 -33.87
N LEU C 618 29.18 2.51 -32.78
CA LEU C 618 28.88 1.12 -32.47
C LEU C 618 27.45 0.99 -31.95
N ALA C 619 27.12 1.87 -31.01
CA ALA C 619 25.79 1.98 -30.44
C ALA C 619 24.80 2.12 -31.57
N ASN C 620 25.19 2.83 -32.62
CA ASN C 620 24.31 3.02 -33.76
C ASN C 620 24.23 1.76 -34.58
N PHE C 621 25.39 1.19 -34.88
CA PHE C 621 25.49 0.02 -35.75
C PHE C 621 24.64 -1.17 -35.31
N MSE C 622 24.50 -1.36 -33.99
CA MSE C 622 23.70 -2.48 -33.49
C MSE C 622 22.32 -2.07 -33.05
N PHE C 623 22.29 -1.16 -32.08
CA PHE C 623 21.08 -0.81 -31.37
C PHE C 623 20.31 0.30 -32.10
N ASP C 624 20.70 0.59 -33.34
CA ASP C 624 19.85 1.34 -34.24
C ASP C 624 19.92 2.85 -33.96
N SER C 625 20.72 3.25 -32.97
CA SER C 625 20.74 4.64 -32.52
C SER C 625 22.06 5.07 -31.86
N ASP C 626 22.33 6.37 -31.85
CA ASP C 626 23.36 6.91 -30.97
C ASP C 626 22.81 7.07 -29.57
N GLU C 627 21.49 7.27 -29.42
CA GLU C 627 20.89 7.34 -28.09
C GLU C 627 20.88 5.98 -27.42
N ALA C 628 21.27 4.94 -28.14
CA ALA C 628 21.31 3.62 -27.58
C ALA C 628 22.15 3.49 -26.31
N MSE C 629 23.01 4.46 -26.00
CA MSE C 629 23.97 4.24 -24.91
C MSE C 629 23.57 4.73 -23.50
N VAL C 630 24.45 4.41 -22.55
CA VAL C 630 24.40 4.87 -21.18
C VAL C 630 25.80 5.36 -20.87
N ARG C 631 25.93 6.59 -20.39
CA ARG C 631 27.25 7.13 -20.05
C ARG C 631 27.40 7.51 -18.60
N ILE C 632 28.33 6.84 -17.93
CA ILE C 632 28.70 7.17 -16.58
C ILE C 632 30.14 7.66 -16.55
N ASP C 633 30.39 8.71 -15.78
CA ASP C 633 31.71 9.33 -15.74
C ASP C 633 32.33 8.89 -14.44
N MSE C 634 33.38 8.09 -14.52
CA MSE C 634 33.97 7.54 -13.31
C MSE C 634 34.86 8.53 -12.58
N SER C 635 35.08 9.70 -13.19
CA SER C 635 35.70 10.79 -12.47
C SER C 635 34.87 11.18 -11.25
N GLU C 636 33.55 10.97 -11.32
CA GLU C 636 32.67 11.24 -10.17
C GLU C 636 32.29 10.01 -9.31
N PHE C 637 32.85 8.84 -9.61
CA PHE C 637 32.70 7.63 -8.77
C PHE C 637 33.85 7.21 -7.83
N MSE C 638 34.81 8.10 -7.64
CA MSE C 638 36.09 7.76 -7.03
C MSE C 638 35.99 7.46 -5.52
N GLU C 639 35.04 8.11 -4.85
CA GLU C 639 34.93 8.02 -3.39
C GLU C 639 34.32 6.70 -2.91
N LYS C 640 34.23 6.55 -1.59
CA LYS C 640 33.89 5.27 -0.95
C LYS C 640 32.41 4.96 -1.03
N HIS C 641 31.60 6.01 -1.01
CA HIS C 641 30.14 5.87 -1.02
C HIS C 641 29.61 5.64 -2.44
N SER C 642 30.50 5.70 -3.42
CA SER C 642 30.13 5.73 -4.83
C SER C 642 29.20 4.61 -5.29
N VAL C 643 29.49 3.38 -4.87
CA VAL C 643 28.69 2.22 -5.27
C VAL C 643 27.22 2.39 -4.88
N SER C 644 26.95 3.13 -3.82
CA SER C 644 25.57 3.43 -3.43
C SER C 644 24.84 4.14 -4.56
N ARG C 645 25.47 5.18 -5.09
CA ARG C 645 24.88 5.94 -6.19
C ARG C 645 24.91 5.14 -7.47
N LEU C 646 25.84 4.18 -7.55
CA LEU C 646 26.03 3.35 -8.73
C LEU C 646 25.01 2.22 -8.90
N VAL C 647 24.99 1.28 -7.95
CA VAL C 647 24.05 0.16 -7.99
C VAL C 647 22.78 0.39 -7.14
N GLY C 648 22.79 1.42 -6.31
CA GLY C 648 21.71 1.68 -5.38
C GLY C 648 22.06 1.19 -3.98
N ALA C 649 21.55 1.89 -2.97
CA ALA C 649 21.87 1.59 -1.57
C ALA C 649 20.81 0.71 -0.93
N GLY C 659 17.68 4.05 -6.08
CA GLY C 659 18.52 3.09 -6.76
C GLY C 659 19.76 3.75 -7.34
N GLY C 660 20.58 2.95 -8.02
CA GLY C 660 21.79 3.45 -8.63
C GLY C 660 21.63 3.78 -10.11
N TYR C 661 22.44 4.70 -10.61
CA TYR C 661 22.30 5.17 -11.99
C TYR C 661 22.39 4.02 -12.98
N LEU C 662 23.46 3.24 -12.88
CA LEU C 662 23.70 2.13 -13.80
C LEU C 662 22.58 1.09 -13.83
N THR C 663 22.20 0.55 -12.67
CA THR C 663 21.21 -0.52 -12.65
C THR C 663 19.87 -0.07 -13.23
N GLU C 664 19.54 1.20 -13.05
CA GLU C 664 18.29 1.75 -13.59
C GLU C 664 18.34 1.84 -15.10
N ALA C 665 19.37 2.52 -15.63
CA ALA C 665 19.52 2.69 -17.06
C ALA C 665 19.46 1.36 -17.80
N VAL C 666 20.31 0.42 -17.37
CA VAL C 666 20.44 -0.85 -18.07
C VAL C 666 19.13 -1.66 -18.00
N ARG C 667 18.28 -1.36 -17.03
CA ARG C 667 16.97 -2.00 -16.96
C ARG C 667 15.94 -1.36 -17.89
N ARG C 668 15.97 -0.03 -18.02
CA ARG C 668 15.03 0.65 -18.92
C ARG C 668 15.41 0.43 -20.38
N ARG C 669 16.70 0.54 -20.69
CA ARG C 669 17.20 0.33 -22.05
C ARG C 669 18.17 -0.84 -22.05
N PRO C 670 17.66 -2.08 -22.17
CA PRO C 670 18.50 -3.28 -22.09
C PRO C 670 19.56 -3.29 -23.17
N TYR C 671 19.20 -2.94 -24.41
CA TYR C 671 20.14 -3.00 -25.52
C TYR C 671 20.81 -1.64 -25.60
N SER C 672 22.10 -1.59 -25.28
CA SER C 672 22.77 -0.32 -25.11
C SER C 672 24.25 -0.49 -24.86
N VAL C 673 24.98 0.55 -25.20
CA VAL C 673 26.43 0.58 -25.07
C VAL C 673 26.71 1.34 -23.80
N ILE C 674 27.44 0.71 -22.90
CA ILE C 674 27.70 1.29 -21.60
C ILE C 674 29.12 1.79 -21.60
N LEU C 675 29.24 3.11 -21.53
CA LEU C 675 30.52 3.78 -21.67
C LEU C 675 30.91 4.36 -20.34
N LEU C 676 31.97 3.83 -19.75
CA LEU C 676 32.47 4.29 -18.46
C LEU C 676 33.81 5.02 -18.69
N ASP C 677 33.81 6.34 -18.50
CA ASP C 677 34.97 7.15 -18.84
C ASP C 677 36.02 7.23 -17.71
N GLU C 678 37.28 6.97 -18.07
CA GLU C 678 38.38 6.95 -17.11
C GLU C 678 38.08 6.12 -15.86
N VAL C 679 38.02 4.79 -16.01
CA VAL C 679 37.74 3.93 -14.86
C VAL C 679 38.91 3.84 -13.88
N GLU C 680 40.11 4.19 -14.31
CA GLU C 680 41.26 4.21 -13.40
C GLU C 680 40.89 4.99 -12.15
N LYS C 681 40.13 6.06 -12.34
CA LYS C 681 39.79 7.00 -11.28
C LYS C 681 38.77 6.39 -10.30
N ALA C 682 38.15 5.28 -10.69
CA ALA C 682 37.03 4.69 -9.96
C ALA C 682 37.45 4.04 -8.66
N HIS C 683 36.47 3.82 -7.78
CA HIS C 683 36.72 3.25 -6.47
C HIS C 683 36.87 1.72 -6.58
N PRO C 684 37.61 1.09 -5.64
CA PRO C 684 37.76 -0.37 -5.70
C PRO C 684 36.46 -1.20 -5.67
N ASP C 685 35.54 -0.92 -4.74
CA ASP C 685 34.20 -1.50 -4.80
C ASP C 685 33.58 -1.38 -6.20
N VAL C 686 33.72 -0.23 -6.84
CA VAL C 686 33.14 -0.04 -8.18
C VAL C 686 33.74 -1.08 -9.11
N PHE C 687 35.06 -1.07 -9.19
CA PHE C 687 35.86 -1.99 -9.99
C PHE C 687 35.39 -3.44 -9.77
N ASN C 688 34.93 -3.75 -8.56
CA ASN C 688 34.31 -5.07 -8.28
C ASN C 688 32.92 -5.28 -8.89
N ILE C 689 32.06 -4.26 -8.87
CA ILE C 689 30.76 -4.36 -9.54
C ILE C 689 30.93 -4.57 -11.04
N LEU C 690 31.95 -3.93 -11.61
CA LEU C 690 32.29 -4.13 -13.01
C LEU C 690 32.70 -5.58 -13.25
N LEU C 691 33.55 -6.13 -12.39
CA LEU C 691 33.82 -7.55 -12.50
C LEU C 691 32.52 -8.35 -12.51
N GLN C 692 31.59 -8.01 -11.63
CA GLN C 692 30.34 -8.76 -11.57
C GLN C 692 29.60 -8.78 -12.90
N VAL C 693 29.49 -7.63 -13.56
CA VAL C 693 28.82 -7.61 -14.86
C VAL C 693 29.59 -8.37 -15.94
N LEU C 694 30.87 -8.06 -16.09
CA LEU C 694 31.75 -8.72 -17.05
C LEU C 694 31.71 -10.25 -16.96
N ASP C 695 31.98 -10.79 -15.78
CA ASP C 695 31.99 -12.25 -15.55
C ASP C 695 30.62 -12.90 -15.49
N ASP C 696 29.73 -12.40 -14.64
CA ASP C 696 28.43 -13.03 -14.45
C ASP C 696 27.45 -12.65 -15.55
N GLY C 697 27.45 -11.37 -15.91
CA GLY C 697 26.53 -10.87 -16.92
C GLY C 697 25.23 -10.33 -16.34
N ARG C 698 25.17 -10.20 -15.03
CA ARG C 698 24.02 -9.66 -14.35
C ARG C 698 24.54 -8.92 -13.15
N LEU C 699 23.79 -7.94 -12.67
CA LEU C 699 24.19 -7.22 -11.48
C LEU C 699 23.04 -7.08 -10.49
N THR C 700 23.18 -7.69 -9.31
CA THR C 700 22.18 -7.53 -8.26
C THR C 700 22.28 -6.13 -7.68
N ASP C 701 21.13 -5.49 -7.45
CA ASP C 701 21.11 -4.10 -6.98
C ASP C 701 20.89 -3.91 -5.48
N GLY C 702 20.88 -2.65 -5.06
CA GLY C 702 20.61 -2.30 -3.67
C GLY C 702 19.20 -2.68 -3.25
N GLN C 703 18.35 -3.00 -4.23
CA GLN C 703 17.01 -3.48 -3.97
C GLN C 703 16.86 -5.03 -4.04
N GLY C 704 17.94 -5.74 -4.34
CA GLY C 704 17.92 -7.19 -4.38
C GLY C 704 17.65 -7.83 -5.74
N ARG C 705 17.18 -7.03 -6.69
CA ARG C 705 16.80 -7.54 -8.01
C ARG C 705 18.04 -7.66 -8.86
N THR C 706 18.02 -8.56 -9.84
CA THR C 706 19.14 -8.68 -10.79
C THR C 706 18.81 -7.94 -12.09
N VAL C 707 19.78 -7.16 -12.56
CA VAL C 707 19.65 -6.40 -13.79
C VAL C 707 20.38 -7.16 -14.88
N ASP C 708 19.76 -7.26 -16.05
CA ASP C 708 20.32 -8.05 -17.13
C ASP C 708 21.15 -7.22 -18.10
N PHE C 709 22.45 -7.48 -18.10
CA PHE C 709 23.40 -6.85 -19.02
C PHE C 709 23.69 -7.72 -20.23
N ARG C 710 22.98 -8.84 -20.36
CA ARG C 710 23.32 -9.85 -21.37
C ARG C 710 23.36 -9.28 -22.80
N ASN C 711 22.53 -8.26 -23.08
CA ASN C 711 22.70 -7.50 -24.32
C ASN C 711 23.21 -6.11 -24.04
N THR C 712 24.52 -5.93 -24.09
CA THR C 712 25.14 -4.61 -24.02
C THR C 712 26.56 -4.76 -24.52
N VAL C 713 27.18 -3.65 -24.88
CA VAL C 713 28.63 -3.63 -25.02
C VAL C 713 29.17 -2.71 -23.97
N VAL C 714 29.95 -3.27 -23.06
CA VAL C 714 30.49 -2.46 -21.98
C VAL C 714 31.85 -1.94 -22.42
N ILE C 715 32.08 -0.66 -22.17
CA ILE C 715 33.29 -0.01 -22.68
C ILE C 715 33.95 0.85 -21.60
N MSE C 716 35.16 0.46 -21.24
CA MSE C 716 35.97 1.20 -20.30
C MSE C 716 36.80 2.16 -21.14
N THR C 717 36.82 3.45 -20.84
CA THR C 717 37.87 4.31 -21.42
C THR C 717 38.80 4.78 -20.31
N SER C 718 40.06 4.94 -20.67
CA SER C 718 41.06 5.42 -19.73
C SER C 718 42.22 6.04 -20.51
N ASN C 719 42.82 7.10 -19.97
CA ASN C 719 43.96 7.77 -20.63
C ASN C 719 45.34 7.32 -20.15
N LEU C 720 45.37 6.26 -19.33
CA LEU C 720 46.59 5.82 -18.66
C LEU C 720 47.81 5.62 -19.56
N GLY C 721 47.65 4.90 -20.67
CA GLY C 721 48.76 4.69 -21.57
C GLY C 721 49.08 5.90 -22.45
N SER C 722 48.16 6.86 -22.52
CA SER C 722 48.28 7.99 -23.44
C SER C 722 49.63 8.68 -23.35
N ASP C 723 50.25 8.59 -22.18
CA ASP C 723 51.62 9.05 -21.98
C ASP C 723 52.55 8.36 -22.98
N LEU C 724 52.73 7.05 -22.81
CA LEU C 724 53.63 6.27 -23.64
C LEU C 724 53.02 5.99 -25.01
N ILE C 725 51.70 6.17 -25.15
CA ILE C 725 51.04 5.79 -26.39
C ILE C 725 51.16 6.85 -27.47
N GLN C 726 51.02 8.10 -27.07
CA GLN C 726 51.18 9.20 -27.99
C GLN C 726 52.63 9.26 -28.44
N GLU C 727 53.52 9.01 -27.49
CA GLU C 727 54.95 9.12 -27.67
C GLU C 727 55.51 8.15 -28.70
N ARG C 728 54.93 6.96 -28.77
CA ARG C 728 55.42 5.89 -29.62
C ARG C 728 54.25 5.36 -30.45
N PHE C 729 54.51 4.78 -31.60
CA PHE C 729 53.54 3.91 -32.27
C PHE C 729 54.33 3.29 -33.41
N LEU C 732 54.88 2.15 -33.02
CA LEU C 732 55.96 1.43 -33.67
C LEU C 732 55.59 -0.05 -33.61
N ASP C 733 55.43 -0.68 -34.76
CA ASP C 733 55.23 -2.13 -34.83
C ASP C 733 53.98 -2.65 -34.09
N TYR C 734 52.79 -2.18 -34.49
CA TYR C 734 51.52 -2.86 -34.19
C TYR C 734 51.39 -3.45 -32.76
N ALA C 735 51.14 -4.77 -32.67
CA ALA C 735 50.89 -5.45 -31.42
C ALA C 735 52.08 -5.47 -30.47
N HIS C 736 53.28 -5.23 -30.99
CA HIS C 736 54.46 -5.17 -30.13
C HIS C 736 54.39 -3.96 -29.21
N MSE C 737 53.61 -2.96 -29.58
CA MSE C 737 53.33 -1.85 -28.70
C MSE C 737 52.24 -2.16 -27.70
N LYS C 738 51.20 -2.82 -28.20
CA LYS C 738 50.13 -3.29 -27.34
C LYS C 738 50.72 -4.23 -26.27
N GLU C 739 51.89 -4.81 -26.54
CA GLU C 739 52.66 -5.48 -25.50
C GLU C 739 53.20 -4.51 -24.45
N LEU C 740 53.96 -3.51 -24.89
CA LEU C 740 54.72 -2.65 -23.97
C LEU C 740 53.92 -1.45 -23.43
N VAL C 741 52.64 -1.38 -23.78
CA VAL C 741 51.69 -0.56 -23.02
C VAL C 741 51.20 -1.36 -21.80
N LEU C 742 50.99 -2.66 -21.98
CA LEU C 742 50.52 -3.51 -20.88
C LEU C 742 51.50 -3.52 -19.71
N GLY C 743 52.75 -3.12 -19.97
CA GLY C 743 53.72 -2.97 -18.90
C GLY C 743 53.37 -1.81 -17.99
N VAL C 744 52.75 -0.78 -18.56
CA VAL C 744 52.33 0.39 -17.80
C VAL C 744 50.99 0.11 -17.13
N VAL C 745 50.11 -0.63 -17.82
CA VAL C 745 48.81 -0.94 -17.23
C VAL C 745 48.95 -1.91 -16.07
N SER C 746 49.95 -2.79 -16.14
CA SER C 746 50.22 -3.76 -15.08
C SER C 746 50.26 -3.10 -13.71
N HIS C 747 51.22 -2.19 -13.53
CA HIS C 747 51.44 -1.53 -12.26
C HIS C 747 50.11 -1.08 -11.66
N ASN C 748 49.23 -0.57 -12.52
CA ASN C 748 47.90 -0.13 -12.11
C ASN C 748 46.83 -1.23 -11.95
N PHE C 749 46.70 -2.10 -12.94
CA PHE C 749 45.50 -2.94 -13.10
C PHE C 749 45.69 -4.37 -12.63
N ARG C 750 44.74 -4.84 -11.82
CA ARG C 750 44.76 -6.21 -11.32
C ARG C 750 44.60 -7.23 -12.45
N PRO C 751 45.17 -8.44 -12.28
CA PRO C 751 45.06 -9.49 -13.30
C PRO C 751 43.63 -10.03 -13.50
N GLU C 752 42.94 -10.25 -12.39
CA GLU C 752 41.61 -10.86 -12.39
C GLU C 752 40.68 -10.10 -13.35
N PHE C 753 40.88 -8.79 -13.45
CA PHE C 753 40.03 -7.89 -14.21
C PHE C 753 40.28 -7.84 -15.71
N ILE C 754 41.53 -7.66 -16.12
CA ILE C 754 41.86 -7.56 -17.55
C ILE C 754 41.65 -8.90 -18.24
N ASN C 755 41.78 -10.00 -17.49
CA ASN C 755 41.48 -11.31 -18.07
C ASN C 755 40.04 -11.42 -18.57
N ARG C 756 39.11 -10.74 -17.90
CA ARG C 756 37.68 -10.82 -18.22
C ARG C 756 37.18 -9.73 -19.19
N ILE C 757 38.10 -8.95 -19.75
CA ILE C 757 37.79 -8.01 -20.84
C ILE C 757 38.04 -8.66 -22.19
N ASP C 758 37.07 -8.59 -23.10
CA ASP C 758 37.18 -9.26 -24.39
C ASP C 758 38.38 -8.79 -25.21
N GLU C 759 38.55 -7.48 -25.32
CA GLU C 759 39.70 -6.91 -26.00
C GLU C 759 40.15 -5.65 -25.28
N VAL C 760 41.44 -5.40 -25.33
CA VAL C 760 41.98 -4.14 -24.87
C VAL C 760 42.56 -3.49 -26.12
N VAL C 761 42.00 -2.34 -26.47
CA VAL C 761 42.32 -1.66 -27.70
C VAL C 761 43.27 -0.50 -27.46
N VAL C 762 44.12 -0.24 -28.44
CA VAL C 762 44.98 0.93 -28.42
C VAL C 762 44.54 1.92 -29.48
N PHE C 763 44.38 3.18 -29.07
CA PHE C 763 44.02 4.25 -29.97
C PHE C 763 45.27 5.09 -30.26
N HIS C 764 45.61 5.23 -31.54
CA HIS C 764 46.78 6.01 -31.92
C HIS C 764 46.47 7.51 -32.11
N PRO C 765 47.48 8.39 -32.04
CA PRO C 765 47.38 9.83 -32.33
C PRO C 765 46.99 10.16 -33.77
N LEU C 766 46.48 11.36 -34.04
CA LEU C 766 45.83 11.61 -35.33
C LEU C 766 46.68 12.26 -36.43
N GLY C 767 46.64 11.64 -37.61
CA GLY C 767 47.41 12.05 -38.76
C GLY C 767 46.76 13.09 -39.66
N GLU C 768 47.60 13.89 -40.31
CA GLU C 768 47.20 15.05 -41.11
C GLU C 768 46.02 14.76 -42.03
N GLN C 769 46.14 13.69 -42.82
CA GLN C 769 45.08 13.27 -43.72
C GLN C 769 43.84 12.82 -42.94
N HIS C 770 44.04 12.25 -41.75
CA HIS C 770 42.90 11.89 -40.90
C HIS C 770 42.10 13.08 -40.49
N ILE C 771 42.75 14.12 -39.95
CA ILE C 771 42.02 15.27 -39.45
C ILE C 771 41.32 15.95 -40.61
N ALA C 772 41.93 15.89 -41.78
CA ALA C 772 41.26 16.37 -42.98
C ALA C 772 39.99 15.57 -43.27
N SER C 773 40.03 14.25 -43.13
CA SER C 773 38.83 13.42 -43.40
C SER C 773 37.78 13.57 -42.32
N ILE C 774 38.23 13.73 -41.07
CA ILE C 774 37.38 13.94 -39.90
C ILE C 774 36.62 15.22 -40.12
N ALA C 775 37.35 16.22 -40.62
CA ALA C 775 36.80 17.54 -40.90
C ALA C 775 35.78 17.46 -42.02
N GLN C 776 36.12 16.72 -43.07
CA GLN C 776 35.22 16.58 -44.19
C GLN C 776 33.94 15.95 -43.72
N ILE C 777 34.03 15.04 -42.75
CA ILE C 777 32.84 14.43 -42.18
C ILE C 777 32.02 15.47 -41.43
N GLN C 778 32.66 16.33 -40.64
CA GLN C 778 31.91 17.35 -39.91
C GLN C 778 31.25 18.36 -40.86
N LEU C 779 31.84 18.57 -42.02
CA LEU C 779 31.23 19.47 -43.00
C LEU C 779 30.02 18.79 -43.66
N LYS C 780 29.90 17.47 -43.54
CA LYS C 780 28.74 16.78 -44.11
C LYS C 780 27.44 17.21 -43.43
N ARG C 781 27.37 17.15 -42.10
CA ARG C 781 26.14 17.54 -41.38
C ARG C 781 25.70 18.90 -41.88
N LEU C 782 26.66 19.83 -41.95
CA LEU C 782 26.39 21.19 -42.42
C LEU C 782 25.91 21.26 -43.86
N TYR C 783 26.58 20.56 -44.77
CA TYR C 783 26.27 20.65 -46.19
C TYR C 783 24.83 20.21 -46.35
N LYS C 784 24.47 19.15 -45.61
CA LYS C 784 23.15 18.55 -45.69
C LYS C 784 22.07 19.49 -45.16
N ARG C 785 22.35 20.16 -44.04
CA ARG C 785 21.39 21.12 -43.50
C ARG C 785 21.12 22.24 -44.48
N LEU C 786 22.16 22.64 -45.22
CA LEU C 786 22.03 23.61 -46.31
C LEU C 786 21.48 22.99 -47.59
N GLU C 787 21.71 21.71 -47.78
CA GLU C 787 21.28 21.00 -48.97
C GLU C 787 19.78 21.15 -49.02
N GLU C 788 19.16 20.90 -47.86
CA GLU C 788 17.73 21.03 -47.68
C GLU C 788 17.21 22.40 -48.11
N ARG C 789 18.04 23.42 -47.91
CA ARG C 789 17.67 24.81 -48.17
C ARG C 789 17.99 25.34 -49.57
N GLY C 790 18.70 24.56 -50.38
CA GLY C 790 18.95 24.93 -51.76
C GLY C 790 20.32 25.53 -52.04
N TYR C 791 21.23 25.35 -51.10
CA TYR C 791 22.60 25.82 -51.24
C TYR C 791 23.54 24.63 -51.43
N GLU C 792 24.25 24.59 -52.54
CA GLU C 792 25.33 23.64 -52.72
C GLU C 792 26.58 24.25 -52.08
N ILE C 793 27.52 23.44 -51.60
CA ILE C 793 28.80 23.96 -51.08
C ILE C 793 30.00 23.12 -51.43
N HIS C 794 31.11 23.79 -51.65
CA HIS C 794 32.40 23.15 -51.83
C HIS C 794 33.39 23.89 -50.99
N ILE C 795 34.35 23.16 -50.44
CA ILE C 795 35.43 23.79 -49.68
C ILE C 795 36.75 23.67 -50.43
N SER C 796 37.40 24.81 -50.56
CA SER C 796 38.69 24.92 -51.21
C SER C 796 39.64 23.95 -50.56
N ASP C 797 40.61 23.43 -51.30
CA ASP C 797 41.58 22.54 -50.69
C ASP C 797 42.33 23.32 -49.59
N GLU C 798 42.52 24.62 -49.81
CA GLU C 798 43.25 25.46 -48.88
C GLU C 798 42.45 25.70 -47.61
N ALA C 799 41.19 26.11 -47.78
CA ALA C 799 40.28 26.29 -46.66
C ALA C 799 40.22 25.03 -45.79
N LEU C 800 40.16 23.86 -46.42
CA LEU C 800 40.05 22.62 -45.65
C LEU C 800 41.32 22.34 -44.84
N LYS C 801 42.50 22.59 -45.42
CA LYS C 801 43.69 22.39 -44.60
C LYS C 801 43.79 23.43 -43.48
N LEU C 802 43.27 24.64 -43.72
CA LEU C 802 43.31 25.68 -42.70
C LEU C 802 42.43 25.27 -41.54
N LEU C 803 41.28 24.68 -41.87
CA LEU C 803 40.33 24.23 -40.87
C LEU C 803 40.90 23.02 -40.15
N SER C 804 41.65 22.20 -40.90
CA SER C 804 42.23 20.98 -40.36
C SER C 804 43.35 21.29 -39.38
N GLU C 805 44.05 22.40 -39.60
CA GLU C 805 45.11 22.83 -38.69
C GLU C 805 44.52 23.49 -37.47
N ASN C 806 43.45 24.24 -37.66
CA ASN C 806 42.73 24.84 -36.54
C ASN C 806 42.22 23.78 -35.57
N GLY C 807 41.84 22.62 -36.10
CA GLY C 807 41.17 21.62 -35.30
C GLY C 807 42.09 20.73 -34.47
N TYR C 808 43.36 20.67 -34.85
CA TYR C 808 44.24 19.63 -34.34
C TYR C 808 45.34 20.12 -33.43
N ASP C 809 45.24 19.81 -32.15
CA ASP C 809 46.38 19.88 -31.24
C ASP C 809 46.43 18.56 -30.45
N PRO C 810 47.64 18.06 -30.18
CA PRO C 810 47.81 16.79 -29.47
C PRO C 810 47.19 16.72 -28.06
N VAL C 811 46.87 17.86 -27.46
CA VAL C 811 46.33 17.86 -26.11
C VAL C 811 44.86 17.42 -26.11
N TYR C 812 44.02 18.23 -26.76
CA TYR C 812 42.59 17.95 -26.86
C TYR C 812 42.17 17.24 -28.16
N GLY C 813 43.15 16.81 -28.98
CA GLY C 813 42.86 15.94 -30.11
C GLY C 813 42.21 16.60 -31.32
N ALA C 814 41.17 15.97 -31.85
CA ALA C 814 40.34 16.57 -32.89
C ALA C 814 39.11 17.25 -32.29
N ARG C 815 39.06 17.36 -30.96
CA ARG C 815 37.90 17.92 -30.28
C ARG C 815 37.57 19.35 -30.73
N PRO C 816 38.58 20.23 -30.81
CA PRO C 816 38.33 21.63 -31.18
C PRO C 816 37.69 21.77 -32.55
N LEU C 817 37.90 20.80 -33.43
CA LEU C 817 37.50 20.93 -34.82
C LEU C 817 36.02 21.28 -35.06
N LYS C 818 35.07 20.77 -34.27
CA LYS C 818 33.65 21.11 -34.53
C LYS C 818 33.32 22.54 -34.13
N ARG C 819 33.94 23.03 -33.06
CA ARG C 819 33.69 24.41 -32.63
C ARG C 819 34.51 25.40 -33.46
N ALA C 820 35.52 24.91 -34.15
CA ALA C 820 36.23 25.71 -35.14
C ALA C 820 35.41 25.83 -36.40
N ILE C 821 34.67 24.78 -36.78
CA ILE C 821 33.80 24.87 -37.94
C ILE C 821 32.74 25.89 -37.63
N GLN C 822 32.18 25.79 -36.43
CA GLN C 822 31.12 26.67 -36.01
C GLN C 822 31.51 28.15 -36.12
N GLN C 823 32.61 28.53 -35.49
CA GLN C 823 33.02 29.93 -35.44
C GLN C 823 33.74 30.45 -36.70
N GLN C 824 34.40 29.59 -37.44
CA GLN C 824 35.10 29.97 -38.69
C GLN C 824 34.18 30.03 -39.91
N ILE C 825 33.21 29.11 -39.96
CA ILE C 825 32.39 28.89 -41.14
C ILE C 825 30.93 29.20 -40.87
N GLU C 826 30.31 28.53 -39.90
CA GLU C 826 28.87 28.67 -39.67
C GLU C 826 28.42 30.11 -39.39
N ASN C 827 29.15 30.83 -38.53
CA ASN C 827 28.74 32.21 -38.20
C ASN C 827 28.72 33.17 -39.38
N PRO C 828 29.85 33.32 -40.10
CA PRO C 828 29.86 34.27 -41.20
C PRO C 828 28.83 33.90 -42.28
N LEU C 829 28.80 32.62 -42.62
CA LEU C 829 27.86 32.09 -43.60
C LEU C 829 26.42 32.40 -43.17
N ALA C 830 26.15 32.26 -41.88
CA ALA C 830 24.81 32.47 -41.33
C ALA C 830 24.31 33.88 -41.59
N GLN C 831 25.20 34.87 -41.54
CA GLN C 831 24.80 36.25 -41.75
C GLN C 831 24.60 36.52 -43.21
N GLN C 832 25.54 36.05 -44.02
CA GLN C 832 25.42 36.19 -45.47
C GLN C 832 24.10 35.59 -45.97
N ILE C 833 23.73 34.46 -45.40
CA ILE C 833 22.46 33.83 -45.75
C ILE C 833 21.30 34.75 -45.38
N LEU C 834 21.33 35.27 -44.15
CA LEU C 834 20.27 36.14 -43.63
C LEU C 834 20.19 37.52 -44.31
N SER C 835 21.32 38.01 -44.80
CA SER C 835 21.38 39.30 -45.47
C SER C 835 21.02 39.23 -46.95
N GLY C 836 21.23 38.06 -47.58
CA GLY C 836 21.01 37.92 -49.01
C GLY C 836 22.25 37.87 -49.90
N GLU C 837 23.41 38.22 -49.35
CA GLU C 837 24.68 38.12 -50.09
C GLU C 837 24.79 36.77 -50.80
N LEU C 838 24.52 35.69 -50.06
CA LEU C 838 24.40 34.36 -50.66
C LEU C 838 22.96 34.03 -51.00
N VAL C 839 22.75 33.57 -52.23
CA VAL C 839 21.44 33.16 -52.70
C VAL C 839 21.42 31.65 -53.00
N PRO C 840 20.28 30.99 -52.78
CA PRO C 840 20.11 29.59 -53.20
C PRO C 840 20.15 29.40 -54.71
N GLY C 841 20.75 28.30 -55.17
CA GLY C 841 20.89 28.05 -56.59
C GLY C 841 22.18 28.66 -57.14
N LYS C 842 23.12 28.92 -56.25
CA LYS C 842 24.47 29.30 -56.64
C LYS C 842 25.37 28.53 -55.70
N VAL C 843 26.26 27.71 -56.25
CA VAL C 843 27.21 26.99 -55.41
C VAL C 843 28.00 27.98 -54.59
N ILE C 844 28.28 27.58 -53.36
CA ILE C 844 28.97 28.42 -52.40
C ILE C 844 30.34 27.85 -52.22
N ARG C 845 31.35 28.61 -52.56
CA ARG C 845 32.71 28.14 -52.46
C ARG C 845 33.32 28.69 -51.19
N LEU C 846 34.04 27.86 -50.46
CA LEU C 846 34.70 28.31 -49.23
C LEU C 846 36.18 28.42 -49.49
N GLU C 847 36.69 29.66 -49.57
CA GLU C 847 38.08 29.90 -49.95
C GLU C 847 38.76 30.60 -48.81
N VAL C 848 40.09 30.48 -48.71
CA VAL C 848 40.82 31.33 -47.77
C VAL C 848 41.08 32.69 -48.40
N ASN C 849 40.92 33.71 -47.58
CA ASN C 849 41.28 35.05 -47.96
C ASN C 849 42.02 35.67 -46.80
N GLU C 850 43.31 35.95 -47.00
CA GLU C 850 44.16 36.51 -45.97
C GLU C 850 43.94 35.85 -44.60
N ASP C 851 44.37 34.59 -44.49
CA ASP C 851 44.35 33.88 -43.22
C ASP C 851 42.94 33.71 -42.64
N ARG C 852 41.92 33.80 -43.49
CA ARG C 852 40.53 33.80 -43.01
C ARG C 852 39.62 33.04 -43.97
N ILE C 853 38.87 32.06 -43.47
CA ILE C 853 37.95 31.33 -44.33
C ILE C 853 36.73 32.21 -44.64
N VAL C 854 36.33 32.24 -45.91
CA VAL C 854 35.21 33.05 -46.37
C VAL C 854 34.39 32.30 -47.40
N ALA C 855 33.17 32.79 -47.62
CA ALA C 855 32.22 32.15 -48.53
C ALA C 855 31.86 33.11 -49.65
N VAL C 856 31.99 32.64 -50.89
CA VAL C 856 31.74 33.47 -52.08
C VAL C 856 30.83 32.74 -53.06
N GLN C 857 30.22 33.51 -53.96
CA GLN C 857 29.50 32.92 -55.09
C GLN C 857 29.99 33.58 -56.36
N GLN D 159 -23.96 -21.56 -37.90
CA GLN D 159 -24.56 -20.23 -37.79
C GLN D 159 -23.56 -19.21 -37.27
N ALA D 160 -22.73 -19.65 -36.32
CA ALA D 160 -21.89 -18.75 -35.55
C ALA D 160 -20.86 -17.99 -36.41
N LEU D 161 -20.54 -18.53 -37.59
CA LEU D 161 -19.61 -17.85 -38.49
C LEU D 161 -20.23 -16.71 -39.27
N LYS D 162 -21.44 -16.90 -39.77
CA LYS D 162 -22.12 -15.86 -40.52
C LYS D 162 -22.33 -14.63 -39.65
N LYS D 163 -22.53 -14.85 -38.34
CA LYS D 163 -22.74 -13.75 -37.41
C LYS D 163 -21.49 -12.95 -37.05
N TYR D 164 -20.43 -13.62 -36.56
CA TYR D 164 -19.27 -12.90 -36.00
C TYR D 164 -18.02 -12.74 -36.84
N THR D 165 -18.01 -13.25 -38.05
CA THR D 165 -16.88 -13.04 -38.94
C THR D 165 -17.36 -12.35 -40.20
N ILE D 166 -16.48 -11.56 -40.79
CA ILE D 166 -16.79 -10.93 -42.07
C ILE D 166 -16.08 -11.76 -43.13
N ASP D 167 -16.70 -11.92 -44.29
CA ASP D 167 -16.13 -12.78 -45.31
C ASP D 167 -15.28 -11.92 -46.21
N LEU D 168 -13.96 -12.07 -46.08
CA LEU D 168 -13.01 -11.20 -46.77
C LEU D 168 -12.78 -11.60 -48.21
N THR D 169 -12.95 -12.88 -48.51
CA THR D 169 -12.85 -13.36 -49.88
C THR D 169 -14.11 -12.97 -50.66
N GLU D 170 -15.25 -12.96 -49.96
CA GLU D 170 -16.51 -12.55 -50.57
C GLU D 170 -16.35 -11.10 -51.00
N ARG D 171 -16.00 -10.26 -50.05
CA ARG D 171 -15.74 -8.85 -50.30
C ARG D 171 -14.74 -8.70 -51.44
N ALA D 172 -13.70 -9.52 -51.44
CA ALA D 172 -12.71 -9.46 -52.51
C ALA D 172 -13.31 -9.68 -53.89
N GLU D 173 -14.24 -10.62 -54.04
CA GLU D 173 -14.82 -10.82 -55.37
C GLU D 173 -15.80 -9.74 -55.81
N GLN D 174 -16.31 -8.98 -54.86
CA GLN D 174 -17.18 -7.84 -55.17
C GLN D 174 -16.33 -6.61 -55.52
N GLY D 175 -15.01 -6.76 -55.54
CA GLY D 175 -14.12 -5.63 -55.76
C GLY D 175 -14.21 -4.64 -54.62
N LYS D 176 -14.80 -5.05 -53.50
CA LYS D 176 -15.02 -4.16 -52.37
C LYS D 176 -13.77 -3.96 -51.54
N LEU D 177 -12.76 -4.80 -51.77
CA LEU D 177 -11.48 -4.62 -51.13
C LEU D 177 -10.59 -3.78 -52.01
N ASP D 178 -9.93 -2.80 -51.39
CA ASP D 178 -9.01 -1.91 -52.09
C ASP D 178 -7.75 -2.68 -52.43
N PRO D 179 -7.05 -2.25 -53.48
CA PRO D 179 -5.82 -2.92 -53.90
C PRO D 179 -4.77 -2.96 -52.80
N VAL D 180 -3.90 -3.96 -52.86
CA VAL D 180 -2.75 -4.08 -51.96
C VAL D 180 -1.52 -4.03 -52.85
N ILE D 181 -0.38 -3.57 -52.30
CA ILE D 181 0.74 -3.12 -53.12
C ILE D 181 2.15 -3.47 -52.69
N GLY D 182 2.92 -4.06 -53.61
CA GLY D 182 4.33 -4.30 -53.40
C GLY D 182 4.61 -5.12 -52.16
N ARG D 183 3.61 -5.89 -51.75
CA ARG D 183 3.72 -6.78 -50.61
C ARG D 183 4.06 -8.20 -51.04
N ASP D 184 4.41 -8.38 -52.31
CA ASP D 184 4.54 -9.71 -52.89
C ASP D 184 5.29 -10.67 -51.97
N GLU D 185 6.32 -10.13 -51.31
CA GLU D 185 7.18 -10.92 -50.44
C GLU D 185 6.46 -11.49 -49.22
N GLU D 186 5.73 -10.63 -48.51
CA GLU D 186 5.14 -11.00 -47.23
C GLU D 186 3.96 -11.93 -47.45
N ILE D 187 3.29 -11.78 -48.60
CA ILE D 187 2.19 -12.68 -48.92
C ILE D 187 2.75 -14.06 -49.24
N ARG D 188 3.76 -14.13 -50.10
CA ARG D 188 4.38 -15.42 -50.42
C ARG D 188 4.80 -16.20 -49.18
N ARG D 189 5.57 -15.55 -48.32
CA ARG D 189 5.96 -16.16 -47.04
C ARG D 189 4.72 -16.63 -46.27
N THR D 190 3.70 -15.79 -46.18
CA THR D 190 2.45 -16.15 -45.50
C THR D 190 1.83 -17.43 -46.10
N ILE D 191 1.90 -17.59 -47.42
CA ILE D 191 1.30 -18.77 -48.07
C ILE D 191 2.13 -20.01 -47.77
N GLN D 192 3.45 -19.88 -47.78
CA GLN D 192 4.33 -21.01 -47.53
C GLN D 192 3.96 -21.55 -46.17
N VAL D 193 3.87 -20.66 -45.19
CA VAL D 193 3.49 -21.01 -43.84
C VAL D 193 2.06 -21.57 -43.75
N LEU D 194 1.15 -21.12 -44.61
CA LEU D 194 -0.19 -21.72 -44.65
C LEU D 194 -0.18 -23.13 -45.21
N GLN D 195 0.70 -23.39 -46.16
CA GLN D 195 0.75 -24.69 -46.82
C GLN D 195 1.51 -25.75 -46.02
N ARG D 196 2.24 -25.31 -45.00
CA ARG D 196 3.08 -26.19 -44.22
C ARG D 196 2.33 -27.32 -43.54
N ARG D 197 3.05 -28.43 -43.34
CA ARG D 197 2.53 -29.58 -42.65
C ARG D 197 2.51 -29.32 -41.15
N THR D 198 3.63 -28.80 -40.66
CA THR D 198 3.83 -28.53 -39.26
C THR D 198 4.32 -27.10 -39.09
N LYS D 199 3.87 -26.42 -38.03
CA LYS D 199 4.14 -25.00 -37.85
C LYS D 199 3.49 -24.24 -39.01
N ASN D 200 2.21 -24.56 -39.21
CA ASN D 200 1.45 -24.16 -40.39
C ASN D 200 0.58 -22.91 -40.21
N ASN D 201 0.66 -22.26 -39.06
CA ASN D 201 -0.05 -21.00 -38.87
C ASN D 201 0.84 -19.78 -38.97
N PRO D 202 0.64 -18.93 -40.00
CA PRO D 202 1.36 -17.65 -40.00
C PRO D 202 0.75 -16.63 -39.05
N VAL D 203 1.62 -15.87 -38.38
CA VAL D 203 1.21 -14.73 -37.58
C VAL D 203 1.96 -13.52 -38.10
N LEU D 204 1.23 -12.44 -38.39
CA LEU D 204 1.83 -11.25 -38.94
C LEU D 204 2.29 -10.34 -37.79
N ILE D 205 3.56 -9.95 -37.85
CA ILE D 205 4.20 -9.20 -36.78
C ILE D 205 4.72 -7.87 -37.28
N GLY D 206 4.21 -6.79 -36.72
CA GLY D 206 4.63 -5.46 -37.11
C GLY D 206 3.98 -4.38 -36.26
N GLU D 207 4.39 -3.14 -36.48
CA GLU D 207 3.84 -2.02 -35.72
C GLU D 207 2.41 -1.74 -36.16
N PRO D 208 1.68 -0.92 -35.40
CA PRO D 208 0.31 -0.61 -35.83
C PRO D 208 0.26 0.22 -37.13
N GLY D 209 -0.59 -0.23 -38.06
CA GLY D 209 -0.89 0.52 -39.25
C GLY D 209 0.08 0.36 -40.40
N VAL D 210 0.83 -0.73 -40.45
CA VAL D 210 1.90 -0.87 -41.44
C VAL D 210 1.60 -1.72 -42.69
N GLY D 211 0.38 -2.22 -42.84
CA GLY D 211 0.10 -3.23 -43.85
C GLY D 211 -0.21 -4.64 -43.35
N LYS D 212 -0.43 -4.80 -42.03
CA LYS D 212 -0.79 -6.10 -41.47
C LYS D 212 -2.05 -6.71 -42.06
N THR D 213 -3.21 -6.13 -41.76
CA THR D 213 -4.46 -6.69 -42.27
C THR D 213 -4.48 -6.52 -43.79
N ALA D 214 -3.85 -5.46 -44.27
CA ALA D 214 -3.70 -5.22 -45.70
C ALA D 214 -3.21 -6.48 -46.40
N ILE D 215 -2.23 -7.13 -45.78
CA ILE D 215 -1.65 -8.34 -46.33
C ILE D 215 -2.66 -9.49 -46.36
N VAL D 216 -3.46 -9.62 -45.31
CA VAL D 216 -4.48 -10.67 -45.27
C VAL D 216 -5.39 -10.51 -46.48
N GLU D 217 -5.69 -9.27 -46.81
CA GLU D 217 -6.57 -9.02 -47.93
C GLU D 217 -5.88 -9.18 -49.27
N GLY D 218 -4.57 -8.99 -49.30
CA GLY D 218 -3.81 -9.37 -50.48
C GLY D 218 -4.09 -10.84 -50.73
N LEU D 219 -3.85 -11.65 -49.70
CA LEU D 219 -4.12 -13.08 -49.72
C LEU D 219 -5.55 -13.36 -50.16
N ALA D 220 -6.51 -12.57 -49.69
CA ALA D 220 -7.91 -12.74 -50.11
C ALA D 220 -8.02 -12.62 -51.63
N GLN D 221 -7.53 -11.51 -52.19
CA GLN D 221 -7.72 -11.27 -53.61
C GLN D 221 -6.90 -12.20 -54.48
N ARG D 222 -5.83 -12.77 -53.94
CA ARG D 222 -5.03 -13.72 -54.69
C ARG D 222 -5.79 -15.04 -54.81
N ILE D 223 -6.30 -15.50 -53.66
CA ILE D 223 -7.12 -16.71 -53.60
C ILE D 223 -8.20 -16.65 -54.65
N ILE D 224 -8.92 -15.53 -54.65
CA ILE D 224 -10.02 -15.33 -55.60
C ILE D 224 -9.50 -15.33 -57.04
N ASN D 225 -8.39 -14.65 -57.30
CA ASN D 225 -7.80 -14.58 -58.65
C ASN D 225 -7.08 -15.85 -59.10
N GLY D 226 -6.67 -16.70 -58.17
CA GLY D 226 -5.86 -17.85 -58.51
C GLY D 226 -4.42 -17.45 -58.74
N GLU D 227 -3.95 -16.48 -57.97
CA GLU D 227 -2.55 -16.13 -57.89
C GLU D 227 -1.86 -16.94 -56.78
N VAL D 228 -2.58 -17.94 -56.25
CA VAL D 228 -2.14 -18.77 -55.13
C VAL D 228 -1.91 -20.21 -55.59
N PRO D 229 -1.08 -20.97 -54.87
CA PRO D 229 -0.90 -22.39 -55.21
C PRO D 229 -2.22 -23.12 -55.11
N GLU D 230 -2.34 -24.28 -55.74
CA GLU D 230 -3.66 -24.86 -55.94
C GLU D 230 -4.26 -25.50 -54.70
N GLY D 231 -3.44 -25.82 -53.71
CA GLY D 231 -3.96 -26.29 -52.44
C GLY D 231 -4.84 -25.23 -51.80
N LEU D 232 -4.53 -23.97 -52.06
CA LEU D 232 -5.22 -22.84 -51.43
C LEU D 232 -6.38 -22.29 -52.27
N LYS D 233 -6.52 -22.73 -53.52
CA LYS D 233 -7.61 -22.23 -54.37
C LYS D 233 -8.93 -22.69 -53.83
N GLY D 234 -9.84 -21.74 -53.58
CA GLY D 234 -11.16 -22.06 -53.10
C GLY D 234 -11.34 -21.86 -51.61
N ARG D 235 -10.24 -21.70 -50.88
CA ARG D 235 -10.35 -21.46 -49.44
C ARG D 235 -11.03 -20.13 -49.26
N ARG D 236 -11.63 -19.91 -48.10
CA ARG D 236 -12.36 -18.68 -47.83
C ARG D 236 -11.84 -18.01 -46.57
N VAL D 237 -11.25 -16.84 -46.75
CA VAL D 237 -10.65 -16.09 -45.66
C VAL D 237 -11.68 -15.24 -44.96
N LEU D 238 -11.84 -15.46 -43.66
CA LEU D 238 -12.78 -14.70 -42.85
C LEU D 238 -12.01 -14.00 -41.73
N ALA D 239 -12.52 -12.86 -41.30
CA ALA D 239 -11.94 -12.14 -40.18
C ALA D 239 -12.87 -12.20 -38.98
N LEU D 240 -12.43 -12.90 -37.94
CA LEU D 240 -13.12 -12.91 -36.65
C LEU D 240 -13.06 -11.50 -36.15
N ASP D 241 -14.22 -10.95 -35.83
CA ASP D 241 -14.28 -9.57 -35.43
C ASP D 241 -14.38 -9.50 -33.91
N MSE D 242 -13.41 -8.81 -33.34
CA MSE D 242 -13.38 -8.47 -31.93
C MSE D 242 -14.71 -7.89 -31.51
N GLY D 243 -15.09 -6.83 -32.21
CA GLY D 243 -16.30 -6.10 -31.91
C GLY D 243 -17.54 -6.93 -32.14
N ALA D 244 -17.47 -7.88 -33.07
CA ALA D 244 -18.62 -8.75 -33.32
C ALA D 244 -19.00 -9.53 -32.06
N LEU D 245 -18.00 -9.92 -31.26
CA LEU D 245 -18.25 -10.64 -30.02
C LEU D 245 -18.43 -9.67 -28.85
N ARG D 258 -20.71 -17.51 -23.71
CA ARG D 258 -19.98 -16.59 -24.56
C ARG D 258 -20.01 -17.07 -26.02
N LEU D 259 -20.97 -17.95 -26.34
CA LEU D 259 -20.94 -18.65 -27.63
C LEU D 259 -19.65 -19.42 -27.73
N LYS D 260 -18.73 -19.04 -28.61
CA LYS D 260 -17.42 -19.71 -28.73
C LYS D 260 -17.49 -21.12 -29.33
N GLY D 261 -18.70 -21.63 -29.55
CA GLY D 261 -18.91 -22.80 -30.37
C GLY D 261 -18.82 -22.45 -31.85
N VAL D 262 -18.35 -21.23 -32.16
CA VAL D 262 -17.89 -20.87 -33.49
C VAL D 262 -16.90 -21.91 -34.00
N LEU D 263 -15.97 -22.27 -33.12
CA LEU D 263 -14.93 -23.23 -33.46
C LEU D 263 -15.52 -24.56 -33.95
N ASN D 264 -16.76 -24.83 -33.57
CA ASN D 264 -17.47 -25.98 -34.10
C ASN D 264 -17.70 -25.82 -35.60
N ASP D 265 -18.21 -24.66 -36.01
CA ASP D 265 -18.47 -24.40 -37.43
C ASP D 265 -17.20 -24.43 -38.27
N LEU D 266 -16.09 -23.96 -37.70
CA LEU D 266 -14.80 -24.06 -38.40
C LEU D 266 -14.23 -25.48 -38.40
N ALA D 267 -14.53 -26.24 -37.35
CA ALA D 267 -14.09 -27.63 -37.27
C ALA D 267 -14.89 -28.48 -38.24
N LYS D 268 -16.10 -28.02 -38.59
CA LYS D 268 -16.91 -28.71 -39.61
C LYS D 268 -16.32 -28.62 -41.02
N GLN D 269 -15.68 -27.50 -41.33
CA GLN D 269 -15.16 -27.25 -42.69
C GLN D 269 -13.65 -27.52 -42.91
N GLU D 270 -12.97 -28.13 -41.94
CA GLU D 270 -11.51 -27.98 -41.82
C GLU D 270 -10.72 -28.11 -43.12
N GLY D 271 -9.85 -27.13 -43.36
CA GLY D 271 -8.98 -27.08 -44.52
C GLY D 271 -9.45 -26.16 -45.62
N ASN D 272 -10.76 -25.93 -45.70
CA ASN D 272 -11.33 -25.05 -46.71
C ASN D 272 -11.64 -23.63 -46.21
N VAL D 273 -11.29 -23.32 -44.97
CA VAL D 273 -11.54 -22.00 -44.38
C VAL D 273 -10.34 -21.50 -43.58
N ILE D 274 -9.86 -20.31 -43.92
CA ILE D 274 -8.81 -19.64 -43.15
C ILE D 274 -9.45 -18.56 -42.30
N LEU D 275 -9.07 -18.49 -41.02
CA LEU D 275 -9.61 -17.52 -40.08
C LEU D 275 -8.60 -16.42 -39.75
N PHE D 276 -9.08 -15.20 -39.53
CA PHE D 276 -8.17 -14.08 -39.19
C PHE D 276 -8.57 -13.33 -37.92
N ILE D 277 -7.70 -13.41 -36.91
CA ILE D 277 -7.86 -12.68 -35.66
C ILE D 277 -6.81 -11.58 -35.59
N ASP D 278 -7.24 -10.32 -35.71
CA ASP D 278 -6.32 -9.21 -35.53
C ASP D 278 -6.11 -9.02 -34.04
N GLU D 279 -4.94 -8.50 -33.65
CA GLU D 279 -4.62 -8.33 -32.25
C GLU D 279 -4.81 -9.65 -31.49
N LEU D 280 -4.24 -10.73 -32.04
CA LEU D 280 -4.38 -12.08 -31.47
C LEU D 280 -3.96 -12.17 -30.00
N HIS D 281 -3.08 -11.27 -29.58
CA HIS D 281 -2.63 -11.17 -28.20
C HIS D 281 -3.77 -11.01 -27.18
N THR D 282 -4.89 -10.44 -27.62
CA THR D 282 -5.98 -10.09 -26.71
C THR D 282 -6.81 -11.26 -26.19
N MSE D 283 -6.93 -12.33 -26.99
CA MSE D 283 -7.68 -13.51 -26.57
C MSE D 283 -6.81 -14.62 -25.99
N VAL D 284 -5.51 -14.36 -25.90
CA VAL D 284 -4.63 -15.14 -25.03
C VAL D 284 -4.47 -14.43 -23.67
N GLY D 285 -5.27 -13.39 -23.45
CA GLY D 285 -5.35 -12.76 -22.13
C GLY D 285 -4.78 -11.35 -21.98
N ALA D 286 -4.29 -10.77 -23.06
CA ALA D 286 -3.73 -9.42 -22.99
C ALA D 286 -4.84 -8.37 -22.99
N ASP D 294 -8.86 -14.52 -20.98
CA ASP D 294 -8.19 -15.68 -21.56
C ASP D 294 -9.18 -16.58 -22.28
N ALA D 295 -9.09 -16.63 -23.61
CA ALA D 295 -9.71 -17.70 -24.37
C ALA D 295 -8.70 -18.79 -24.70
N GLY D 296 -7.48 -18.66 -24.20
CA GLY D 296 -6.38 -19.54 -24.58
C GLY D 296 -6.67 -21.03 -24.57
N ASN D 297 -7.43 -21.49 -23.57
CA ASN D 297 -7.74 -22.91 -23.44
C ASN D 297 -8.67 -23.42 -24.55
N MSE D 298 -9.49 -22.54 -25.08
CA MSE D 298 -10.39 -22.87 -26.19
C MSE D 298 -9.62 -23.20 -27.45
N LEU D 299 -8.70 -22.32 -27.76
CA LEU D 299 -8.06 -22.26 -29.07
C LEU D 299 -6.89 -23.25 -29.16
N LYS D 300 -6.19 -23.43 -28.04
CA LYS D 300 -5.04 -24.33 -27.95
C LYS D 300 -5.26 -25.73 -28.54
N PRO D 301 -6.36 -26.39 -28.19
CA PRO D 301 -6.58 -27.71 -28.80
C PRO D 301 -6.83 -27.64 -30.31
N ALA D 302 -7.46 -26.57 -30.78
CA ALA D 302 -7.84 -26.47 -32.18
C ALA D 302 -6.65 -26.41 -33.14
N LEU D 303 -5.57 -25.73 -32.74
CA LEU D 303 -4.39 -25.56 -33.59
C LEU D 303 -3.60 -26.85 -33.76
N ALA D 304 -3.59 -27.68 -32.72
CA ALA D 304 -2.90 -28.95 -32.76
C ALA D 304 -3.77 -30.04 -33.40
N ARG D 305 -5.07 -29.78 -33.49
CA ARG D 305 -5.99 -30.70 -34.15
C ARG D 305 -6.25 -30.35 -35.61
N GLY D 306 -5.69 -29.25 -36.09
CA GLY D 306 -5.86 -28.83 -37.47
C GLY D 306 -7.25 -28.30 -37.80
N GLU D 307 -8.14 -28.25 -36.80
CA GLU D 307 -9.53 -27.85 -37.03
C GLU D 307 -9.54 -26.39 -37.40
N LEU D 308 -8.61 -25.66 -36.80
CA LEU D 308 -8.51 -24.21 -36.94
C LEU D 308 -7.22 -23.81 -37.65
N HIS D 309 -7.36 -23.34 -38.88
CA HIS D 309 -6.26 -22.72 -39.61
C HIS D 309 -6.52 -21.24 -39.52
N CYS D 310 -5.67 -20.48 -38.83
CA CYS D 310 -5.86 -19.03 -38.73
C CYS D 310 -4.65 -18.14 -39.02
N VAL D 311 -4.86 -16.83 -38.86
CA VAL D 311 -3.83 -15.81 -39.07
C VAL D 311 -3.96 -14.76 -37.97
N GLY D 312 -2.85 -14.45 -37.32
CA GLY D 312 -2.82 -13.45 -36.26
C GLY D 312 -2.18 -12.13 -36.67
N ALA D 313 -2.35 -11.12 -35.83
CA ALA D 313 -1.59 -9.89 -35.96
C ALA D 313 -1.35 -9.25 -34.59
N THR D 314 -0.13 -8.77 -34.36
CA THR D 314 0.29 -8.21 -33.07
C THR D 314 1.58 -7.44 -33.29
N THR D 315 2.11 -6.80 -32.25
CA THR D 315 3.47 -6.25 -32.35
C THR D 315 4.44 -7.38 -31.98
N LEU D 316 5.74 -7.16 -32.14
CA LEU D 316 6.71 -8.21 -31.86
C LEU D 316 6.81 -8.43 -30.36
N ASP D 317 6.66 -7.36 -29.59
CA ASP D 317 6.62 -7.47 -28.13
C ASP D 317 5.47 -8.37 -27.66
N GLU D 318 4.30 -8.18 -28.25
CA GLU D 318 3.13 -8.98 -27.92
C GLU D 318 3.30 -10.44 -28.36
N TYR D 319 4.13 -10.70 -29.36
CA TYR D 319 4.42 -12.07 -29.78
C TYR D 319 5.35 -12.77 -28.81
N ARG D 320 6.46 -12.12 -28.46
CA ARG D 320 7.43 -12.69 -27.55
C ARG D 320 6.74 -13.01 -26.22
N GLN D 321 5.97 -12.06 -25.73
CA GLN D 321 5.30 -12.22 -24.44
C GLN D 321 4.21 -13.27 -24.43
N TYR D 322 3.20 -13.10 -25.28
CA TYR D 322 2.00 -13.95 -25.23
C TYR D 322 2.02 -15.15 -26.19
N ILE D 323 3.11 -15.38 -26.91
CA ILE D 323 3.23 -16.57 -27.75
C ILE D 323 4.51 -17.35 -27.50
N GLU D 324 5.65 -16.73 -27.77
CA GLU D 324 6.91 -17.45 -27.83
C GLU D 324 7.27 -18.18 -26.54
N LYS D 325 6.73 -17.73 -25.41
CA LYS D 325 7.02 -18.34 -24.12
C LYS D 325 6.27 -19.67 -23.86
N ASP D 326 5.37 -20.04 -24.77
CA ASP D 326 4.54 -21.23 -24.60
C ASP D 326 4.93 -22.31 -25.63
N ALA D 327 4.73 -23.57 -25.27
CA ALA D 327 4.88 -24.66 -26.23
C ALA D 327 3.64 -24.76 -27.12
N ALA D 328 2.47 -24.77 -26.47
CA ALA D 328 1.19 -24.94 -27.14
C ALA D 328 0.96 -23.96 -28.31
N LEU D 329 1.46 -22.73 -28.16
CA LEU D 329 1.35 -21.75 -29.23
C LEU D 329 2.55 -21.83 -30.17
N GLU D 330 3.73 -21.52 -29.65
CA GLU D 330 4.93 -21.33 -30.46
C GLU D 330 5.26 -22.52 -31.36
N ARG D 331 4.81 -23.72 -30.99
CA ARG D 331 5.07 -24.90 -31.81
C ARG D 331 4.17 -24.96 -33.05
N ARG D 332 2.99 -24.36 -32.99
CA ARG D 332 2.07 -24.33 -34.13
C ARG D 332 2.19 -23.09 -35.01
N PHE D 333 2.93 -22.07 -34.55
CA PHE D 333 2.88 -20.75 -35.18
C PHE D 333 4.21 -20.30 -35.79
N GLN D 334 4.11 -19.34 -36.70
CA GLN D 334 5.26 -18.76 -37.37
C GLN D 334 5.29 -17.25 -37.22
N LYS D 335 6.49 -16.70 -37.23
CA LYS D 335 6.68 -15.26 -37.31
C LYS D 335 6.78 -14.89 -38.78
N VAL D 336 5.91 -14.00 -39.25
CA VAL D 336 6.08 -13.37 -40.56
C VAL D 336 6.12 -11.86 -40.37
N PHE D 337 7.29 -11.28 -40.61
CA PHE D 337 7.50 -9.88 -40.29
C PHE D 337 7.02 -8.94 -41.40
N VAL D 338 6.23 -7.95 -40.99
CA VAL D 338 5.80 -6.86 -41.87
C VAL D 338 6.49 -5.60 -41.39
N ALA D 339 7.47 -5.13 -42.17
CA ALA D 339 8.17 -3.89 -41.82
C ALA D 339 7.29 -2.70 -42.11
N GLU D 340 7.65 -1.56 -41.52
CA GLU D 340 7.03 -0.30 -41.87
C GLU D 340 7.54 0.09 -43.25
N PRO D 341 6.64 0.47 -44.18
CA PRO D 341 7.08 0.92 -45.49
C PRO D 341 8.10 2.06 -45.51
N SER D 342 8.92 2.05 -46.56
CA SER D 342 9.82 3.14 -46.89
C SER D 342 8.97 4.35 -47.30
N VAL D 343 9.56 5.55 -47.33
CA VAL D 343 8.83 6.69 -47.87
C VAL D 343 8.55 6.44 -49.36
N GLU D 344 9.53 5.96 -50.10
CA GLU D 344 9.36 5.63 -51.52
C GLU D 344 8.31 4.55 -51.72
N ASP D 345 8.35 3.56 -50.84
CA ASP D 345 7.42 2.45 -50.89
C ASP D 345 6.04 3.04 -50.71
N THR D 346 5.91 3.88 -49.68
CA THR D 346 4.64 4.48 -49.32
C THR D 346 4.09 5.35 -50.43
N ILE D 347 4.97 5.98 -51.20
CA ILE D 347 4.53 6.76 -52.33
C ILE D 347 3.92 5.84 -53.37
N ALA D 348 4.53 4.68 -53.58
CA ALA D 348 3.95 3.70 -54.49
C ALA D 348 2.63 3.15 -53.95
N ILE D 349 2.54 2.96 -52.64
CA ILE D 349 1.31 2.41 -52.08
C ILE D 349 0.20 3.42 -52.32
N LEU D 350 0.46 4.69 -52.04
CA LEU D 350 -0.57 5.72 -52.14
C LEU D 350 -0.92 5.96 -53.60
N ARG D 351 0.06 5.79 -54.48
CA ARG D 351 -0.20 5.99 -55.90
C ARG D 351 -1.13 4.93 -56.43
N GLY D 352 -1.00 3.71 -55.92
CA GLY D 352 -1.95 2.68 -56.29
C GLY D 352 -3.33 2.86 -55.68
N LEU D 353 -3.39 3.34 -54.44
CA LEU D 353 -4.67 3.66 -53.80
C LEU D 353 -5.31 4.94 -54.38
N LYS D 354 -4.50 5.80 -55.00
CA LYS D 354 -4.93 7.13 -55.43
C LYS D 354 -6.27 7.15 -56.19
N GLU D 355 -6.42 6.28 -57.19
CA GLU D 355 -7.65 6.22 -57.98
C GLU D 355 -8.89 5.97 -57.13
N ARG D 356 -8.86 4.88 -56.38
CA ARG D 356 -10.00 4.48 -55.56
C ARG D 356 -10.38 5.59 -54.59
N TYR D 357 -9.36 6.19 -53.98
CA TYR D 357 -9.56 7.25 -53.00
C TYR D 357 -10.21 8.51 -53.55
N GLU D 358 -9.81 8.94 -54.75
CA GLU D 358 -10.45 10.09 -55.35
C GLU D 358 -11.81 9.77 -55.94
N LEU D 359 -12.12 8.49 -56.15
CA LEU D 359 -13.51 8.08 -56.39
C LEU D 359 -14.32 8.15 -55.10
N HIS D 360 -13.69 7.76 -53.99
CA HIS D 360 -14.35 7.73 -52.69
C HIS D 360 -14.82 9.11 -52.25
N HIS D 361 -13.87 10.03 -52.15
CA HIS D 361 -14.13 11.37 -51.61
C HIS D 361 -14.73 12.36 -52.59
N HIS D 362 -14.84 11.99 -53.86
CA HIS D 362 -15.36 12.93 -54.85
C HIS D 362 -14.45 14.15 -54.93
N VAL D 363 -13.15 13.90 -55.02
CA VAL D 363 -12.16 14.94 -55.12
C VAL D 363 -11.17 14.44 -56.14
N GLN D 364 -10.05 15.13 -56.25
CA GLN D 364 -9.01 14.70 -57.14
C GLN D 364 -7.72 14.90 -56.39
N ILE D 365 -6.92 13.85 -56.30
CA ILE D 365 -5.71 13.91 -55.51
C ILE D 365 -4.55 14.11 -56.46
N THR D 366 -3.56 14.87 -56.00
CA THR D 366 -2.47 15.37 -56.83
C THR D 366 -1.23 14.60 -56.51
N ASP D 367 -0.44 14.22 -57.50
CA ASP D 367 0.72 13.39 -57.20
C ASP D 367 1.67 14.07 -56.22
N PRO D 368 1.89 15.39 -56.37
CA PRO D 368 2.43 16.21 -55.31
C PRO D 368 1.78 16.01 -53.93
N ALA D 369 0.46 15.88 -53.84
CA ALA D 369 -0.19 15.58 -52.55
C ALA D 369 0.23 14.26 -52.00
N ILE D 370 0.45 13.29 -52.88
CA ILE D 370 0.84 11.98 -52.40
C ILE D 370 2.25 12.04 -51.80
N VAL D 371 3.20 12.48 -52.61
CA VAL D 371 4.59 12.56 -52.14
C VAL D 371 4.72 13.46 -50.91
N ALA D 372 3.89 14.50 -50.82
CA ALA D 372 3.92 15.38 -49.65
C ALA D 372 3.37 14.66 -48.44
N ALA D 373 2.27 13.94 -48.61
CA ALA D 373 1.62 13.25 -47.51
C ALA D 373 2.47 12.14 -46.93
N ALA D 374 3.29 11.52 -47.78
CA ALA D 374 4.24 10.52 -47.32
C ALA D 374 5.45 11.16 -46.63
N THR D 375 6.17 11.99 -47.38
CA THR D 375 7.40 12.65 -46.93
C THR D 375 7.26 13.40 -45.59
N LEU D 376 6.28 14.29 -45.51
CA LEU D 376 6.06 15.12 -44.33
C LEU D 376 5.64 14.28 -43.15
N SER D 377 4.65 13.42 -43.35
CA SER D 377 4.16 12.57 -42.26
C SER D 377 5.32 11.78 -41.64
N HIS D 378 6.21 11.26 -42.47
CA HIS D 378 7.40 10.59 -41.97
C HIS D 378 8.18 11.56 -41.08
N ARG D 379 8.48 12.73 -41.61
CA ARG D 379 9.17 13.76 -40.85
C ARG D 379 8.48 14.19 -39.55
N TYR D 380 7.36 14.89 -39.67
CA TYR D 380 6.80 15.64 -38.54
C TYR D 380 5.91 14.84 -37.59
N ILE D 381 5.64 13.57 -37.89
CA ILE D 381 4.86 12.73 -36.98
C ILE D 381 5.78 11.65 -36.42
N ALA D 382 6.11 11.82 -35.15
CA ALA D 382 7.11 10.99 -34.51
C ALA D 382 6.55 9.61 -34.20
N ASP D 383 5.39 9.58 -33.57
CA ASP D 383 4.85 8.37 -32.94
C ASP D 383 4.20 7.30 -33.83
N ARG D 384 3.31 7.68 -34.75
CA ARG D 384 2.58 6.67 -35.55
C ARG D 384 3.43 6.16 -36.73
N GLN D 385 2.89 5.19 -37.47
CA GLN D 385 3.66 4.47 -38.50
C GLN D 385 3.18 4.74 -39.92
N LEU D 386 4.10 4.59 -40.87
CA LEU D 386 4.07 5.35 -42.10
C LEU D 386 2.88 5.17 -43.04
N PRO D 387 2.62 3.95 -43.51
CA PRO D 387 1.65 3.89 -44.60
C PRO D 387 0.28 4.31 -44.10
N ASP D 388 0.05 4.20 -42.79
CA ASP D 388 -1.18 4.68 -42.19
C ASP D 388 -1.20 6.21 -42.04
N LYS D 389 -0.30 6.79 -41.24
CA LYS D 389 -0.32 8.23 -41.01
C LYS D 389 -0.37 9.05 -42.31
N ALA D 390 0.30 8.56 -43.36
CA ALA D 390 0.29 9.22 -44.66
C ALA D 390 -1.15 9.24 -45.19
N ILE D 391 -1.82 8.10 -45.09
CA ILE D 391 -3.19 8.03 -45.53
C ILE D 391 -4.06 9.00 -44.74
N ASP D 392 -4.11 8.89 -43.42
CA ASP D 392 -4.96 9.77 -42.59
C ASP D 392 -4.79 11.23 -43.01
N LEU D 393 -3.56 11.61 -43.31
CA LEU D 393 -3.30 12.96 -43.80
C LEU D 393 -4.07 13.24 -45.09
N ILE D 394 -3.89 12.41 -46.11
CA ILE D 394 -4.64 12.57 -47.35
C ILE D 394 -6.14 12.65 -47.10
N ASP D 395 -6.66 11.62 -46.43
CA ASP D 395 -8.07 11.45 -46.10
C ASP D 395 -8.67 12.72 -45.55
N GLU D 396 -8.00 13.33 -44.60
CA GLU D 396 -8.57 14.48 -43.92
C GLU D 396 -8.49 15.73 -44.79
N ALA D 397 -7.43 15.85 -45.60
CA ALA D 397 -7.35 16.93 -46.56
C ALA D 397 -8.49 16.79 -47.56
N ALA D 398 -8.85 15.55 -47.87
CA ALA D 398 -9.91 15.27 -48.84
C ALA D 398 -11.25 15.70 -48.30
N SER D 399 -11.59 15.28 -47.08
CA SER D 399 -12.87 15.66 -46.49
C SER D 399 -12.92 17.15 -46.17
N SER D 400 -11.76 17.82 -46.08
CA SER D 400 -11.76 19.27 -46.01
C SER D 400 -12.08 19.91 -47.36
N ILE D 401 -11.57 19.36 -48.45
CA ILE D 401 -11.92 19.89 -49.78
C ILE D 401 -13.39 19.59 -50.07
N ARG D 402 -13.89 18.44 -49.65
CA ARG D 402 -15.22 18.02 -50.02
C ARG D 402 -16.26 18.88 -49.30
N MSE D 403 -15.86 19.54 -48.21
CA MSE D 403 -16.69 20.56 -47.57
C MSE D 403 -16.56 21.91 -48.26
N GLN D 404 -15.33 22.32 -48.59
CA GLN D 404 -15.11 23.58 -49.30
C GLN D 404 -15.84 23.60 -50.66
N ILE D 405 -16.16 22.42 -51.20
CA ILE D 405 -16.98 22.28 -52.40
C ILE D 405 -18.46 22.55 -52.19
N ASP D 406 -19.02 22.03 -51.11
CA ASP D 406 -20.46 22.04 -50.89
C ASP D 406 -20.91 23.39 -50.31
N SER D 407 -19.99 24.33 -50.15
CA SER D 407 -20.32 25.65 -49.59
C SER D 407 -20.34 26.68 -50.71
N LYS D 408 -21.17 27.70 -50.56
CA LYS D 408 -21.29 28.77 -51.57
C LYS D 408 -19.91 29.42 -51.77
N PRO D 409 -19.65 29.98 -52.97
CA PRO D 409 -18.36 30.67 -53.11
C PRO D 409 -18.35 32.00 -52.38
N GLU D 410 -17.16 32.51 -52.02
CA GLU D 410 -17.07 33.80 -51.37
C GLU D 410 -17.38 34.92 -52.36
N GLU D 411 -17.20 34.63 -53.65
CA GLU D 411 -17.37 35.67 -54.66
C GLU D 411 -18.80 36.20 -54.67
N LEU D 412 -5.14 28.26 -49.31
CA LEU D 412 -6.33 28.50 -48.50
C LEU D 412 -6.15 27.70 -47.22
N ASP D 413 -7.05 27.86 -46.27
CA ASP D 413 -6.91 27.29 -44.92
C ASP D 413 -5.74 27.88 -44.13
N ARG D 414 -4.84 28.57 -44.83
CA ARG D 414 -4.15 29.72 -44.28
C ARG D 414 -5.13 30.87 -44.31
N LEU D 415 -5.88 30.99 -45.41
CA LEU D 415 -6.95 32.00 -45.49
C LEU D 415 -8.19 31.63 -44.70
N ASP D 416 -8.41 30.37 -44.36
CA ASP D 416 -9.54 30.03 -43.49
C ASP D 416 -9.17 30.39 -42.05
N ARG D 417 -7.90 30.21 -41.70
CA ARG D 417 -7.39 30.63 -40.41
C ARG D 417 -7.48 32.15 -40.24
N ARG D 418 -7.11 32.87 -41.30
CA ARG D 418 -7.21 34.32 -41.30
C ARG D 418 -8.64 34.77 -41.13
N ILE D 419 -9.51 34.29 -42.01
CA ILE D 419 -10.92 34.68 -42.00
C ILE D 419 -11.52 34.40 -40.61
N ILE D 420 -11.19 33.26 -40.02
CA ILE D 420 -11.82 32.84 -38.76
C ILE D 420 -11.44 33.77 -37.61
N GLN D 421 -10.16 34.11 -37.50
CA GLN D 421 -9.75 35.05 -36.46
C GLN D 421 -10.38 36.43 -36.67
N LEU D 422 -10.59 36.82 -37.92
CA LEU D 422 -11.31 38.07 -38.21
C LEU D 422 -12.83 37.96 -38.03
N LYS D 423 -13.38 36.75 -38.06
CA LYS D 423 -14.80 36.56 -37.76
C LYS D 423 -15.06 36.77 -36.27
N LEU D 424 -14.15 36.27 -35.45
CA LEU D 424 -14.25 36.48 -33.99
C LEU D 424 -13.96 37.92 -33.55
N GLU D 425 -12.85 38.51 -34.04
CA GLU D 425 -12.60 39.93 -33.79
C GLU D 425 -13.80 40.74 -34.21
N GLN D 426 -14.33 40.44 -35.39
CA GLN D 426 -15.39 41.24 -35.94
C GLN D 426 -16.67 41.11 -35.12
N GLN D 427 -16.94 39.94 -34.56
CA GLN D 427 -18.10 39.86 -33.65
C GLN D 427 -17.82 40.54 -32.32
N ALA D 428 -16.55 40.65 -31.93
CA ALA D 428 -16.18 41.39 -30.73
C ALA D 428 -16.33 42.89 -30.95
N LEU D 429 -15.71 43.37 -32.02
CA LEU D 429 -15.80 44.73 -32.47
C LEU D 429 -17.24 45.08 -32.91
N MSE D 430 -18.13 44.07 -32.95
CA MSE D 430 -19.56 44.25 -33.18
C MSE D 430 -20.38 44.48 -31.90
N LYS D 431 -19.77 44.28 -30.73
CA LYS D 431 -20.48 44.41 -29.45
C LYS D 431 -20.18 45.75 -28.79
N ARG D 440 -13.00 51.13 -37.83
CA ARG D 440 -12.21 49.90 -37.82
C ARG D 440 -13.12 48.71 -38.08
N LEU D 441 -14.33 48.77 -37.53
CA LEU D 441 -15.30 47.70 -37.73
C LEU D 441 -15.56 47.51 -39.20
N ASP D 442 -16.20 48.50 -39.81
CA ASP D 442 -16.65 48.41 -41.20
C ASP D 442 -15.45 48.22 -42.12
N MSE D 443 -14.32 48.83 -41.76
CA MSE D 443 -13.08 48.70 -42.53
C MSE D 443 -12.62 47.24 -42.55
N LEU D 444 -12.45 46.68 -41.36
CA LEU D 444 -12.10 45.29 -41.20
C LEU D 444 -13.14 44.41 -41.90
N ASN D 445 -14.36 44.91 -42.00
CA ASN D 445 -15.45 44.23 -42.69
C ASN D 445 -15.21 44.17 -44.21
N GLU D 446 -14.67 45.25 -44.76
CA GLU D 446 -14.29 45.27 -46.17
C GLU D 446 -13.16 44.28 -46.47
N GLU D 447 -12.09 44.35 -45.67
CA GLU D 447 -11.00 43.39 -45.78
C GLU D 447 -11.57 41.98 -45.77
N LEU D 448 -12.54 41.76 -44.88
CA LEU D 448 -13.18 40.46 -44.76
C LEU D 448 -13.82 39.97 -46.06
N SER D 449 -14.77 40.72 -46.62
CA SER D 449 -15.41 40.25 -47.86
C SER D 449 -14.42 40.02 -48.99
N ASP D 450 -13.52 40.96 -49.21
CA ASP D 450 -12.54 40.81 -50.29
C ASP D 450 -11.58 39.64 -50.01
N LYS D 451 -11.47 39.21 -48.76
CA LYS D 451 -10.74 37.98 -48.44
C LYS D 451 -11.58 36.69 -48.44
N GLU D 452 -12.91 36.82 -48.47
CA GLU D 452 -13.79 35.67 -48.71
C GLU D 452 -14.17 35.51 -50.18
N ARG D 453 -13.83 36.49 -51.01
CA ARG D 453 -13.90 36.32 -52.45
C ARG D 453 -12.63 35.59 -52.86
N GLN D 454 -11.50 35.98 -52.27
CA GLN D 454 -10.26 35.23 -52.43
C GLN D 454 -10.53 33.77 -52.12
N TYR D 455 -11.34 33.54 -51.08
CA TYR D 455 -11.55 32.19 -50.58
C TYR D 455 -12.54 31.35 -51.37
N SER D 456 -13.58 31.93 -51.95
CA SER D 456 -14.46 31.17 -52.83
C SER D 456 -13.77 30.89 -54.15
N GLU D 457 -13.19 31.93 -54.75
CA GLU D 457 -12.38 31.78 -55.95
C GLU D 457 -11.33 30.71 -55.77
N LEU D 458 -10.72 30.65 -54.60
CA LEU D 458 -9.71 29.65 -54.34
C LEU D 458 -10.34 28.27 -54.23
N GLU D 459 -11.41 28.15 -53.45
CA GLU D 459 -12.04 26.87 -53.21
C GLU D 459 -12.53 26.26 -54.53
N GLU D 460 -12.90 27.13 -55.46
CA GLU D 460 -13.46 26.69 -56.72
C GLU D 460 -12.35 26.28 -57.66
N GLU D 461 -11.26 27.06 -57.67
CA GLU D 461 -10.08 26.69 -58.43
C GLU D 461 -9.64 25.29 -58.04
N TRP D 462 -9.63 25.05 -56.74
CA TRP D 462 -9.16 23.80 -56.17
C TRP D 462 -10.07 22.63 -56.52
N LYS D 463 -11.38 22.86 -56.50
CA LYS D 463 -12.33 21.86 -56.96
C LYS D 463 -12.13 21.55 -58.44
N ALA D 464 -11.73 22.56 -59.21
CA ALA D 464 -11.45 22.36 -60.62
C ALA D 464 -10.13 21.62 -60.83
N GLU D 465 -9.18 21.78 -59.91
CA GLU D 465 -7.95 20.99 -59.95
C GLU D 465 -8.32 19.53 -59.80
N LYS D 466 -9.00 19.23 -58.70
CA LYS D 466 -9.42 17.89 -58.33
C LYS D 466 -10.10 17.22 -59.51
N ALA D 467 -11.02 17.94 -60.15
CA ALA D 467 -11.71 17.44 -61.34
C ALA D 467 -10.77 17.13 -62.51
N SER D 468 -9.91 18.07 -62.87
CA SER D 468 -8.99 17.89 -64.00
C SER D 468 -8.12 16.66 -63.81
N LEU D 469 -7.83 16.34 -62.55
CA LEU D 469 -7.12 15.11 -62.23
C LEU D 469 -7.99 13.88 -62.44
N SER D 470 -9.16 13.86 -61.83
CA SER D 470 -10.01 12.66 -61.86
C SER D 470 -10.33 12.26 -63.30
N GLY D 471 -10.46 13.24 -64.18
CA GLY D 471 -10.76 12.99 -65.57
C GLY D 471 -9.61 12.30 -66.25
N THR D 472 -8.39 12.75 -65.94
CA THR D 472 -7.18 12.19 -66.54
C THR D 472 -7.00 10.77 -66.04
N GLN D 473 -7.46 10.48 -64.82
CA GLN D 473 -7.39 9.12 -64.32
C GLN D 473 -8.41 8.22 -64.94
N THR D 474 -9.62 8.73 -65.20
CA THR D 474 -10.64 7.92 -65.84
C THR D 474 -10.13 7.47 -67.20
N ILE D 475 -9.77 8.43 -68.05
CA ILE D 475 -9.25 8.10 -69.35
C ILE D 475 -8.01 7.22 -69.27
N LYS D 476 -7.12 7.47 -68.33
CA LYS D 476 -5.95 6.62 -68.17
C LYS D 476 -6.41 5.15 -68.06
N ALA D 477 -7.39 4.93 -67.20
CA ALA D 477 -7.91 3.58 -66.95
C ALA D 477 -8.53 2.96 -68.18
N GLU D 478 -9.47 3.68 -68.79
CA GLU D 478 -10.24 3.19 -69.93
C GLU D 478 -9.30 2.77 -71.04
N LEU D 479 -8.27 3.57 -71.27
CA LEU D 479 -7.24 3.22 -72.22
C LEU D 479 -6.65 1.86 -71.85
N GLU D 480 -6.15 1.71 -70.62
CA GLU D 480 -5.56 0.42 -70.21
C GLU D 480 -6.48 -0.79 -70.36
N GLN D 481 -7.77 -0.64 -70.04
CA GLN D 481 -8.69 -1.78 -70.14
C GLN D 481 -8.98 -2.09 -71.59
N ALA D 482 -8.90 -1.08 -72.43
CA ALA D 482 -9.10 -1.29 -73.86
C ALA D 482 -7.90 -2.03 -74.46
N LYS D 483 -6.69 -1.65 -74.09
CA LYS D 483 -5.50 -2.32 -74.60
C LYS D 483 -5.52 -3.77 -74.15
N ILE D 484 -5.94 -3.99 -72.91
CA ILE D 484 -6.18 -5.33 -72.41
C ILE D 484 -7.15 -6.03 -73.35
N ALA D 485 -8.23 -5.36 -73.75
CA ALA D 485 -9.22 -5.96 -74.66
C ALA D 485 -8.65 -6.43 -76.00
N ILE D 486 -7.94 -5.58 -76.75
CA ILE D 486 -7.42 -6.03 -78.04
C ILE D 486 -6.29 -7.07 -77.93
N GLU D 487 -5.56 -7.07 -76.83
CA GLU D 487 -4.67 -8.18 -76.53
C GLU D 487 -5.47 -9.39 -76.05
N GLN D 488 -6.68 -9.14 -75.55
CA GLN D 488 -7.56 -10.21 -75.10
C GLN D 488 -8.12 -11.01 -76.25
N ALA D 489 -8.58 -10.35 -77.31
CA ALA D 489 -8.83 -11.11 -78.53
C ALA D 489 -7.93 -10.68 -79.72
N ARG D 490 -6.76 -11.30 -79.76
CA ARG D 490 -6.16 -11.86 -80.95
C ARG D 490 -6.55 -13.35 -80.87
N ARG D 491 -7.16 -13.71 -79.74
CA ARG D 491 -7.73 -15.00 -79.46
C ARG D 491 -9.23 -14.99 -79.67
N MSE D 498 -13.49 -7.26 -82.75
CA MSE D 498 -13.18 -5.86 -82.51
C MSE D 498 -12.10 -5.40 -83.53
N SER D 499 -12.58 -4.93 -84.69
CA SER D 499 -11.79 -4.66 -85.90
C SER D 499 -11.05 -3.30 -85.96
N GLU D 500 -10.54 -2.91 -87.14
CA GLU D 500 -9.56 -1.81 -87.30
C GLU D 500 -9.77 -0.49 -86.53
N LEU D 501 -11.00 0.04 -86.44
CA LEU D 501 -11.24 1.16 -85.53
C LEU D 501 -11.90 0.75 -84.19
N GLN D 502 -12.08 -0.57 -83.98
CA GLN D 502 -12.18 -1.10 -82.61
C GLN D 502 -10.79 -1.42 -82.00
N TYR D 503 -9.87 -1.91 -82.81
CA TYR D 503 -8.46 -1.68 -82.60
C TYR D 503 -8.33 -0.18 -82.42
N GLY D 504 -9.18 0.51 -83.16
CA GLY D 504 -9.41 1.93 -82.97
C GLY D 504 -10.14 2.12 -81.66
N LYS D 505 -10.87 3.23 -81.47
CA LYS D 505 -11.14 3.61 -80.09
C LYS D 505 -9.80 3.93 -79.43
N ILE D 506 -9.08 2.90 -79.01
CA ILE D 506 -7.72 3.05 -78.46
C ILE D 506 -6.89 4.24 -79.05
N PRO D 507 -6.93 4.53 -80.38
CA PRO D 507 -6.22 5.71 -80.91
C PRO D 507 -6.93 7.04 -80.60
N GLU D 508 -8.24 7.01 -80.30
CA GLU D 508 -8.90 8.19 -79.75
C GLU D 508 -8.65 8.37 -78.24
N LEU D 509 -8.83 7.31 -77.45
CA LEU D 509 -8.63 7.43 -76.01
C LEU D 509 -7.15 7.71 -75.80
N GLU D 510 -6.37 7.47 -76.84
CA GLU D 510 -4.97 7.88 -76.87
C GLU D 510 -4.90 9.41 -76.96
N LYS D 511 -5.71 10.02 -77.84
CA LYS D 511 -5.76 11.48 -77.93
C LYS D 511 -6.51 12.15 -76.78
N GLN D 512 -7.51 11.49 -76.21
CA GLN D 512 -8.18 12.02 -75.03
C GLN D 512 -7.20 12.12 -73.86
N LEU D 513 -6.38 11.09 -73.63
CA LEU D 513 -5.35 11.16 -72.61
C LEU D 513 -4.25 12.13 -72.99
N GLU D 514 -4.00 12.25 -74.29
CA GLU D 514 -3.12 13.28 -74.79
C GLU D 514 -3.71 14.62 -74.40
N ALA D 515 -5.03 14.72 -74.49
CA ALA D 515 -5.74 15.98 -74.25
C ALA D 515 -5.75 16.35 -72.78
N ALA D 516 -5.86 15.35 -71.91
CA ALA D 516 -5.99 15.64 -70.49
C ALA D 516 -4.70 16.19 -69.87
N THR D 517 -3.57 15.50 -70.06
CA THR D 517 -2.27 16.03 -69.63
C THR D 517 -1.92 17.33 -70.36
N GLN D 518 -2.35 17.43 -71.62
CA GLN D 518 -2.18 18.65 -72.40
C GLN D 518 -2.87 19.80 -71.68
N LEU D 519 -4.06 19.50 -71.15
CA LEU D 519 -4.87 20.45 -70.41
C LEU D 519 -4.26 20.64 -69.02
N GLU D 520 -3.77 19.55 -68.44
CA GLU D 520 -3.38 19.49 -67.03
C GLU D 520 -2.20 20.41 -66.80
N GLY D 521 -1.30 20.47 -67.78
CA GLY D 521 -0.17 21.36 -67.71
C GLY D 521 -0.60 22.82 -67.65
N LYS D 522 -1.66 23.15 -68.38
CA LYS D 522 -2.19 24.51 -68.38
C LYS D 522 -2.88 24.86 -67.06
N THR D 523 -3.86 24.04 -66.67
CA THR D 523 -4.68 24.31 -65.50
C THR D 523 -3.91 24.28 -64.16
N MSE D 524 -2.97 23.35 -63.99
CA MSE D 524 -2.54 22.90 -62.66
C MSE D 524 -1.54 23.75 -61.85
N ARG D 525 -13.81 27.23 -62.03
CA ARG D 525 -13.31 28.25 -61.10
C ARG D 525 -14.51 28.39 -60.18
N LEU D 526 -14.37 29.00 -59.00
CA LEU D 526 -15.43 29.10 -57.96
C LEU D 526 -15.59 27.84 -57.10
N LEU D 527 -15.13 26.70 -57.58
CA LEU D 527 -15.09 25.50 -56.77
C LEU D 527 -13.75 24.85 -57.03
N ARG D 528 -12.91 24.75 -56.01
CA ARG D 528 -11.63 24.07 -56.20
C ARG D 528 -11.74 22.62 -55.76
N ASN D 529 -11.48 21.76 -56.72
CA ASN D 529 -11.75 20.35 -56.64
C ASN D 529 -10.60 19.52 -56.14
N LYS D 530 -9.40 20.11 -56.08
CA LYS D 530 -8.18 19.32 -55.89
C LYS D 530 -7.71 19.29 -54.44
N VAL D 531 -7.20 18.12 -54.05
CA VAL D 531 -6.46 17.98 -52.80
C VAL D 531 -5.02 17.95 -53.23
N THR D 532 -4.30 19.02 -52.93
CA THR D 532 -2.96 19.20 -53.48
C THR D 532 -1.99 19.61 -52.40
N ASP D 533 -0.83 18.97 -52.37
CA ASP D 533 0.39 19.63 -51.94
C ASP D 533 0.17 20.39 -50.62
N ALA D 534 0.11 21.73 -50.69
CA ALA D 534 -0.23 22.59 -49.56
C ALA D 534 -1.48 22.19 -48.75
N GLU D 535 -2.48 21.60 -49.39
CA GLU D 535 -3.66 21.10 -48.67
C GLU D 535 -3.34 20.02 -47.67
N ILE D 536 -2.37 19.16 -48.00
CA ILE D 536 -1.86 18.16 -47.08
C ILE D 536 -1.09 18.89 -45.97
N ALA D 537 -0.41 19.96 -46.36
CA ALA D 537 0.41 20.74 -45.46
C ALA D 537 -0.42 21.46 -44.39
N GLU D 538 -1.62 21.87 -44.76
CA GLU D 538 -2.54 22.52 -43.83
C GLU D 538 -2.92 21.55 -42.72
N VAL D 539 -3.39 20.38 -43.13
CA VAL D 539 -3.84 19.38 -42.19
C VAL D 539 -2.71 19.11 -41.18
N LEU D 540 -1.49 18.94 -41.70
CA LEU D 540 -0.36 18.68 -40.80
C LEU D 540 0.08 19.93 -40.02
N ALA D 541 -0.31 21.13 -40.48
CA ALA D 541 -0.12 22.35 -39.69
C ALA D 541 -1.01 22.34 -38.48
N ARG D 542 -2.18 21.74 -38.61
CA ARG D 542 -3.08 21.62 -37.47
C ARG D 542 -2.66 20.54 -36.48
N TRP D 543 -2.24 19.39 -36.97
CA TRP D 543 -1.78 18.33 -36.08
C TRP D 543 -0.53 18.78 -35.35
N THR D 544 0.36 19.44 -36.07
CA THR D 544 1.60 19.92 -35.50
C THR D 544 1.55 21.29 -34.81
N GLY D 545 0.90 22.24 -35.47
CA GLY D 545 1.05 23.65 -35.09
C GLY D 545 2.39 24.21 -35.54
N ILE D 546 2.71 24.03 -36.83
CA ILE D 546 3.87 24.64 -37.46
C ILE D 546 3.28 25.69 -38.41
N PRO D 547 4.01 26.78 -38.70
CA PRO D 547 3.38 27.90 -39.43
C PRO D 547 3.15 27.69 -40.95
N VAL D 548 3.97 26.85 -41.58
CA VAL D 548 3.71 26.27 -42.91
C VAL D 548 3.52 27.10 -44.20
N SER D 549 4.34 28.11 -44.54
CA SER D 549 5.54 28.63 -43.86
C SER D 549 6.68 27.64 -43.55
N ARG D 550 7.27 27.72 -42.34
CA ARG D 550 8.58 27.12 -42.04
C ARG D 550 8.67 25.67 -42.48
N MSE D 551 7.52 25.02 -42.51
CA MSE D 551 7.43 23.66 -43.00
C MSE D 551 7.71 23.54 -44.50
N MSE D 552 7.12 24.43 -45.31
CA MSE D 552 7.24 24.35 -46.77
C MSE D 552 8.17 25.29 -47.59
N GLU D 553 -7.43 30.49 -31.71
CA GLU D 553 -6.92 31.25 -32.85
C GLU D 553 -5.69 30.50 -33.33
N SER D 554 -5.60 30.11 -34.61
CA SER D 554 -4.38 29.39 -34.96
C SER D 554 -3.36 30.36 -35.47
N GLU D 555 -2.60 30.91 -34.53
CA GLU D 555 -1.12 30.92 -34.44
C GLU D 555 -0.23 31.24 -35.64
N ARG D 556 -0.75 31.14 -36.85
CA ARG D 556 0.06 31.27 -38.02
C ARG D 556 0.21 32.74 -38.30
N GLU D 557 -0.88 33.48 -38.13
CA GLU D 557 -0.80 34.93 -38.23
C GLU D 557 -0.13 35.48 -36.98
N LYS D 558 -0.45 34.87 -35.83
CA LYS D 558 0.20 35.20 -34.57
C LYS D 558 1.72 35.16 -34.73
N LEU D 559 2.28 33.98 -35.02
CA LEU D 559 3.72 33.81 -35.21
C LEU D 559 4.36 34.76 -36.22
N LEU D 560 3.66 35.09 -37.29
CA LEU D 560 4.24 35.96 -38.31
C LEU D 560 4.21 37.42 -37.84
N ARG D 561 3.34 37.71 -36.88
CA ARG D 561 3.30 39.01 -36.19
C ARG D 561 4.24 39.09 -34.97
N MSE D 562 4.95 38.01 -34.69
CA MSE D 562 5.55 37.78 -33.37
C MSE D 562 6.50 38.84 -32.82
N GLU D 563 7.25 39.55 -33.66
CA GLU D 563 8.20 40.53 -33.14
C GLU D 563 7.47 41.80 -32.69
N GLN D 564 6.44 42.20 -33.42
CA GLN D 564 5.69 43.41 -33.10
C GLN D 564 4.91 43.10 -31.83
N GLU D 565 4.37 41.89 -31.77
CA GLU D 565 3.65 41.41 -30.61
C GLU D 565 4.50 41.47 -29.36
N LEU D 566 5.67 40.85 -29.43
CA LEU D 566 6.57 40.79 -28.30
C LEU D 566 7.01 42.20 -27.97
N HIS D 567 7.03 43.07 -28.97
CA HIS D 567 7.42 44.46 -28.77
C HIS D 567 6.41 45.34 -28.04
N HIS D 568 5.18 44.86 -27.85
CA HIS D 568 4.23 45.66 -27.09
C HIS D 568 4.69 45.70 -25.64
N ARG D 569 5.23 44.60 -25.15
CA ARG D 569 5.80 44.59 -23.81
C ARG D 569 7.30 44.82 -23.71
N VAL D 570 8.04 44.61 -24.80
CA VAL D 570 9.50 44.69 -24.73
C VAL D 570 10.01 45.87 -25.54
N ILE D 571 10.48 46.88 -24.83
CA ILE D 571 11.04 48.08 -25.45
C ILE D 571 12.49 47.89 -25.86
N GLY D 572 12.77 48.03 -27.15
CA GLY D 572 14.13 47.85 -27.62
C GLY D 572 14.52 46.39 -27.57
N GLN D 573 15.82 46.15 -27.51
CA GLN D 573 16.39 44.81 -27.58
C GLN D 573 15.90 44.07 -28.80
N ASN D 574 16.25 44.59 -29.99
CA ASN D 574 15.73 44.02 -31.22
C ASN D 574 16.48 42.77 -31.68
N GLU D 575 17.79 42.74 -31.50
CA GLU D 575 18.56 41.54 -31.82
C GLU D 575 17.97 40.38 -31.02
N ALA D 576 17.51 40.68 -29.81
CA ALA D 576 16.94 39.66 -28.93
C ALA D 576 15.59 39.17 -29.40
N VAL D 577 14.65 40.08 -29.63
CA VAL D 577 13.31 39.70 -30.08
C VAL D 577 13.38 38.92 -31.39
N ASP D 578 14.13 39.42 -32.35
CA ASP D 578 14.37 38.74 -33.62
C ASP D 578 14.88 37.32 -33.40
N ALA D 579 15.98 37.15 -32.67
CA ALA D 579 16.56 35.82 -32.47
C ALA D 579 15.57 34.85 -31.85
N VAL D 580 14.83 35.31 -30.86
CA VAL D 580 13.84 34.49 -30.17
C VAL D 580 12.77 34.07 -31.16
N SER D 581 12.36 35.01 -31.99
CA SER D 581 11.22 34.79 -32.88
C SER D 581 11.55 33.86 -34.03
N ASN D 582 12.74 34.01 -34.58
CA ASN D 582 13.17 33.14 -35.63
C ASN D 582 13.45 31.74 -35.10
N ALA D 583 14.12 31.63 -33.96
CA ALA D 583 14.34 30.32 -33.34
C ALA D 583 13.04 29.58 -33.02
N ILE D 584 11.99 30.30 -32.68
CA ILE D 584 10.70 29.64 -32.46
C ILE D 584 9.90 29.36 -33.75
N ARG D 585 10.00 30.22 -34.74
CA ARG D 585 9.25 30.01 -35.98
C ARG D 585 9.84 28.84 -36.74
N ARG D 586 11.16 28.71 -36.66
CA ARG D 586 11.90 27.59 -37.21
C ARG D 586 11.30 26.35 -36.64
N SER D 587 11.20 26.34 -35.32
CA SER D 587 10.72 25.18 -34.59
C SER D 587 9.31 24.81 -35.00
N ARG D 588 8.46 25.82 -35.19
CA ARG D 588 7.06 25.58 -35.49
C ARG D 588 6.74 25.29 -36.95
N ALA D 589 7.64 25.66 -37.85
CA ALA D 589 7.46 25.30 -39.25
C ALA D 589 7.83 23.83 -39.44
N GLY D 590 8.50 23.25 -38.45
CA GLY D 590 8.87 21.85 -38.48
C GLY D 590 10.30 21.67 -38.95
N LEU D 591 11.06 22.76 -38.97
CA LEU D 591 12.43 22.73 -39.47
C LEU D 591 13.43 22.38 -38.35
N ALA D 592 12.91 21.97 -37.19
CA ALA D 592 13.73 21.71 -36.02
C ALA D 592 13.65 20.25 -35.60
N ASP D 593 14.73 19.78 -34.96
CA ASP D 593 14.79 18.45 -34.35
C ASP D 593 13.58 18.27 -33.40
N PRO D 594 12.76 17.22 -33.63
CA PRO D 594 11.51 17.03 -32.89
C PRO D 594 11.69 16.67 -31.42
N ASN D 595 12.86 16.14 -31.06
CA ASN D 595 13.08 15.67 -29.70
C ASN D 595 13.38 16.80 -28.72
N ARG D 596 14.19 17.76 -29.15
CA ARG D 596 14.65 18.88 -28.32
C ARG D 596 13.47 19.79 -27.90
N PRO D 597 13.67 20.72 -26.92
CA PRO D 597 12.52 21.56 -26.58
C PRO D 597 12.21 22.59 -27.68
N ILE D 598 11.24 23.48 -27.49
CA ILE D 598 10.78 24.38 -28.57
C ILE D 598 11.83 25.43 -28.93
N GLY D 599 12.53 25.89 -27.93
CA GLY D 599 13.59 26.85 -28.11
C GLY D 599 14.47 26.78 -26.90
N SER D 600 15.72 27.20 -27.07
CA SER D 600 16.65 27.28 -25.97
C SER D 600 17.55 28.48 -26.23
N PHE D 601 17.76 29.32 -25.22
CA PHE D 601 18.46 30.57 -25.45
C PHE D 601 19.39 30.91 -24.31
N LEU D 602 20.56 31.44 -24.65
CA LEU D 602 21.43 32.04 -23.64
C LEU D 602 21.33 33.55 -23.73
N PHE D 603 20.72 34.16 -22.72
CA PHE D 603 20.62 35.60 -22.66
C PHE D 603 21.84 36.16 -21.92
N LEU D 604 22.72 36.85 -22.65
CA LEU D 604 23.85 37.56 -22.07
C LEU D 604 23.61 39.06 -22.13
N GLY D 605 24.11 39.79 -21.14
CA GLY D 605 23.87 41.22 -21.06
C GLY D 605 23.86 41.75 -19.63
N PRO D 606 23.69 43.08 -19.49
CA PRO D 606 23.48 43.72 -18.19
C PRO D 606 22.19 43.28 -17.51
N THR D 607 21.91 43.88 -16.37
CA THR D 607 20.71 43.55 -15.60
C THR D 607 19.75 44.74 -15.59
N GLY D 608 18.49 44.47 -15.89
CA GLY D 608 17.44 45.47 -15.93
C GLY D 608 17.27 46.06 -17.33
N VAL D 609 17.69 45.32 -18.35
CA VAL D 609 17.52 45.75 -19.73
C VAL D 609 16.37 45.05 -20.49
N GLY D 610 15.61 44.20 -19.81
CA GLY D 610 14.54 43.45 -20.44
C GLY D 610 14.73 41.95 -20.63
N LYS D 611 15.75 41.35 -20.03
CA LYS D 611 15.91 39.90 -20.06
C LYS D 611 14.66 39.21 -19.52
N THR D 612 14.29 39.48 -18.28
CA THR D 612 13.14 38.79 -17.72
C THR D 612 11.87 39.35 -18.35
N GLU D 613 11.86 40.61 -18.77
CA GLU D 613 10.65 41.13 -19.39
C GLU D 613 10.37 40.36 -20.68
N LEU D 614 11.40 40.00 -21.42
CA LEU D 614 11.23 39.21 -22.64
C LEU D 614 10.82 37.78 -22.28
N CYS D 615 11.34 37.27 -21.16
CA CYS D 615 10.88 35.97 -20.66
C CYS D 615 9.38 35.92 -20.39
N LYS D 616 8.87 36.83 -19.56
CA LYS D 616 7.44 36.88 -19.27
C LYS D 616 6.66 37.18 -20.55
N ALA D 617 7.22 38.03 -21.41
CA ALA D 617 6.52 38.49 -22.60
C ALA D 617 6.29 37.32 -23.54
N LEU D 618 7.28 36.42 -23.54
CA LEU D 618 7.28 35.25 -24.39
C LEU D 618 6.35 34.17 -23.83
N ALA D 619 6.50 33.93 -22.55
CA ALA D 619 5.66 33.02 -21.80
C ALA D 619 4.20 33.40 -22.03
N ASN D 620 3.94 34.68 -22.14
CA ASN D 620 2.58 35.15 -22.38
C ASN D 620 2.18 34.88 -23.81
N PHE D 621 3.04 35.27 -24.74
CA PHE D 621 2.76 35.17 -26.17
C PHE D 621 2.38 33.78 -26.65
N MSE D 622 2.95 32.74 -26.04
CA MSE D 622 2.62 31.37 -26.44
C MSE D 622 1.65 30.70 -25.51
N PHE D 623 2.07 30.60 -24.25
CA PHE D 623 1.38 29.81 -23.26
C PHE D 623 0.27 30.59 -22.57
N ASP D 624 -0.08 31.75 -23.13
CA ASP D 624 -1.33 32.41 -22.80
C ASP D 624 -1.23 33.16 -21.46
N SER D 625 -0.07 33.12 -20.82
CA SER D 625 0.08 33.69 -19.48
C SER D 625 1.51 34.11 -19.12
N ASP D 626 1.64 35.01 -18.15
CA ASP D 626 2.93 35.24 -17.52
C ASP D 626 3.19 34.16 -16.48
N GLU D 627 2.14 33.60 -15.88
CA GLU D 627 2.33 32.49 -14.94
C GLU D 627 2.76 31.22 -15.65
N ALA D 628 2.80 31.25 -16.98
CA ALA D 628 3.22 30.10 -17.73
C ALA D 628 4.60 29.58 -17.36
N MSE D 629 5.43 30.35 -16.65
CA MSE D 629 6.83 29.94 -16.47
C MSE D 629 7.19 29.14 -15.21
N VAL D 630 8.45 28.73 -15.18
CA VAL D 630 9.11 28.09 -14.05
C VAL D 630 10.41 28.83 -13.87
N ARG D 631 10.68 29.32 -12.66
CA ARG D 631 11.94 30.02 -12.40
C ARG D 631 12.79 29.37 -11.35
N ILE D 632 13.98 28.96 -11.76
CA ILE D 632 14.98 28.44 -10.85
C ILE D 632 16.18 29.38 -10.84
N ASP D 633 16.72 29.62 -9.64
CA ASP D 633 17.80 30.57 -9.48
C ASP D 633 19.05 29.74 -9.29
N MSE D 634 19.96 29.79 -10.24
CA MSE D 634 21.14 28.93 -10.18
C MSE D 634 22.20 29.47 -9.22
N SER D 635 21.97 30.67 -8.70
CA SER D 635 22.79 31.15 -7.60
C SER D 635 22.70 30.20 -6.40
N GLU D 636 21.56 29.52 -6.25
CA GLU D 636 21.39 28.54 -5.17
C GLU D 636 21.61 27.06 -5.58
N PHE D 637 22.02 26.79 -6.82
CA PHE D 637 22.42 25.44 -7.28
C PHE D 637 23.92 25.11 -7.40
N MSE D 638 24.77 25.96 -6.85
CA MSE D 638 26.21 25.93 -7.13
C MSE D 638 26.94 24.73 -6.51
N GLU D 639 26.42 24.25 -5.38
CA GLU D 639 27.10 23.19 -4.62
C GLU D 639 26.94 21.79 -5.23
N LYS D 640 27.57 20.80 -4.61
CA LYS D 640 27.71 19.47 -5.19
C LYS D 640 26.43 18.64 -5.09
N HIS D 641 25.68 18.88 -4.02
CA HIS D 641 24.45 18.16 -3.75
C HIS D 641 23.28 18.69 -4.57
N SER D 642 23.51 19.79 -5.30
CA SER D 642 22.46 20.55 -5.95
C SER D 642 21.50 19.75 -6.84
N VAL D 643 22.06 18.87 -7.66
CA VAL D 643 21.26 18.06 -8.59
C VAL D 643 20.21 17.23 -7.85
N SER D 644 20.48 16.87 -6.60
CA SER D 644 19.49 16.16 -5.79
C SER D 644 18.22 16.99 -5.66
N ARG D 645 18.40 18.26 -5.28
CA ARG D 645 17.28 19.17 -5.12
C ARG D 645 16.68 19.53 -6.48
N LEU D 646 17.51 19.43 -7.52
CA LEU D 646 17.11 19.78 -8.88
C LEU D 646 16.24 18.75 -9.60
N VAL D 647 16.79 17.55 -9.81
CA VAL D 647 16.07 16.47 -10.47
C VAL D 647 15.41 15.48 -9.50
N GLY D 648 15.78 15.57 -8.22
CA GLY D 648 15.32 14.61 -7.22
C GLY D 648 16.39 13.57 -6.93
N ALA D 649 16.44 13.09 -5.69
CA ALA D 649 17.46 12.15 -5.25
C ALA D 649 16.96 10.72 -5.32
N GLY D 659 11.36 14.66 -4.65
CA GLY D 659 11.79 14.91 -6.01
C GLY D 659 12.48 16.25 -6.13
N GLY D 660 12.89 16.59 -7.36
CA GLY D 660 13.56 17.84 -7.61
C GLY D 660 12.63 18.93 -8.12
N TYR D 661 12.98 20.18 -7.87
CA TYR D 661 12.10 21.31 -8.22
C TYR D 661 11.74 21.31 -9.70
N LEU D 662 12.77 21.26 -10.55
CA LEU D 662 12.57 21.30 -12.00
C LEU D 662 11.69 20.17 -12.53
N THR D 663 12.02 18.91 -12.23
CA THR D 663 11.27 17.81 -12.81
C THR D 663 9.79 17.84 -12.42
N GLU D 664 9.50 18.35 -11.22
CA GLU D 664 8.13 18.45 -10.75
C GLU D 664 7.37 19.53 -11.51
N ALA D 665 7.91 20.74 -11.54
CA ALA D 665 7.28 21.86 -12.23
C ALA D 665 6.95 21.51 -13.67
N VAL D 666 7.96 21.04 -14.40
CA VAL D 666 7.81 20.79 -15.84
C VAL D 666 6.79 19.66 -16.09
N ARG D 667 6.55 18.81 -15.09
CA ARG D 667 5.53 17.79 -15.22
C ARG D 667 4.11 18.31 -14.94
N ARG D 668 3.97 19.22 -13.97
CA ARG D 668 2.65 19.78 -13.67
C ARG D 668 2.23 20.78 -14.75
N ARG D 669 3.15 21.64 -15.17
CA ARG D 669 2.88 22.62 -16.22
C ARG D 669 3.81 22.36 -17.41
N PRO D 670 3.39 21.45 -18.31
CA PRO D 670 4.24 21.07 -19.44
C PRO D 670 4.58 22.26 -20.33
N TYR D 671 3.60 23.10 -20.63
CA TYR D 671 3.82 24.22 -21.55
C TYR D 671 4.24 25.40 -20.68
N SER D 672 5.50 25.80 -20.82
CA SER D 672 6.05 26.77 -19.89
C SER D 672 7.46 27.18 -20.28
N VAL D 673 7.82 28.38 -19.84
CA VAL D 673 9.12 28.96 -20.13
C VAL D 673 9.96 28.71 -18.91
N ILE D 674 11.10 28.09 -19.11
CA ILE D 674 11.95 27.71 -17.99
C ILE D 674 13.12 28.67 -17.98
N LEU D 675 13.15 29.47 -16.93
CA LEU D 675 14.11 30.55 -16.82
C LEU D 675 15.09 30.21 -15.72
N LEU D 676 16.35 29.98 -16.11
CA LEU D 676 17.41 29.66 -15.17
C LEU D 676 18.37 30.85 -15.08
N ASP D 677 18.37 31.53 -13.92
CA ASP D 677 19.13 32.78 -13.78
C ASP D 677 20.59 32.56 -13.37
N GLU D 678 21.49 33.21 -14.10
CA GLU D 678 22.93 33.08 -13.89
C GLU D 678 23.39 31.62 -13.79
N VAL D 679 23.36 30.89 -14.90
CA VAL D 679 23.81 29.49 -14.89
C VAL D 679 25.31 29.33 -14.73
N GLU D 680 26.08 30.37 -15.01
CA GLU D 680 27.52 30.31 -14.80
C GLU D 680 27.82 29.80 -13.40
N LYS D 681 26.99 30.23 -12.46
CA LYS D 681 27.17 29.94 -11.04
C LYS D 681 26.88 28.47 -10.72
N ALA D 682 26.22 27.77 -11.64
CA ALA D 682 25.71 26.43 -11.41
C ALA D 682 26.79 25.38 -11.33
N HIS D 683 26.44 24.23 -10.76
CA HIS D 683 27.38 23.14 -10.56
C HIS D 683 27.56 22.36 -11.87
N PRO D 684 28.72 21.70 -12.06
CA PRO D 684 28.94 20.92 -13.30
C PRO D 684 27.92 19.80 -13.58
N ASP D 685 27.60 18.96 -12.60
CA ASP D 685 26.48 18.02 -12.75
C ASP D 685 25.21 18.72 -13.25
N VAL D 686 24.90 19.91 -12.73
CA VAL D 686 23.69 20.63 -13.15
C VAL D 686 23.80 20.89 -14.66
N PHE D 687 24.88 21.55 -15.04
CA PHE D 687 25.21 21.89 -16.42
C PHE D 687 25.04 20.65 -17.33
N ASN D 688 25.31 19.46 -16.79
CA ASN D 688 25.02 18.21 -17.51
C ASN D 688 23.54 17.83 -17.64
N ILE D 689 22.75 18.04 -16.59
CA ILE D 689 21.30 17.83 -16.69
C ILE D 689 20.67 18.76 -17.72
N LEU D 690 21.18 19.98 -17.80
CA LEU D 690 20.75 20.92 -18.82
C LEU D 690 21.09 20.40 -20.20
N LEU D 691 22.31 19.89 -20.40
CA LEU D 691 22.59 19.21 -21.67
C LEU D 691 21.54 18.16 -21.95
N GLN D 692 21.18 17.36 -20.96
CA GLN D 692 20.21 16.29 -21.18
C GLN D 692 18.89 16.82 -21.73
N VAL D 693 18.36 17.89 -21.15
CA VAL D 693 17.12 18.45 -21.67
C VAL D 693 17.26 19.04 -23.07
N LEU D 694 18.25 19.91 -23.25
CA LEU D 694 18.54 20.54 -24.53
C LEU D 694 18.67 19.55 -25.69
N ASP D 695 19.56 18.57 -25.54
CA ASP D 695 19.80 17.55 -26.57
C ASP D 695 18.71 16.49 -26.70
N ASP D 696 18.37 15.82 -25.59
CA ASP D 696 17.41 14.72 -25.65
C ASP D 696 15.98 15.22 -25.68
N GLY D 697 15.68 16.24 -24.87
CA GLY D 697 14.34 16.77 -24.77
C GLY D 697 13.50 16.13 -23.69
N ARG D 698 14.13 15.33 -22.85
CA ARG D 698 13.46 14.68 -21.74
C ARG D 698 14.48 14.58 -20.64
N LEU D 699 14.01 14.52 -19.40
CA LEU D 699 14.92 14.35 -18.28
C LEU D 699 14.46 13.27 -17.32
N THR D 700 15.24 12.20 -17.19
CA THR D 700 14.92 11.15 -16.23
C THR D 700 15.20 11.66 -14.82
N ASP D 701 14.30 11.36 -13.89
CA ASP D 701 14.42 11.89 -12.53
C ASP D 701 15.01 10.93 -11.50
N GLY D 702 15.13 11.42 -10.26
CA GLY D 702 15.59 10.60 -9.15
C GLY D 702 14.65 9.45 -8.84
N GLN D 703 13.45 9.50 -9.41
CA GLN D 703 12.47 8.42 -9.29
C GLN D 703 12.42 7.48 -10.52
N GLY D 704 13.24 7.74 -11.54
CA GLY D 704 13.31 6.87 -12.70
C GLY D 704 12.43 7.26 -13.88
N ARG D 705 11.47 8.15 -13.64
CA ARG D 705 10.49 8.51 -14.66
C ARG D 705 11.11 9.56 -15.56
N THR D 706 10.65 9.65 -16.81
CA THR D 706 11.10 10.71 -17.71
C THR D 706 10.10 11.86 -17.75
N VAL D 707 10.62 13.08 -17.65
CA VAL D 707 9.80 14.28 -17.69
C VAL D 707 9.91 14.88 -19.08
N ASP D 708 8.77 15.29 -19.63
CA ASP D 708 8.74 15.77 -21.01
C ASP D 708 8.88 17.29 -21.10
N PHE D 709 10.00 17.73 -21.65
CA PHE D 709 10.27 19.14 -21.89
C PHE D 709 9.96 19.54 -23.33
N ARG D 710 9.37 18.63 -24.11
CA ARG D 710 9.21 18.84 -25.55
C ARG D 710 8.44 20.12 -25.89
N ASN D 711 7.53 20.55 -25.01
CA ASN D 711 6.96 21.89 -25.13
C ASN D 711 7.43 22.78 -24.02
N THR D 712 8.50 23.51 -24.25
CA THR D 712 8.96 24.55 -23.33
C THR D 712 9.92 25.44 -24.10
N VAL D 713 10.18 26.63 -23.57
CA VAL D 713 11.33 27.40 -24.03
C VAL D 713 12.27 27.50 -22.86
N VAL D 714 13.46 26.94 -23.02
CA VAL D 714 14.41 26.96 -21.93
C VAL D 714 15.29 28.19 -22.11
N ILE D 715 15.53 28.91 -21.03
CA ILE D 715 16.23 30.19 -21.11
C ILE D 715 17.29 30.30 -20.02
N MSE D 716 18.53 30.39 -20.45
CA MSE D 716 19.67 30.59 -19.56
C MSE D 716 19.85 32.09 -19.48
N THR D 717 19.93 32.69 -18.30
CA THR D 717 20.45 34.06 -18.20
C THR D 717 21.77 34.05 -17.48
N SER D 718 22.65 34.95 -17.88
CA SER D 718 23.95 35.09 -17.26
C SER D 718 24.49 36.51 -17.50
N ASN D 719 25.19 37.07 -16.53
CA ASN D 719 25.75 38.42 -16.66
C ASN D 719 27.22 38.47 -17.11
N LEU D 720 27.75 37.31 -17.52
CA LEU D 720 29.18 37.15 -17.83
C LEU D 720 29.76 38.19 -18.80
N GLY D 721 29.10 38.40 -19.92
CA GLY D 721 29.59 39.37 -20.89
C GLY D 721 29.31 40.82 -20.50
N SER D 722 28.42 41.03 -19.53
CA SER D 722 27.94 42.37 -19.17
C SER D 722 29.09 43.35 -18.93
N ASP D 723 30.24 42.81 -18.52
CA ASP D 723 31.46 43.58 -18.42
C ASP D 723 31.78 44.24 -19.76
N LEU D 724 32.12 43.42 -20.75
CA LEU D 724 32.51 43.91 -22.07
C LEU D 724 31.30 44.35 -22.88
N ILE D 725 30.10 43.95 -22.47
CA ILE D 725 28.90 44.22 -23.26
C ILE D 725 28.36 45.61 -23.05
N GLN D 726 28.36 46.05 -21.81
CA GLN D 726 27.93 47.40 -21.47
C GLN D 726 28.92 48.39 -22.05
N GLU D 727 30.19 48.01 -21.97
CA GLU D 727 31.30 48.85 -22.36
C GLU D 727 31.32 49.20 -23.84
N ARG D 728 30.88 48.26 -24.67
CA ARG D 728 30.93 48.40 -26.12
C ARG D 728 29.55 48.09 -26.67
N PHE D 729 29.21 48.61 -27.85
CA PHE D 729 28.10 48.07 -28.65
C PHE D 729 28.22 48.80 -29.96
N LEU D 732 28.98 48.12 -30.81
CA LEU D 732 29.61 48.59 -32.02
C LEU D 732 29.44 47.50 -33.06
N ASP D 733 28.75 47.80 -34.15
CA ASP D 733 28.65 46.87 -35.28
C ASP D 733 28.02 45.51 -34.96
N TYR D 734 26.77 45.51 -34.48
CA TYR D 734 25.90 44.32 -34.53
C TYR D 734 26.57 42.96 -34.18
N ALA D 735 26.52 42.00 -35.10
CA ALA D 735 27.01 40.64 -34.89
C ALA D 735 28.52 40.57 -34.71
N HIS D 736 29.24 41.60 -35.12
CA HIS D 736 30.68 41.61 -34.92
C HIS D 736 31.03 41.71 -33.43
N MSE D 737 30.08 42.20 -32.63
CA MSE D 737 30.23 42.16 -31.20
C MSE D 737 29.85 40.82 -30.60
N LYS D 738 28.75 40.28 -31.12
CA LYS D 738 28.34 38.94 -30.75
C LYS D 738 29.47 37.95 -31.06
N GLU D 739 30.36 38.31 -31.98
CA GLU D 739 31.62 37.58 -32.15
C GLU D 739 32.56 37.73 -30.95
N LEU D 740 32.88 38.96 -30.59
CA LEU D 740 33.94 39.24 -29.61
C LEU D 740 33.46 39.24 -28.15
N VAL D 741 32.18 38.92 -27.95
CA VAL D 741 31.71 38.48 -26.63
C VAL D 741 32.00 36.98 -26.46
N LEU D 742 31.82 36.21 -27.54
CA LEU D 742 32.06 34.78 -27.49
C LEU D 742 33.51 34.46 -27.12
N GLY D 743 34.40 35.43 -27.28
CA GLY D 743 35.77 35.27 -26.82
C GLY D 743 35.86 35.22 -25.31
N VAL D 744 34.96 35.93 -24.64
CA VAL D 744 34.92 35.94 -23.19
C VAL D 744 34.15 34.72 -22.69
N VAL D 745 33.11 34.32 -23.42
CA VAL D 745 32.33 33.16 -22.99
C VAL D 745 33.13 31.88 -23.17
N SER D 746 34.01 31.85 -24.17
CA SER D 746 34.86 30.69 -24.43
C SER D 746 35.57 30.21 -23.17
N HIS D 747 36.40 31.09 -22.60
CA HIS D 747 37.21 30.76 -21.44
C HIS D 747 36.36 30.04 -20.40
N ASN D 748 35.12 30.50 -20.23
CA ASN D 748 34.18 29.89 -19.30
C ASN D 748 33.43 28.64 -19.80
N PHE D 749 32.87 28.69 -21.01
CA PHE D 749 31.83 27.75 -21.44
C PHE D 749 32.35 26.66 -22.36
N ARG D 750 32.00 25.41 -22.05
CA ARG D 750 32.39 24.27 -22.86
C ARG D 750 31.74 24.32 -24.26
N PRO D 751 32.41 23.74 -25.27
CA PRO D 751 31.86 23.72 -26.63
C PRO D 751 30.59 22.87 -26.79
N GLU D 752 30.59 21.70 -26.17
CA GLU D 752 29.51 20.72 -26.29
C GLU D 752 28.17 21.38 -25.97
N PHE D 753 28.18 22.32 -25.04
CA PHE D 753 26.98 22.97 -24.52
C PHE D 753 26.41 24.10 -25.37
N ILE D 754 27.25 25.05 -25.79
CA ILE D 754 26.77 26.19 -26.57
C ILE D 754 26.33 25.74 -27.96
N ASN D 755 26.91 24.65 -28.45
CA ASN D 755 26.46 24.10 -29.73
C ASN D 755 24.99 23.70 -29.71
N ARG D 756 24.50 23.26 -28.55
CA ARG D 756 23.13 22.75 -28.42
C ARG D 756 22.11 23.81 -27.95
N ILE D 757 22.53 25.08 -27.88
CA ILE D 757 21.63 26.20 -27.65
C ILE D 757 21.17 26.81 -28.98
N ASP D 758 19.87 27.01 -29.15
CA ASP D 758 19.35 27.50 -30.43
C ASP D 758 19.91 28.86 -30.81
N GLU D 759 19.89 29.80 -29.88
CA GLU D 759 20.46 31.12 -30.11
C GLU D 759 21.12 31.62 -28.84
N VAL D 760 22.18 32.39 -29.01
CA VAL D 760 22.78 33.11 -27.90
C VAL D 760 22.56 34.57 -28.23
N VAL D 761 21.82 35.24 -27.35
CA VAL D 761 21.38 36.60 -27.57
C VAL D 761 22.24 37.57 -26.77
N VAL D 762 22.41 38.76 -27.33
CA VAL D 762 23.08 39.84 -26.62
C VAL D 762 22.07 40.93 -26.30
N PHE D 763 22.05 41.35 -25.03
CA PHE D 763 21.20 42.44 -24.58
C PHE D 763 22.03 43.69 -24.40
N HIS D 764 21.65 44.77 -25.07
CA HIS D 764 22.38 46.03 -24.98
C HIS D 764 21.90 46.91 -23.81
N PRO D 765 22.74 47.86 -23.35
CA PRO D 765 22.39 48.88 -22.34
C PRO D 765 21.28 49.84 -22.76
N LEU D 766 20.62 50.50 -21.82
CA LEU D 766 19.36 51.20 -22.15
C LEU D 766 19.46 52.69 -22.47
N GLY D 767 18.85 53.07 -23.59
CA GLY D 767 18.87 54.42 -24.10
C GLY D 767 17.77 55.34 -23.60
N GLU D 768 18.09 56.63 -23.55
CA GLU D 768 17.25 57.67 -22.95
C GLU D 768 15.78 57.55 -23.37
N GLN D 769 15.55 57.48 -24.68
CA GLN D 769 14.20 57.33 -25.23
C GLN D 769 13.60 55.99 -24.82
N HIS D 770 14.44 54.96 -24.68
CA HIS D 770 13.94 53.66 -24.21
C HIS D 770 13.38 53.75 -22.82
N ILE D 771 14.14 54.31 -21.88
CA ILE D 771 13.69 54.35 -20.49
C ILE D 771 12.44 55.19 -20.40
N ALA D 772 12.36 56.21 -21.25
CA ALA D 772 11.12 56.98 -21.36
C ALA D 772 9.94 56.10 -21.79
N SER D 773 10.15 55.23 -22.79
CA SER D 773 9.07 54.37 -23.28
C SER D 773 8.72 53.26 -22.28
N ILE D 774 9.74 52.75 -21.60
CA ILE D 774 9.62 51.72 -20.57
C ILE D 774 8.76 52.30 -19.47
N ALA D 775 9.04 53.56 -19.13
CA ALA D 775 8.33 54.28 -18.10
C ALA D 775 6.89 54.50 -18.50
N GLN D 776 6.68 54.89 -19.75
CA GLN D 776 5.34 55.15 -20.24
C GLN D 776 4.55 53.86 -20.14
N ILE D 777 5.20 52.72 -20.35
CA ILE D 777 4.54 51.42 -20.21
C ILE D 777 4.15 51.19 -18.75
N GLN D 778 5.04 51.49 -17.82
CA GLN D 778 4.71 51.28 -16.40
C GLN D 778 3.58 52.21 -15.95
N LEU D 779 3.45 53.38 -16.58
CA LEU D 779 2.36 54.27 -16.24
C LEU D 779 1.03 53.75 -16.81
N LYS D 780 1.09 52.82 -17.76
CA LYS D 780 -0.13 52.23 -18.32
C LYS D 780 -0.92 51.45 -17.26
N ARG D 781 -0.27 50.53 -16.55
CA ARG D 781 -0.96 49.72 -15.53
C ARG D 781 -1.71 50.67 -14.60
N LEU D 782 -1.00 51.72 -14.16
CA LEU D 782 -1.57 52.72 -13.25
C LEU D 782 -2.74 53.49 -13.87
N TYR D 783 -2.59 53.96 -15.11
CA TYR D 783 -3.61 54.80 -15.72
C TYR D 783 -4.88 53.98 -15.78
N LYS D 784 -4.72 52.70 -16.11
CA LYS D 784 -5.83 51.78 -16.29
C LYS D 784 -6.55 51.52 -14.97
N ARG D 785 -5.78 51.32 -13.90
CA ARG D 785 -6.38 51.09 -12.57
C ARG D 785 -7.22 52.30 -12.15
N LEU D 786 -6.75 53.49 -12.52
CA LEU D 786 -7.50 54.72 -12.32
C LEU D 786 -8.59 54.94 -13.35
N GLU D 787 -8.39 54.39 -14.55
CA GLU D 787 -9.33 54.55 -15.63
C GLU D 787 -10.65 53.98 -15.15
N GLU D 788 -10.54 52.80 -14.55
CA GLU D 788 -11.67 52.11 -13.96
C GLU D 788 -12.44 52.98 -12.98
N ARG D 789 -11.71 53.84 -12.27
CA ARG D 789 -12.27 54.67 -11.22
C ARG D 789 -12.76 56.06 -11.65
N GLY D 790 -12.53 56.44 -12.90
CA GLY D 790 -13.07 57.67 -13.43
C GLY D 790 -12.10 58.85 -13.48
N TYR D 791 -10.81 58.54 -13.35
CA TYR D 791 -9.76 59.54 -13.42
C TYR D 791 -8.97 59.38 -14.70
N GLU D 792 -8.95 60.41 -15.54
CA GLU D 792 -8.05 60.44 -16.68
C GLU D 792 -6.70 60.96 -16.17
N ILE D 793 -5.60 60.58 -16.81
CA ILE D 793 -4.28 61.16 -16.44
C ILE D 793 -3.38 61.42 -17.62
N HIS D 794 -2.60 62.48 -17.51
CA HIS D 794 -1.55 62.80 -18.46
C HIS D 794 -0.33 63.15 -17.68
N ILE D 795 0.83 62.79 -18.21
CA ILE D 795 2.10 63.16 -17.58
C ILE D 795 2.83 64.18 -18.43
N SER D 796 3.22 65.26 -17.77
CA SER D 796 3.98 66.33 -18.39
C SER D 796 5.20 65.76 -19.06
N ASP D 797 5.67 66.38 -20.14
CA ASP D 797 6.88 65.89 -20.77
C ASP D 797 8.03 65.98 -19.75
N GLU D 798 7.98 67.00 -18.89
CA GLU D 798 9.02 67.23 -17.89
C GLU D 798 8.99 66.17 -16.80
N ALA D 799 7.80 65.96 -16.22
CA ALA D 799 7.60 64.92 -15.24
C ALA D 799 8.10 63.56 -15.74
N LEU D 800 7.81 63.24 -17.00
CA LEU D 800 8.21 61.94 -17.53
C LEU D 800 9.73 61.83 -17.65
N LYS D 801 10.42 62.88 -18.08
CA LYS D 801 11.87 62.78 -18.10
C LYS D 801 12.46 62.73 -16.69
N LEU D 802 11.80 63.37 -15.74
CA LEU D 802 12.30 63.36 -14.36
C LEU D 802 12.19 61.94 -13.81
N LEU D 803 11.08 61.28 -14.15
CA LEU D 803 10.83 59.92 -13.71
C LEU D 803 11.78 58.97 -14.43
N SER D 804 12.09 59.31 -15.69
CA SER D 804 12.96 58.49 -16.51
C SER D 804 14.40 58.55 -16.03
N GLU D 805 14.79 59.69 -15.46
CA GLU D 805 16.13 59.83 -14.90
C GLU D 805 16.23 59.17 -13.54
N ASN D 806 15.16 59.25 -12.77
CA ASN D 806 15.09 58.56 -11.50
C ASN D 806 15.24 57.05 -11.68
N GLY D 807 14.73 56.52 -12.78
CA GLY D 807 14.66 55.08 -12.96
C GLY D 807 15.94 54.43 -13.45
N TYR D 808 16.83 55.22 -14.04
CA TYR D 808 17.91 54.65 -14.83
C TYR D 808 19.30 54.88 -14.23
N ASP D 809 19.90 53.79 -13.75
CA ASP D 809 21.33 53.77 -13.50
C ASP D 809 21.90 52.48 -14.11
N PRO D 810 23.11 52.56 -14.70
CA PRO D 810 23.72 51.39 -15.37
C PRO D 810 23.94 50.16 -14.49
N VAL D 811 23.88 50.30 -13.16
CA VAL D 811 24.14 49.17 -12.28
C VAL D 811 22.91 48.25 -12.24
N TYR D 812 21.81 48.77 -11.73
CA TYR D 812 20.57 48.01 -11.62
C TYR D 812 19.58 48.24 -12.79
N GLY D 813 20.01 48.96 -13.84
CA GLY D 813 19.24 49.04 -15.07
C GLY D 813 18.01 49.94 -15.03
N ALA D 814 16.90 49.44 -15.55
CA ALA D 814 15.60 50.10 -15.42
C ALA D 814 14.82 49.54 -14.23
N ARG D 815 15.46 48.71 -13.40
CA ARG D 815 14.79 48.08 -12.27
C ARG D 815 14.17 49.08 -11.29
N PRO D 816 14.91 50.13 -10.91
CA PRO D 816 14.40 51.11 -9.94
C PRO D 816 13.13 51.80 -10.41
N LEU D 817 12.93 51.88 -11.71
CA LEU D 817 11.84 52.68 -12.26
C LEU D 817 10.43 52.38 -11.72
N LYS D 818 10.09 51.11 -11.45
CA LYS D 818 8.72 50.84 -10.94
C LYS D 818 8.54 51.29 -9.50
N ARG D 819 9.59 51.18 -8.69
CA ARG D 819 9.50 51.61 -7.29
C ARG D 819 9.67 53.12 -7.18
N ALA D 820 10.22 53.74 -8.22
CA ALA D 820 10.24 55.19 -8.31
C ALA D 820 8.86 55.72 -8.70
N ILE D 821 8.12 54.99 -9.52
CA ILE D 821 6.78 55.40 -9.86
C ILE D 821 5.96 55.33 -8.61
N GLN D 822 6.12 54.23 -7.88
CA GLN D 822 5.38 54.01 -6.66
C GLN D 822 5.53 55.15 -5.65
N GLN D 823 6.76 55.48 -5.29
CA GLN D 823 7.04 56.48 -4.27
C GLN D 823 6.94 57.94 -4.73
N GLN D 824 7.19 58.21 -6.01
CA GLN D 824 7.09 59.56 -6.57
C GLN D 824 5.67 59.98 -6.95
N ILE D 825 4.89 59.01 -7.44
CA ILE D 825 3.59 59.28 -8.05
C ILE D 825 2.47 58.63 -7.27
N GLU D 826 2.51 57.31 -7.11
CA GLU D 826 1.39 56.58 -6.48
C GLU D 826 1.05 57.06 -5.06
N ASN D 827 2.05 57.27 -4.21
CA ASN D 827 1.77 57.70 -2.84
C ASN D 827 1.07 59.05 -2.71
N PRO D 828 1.65 60.11 -3.29
CA PRO D 828 1.00 61.41 -3.15
C PRO D 828 -0.40 61.41 -3.75
N LEU D 829 -0.51 60.85 -4.95
CA LEU D 829 -1.78 60.74 -5.65
C LEU D 829 -2.80 60.00 -4.79
N ALA D 830 -2.34 58.93 -4.12
CA ALA D 830 -3.21 58.10 -3.29
C ALA D 830 -3.89 58.90 -2.19
N GLN D 831 -3.18 59.86 -1.61
CA GLN D 831 -3.72 60.65 -0.52
C GLN D 831 -4.69 61.68 -1.05
N GLN D 832 -4.29 62.35 -2.13
CA GLN D 832 -5.14 63.34 -2.77
C GLN D 832 -6.48 62.69 -3.16
N ILE D 833 -6.41 61.47 -3.66
CA ILE D 833 -7.63 60.73 -4.01
C ILE D 833 -8.48 60.52 -2.76
N LEU D 834 -7.86 60.04 -1.69
CA LEU D 834 -8.55 59.74 -0.44
C LEU D 834 -9.08 60.98 0.30
N SER D 835 -8.41 62.11 0.13
CA SER D 835 -8.81 63.36 0.77
C SER D 835 -9.89 64.12 0.00
N GLY D 836 -9.94 63.92 -1.33
CA GLY D 836 -10.87 64.67 -2.16
C GLY D 836 -10.28 65.78 -3.02
N GLU D 837 -9.04 66.17 -2.75
CA GLU D 837 -8.34 67.18 -3.58
C GLU D 837 -8.51 66.87 -5.06
N LEU D 838 -8.28 65.62 -5.45
CA LEU D 838 -8.58 65.15 -6.79
C LEU D 838 -9.97 64.51 -6.86
N VAL D 839 -10.75 64.95 -7.84
CA VAL D 839 -12.08 64.40 -8.09
C VAL D 839 -12.13 63.68 -9.43
N PRO D 840 -12.94 62.60 -9.54
CA PRO D 840 -13.19 61.95 -10.83
C PRO D 840 -13.93 62.86 -11.82
N GLY D 841 -13.58 62.75 -13.10
CA GLY D 841 -14.18 63.61 -14.12
C GLY D 841 -13.43 64.92 -14.28
N LYS D 842 -12.18 64.92 -13.83
CA LYS D 842 -11.27 66.03 -14.10
C LYS D 842 -9.96 65.36 -14.45
N VAL D 843 -9.42 65.63 -15.63
CA VAL D 843 -8.13 65.08 -15.99
C VAL D 843 -7.09 65.51 -14.97
N ILE D 844 -6.18 64.59 -14.68
CA ILE D 844 -5.17 64.78 -13.68
C ILE D 844 -3.86 64.94 -14.40
N ARG D 845 -3.24 66.09 -14.24
CA ARG D 845 -2.01 66.36 -14.93
C ARG D 845 -0.86 66.15 -13.96
N LEU D 846 0.20 65.50 -14.41
CA LEU D 846 1.36 65.27 -13.56
C LEU D 846 2.48 66.18 -13.99
N GLU D 847 2.77 67.21 -13.21
CA GLU D 847 3.72 68.25 -13.58
C GLU D 847 4.86 68.23 -12.59
N VAL D 848 6.05 68.70 -12.98
CA VAL D 848 7.10 68.93 -11.99
C VAL D 848 6.87 70.28 -11.33
N ASN D 849 7.09 70.29 -10.03
CA ASN D 849 7.10 71.52 -9.26
C ASN D 849 8.29 71.47 -8.33
N GLU D 850 9.24 72.36 -8.56
CA GLU D 850 10.48 72.42 -7.77
C GLU D 850 11.05 71.02 -7.49
N ASP D 851 11.57 70.39 -8.54
CA ASP D 851 12.27 69.11 -8.41
C ASP D 851 11.40 68.00 -7.85
N ARG D 852 10.08 68.13 -7.97
CA ARG D 852 9.15 67.19 -7.36
C ARG D 852 7.93 66.93 -8.23
N ILE D 853 7.64 65.67 -8.53
CA ILE D 853 6.44 65.38 -9.34
C ILE D 853 5.19 65.55 -8.49
N VAL D 854 4.19 66.22 -9.05
CA VAL D 854 2.94 66.48 -8.36
C VAL D 854 1.75 66.34 -9.30
N ALA D 855 0.56 66.21 -8.72
CA ALA D 855 -0.67 65.99 -9.46
C ALA D 855 -1.63 67.15 -9.22
N VAL D 856 -2.15 67.73 -10.31
CA VAL D 856 -3.04 68.88 -10.24
C VAL D 856 -4.27 68.68 -11.11
N GLN D 857 -5.32 69.44 -10.83
CA GLN D 857 -6.47 69.50 -11.71
C GLN D 857 -6.77 70.95 -12.02
N GLN E 159 -38.67 0.94 -31.31
CA GLN E 159 -39.22 1.39 -30.03
C GLN E 159 -38.18 2.13 -29.22
N ALA E 160 -36.95 1.63 -29.26
CA ALA E 160 -35.91 2.05 -28.35
C ALA E 160 -35.53 3.53 -28.49
N LEU E 161 -35.84 4.13 -29.64
CA LEU E 161 -35.57 5.55 -29.86
C LEU E 161 -36.59 6.47 -29.20
N LYS E 162 -37.87 6.12 -29.32
CA LYS E 162 -38.91 6.94 -28.72
C LYS E 162 -38.73 7.01 -27.20
N LYS E 163 -38.20 5.94 -26.62
CA LYS E 163 -37.97 5.89 -25.18
C LYS E 163 -36.78 6.71 -24.68
N TYR E 164 -35.58 6.47 -25.21
CA TYR E 164 -34.36 7.08 -24.65
C TYR E 164 -33.74 8.29 -25.31
N THR E 165 -34.34 8.78 -26.39
CA THR E 165 -33.85 9.99 -27.00
C THR E 165 -34.98 11.02 -27.02
N ILE E 166 -34.60 12.29 -26.95
CA ILE E 166 -35.57 13.36 -27.07
C ILE E 166 -35.47 13.87 -28.50
N ASP E 167 -36.59 14.25 -29.10
CA ASP E 167 -36.57 14.66 -30.49
C ASP E 167 -36.39 16.15 -30.52
N LEU E 168 -35.19 16.59 -30.92
CA LEU E 168 -34.82 17.99 -30.86
C LEU E 168 -35.34 18.79 -32.03
N THR E 169 -35.54 18.14 -33.16
CA THR E 169 -36.14 18.80 -34.32
C THR E 169 -37.64 18.95 -34.11
N GLU E 170 -38.25 17.99 -33.42
CA GLU E 170 -39.66 18.06 -33.08
C GLU E 170 -39.86 19.29 -32.22
N ARG E 171 -39.14 19.33 -31.10
CA ARG E 171 -39.16 20.47 -30.21
C ARG E 171 -38.92 21.76 -30.98
N ALA E 172 -37.97 21.74 -31.90
CA ALA E 172 -37.69 22.92 -32.71
C ALA E 172 -38.91 23.42 -33.47
N GLU E 173 -39.71 22.53 -34.05
CA GLU E 173 -40.88 23.01 -34.79
C GLU E 173 -42.02 23.50 -33.91
N GLN E 174 -42.02 23.10 -32.65
CA GLN E 174 -43.00 23.60 -31.69
C GLN E 174 -42.56 24.96 -31.13
N GLY E 175 -41.44 25.49 -31.61
CA GLY E 175 -40.88 26.71 -31.07
C GLY E 175 -40.44 26.53 -29.63
N LYS E 176 -40.32 25.28 -29.20
CA LYS E 176 -39.99 24.98 -27.81
C LYS E 176 -38.51 25.13 -27.54
N LEU E 177 -37.71 25.24 -28.60
CA LEU E 177 -36.30 25.52 -28.43
C LEU E 177 -36.07 27.00 -28.49
N ASP E 178 -35.25 27.49 -27.55
CA ASP E 178 -34.92 28.90 -27.46
C ASP E 178 -33.97 29.24 -28.60
N PRO E 179 -33.96 30.50 -29.02
CA PRO E 179 -33.08 30.93 -30.11
C PRO E 179 -31.60 30.67 -29.82
N VAL E 180 -30.82 30.50 -30.88
CA VAL E 180 -29.37 30.37 -30.79
C VAL E 180 -28.78 31.55 -31.55
N ILE E 181 -27.58 31.99 -31.19
CA ILE E 181 -27.09 33.31 -31.58
C ILE E 181 -25.63 33.45 -32.01
N GLY E 182 -25.42 34.06 -33.18
CA GLY E 182 -24.09 34.42 -33.63
C GLY E 182 -23.15 33.23 -33.68
N ARG E 183 -23.72 32.04 -33.80
CA ARG E 183 -22.96 30.81 -33.91
C ARG E 183 -22.80 30.39 -35.36
N ASP E 184 -23.15 31.27 -36.29
CA ASP E 184 -23.23 30.91 -37.70
C ASP E 184 -22.04 30.08 -38.15
N GLU E 185 -20.86 30.43 -37.64
CA GLU E 185 -19.61 29.78 -38.02
C GLU E 185 -19.55 28.31 -37.61
N GLU E 186 -19.87 28.05 -36.35
CA GLU E 186 -19.67 26.71 -35.79
C GLU E 186 -20.72 25.75 -36.32
N ILE E 187 -21.89 26.28 -36.67
CA ILE E 187 -22.93 25.45 -37.26
C ILE E 187 -22.51 25.08 -38.67
N ARG E 188 -22.09 26.06 -39.47
CA ARG E 188 -21.65 25.78 -40.84
C ARG E 188 -20.58 24.69 -40.88
N ARG E 189 -19.51 24.86 -40.10
CA ARG E 189 -18.48 23.85 -40.00
C ARG E 189 -19.08 22.49 -39.62
N THR E 190 -19.96 22.48 -38.63
CA THR E 190 -20.65 21.24 -38.22
C THR E 190 -21.39 20.57 -39.39
N ILE E 191 -22.02 21.37 -40.26
CA ILE E 191 -22.76 20.81 -41.38
C ILE E 191 -21.82 20.24 -42.43
N GLN E 192 -20.71 20.94 -42.68
CA GLN E 192 -19.75 20.48 -43.67
C GLN E 192 -19.30 19.11 -43.26
N VAL E 193 -18.94 18.97 -41.99
CA VAL E 193 -18.52 17.69 -41.43
C VAL E 193 -19.65 16.65 -41.45
N LEU E 194 -20.90 17.06 -41.31
CA LEU E 194 -22.01 16.11 -41.46
C LEU E 194 -22.20 15.63 -42.89
N GLN E 195 -21.92 16.50 -43.85
CA GLN E 195 -22.13 16.16 -45.25
C GLN E 195 -20.98 15.36 -45.85
N ARG E 196 -19.87 15.28 -45.14
CA ARG E 196 -18.67 14.63 -45.65
C ARG E 196 -18.86 13.17 -45.98
N ARG E 197 -18.07 12.69 -46.92
CA ARG E 197 -18.06 11.31 -47.33
C ARG E 197 -17.32 10.47 -46.29
N THR E 198 -16.15 10.98 -45.91
CA THR E 198 -15.26 10.32 -44.98
C THR E 198 -14.87 11.30 -43.89
N LYS E 199 -14.75 10.81 -42.65
CA LYS E 199 -14.54 11.68 -41.48
C LYS E 199 -15.75 12.60 -41.34
N ASN E 200 -16.91 11.94 -41.38
CA ASN E 200 -18.20 12.61 -41.50
C ASN E 200 -18.95 12.85 -40.18
N ASN E 201 -18.32 12.53 -39.06
CA ASN E 201 -18.94 12.83 -37.75
C ASN E 201 -18.32 14.05 -37.08
N PRO E 202 -19.09 15.15 -36.92
CA PRO E 202 -18.58 16.24 -36.10
C PRO E 202 -18.67 15.96 -34.60
N VAL E 203 -17.65 16.38 -33.86
CA VAL E 203 -17.67 16.37 -32.41
C VAL E 203 -17.40 17.78 -31.93
N LEU E 204 -18.25 18.28 -31.05
CA LEU E 204 -18.11 19.63 -30.56
C LEU E 204 -17.18 19.65 -29.35
N ILE E 205 -16.17 20.51 -29.40
CA ILE E 205 -15.13 20.54 -28.38
C ILE E 205 -15.05 21.92 -27.74
N GLY E 206 -15.27 21.96 -26.43
CA GLY E 206 -15.22 23.22 -25.71
C GLY E 206 -15.42 23.02 -24.22
N GLU E 207 -15.28 24.10 -23.46
CA GLU E 207 -15.43 24.02 -22.02
C GLU E 207 -16.90 23.83 -21.65
N PRO E 208 -17.18 23.49 -20.38
CA PRO E 208 -18.59 23.34 -20.01
C PRO E 208 -19.38 24.66 -20.05
N GLY E 209 -20.55 24.60 -20.69
CA GLY E 209 -21.49 25.70 -20.68
C GLY E 209 -21.25 26.80 -21.69
N VAL E 210 -20.56 26.50 -22.78
CA VAL E 210 -20.16 27.56 -23.72
C VAL E 210 -21.01 27.73 -25.00
N GLY E 211 -22.08 26.96 -25.15
CA GLY E 211 -22.77 26.88 -26.42
C GLY E 211 -22.66 25.56 -27.18
N LYS E 212 -22.15 24.52 -26.54
CA LYS E 212 -22.06 23.19 -27.15
C LYS E 212 -23.39 22.63 -27.64
N THR E 213 -24.26 22.26 -26.71
CA THR E 213 -25.55 21.68 -27.10
C THR E 213 -26.37 22.77 -27.79
N ALA E 214 -26.17 24.02 -27.37
CA ALA E 214 -26.82 25.16 -28.01
C ALA E 214 -26.66 25.08 -29.52
N ILE E 215 -25.45 24.74 -29.95
CA ILE E 215 -25.16 24.62 -31.38
C ILE E 215 -25.94 23.50 -32.03
N VAL E 216 -26.06 22.35 -31.36
CA VAL E 216 -26.83 21.23 -31.90
C VAL E 216 -28.24 21.69 -32.18
N GLU E 217 -28.77 22.53 -31.30
CA GLU E 217 -30.12 23.00 -31.47
C GLU E 217 -30.23 24.10 -32.53
N GLY E 218 -29.15 24.84 -32.74
CA GLY E 218 -29.08 25.71 -33.88
C GLY E 218 -29.33 24.88 -35.12
N LEU E 219 -28.54 23.82 -35.26
CA LEU E 219 -28.67 22.85 -36.34
C LEU E 219 -30.10 22.31 -36.42
N ALA E 220 -30.72 22.04 -35.27
CA ALA E 220 -32.10 21.58 -35.26
C ALA E 220 -33.01 22.58 -35.97
N GLN E 221 -32.97 23.83 -35.53
CA GLN E 221 -33.89 24.84 -36.06
C GLN E 221 -33.57 25.22 -37.51
N ARG E 222 -32.34 25.01 -37.94
CA ARG E 222 -31.99 25.28 -39.33
C ARG E 222 -32.59 24.22 -40.23
N ILE E 223 -32.40 22.96 -39.84
CA ILE E 223 -32.96 21.81 -40.54
C ILE E 223 -34.44 22.04 -40.78
N ILE E 224 -35.13 22.38 -39.70
CA ILE E 224 -36.57 22.63 -39.77
C ILE E 224 -36.89 23.81 -40.70
N ASN E 225 -36.14 24.89 -40.59
CA ASN E 225 -36.35 26.09 -41.43
C ASN E 225 -35.88 25.95 -42.88
N GLY E 226 -34.97 25.01 -43.14
CA GLY E 226 -34.37 24.91 -44.46
C GLY E 226 -33.30 25.96 -44.67
N GLU E 227 -32.59 26.25 -43.59
CA GLU E 227 -31.38 27.06 -43.64
C GLU E 227 -30.15 26.15 -43.86
N VAL E 228 -30.40 24.88 -44.17
CA VAL E 228 -29.39 23.85 -44.34
C VAL E 228 -29.33 23.39 -45.79
N PRO E 229 -28.18 22.83 -46.23
CA PRO E 229 -28.09 22.28 -47.59
C PRO E 229 -29.10 21.17 -47.75
N GLU E 230 -29.45 20.83 -48.99
CA GLU E 230 -30.63 20.01 -49.21
C GLU E 230 -30.44 18.54 -48.88
N GLY E 231 -29.21 18.08 -48.81
CA GLY E 231 -28.95 16.72 -48.34
C GLY E 231 -29.44 16.53 -46.92
N LEU E 232 -29.40 17.62 -46.15
CA LEU E 232 -29.75 17.56 -44.73
C LEU E 232 -31.21 17.92 -44.43
N LYS E 233 -31.95 18.41 -45.43
CA LYS E 233 -33.36 18.77 -45.21
C LYS E 233 -34.17 17.52 -44.92
N GLY E 234 -34.88 17.53 -43.80
CA GLY E 234 -35.72 16.40 -43.44
C GLY E 234 -35.11 15.49 -42.42
N ARG E 235 -33.80 15.60 -42.17
CA ARG E 235 -33.17 14.75 -41.18
C ARG E 235 -33.75 15.14 -39.84
N ARG E 236 -33.67 14.23 -38.87
CA ARG E 236 -34.25 14.46 -37.55
C ARG E 236 -33.19 14.28 -36.48
N VAL E 237 -32.87 15.38 -35.78
CA VAL E 237 -31.85 15.40 -34.76
C VAL E 237 -32.43 14.98 -33.43
N LEU E 238 -31.87 13.93 -32.85
CA LEU E 238 -32.30 13.43 -31.56
C LEU E 238 -31.12 13.46 -30.60
N ALA E 239 -31.41 13.64 -29.32
CA ALA E 239 -30.39 13.61 -28.28
C ALA E 239 -30.54 12.36 -27.43
N LEU E 240 -29.57 11.46 -27.54
CA LEU E 240 -29.47 10.31 -26.65
C LEU E 240 -29.27 10.87 -25.28
N ASP E 241 -30.12 10.44 -24.35
CA ASP E 241 -30.08 10.99 -23.03
C ASP E 241 -29.38 10.01 -22.11
N MSE E 242 -28.31 10.48 -21.50
CA MSE E 242 -27.57 9.78 -20.48
C MSE E 242 -28.52 9.25 -19.43
N GLY E 243 -29.29 10.17 -18.88
CA GLY E 243 -30.21 9.86 -17.81
C GLY E 243 -31.33 8.94 -18.27
N ALA E 244 -31.68 9.01 -19.54
CA ALA E 244 -32.72 8.12 -20.06
C ALA E 244 -32.32 6.66 -19.89
N LEU E 245 -31.03 6.36 -20.03
CA LEU E 245 -30.54 4.99 -19.85
C LEU E 245 -30.15 4.74 -18.40
N ARG E 258 -28.78 -4.40 -21.19
CA ARG E 258 -28.69 -2.95 -21.12
C ARG E 258 -29.44 -2.31 -22.30
N LEU E 259 -30.36 -3.06 -22.92
CA LEU E 259 -30.94 -2.64 -24.18
C LEU E 259 -29.84 -2.45 -25.19
N LYS E 260 -29.56 -1.22 -25.63
CA LYS E 260 -28.46 -0.95 -26.56
C LYS E 260 -28.73 -1.44 -27.99
N GLY E 261 -29.84 -2.15 -28.20
CA GLY E 261 -30.35 -2.42 -29.52
C GLY E 261 -31.07 -1.20 -30.08
N VAL E 262 -30.93 -0.06 -29.40
CA VAL E 262 -31.27 1.25 -29.96
C VAL E 262 -30.60 1.42 -31.33
N LEU E 263 -29.33 1.04 -31.39
CA LEU E 263 -28.55 1.15 -32.61
C LEU E 263 -29.20 0.41 -33.77
N ASN E 264 -30.04 -0.57 -33.45
CA ASN E 264 -30.84 -1.25 -34.46
C ASN E 264 -31.83 -0.28 -35.11
N ASP E 265 -32.56 0.47 -34.27
CA ASP E 265 -33.54 1.42 -34.77
C ASP E 265 -32.90 2.54 -35.59
N LEU E 266 -31.70 2.96 -35.21
CA LEU E 266 -30.97 3.93 -36.02
C LEU E 266 -30.37 3.35 -37.29
N ALA E 267 -30.02 2.06 -37.23
CA ALA E 267 -29.50 1.37 -38.41
C ALA E 267 -30.63 1.12 -39.40
N LYS E 268 -31.86 1.09 -38.92
CA LYS E 268 -33.03 0.96 -39.79
C LYS E 268 -33.27 2.21 -40.66
N GLN E 269 -32.98 3.38 -40.11
CA GLN E 269 -33.27 4.66 -40.78
C GLN E 269 -32.09 5.32 -41.52
N GLU E 270 -30.95 4.64 -41.65
CA GLU E 270 -29.66 5.32 -41.86
C GLU E 270 -29.67 6.44 -42.90
N GLY E 271 -29.13 7.59 -42.48
CA GLY E 271 -28.99 8.77 -43.30
C GLY E 271 -30.04 9.84 -43.05
N ASN E 272 -31.21 9.43 -42.56
CA ASN E 272 -32.31 10.36 -42.27
C ASN E 272 -32.42 10.75 -40.78
N VAL E 273 -31.48 10.28 -39.96
CA VAL E 273 -31.49 10.58 -38.52
C VAL E 273 -30.09 10.90 -38.00
N ILE E 274 -29.95 12.06 -37.36
CA ILE E 274 -28.71 12.45 -36.70
C ILE E 274 -28.88 12.26 -35.20
N LEU E 275 -27.90 11.64 -34.54
CA LEU E 275 -27.94 11.35 -33.12
C LEU E 275 -27.00 12.27 -32.33
N PHE E 276 -27.37 12.65 -31.11
CA PHE E 276 -26.51 13.51 -30.28
C PHE E 276 -26.25 12.95 -28.88
N ILE E 277 -24.97 12.64 -28.63
CA ILE E 277 -24.51 12.20 -27.33
C ILE E 277 -23.68 13.30 -26.69
N ASP E 278 -24.19 13.93 -25.64
CA ASP E 278 -23.41 14.91 -24.90
C ASP E 278 -22.46 14.15 -23.99
N GLU E 279 -21.31 14.74 -23.69
CA GLU E 279 -20.31 14.07 -22.87
C GLU E 279 -19.97 12.70 -23.45
N LEU E 280 -19.70 12.66 -24.76
CA LEU E 280 -19.42 11.42 -25.48
C LEU E 280 -18.28 10.59 -24.86
N HIS E 281 -17.39 11.27 -24.15
CA HIS E 281 -16.29 10.62 -23.44
C HIS E 281 -16.73 9.54 -22.45
N THR E 282 -17.96 9.66 -21.94
CA THR E 282 -18.42 8.78 -20.86
C THR E 282 -18.78 7.36 -21.30
N MSE E 283 -19.21 7.18 -22.54
CA MSE E 283 -19.54 5.84 -23.05
C MSE E 283 -18.41 5.19 -23.85
N VAL E 284 -17.29 5.88 -23.95
CA VAL E 284 -16.02 5.25 -24.32
C VAL E 284 -15.23 4.85 -23.05
N GLY E 285 -15.86 4.97 -21.88
CA GLY E 285 -15.29 4.47 -20.64
C GLY E 285 -14.84 5.47 -19.60
N ALA E 286 -15.04 6.76 -19.86
CA ALA E 286 -14.63 7.78 -18.90
C ALA E 286 -15.65 7.91 -17.78
N ASP E 294 -17.54 1.04 -20.48
CA ASP E 294 -17.19 1.03 -21.89
C ASP E 294 -18.34 0.50 -22.74
N ALA E 295 -18.94 1.37 -23.53
CA ALA E 295 -19.80 0.95 -24.64
C ALA E 295 -19.02 0.96 -25.95
N GLY E 296 -17.72 1.27 -25.90
CA GLY E 296 -16.94 1.50 -27.11
C GLY E 296 -17.06 0.45 -28.20
N ASN E 297 -17.15 -0.82 -27.82
CA ASN E 297 -17.23 -1.90 -28.78
C ASN E 297 -18.55 -1.92 -29.55
N MSE E 298 -19.61 -1.42 -28.92
CA MSE E 298 -20.92 -1.30 -29.55
C MSE E 298 -20.90 -0.32 -30.70
N LEU E 299 -20.35 0.85 -30.42
CA LEU E 299 -20.50 2.02 -31.27
C LEU E 299 -19.48 2.01 -32.40
N LYS E 300 -18.29 1.48 -32.12
CA LYS E 300 -17.20 1.42 -33.09
C LYS E 300 -17.57 0.85 -34.47
N PRO E 301 -18.29 -0.29 -34.51
CA PRO E 301 -18.68 -0.77 -35.83
C PRO E 301 -19.69 0.14 -36.54
N ALA E 302 -20.55 0.80 -35.78
CA ALA E 302 -21.63 1.62 -36.36
C ALA E 302 -21.12 2.82 -37.17
N LEU E 303 -20.04 3.45 -36.70
CA LEU E 303 -19.50 4.66 -37.33
C LEU E 303 -18.82 4.36 -38.66
N ALA E 304 -18.20 3.18 -38.75
CA ALA E 304 -17.54 2.74 -39.97
C ALA E 304 -18.53 2.12 -40.95
N ARG E 305 -19.70 1.72 -40.45
CA ARG E 305 -20.75 1.18 -41.29
C ARG E 305 -21.77 2.23 -41.75
N GLY E 306 -21.63 3.47 -41.27
CA GLY E 306 -22.53 4.54 -41.65
C GLY E 306 -23.91 4.44 -41.05
N GLU E 307 -24.15 3.41 -40.23
CA GLU E 307 -25.48 3.16 -39.66
C GLU E 307 -25.80 4.29 -38.70
N LEU E 308 -24.75 4.78 -38.04
CA LEU E 308 -24.84 5.78 -37.00
C LEU E 308 -24.15 7.07 -37.42
N HIS E 309 -24.95 8.10 -37.68
CA HIS E 309 -24.45 9.45 -37.89
C HIS E 309 -24.73 10.16 -36.58
N CYS E 310 -23.71 10.56 -35.83
CA CYS E 310 -23.94 11.27 -34.57
C CYS E 310 -23.13 12.56 -34.35
N VAL E 311 -23.33 13.15 -33.17
CA VAL E 311 -22.63 14.37 -32.75
C VAL E 311 -22.24 14.23 -31.28
N GLY E 312 -20.99 14.50 -30.97
CA GLY E 312 -20.49 14.42 -29.61
C GLY E 312 -20.27 15.78 -28.96
N ALA E 313 -20.05 15.76 -27.64
CA ALA E 313 -19.56 16.94 -26.94
C ALA E 313 -18.68 16.54 -25.75
N THR E 314 -17.57 17.24 -25.57
CA THR E 314 -16.59 16.93 -24.53
C THR E 314 -15.66 18.13 -24.37
N THR E 315 -14.72 18.08 -23.45
CA THR E 315 -13.66 19.09 -23.43
C THR E 315 -12.56 18.62 -24.38
N LEU E 316 -11.56 19.45 -24.63
CA LEU E 316 -10.49 19.08 -25.57
C LEU E 316 -9.62 18.01 -24.95
N ASP E 317 -9.42 18.08 -23.64
CA ASP E 317 -8.68 17.05 -22.93
C ASP E 317 -9.34 15.68 -23.07
N GLU E 318 -10.66 15.64 -22.94
CA GLU E 318 -11.41 14.40 -23.08
C GLU E 318 -11.39 13.87 -24.52
N TYR E 319 -11.20 14.77 -25.50
CA TYR E 319 -11.06 14.33 -26.90
C TYR E 319 -9.71 13.70 -27.16
N ARG E 320 -8.64 14.37 -26.75
CA ARG E 320 -7.28 13.87 -26.96
C ARG E 320 -7.15 12.51 -26.31
N GLN E 321 -7.63 12.41 -25.08
CA GLN E 321 -7.50 11.17 -24.31
C GLN E 321 -8.35 10.03 -24.85
N TYR E 322 -9.66 10.23 -24.91
CA TYR E 322 -10.58 9.13 -25.25
C TYR E 322 -10.99 9.04 -26.72
N ILE E 323 -10.42 9.87 -27.60
CA ILE E 323 -10.67 9.76 -29.03
C ILE E 323 -9.39 9.70 -29.86
N GLU E 324 -8.60 10.78 -29.81
CA GLU E 324 -7.52 10.96 -30.75
C GLU E 324 -6.48 9.84 -30.72
N LYS E 325 -6.38 9.13 -29.60
CA LYS E 325 -5.42 8.04 -29.46
C LYS E 325 -5.81 6.73 -30.16
N ASP E 326 -7.01 6.69 -30.72
CA ASP E 326 -7.56 5.48 -31.35
C ASP E 326 -7.67 5.67 -32.87
N ALA E 327 -7.55 4.59 -33.63
CA ALA E 327 -7.85 4.64 -35.06
C ALA E 327 -9.36 4.58 -35.28
N ALA E 328 -10.00 3.62 -34.63
CA ALA E 328 -11.44 3.37 -34.80
C ALA E 328 -12.31 4.62 -34.59
N LEU E 329 -11.92 5.49 -33.67
CA LEU E 329 -12.63 6.74 -33.45
C LEU E 329 -12.11 7.85 -34.34
N GLU E 330 -10.85 8.24 -34.13
CA GLU E 330 -10.27 9.42 -34.75
C GLU E 330 -10.38 9.45 -36.27
N ARG E 331 -10.47 8.28 -36.90
CA ARG E 331 -10.59 8.22 -38.35
C ARG E 331 -11.99 8.58 -38.85
N ARG E 332 -13.01 8.37 -38.02
CA ARG E 332 -14.39 8.70 -38.37
C ARG E 332 -14.84 10.09 -37.90
N PHE E 333 -14.05 10.74 -37.04
CA PHE E 333 -14.52 11.92 -36.32
C PHE E 333 -13.75 13.20 -36.65
N GLN E 334 -14.40 14.33 -36.36
CA GLN E 334 -13.81 15.63 -36.58
C GLN E 334 -13.82 16.47 -35.31
N LYS E 335 -12.84 17.36 -35.19
CA LYS E 335 -12.84 18.37 -34.14
C LYS E 335 -13.55 19.61 -34.69
N VAL E 336 -14.61 20.03 -34.01
CA VAL E 336 -15.19 21.35 -34.26
C VAL E 336 -15.17 22.16 -32.97
N PHE E 337 -14.36 23.20 -32.95
CA PHE E 337 -14.11 23.94 -31.72
C PHE E 337 -15.17 25.00 -31.46
N VAL E 338 -15.70 24.99 -30.24
CA VAL E 338 -16.61 26.01 -29.74
C VAL E 338 -15.87 26.78 -28.66
N ALA E 339 -15.48 28.02 -28.97
CA ALA E 339 -14.80 28.85 -27.99
C ALA E 339 -15.80 29.36 -26.96
N GLU E 340 -15.27 29.83 -25.84
CA GLU E 340 -16.07 30.54 -24.87
C GLU E 340 -16.40 31.92 -25.44
N PRO E 341 -17.68 32.32 -25.41
CA PRO E 341 -18.02 33.66 -25.89
C PRO E 341 -17.26 34.82 -25.27
N SER E 342 -17.11 35.87 -26.07
CA SER E 342 -16.60 37.16 -25.62
C SER E 342 -17.61 37.78 -24.66
N VAL E 343 -17.23 38.79 -23.89
CA VAL E 343 -18.22 39.50 -23.08
C VAL E 343 -19.23 40.19 -24.01
N GLU E 344 -18.73 40.84 -25.08
CA GLU E 344 -19.60 41.49 -26.06
C GLU E 344 -20.51 40.48 -26.74
N ASP E 345 -19.95 39.33 -27.06
CA ASP E 345 -20.68 38.26 -27.72
C ASP E 345 -21.80 37.87 -26.79
N THR E 346 -21.44 37.64 -25.52
CA THR E 346 -22.37 37.19 -24.51
C THR E 346 -23.48 38.19 -24.29
N ILE E 347 -23.18 39.47 -24.44
CA ILE E 347 -24.21 40.49 -24.32
C ILE E 347 -25.20 40.34 -25.46
N ALA E 348 -24.70 40.05 -26.66
CA ALA E 348 -25.60 39.79 -27.78
C ALA E 348 -26.40 38.50 -27.56
N ILE E 349 -25.77 37.49 -26.97
CA ILE E 349 -26.48 36.22 -26.79
C ILE E 349 -27.63 36.48 -25.81
N LEU E 350 -27.36 37.18 -24.72
CA LEU E 350 -28.37 37.40 -23.69
C LEU E 350 -29.44 38.34 -24.20
N ARG E 351 -29.06 39.26 -25.08
CA ARG E 351 -30.03 40.19 -25.63
C ARG E 351 -31.02 39.47 -26.51
N GLY E 352 -30.55 38.46 -27.23
CA GLY E 352 -31.46 37.64 -28.01
C GLY E 352 -32.34 36.73 -27.15
N LEU E 353 -31.78 36.17 -26.09
CA LEU E 353 -32.56 35.37 -25.13
C LEU E 353 -33.49 36.23 -24.28
N LYS E 354 -33.19 37.52 -24.15
CA LYS E 354 -33.89 38.40 -23.21
C LYS E 354 -35.42 38.30 -23.26
N GLU E 355 -36.02 38.36 -24.45
CA GLU E 355 -37.47 38.28 -24.61
C GLU E 355 -38.05 37.01 -24.00
N ARG E 356 -37.55 35.87 -24.46
CA ARG E 356 -38.06 34.58 -24.04
C ARG E 356 -37.96 34.44 -22.53
N TYR E 357 -36.82 34.87 -21.98
CA TYR E 357 -36.56 34.79 -20.56
C TYR E 357 -37.49 35.60 -19.68
N GLU E 358 -37.81 36.82 -20.10
CA GLU E 358 -38.76 37.63 -19.34
C GLU E 358 -40.21 37.18 -19.57
N LEU E 359 -40.47 36.41 -20.62
CA LEU E 359 -41.75 35.68 -20.70
C LEU E 359 -41.77 34.51 -19.72
N HIS E 360 -40.62 33.85 -19.59
CA HIS E 360 -40.50 32.68 -18.73
C HIS E 360 -40.77 33.00 -17.27
N HIS E 361 -39.98 33.93 -16.73
CA HIS E 361 -40.03 34.27 -15.31
C HIS E 361 -41.12 35.23 -14.90
N HIS E 362 -41.85 35.79 -15.85
CA HIS E 362 -42.88 36.76 -15.52
C HIS E 362 -42.25 37.97 -14.83
N VAL E 363 -41.17 38.46 -15.42
CA VAL E 363 -40.47 39.62 -14.93
C VAL E 363 -40.12 40.44 -16.13
N GLN E 364 -39.28 41.43 -15.95
CA GLN E 364 -38.83 42.23 -17.06
C GLN E 364 -37.36 42.45 -16.83
N ILE E 365 -36.55 42.13 -17.82
CA ILE E 365 -35.12 42.19 -17.67
C ILE E 365 -34.64 43.47 -18.34
N THR E 366 -33.62 44.07 -17.75
CA THR E 366 -33.17 45.42 -18.09
C THR E 366 -31.88 45.32 -18.86
N ASP E 367 -31.71 46.10 -19.91
CA ASP E 367 -30.50 45.93 -20.72
C ASP E 367 -29.23 46.14 -19.89
N PRO E 368 -29.24 47.13 -18.99
CA PRO E 368 -28.27 47.18 -17.90
C PRO E 368 -28.08 45.86 -17.13
N ALA E 369 -29.15 45.12 -16.83
CA ALA E 369 -29.02 43.80 -16.19
C ALA E 369 -28.27 42.84 -17.05
N ILE E 370 -28.46 42.92 -18.36
CA ILE E 370 -27.77 41.99 -19.23
C ILE E 370 -26.28 42.29 -19.23
N VAL E 371 -25.92 43.51 -19.59
CA VAL E 371 -24.51 43.88 -19.63
C VAL E 371 -23.82 43.69 -18.28
N ALA E 372 -24.55 43.88 -17.19
CA ALA E 372 -23.98 43.67 -15.86
C ALA E 372 -23.76 42.18 -15.62
N ALA E 373 -24.73 41.37 -15.99
CA ALA E 373 -24.66 39.93 -15.75
C ALA E 373 -23.54 39.27 -16.56
N ALA E 374 -23.24 39.83 -17.72
CA ALA E 374 -22.13 39.36 -18.52
C ALA E 374 -20.79 39.84 -17.96
N THR E 375 -20.63 41.17 -17.90
CA THR E 375 -19.39 41.83 -17.44
C THR E 375 -18.87 41.35 -16.10
N LEU E 376 -19.73 41.38 -15.08
CA LEU E 376 -19.36 41.01 -13.72
C LEU E 376 -19.05 39.53 -13.63
N SER E 377 -19.92 38.69 -14.16
CA SER E 377 -19.70 37.26 -14.10
C SER E 377 -18.33 36.90 -14.69
N HIS E 378 -17.98 37.53 -15.80
CA HIS E 378 -16.65 37.35 -16.38
C HIS E 378 -15.60 37.70 -15.33
N ARG E 379 -15.71 38.89 -14.77
CA ARG E 379 -14.80 39.34 -13.72
C ARG E 379 -14.74 38.44 -12.48
N TYR E 380 -15.80 38.42 -11.69
CA TYR E 380 -15.75 37.87 -10.34
C TYR E 380 -15.95 36.37 -10.21
N ILE E 381 -16.23 35.68 -11.30
CA ILE E 381 -16.35 34.21 -11.28
C ILE E 381 -15.20 33.62 -12.06
N ALA E 382 -14.26 33.05 -11.33
CA ALA E 382 -13.02 32.59 -11.89
C ALA E 382 -13.22 31.29 -12.68
N ASP E 383 -13.89 30.33 -12.04
CA ASP E 383 -13.91 28.94 -12.52
C ASP E 383 -14.85 28.58 -13.69
N ARG E 384 -16.12 29.01 -13.65
CA ARG E 384 -17.07 28.58 -14.68
C ARG E 384 -16.94 29.43 -15.96
N GLN E 385 -17.70 29.09 -17.00
CA GLN E 385 -17.54 29.68 -18.33
C GLN E 385 -18.71 30.55 -18.77
N LEU E 386 -18.41 31.50 -19.66
CA LEU E 386 -19.15 32.75 -19.72
C LEU E 386 -20.62 32.70 -20.06
N PRO E 387 -21.00 32.16 -21.22
CA PRO E 387 -22.39 32.39 -21.61
C PRO E 387 -23.32 31.69 -20.63
N ASP E 388 -22.82 30.67 -19.94
CA ASP E 388 -23.59 30.01 -18.90
C ASP E 388 -23.65 30.82 -17.60
N LYS E 389 -22.51 31.05 -16.95
CA LYS E 389 -22.51 31.77 -15.67
C LYS E 389 -23.30 33.09 -15.71
N ALA E 390 -23.24 33.78 -16.86
CA ALA E 390 -23.99 35.01 -17.04
C ALA E 390 -25.48 34.72 -16.93
N ILE E 391 -25.91 33.66 -17.60
CA ILE E 391 -27.32 33.28 -17.54
C ILE E 391 -27.71 32.95 -16.11
N ASP E 392 -27.04 32.00 -15.45
CA ASP E 392 -27.39 31.61 -14.08
C ASP E 392 -27.59 32.83 -13.20
N LEU E 393 -26.74 33.83 -13.38
CA LEU E 393 -26.87 35.08 -12.66
C LEU E 393 -28.22 35.75 -12.92
N ILE E 394 -28.54 35.99 -14.20
CA ILE E 394 -29.85 36.55 -14.55
C ILE E 394 -30.99 35.74 -13.95
N ASP E 395 -30.99 34.45 -14.27
CA ASP E 395 -31.99 33.49 -13.84
C ASP E 395 -32.33 33.62 -12.37
N GLU E 396 -31.30 33.67 -11.53
CA GLU E 396 -31.53 33.68 -10.11
C GLU E 396 -32.00 35.03 -9.61
N ALA E 397 -31.53 36.11 -10.24
CA ALA E 397 -32.05 37.43 -9.92
C ALA E 397 -33.53 37.47 -10.29
N ALA E 398 -33.90 36.77 -11.36
CA ALA E 398 -35.29 36.75 -11.82
C ALA E 398 -36.18 36.03 -10.83
N SER E 399 -35.80 34.83 -10.40
CA SER E 399 -36.61 34.10 -9.44
C SER E 399 -36.60 34.77 -8.06
N SER E 400 -35.61 35.63 -7.79
CA SER E 400 -35.69 36.47 -6.60
C SER E 400 -36.71 37.59 -6.75
N ILE E 401 -36.81 38.20 -7.93
CA ILE E 401 -37.84 39.21 -8.13
C ILE E 401 -39.22 38.57 -8.15
N ARG E 402 -39.33 37.36 -8.68
CA ARG E 402 -40.63 36.74 -8.87
C ARG E 402 -41.20 36.32 -7.52
N MSE E 403 -40.32 36.19 -6.50
CA MSE E 403 -40.79 36.00 -5.13
C MSE E 403 -41.14 37.34 -4.46
N GLN E 404 -40.30 38.35 -4.65
CA GLN E 404 -40.58 39.69 -4.10
C GLN E 404 -41.92 40.25 -4.63
N ILE E 405 -42.38 39.74 -5.77
CA ILE E 405 -43.69 40.07 -6.34
C ILE E 405 -44.87 39.42 -5.60
N ASP E 406 -44.73 38.14 -5.28
CA ASP E 406 -45.84 37.35 -4.77
C ASP E 406 -46.02 37.57 -3.26
N SER E 407 -45.22 38.47 -2.66
CA SER E 407 -45.31 38.74 -1.23
C SER E 407 -46.00 40.09 -1.02
N LYS E 408 -46.70 40.23 0.11
CA LYS E 408 -47.40 41.47 0.43
C LYS E 408 -46.40 42.63 0.45
N PRO E 409 -46.85 43.87 0.18
CA PRO E 409 -45.88 44.96 0.31
C PRO E 409 -45.58 45.30 1.77
N GLU E 410 -44.44 45.91 2.04
CA GLU E 410 -44.11 46.32 3.40
C GLU E 410 -44.98 47.49 3.83
N GLU E 411 -45.48 48.25 2.85
CA GLU E 411 -46.23 49.45 3.16
C GLU E 411 -47.50 49.13 3.95
N LEU E 412 -32.48 47.08 -3.04
CA LEU E 412 -33.09 46.15 -2.09
C LEU E 412 -32.21 44.91 -2.08
N ASP E 413 -32.49 43.97 -1.18
CA ASP E 413 -31.61 42.81 -0.94
C ASP E 413 -30.26 43.20 -0.34
N ARG E 414 -29.90 44.47 -0.42
CA ARG E 414 -29.12 45.11 0.61
C ARG E 414 -30.06 45.39 1.77
N LEU E 415 -31.28 45.83 1.46
CA LEU E 415 -32.31 46.02 2.50
C LEU E 415 -32.91 44.71 2.97
N ASP E 416 -32.83 43.62 2.21
CA ASP E 416 -33.31 42.34 2.72
C ASP E 416 -32.27 41.79 3.70
N ARG E 417 -30.99 42.02 3.40
CA ARG E 417 -29.91 41.66 4.31
C ARG E 417 -30.02 42.44 5.64
N ARG E 418 -30.32 43.73 5.53
CA ARG E 418 -30.51 44.56 6.71
C ARG E 418 -31.67 44.06 7.55
N ILE E 419 -32.84 43.95 6.90
CA ILE E 419 -34.05 43.54 7.59
C ILE E 419 -33.81 42.19 8.29
N ILE E 420 -33.14 41.26 7.62
CA ILE E 420 -32.99 39.89 8.14
C ILE E 420 -32.13 39.87 9.40
N GLN E 421 -31.02 40.60 9.40
CA GLN E 421 -30.19 40.69 10.61
C GLN E 421 -30.94 41.36 11.76
N LEU E 422 -31.81 42.32 11.44
CA LEU E 422 -32.66 42.93 12.46
C LEU E 422 -33.85 42.05 12.88
N LYS E 423 -34.23 41.09 12.05
CA LYS E 423 -35.27 40.13 12.44
C LYS E 423 -34.73 39.18 13.49
N LEU E 424 -33.49 38.74 13.30
CA LEU E 424 -32.84 37.87 14.29
C LEU E 424 -32.46 38.60 15.59
N GLU E 425 -31.83 39.76 15.50
CA GLU E 425 -31.59 40.57 16.70
C GLU E 425 -32.89 40.80 17.43
N GLN E 426 -33.93 41.14 16.69
CA GLN E 426 -35.19 41.50 17.30
C GLN E 426 -35.82 40.31 17.99
N GLN E 427 -35.68 39.10 17.45
CA GLN E 427 -36.18 37.93 18.19
C GLN E 427 -35.29 37.60 19.39
N ALA E 428 -34.03 37.99 19.34
CA ALA E 428 -33.13 37.83 20.50
C ALA E 428 -33.49 38.80 21.60
N LEU E 429 -33.57 40.07 21.22
CA LEU E 429 -33.99 41.16 22.08
C LEU E 429 -35.46 40.99 22.50
N MSE E 430 -36.15 40.00 21.92
CA MSE E 430 -37.51 39.61 22.32
C MSE E 430 -37.55 38.54 23.42
N LYS E 431 -36.40 37.93 23.74
CA LYS E 431 -36.35 36.84 24.73
C LYS E 431 -35.85 37.36 26.08
N ARG E 440 -34.90 49.80 23.48
CA ARG E 440 -34.14 49.40 22.30
C ARG E 440 -34.94 48.44 21.45
N LEU E 441 -35.69 47.56 22.12
CA LEU E 441 -36.54 46.60 21.44
C LEU E 441 -37.52 47.33 20.53
N ASP E 442 -38.45 48.04 21.17
CA ASP E 442 -39.54 48.68 20.46
C ASP E 442 -38.99 49.72 19.48
N MSE E 443 -37.89 50.36 19.86
CA MSE E 443 -37.25 51.35 19.01
C MSE E 443 -36.74 50.71 17.71
N LEU E 444 -35.95 49.67 17.88
CA LEU E 444 -35.45 48.88 16.76
C LEU E 444 -36.63 48.34 15.96
N ASN E 445 -37.76 48.13 16.62
CA ASN E 445 -38.99 47.68 15.99
C ASN E 445 -39.59 48.74 15.06
N GLU E 446 -39.48 50.01 15.47
CA GLU E 446 -39.91 51.11 14.61
C GLU E 446 -39.03 51.23 13.37
N GLU E 447 -37.72 51.24 13.56
CA GLU E 447 -36.76 51.23 12.45
C GLU E 447 -37.15 50.10 11.50
N LEU E 448 -37.49 48.95 12.07
CA LEU E 448 -37.86 47.79 11.27
C LEU E 448 -39.05 48.05 10.33
N SER E 449 -40.20 48.44 10.87
CA SER E 449 -41.37 48.67 10.00
C SER E 449 -41.09 49.72 8.93
N ASP E 450 -40.52 50.86 9.32
CA ASP E 450 -40.23 51.90 8.35
C ASP E 450 -39.19 51.47 7.33
N LYS E 451 -38.41 50.44 7.64
CA LYS E 451 -37.53 49.83 6.63
C LYS E 451 -38.14 48.66 5.84
N GLU E 452 -39.30 48.15 6.28
CA GLU E 452 -40.07 47.21 5.47
C GLU E 452 -41.16 47.89 4.64
N ARG E 453 -41.38 49.19 4.87
CA ARG E 453 -42.17 49.99 3.96
C ARG E 453 -41.26 50.40 2.82
N GLN E 454 -40.02 50.76 3.15
CA GLN E 454 -38.99 50.98 2.14
C GLN E 454 -38.96 49.77 1.24
N TYR E 455 -39.08 48.59 1.83
CA TYR E 455 -38.89 47.35 1.09
C TYR E 455 -40.08 46.90 0.24
N SER E 456 -41.31 47.16 0.68
CA SER E 456 -42.47 46.86 -0.19
C SER E 456 -42.54 47.88 -1.31
N GLU E 457 -42.44 49.16 -0.96
CA GLU E 457 -42.38 50.23 -1.95
C GLU E 457 -41.32 49.93 -2.99
N LEU E 458 -40.17 49.42 -2.54
CA LEU E 458 -39.10 49.10 -3.48
C LEU E 458 -39.48 47.92 -4.35
N GLU E 459 -39.96 46.84 -3.72
CA GLU E 459 -40.27 45.63 -4.46
C GLU E 459 -41.33 45.91 -5.52
N GLU E 460 -42.20 46.86 -5.23
CA GLU E 460 -43.31 47.17 -6.13
C GLU E 460 -42.82 48.04 -7.27
N GLU E 461 -41.96 49.01 -6.94
CA GLU E 461 -41.33 49.83 -7.97
C GLU E 461 -40.65 48.93 -8.97
N TRP E 462 -39.93 47.93 -8.46
CA TRP E 462 -39.14 47.02 -9.26
C TRP E 462 -40.02 46.13 -10.14
N LYS E 463 -41.12 45.66 -9.59
CA LYS E 463 -42.10 44.92 -10.39
C LYS E 463 -42.69 45.80 -11.50
N ALA E 464 -42.82 47.09 -11.24
CA ALA E 464 -43.31 48.01 -12.24
C ALA E 464 -42.24 48.31 -13.28
N GLU E 465 -40.97 48.23 -12.91
CA GLU E 465 -39.88 48.34 -13.88
C GLU E 465 -40.00 47.19 -14.87
N LYS E 466 -39.98 45.99 -14.32
CA LYS E 466 -40.04 44.75 -15.08
C LYS E 466 -41.19 44.80 -16.07
N ALA E 467 -42.36 45.23 -15.60
CA ALA E 467 -43.53 45.39 -16.46
C ALA E 467 -43.33 46.40 -17.60
N SER E 468 -42.85 47.60 -17.29
CA SER E 468 -42.65 48.65 -18.29
C SER E 468 -41.72 48.17 -19.39
N LEU E 469 -40.79 47.30 -19.03
CA LEU E 469 -39.91 46.66 -20.02
C LEU E 469 -40.67 45.66 -20.88
N SER E 470 -41.34 44.71 -20.25
CA SER E 470 -41.99 43.63 -20.99
C SER E 470 -42.97 44.17 -22.01
N GLY E 471 -43.63 45.27 -21.68
CA GLY E 471 -44.60 45.89 -22.56
C GLY E 471 -43.92 46.46 -23.79
N THR E 472 -42.77 47.09 -23.59
CA THR E 472 -42.01 47.69 -24.68
C THR E 472 -41.48 46.58 -25.58
N GLN E 473 -41.21 45.41 -25.02
CA GLN E 473 -40.78 44.28 -25.84
C GLN E 473 -41.91 43.68 -26.63
N THR E 474 -43.10 43.62 -26.05
CA THR E 474 -44.24 43.08 -26.77
C THR E 474 -44.49 43.92 -28.00
N ILE E 475 -44.70 45.21 -27.80
CA ILE E 475 -44.92 46.12 -28.91
C ILE E 475 -43.76 46.09 -29.90
N LYS E 476 -42.52 46.03 -29.42
CA LYS E 476 -41.38 45.96 -30.32
C LYS E 476 -41.60 44.79 -31.30
N ALA E 477 -41.98 43.63 -30.75
CA ALA E 477 -42.17 42.42 -31.53
C ALA E 477 -43.30 42.57 -32.54
N GLU E 478 -44.47 42.98 -32.05
CA GLU E 478 -45.68 43.07 -32.87
C GLU E 478 -45.44 43.97 -34.06
N LEU E 479 -44.75 45.07 -33.82
CA LEU E 479 -44.34 45.95 -34.90
C LEU E 479 -43.54 45.15 -35.92
N GLU E 480 -42.45 44.50 -35.50
CA GLU E 480 -41.64 43.72 -36.46
C GLU E 480 -42.41 42.66 -37.26
N GLN E 481 -43.35 41.95 -36.62
CA GLN E 481 -44.10 40.91 -37.33
C GLN E 481 -45.08 41.54 -38.30
N ALA E 482 -45.53 42.74 -37.97
CA ALA E 482 -46.43 43.45 -38.87
C ALA E 482 -45.67 43.95 -40.10
N LYS E 483 -44.48 44.49 -39.92
CA LYS E 483 -43.68 44.96 -41.05
C LYS E 483 -43.35 43.79 -41.95
N ILE E 484 -43.05 42.65 -41.33
CA ILE E 484 -42.89 41.40 -42.05
C ILE E 484 -44.14 41.16 -42.88
N ALA E 485 -45.32 41.31 -42.27
CA ALA E 485 -46.60 41.10 -42.98
C ALA E 485 -46.77 41.95 -44.25
N ILE E 486 -46.63 43.27 -44.16
CA ILE E 486 -46.83 44.09 -45.37
C ILE E 486 -45.74 43.90 -46.44
N GLU E 487 -44.54 43.53 -46.02
CA GLU E 487 -43.53 43.06 -46.98
C GLU E 487 -43.88 41.65 -47.47
N GLN E 488 -44.66 40.93 -46.67
CA GLN E 488 -45.09 39.58 -47.03
C GLN E 488 -46.09 39.59 -48.16
N ALA E 489 -47.10 40.48 -48.09
CA ALA E 489 -47.89 40.70 -49.30
C ALA E 489 -47.79 42.14 -49.83
N ARG E 490 -46.77 42.33 -50.67
CA ARG E 490 -46.84 43.05 -51.92
C ARG E 490 -47.02 41.92 -52.95
N ARG E 491 -46.90 40.69 -52.46
CA ARG E 491 -47.15 39.46 -53.18
C ARG E 491 -48.54 38.92 -52.89
N MSE E 498 -54.36 43.65 -47.31
CA MSE E 498 -54.07 44.48 -46.16
C MSE E 498 -53.72 45.91 -46.63
N SER E 499 -54.77 46.73 -46.76
CA SER E 499 -54.76 48.05 -47.42
C SER E 499 -54.26 49.25 -46.57
N GLU E 500 -54.47 50.48 -47.04
CA GLU E 500 -53.81 51.71 -46.52
C GLU E 500 -53.69 51.89 -44.99
N LEU E 501 -54.73 51.60 -44.20
CA LEU E 501 -54.54 51.57 -42.75
C LEU E 501 -54.37 50.14 -42.17
N GLN E 502 -54.31 49.14 -43.04
CA GLN E 502 -53.65 47.87 -42.69
C GLN E 502 -52.11 47.91 -42.98
N TYR E 503 -51.71 48.57 -44.06
CA TYR E 503 -50.42 49.22 -44.13
C TYR E 503 -50.34 50.05 -42.88
N GLY E 504 -51.50 50.58 -42.51
CA GLY E 504 -51.71 51.21 -41.22
C GLY E 504 -51.66 50.13 -40.17
N LYS E 505 -52.25 50.34 -38.99
CA LYS E 505 -51.80 49.55 -37.85
C LYS E 505 -50.34 49.92 -37.60
N ILE E 506 -49.43 49.36 -38.37
CA ILE E 506 -48.00 49.70 -38.31
C ILE E 506 -47.69 51.19 -37.92
N PRO E 507 -48.44 52.22 -38.40
CA PRO E 507 -48.21 53.60 -37.94
C PRO E 507 -48.75 53.87 -36.53
N GLU E 508 -49.70 53.06 -36.04
CA GLU E 508 -50.07 53.10 -34.62
C GLU E 508 -49.08 52.34 -33.73
N LEU E 509 -48.74 51.11 -34.08
CA LEU E 509 -47.83 50.34 -33.25
C LEU E 509 -46.49 51.03 -33.31
N GLU E 510 -46.34 51.93 -34.28
CA GLU E 510 -45.20 52.84 -34.34
C GLU E 510 -45.30 53.86 -33.19
N LYS E 511 -46.50 54.43 -32.98
CA LYS E 511 -46.71 55.36 -31.86
C LYS E 511 -46.80 54.67 -30.50
N GLN E 512 -47.29 53.43 -30.45
CA GLN E 512 -47.28 52.68 -29.20
C GLN E 512 -45.84 52.42 -28.73
N LEU E 513 -44.96 52.02 -29.65
CA LEU E 513 -43.54 51.86 -29.30
C LEU E 513 -42.88 53.21 -29.03
N GLU E 514 -43.36 54.24 -29.72
CA GLU E 514 -42.95 55.60 -29.42
C GLU E 514 -43.36 55.87 -27.98
N ALA E 515 -44.53 55.39 -27.59
CA ALA E 515 -45.10 55.67 -26.28
C ALA E 515 -44.38 54.93 -25.17
N ALA E 516 -43.93 53.72 -25.46
CA ALA E 516 -43.32 52.90 -24.42
C ALA E 516 -41.95 53.42 -24.00
N THR E 517 -41.04 53.64 -24.94
CA THR E 517 -39.74 54.27 -24.63
C THR E 517 -39.93 55.69 -24.10
N GLN E 518 -40.96 56.37 -24.59
CA GLN E 518 -41.31 57.70 -24.08
C GLN E 518 -41.62 57.61 -22.60
N LEU E 519 -42.32 56.55 -22.23
CA LEU E 519 -42.69 56.27 -20.86
C LEU E 519 -41.47 55.75 -20.11
N GLU E 520 -40.66 54.93 -20.79
CA GLU E 520 -39.60 54.15 -20.17
C GLU E 520 -38.54 55.10 -19.63
N GLY E 521 -38.30 56.19 -20.35
CA GLY E 521 -37.36 57.20 -19.90
C GLY E 521 -37.81 57.84 -18.61
N LYS E 522 -39.12 58.03 -18.47
CA LYS E 522 -39.67 58.60 -17.24
C LYS E 522 -39.59 57.64 -16.06
N THR E 523 -40.16 56.46 -16.22
CA THR E 523 -40.27 55.46 -15.16
C THR E 523 -38.91 54.93 -14.65
N MSE E 524 -37.95 54.69 -15.55
CA MSE E 524 -36.85 53.74 -15.29
C MSE E 524 -35.65 54.18 -14.44
N ARG E 525 -46.42 50.79 -8.52
CA ARG E 525 -45.59 51.04 -7.33
C ARG E 525 -46.14 49.96 -6.39
N LEU E 526 -45.45 49.63 -5.30
CA LEU E 526 -45.81 48.52 -4.38
C LEU E 526 -45.40 47.13 -4.85
N LEU E 527 -45.17 46.96 -6.14
CA LEU E 527 -44.62 45.72 -6.67
C LEU E 527 -43.58 46.12 -7.68
N ARG E 528 -42.32 45.78 -7.44
CA ARG E 528 -41.28 46.08 -8.42
C ARG E 528 -41.03 44.87 -9.28
N ASN E 529 -41.24 45.09 -10.57
CA ASN E 529 -41.33 44.06 -11.57
C ASN E 529 -40.01 43.77 -12.26
N LYS E 530 -39.02 44.62 -12.08
CA LYS E 530 -37.83 44.59 -12.92
C LYS E 530 -36.67 43.83 -12.28
N VAL E 531 -35.94 43.11 -13.12
CA VAL E 531 -34.64 42.55 -12.75
C VAL E 531 -33.64 43.47 -13.40
N THR E 532 -32.95 44.25 -12.58
CA THR E 532 -32.12 45.32 -13.08
C THR E 532 -30.77 45.31 -12.43
N ASP E 533 -29.72 45.43 -13.23
CA ASP E 533 -28.50 46.11 -12.80
C ASP E 533 -28.05 45.61 -11.41
N ALA E 534 -28.25 46.44 -10.38
CA ALA E 534 -28.02 46.06 -8.98
C ALA E 534 -28.62 44.72 -8.52
N GLU E 535 -29.76 44.32 -9.07
CA GLU E 535 -30.35 43.02 -8.76
C GLU E 535 -29.46 41.85 -9.16
N ILE E 536 -28.75 41.99 -10.27
CA ILE E 536 -27.75 41.02 -10.70
C ILE E 536 -26.59 41.09 -9.72
N ALA E 537 -26.30 42.30 -9.27
CA ALA E 537 -25.18 42.55 -8.37
C ALA E 537 -25.38 41.92 -7.00
N GLU E 538 -26.63 41.85 -6.55
CA GLU E 538 -26.97 41.22 -5.28
C GLU E 538 -26.64 39.74 -5.35
N VAL E 539 -27.15 39.09 -6.37
CA VAL E 539 -26.96 37.66 -6.53
C VAL E 539 -25.47 37.35 -6.50
N LEU E 540 -24.69 38.14 -7.24
CA LEU E 540 -23.25 37.92 -7.25
C LEU E 540 -22.55 38.38 -5.96
N ALA E 541 -23.22 39.21 -5.15
CA ALA E 541 -22.73 39.53 -3.79
C ALA E 541 -22.86 38.31 -2.91
N ARG E 542 -23.88 37.50 -3.14
CA ARG E 542 -24.03 36.27 -2.37
C ARG E 542 -23.07 35.18 -2.80
N TRP E 543 -22.89 34.99 -4.10
CA TRP E 543 -21.95 33.98 -4.56
C TRP E 543 -20.53 34.35 -4.15
N THR E 544 -20.21 35.62 -4.26
CA THR E 544 -18.89 36.11 -3.88
C THR E 544 -18.69 36.46 -2.41
N GLY E 545 -19.65 37.17 -1.83
CA GLY E 545 -19.44 37.84 -0.57
C GLY E 545 -18.58 39.09 -0.72
N ILE E 546 -18.98 39.96 -1.65
CA ILE E 546 -18.36 41.27 -1.82
C ILE E 546 -19.44 42.26 -1.35
N PRO E 547 -19.05 43.44 -0.83
CA PRO E 547 -20.05 44.31 -0.19
C PRO E 547 -21.02 45.06 -1.12
N VAL E 548 -20.60 45.35 -2.35
CA VAL E 548 -21.47 45.74 -3.47
C VAL E 548 -22.37 46.99 -3.47
N SER E 549 -21.94 48.20 -3.07
CA SER E 549 -20.60 48.63 -2.61
C SER E 549 -19.38 48.34 -3.52
N ARG E 550 -18.26 47.88 -2.95
CA ARG E 550 -16.96 47.91 -3.62
C ARG E 550 -17.00 47.36 -5.02
N MSE E 551 -17.94 46.46 -5.26
CA MSE E 551 -18.16 45.92 -6.58
C MSE E 551 -18.70 46.96 -7.56
N MSE E 552 -19.69 47.75 -7.16
CA MSE E 552 -20.35 48.72 -8.05
C MSE E 552 -20.07 50.25 -7.98
N GLU E 553 -25.38 35.88 8.97
CA GLU E 553 -25.61 37.32 8.81
C GLU E 553 -24.76 37.75 7.64
N SER E 554 -25.33 38.38 6.60
CA SER E 554 -24.41 38.73 5.52
C SER E 554 -23.89 40.12 5.72
N GLU E 555 -22.79 40.19 6.47
CA GLU E 555 -21.50 40.81 6.14
C GLU E 555 -21.39 42.19 5.50
N ARG E 556 -22.46 42.68 4.90
CA ARG E 556 -22.39 43.90 4.14
C ARG E 556 -22.52 45.04 5.13
N GLU E 557 -23.42 44.88 6.09
CA GLU E 557 -23.52 45.86 7.17
C GLU E 557 -22.33 45.68 8.10
N LYS E 558 -21.96 44.42 8.34
CA LYS E 558 -20.77 44.09 9.11
C LYS E 558 -19.56 44.86 8.59
N LEU E 559 -19.15 44.58 7.35
CA LEU E 559 -18.00 45.26 6.72
C LEU E 559 -18.07 46.80 6.76
N LEU E 560 -19.25 47.38 6.63
CA LEU E 560 -19.36 48.83 6.60
C LEU E 560 -19.25 49.39 8.02
N ARG E 561 -19.51 48.53 9.01
CA ARG E 561 -19.28 48.86 10.43
C ARG E 561 -17.85 48.54 10.91
N MSE E 562 -17.02 48.03 10.02
CA MSE E 562 -15.80 47.31 10.39
C MSE E 562 -14.78 48.01 11.29
N GLU E 563 -14.64 49.33 11.19
CA GLU E 563 -13.64 50.02 12.00
C GLU E 563 -14.12 50.16 13.45
N GLN E 564 -15.41 50.40 13.63
CA GLN E 564 -15.98 50.59 14.97
C GLN E 564 -15.94 49.22 15.63
N GLU E 565 -16.28 48.21 14.84
CA GLU E 565 -16.24 46.82 15.29
C GLU E 565 -14.87 46.43 15.80
N LEU E 566 -13.87 46.64 14.96
CA LEU E 566 -12.51 46.28 15.30
C LEU E 566 -12.07 47.12 16.47
N HIS E 567 -12.65 48.30 16.62
CA HIS E 567 -12.31 49.19 17.72
C HIS E 567 -12.86 48.78 19.08
N HIS E 568 -13.77 47.81 19.14
CA HIS E 568 -14.23 47.35 20.44
C HIS E 568 -13.10 46.64 21.14
N ARG E 569 -12.30 45.90 20.39
CA ARG E 569 -11.10 45.29 20.96
C ARG E 569 -9.80 46.06 20.80
N VAL E 570 -9.73 46.97 19.84
CA VAL E 570 -8.45 47.64 19.56
C VAL E 570 -8.54 49.11 19.92
N ILE E 571 -7.84 49.48 20.99
CA ILE E 571 -7.78 50.86 21.44
C ILE E 571 -6.75 51.68 20.69
N GLY E 572 -7.20 52.73 20.02
CA GLY E 572 -6.28 53.55 19.26
C GLY E 572 -5.82 52.81 18.03
N GLN E 573 -4.65 53.22 17.52
CA GLN E 573 -4.11 52.72 16.26
C GLN E 573 -5.11 52.86 15.14
N ASN E 574 -5.47 54.09 14.80
CA ASN E 574 -6.51 54.32 13.81
C ASN E 574 -6.02 54.21 12.38
N GLU E 575 -4.80 54.68 12.10
CA GLU E 575 -4.23 54.51 10.77
C GLU E 575 -4.23 53.01 10.44
N ALA E 576 -4.00 52.19 11.46
CA ALA E 576 -3.95 50.75 11.29
C ALA E 576 -5.30 50.14 11.00
N VAL E 577 -6.29 50.40 11.85
CA VAL E 577 -7.63 49.86 11.66
C VAL E 577 -8.20 50.27 10.30
N ASP E 578 -8.11 51.56 9.97
CA ASP E 578 -8.51 52.08 8.67
C ASP E 578 -7.87 51.31 7.53
N ALA E 579 -6.54 51.24 7.51
CA ALA E 579 -5.83 50.57 6.41
C ALA E 579 -6.27 49.12 6.24
N VAL E 580 -6.42 48.41 7.35
CA VAL E 580 -6.84 47.01 7.33
C VAL E 580 -8.23 46.92 6.74
N SER E 581 -9.09 47.84 7.14
CA SER E 581 -10.49 47.78 6.79
C SER E 581 -10.76 48.10 5.34
N ASN E 582 -10.04 49.09 4.83
CA ASN E 582 -10.17 49.46 3.45
C ASN E 582 -9.53 48.40 2.56
N ALA E 583 -8.36 47.90 2.92
CA ALA E 583 -7.76 46.79 2.16
C ALA E 583 -8.62 45.55 2.09
N ILE E 584 -9.40 45.27 3.13
CA ILE E 584 -10.33 44.14 3.06
C ILE E 584 -11.66 44.45 2.35
N ARG E 585 -12.17 45.67 2.47
CA ARG E 585 -13.43 46.01 1.81
C ARG E 585 -13.23 46.07 0.31
N ARG E 586 -12.06 46.54 -0.09
CA ARG E 586 -11.64 46.56 -1.48
C ARG E 586 -11.76 45.16 -2.00
N SER E 587 -11.15 44.25 -1.25
CA SER E 587 -11.08 42.86 -1.64
C SER E 587 -12.47 42.25 -1.78
N ARG E 588 -13.35 42.60 -0.86
CA ARG E 588 -14.70 42.02 -0.85
C ARG E 588 -15.70 42.64 -1.79
N ALA E 589 -15.45 43.87 -2.23
CA ALA E 589 -16.29 44.48 -3.23
C ALA E 589 -15.97 43.89 -4.60
N GLY E 590 -14.83 43.20 -4.70
CA GLY E 590 -14.43 42.54 -5.92
C GLY E 590 -13.45 43.38 -6.70
N LEU E 591 -12.90 44.41 -6.05
CA LEU E 591 -12.00 45.35 -6.71
C LEU E 591 -10.54 44.86 -6.64
N ALA E 592 -10.34 43.61 -6.20
CA ALA E 592 -9.02 43.07 -5.99
C ALA E 592 -8.74 41.88 -6.89
N ASP E 593 -7.47 41.67 -7.20
CA ASP E 593 -7.00 40.50 -7.92
C ASP E 593 -7.51 39.21 -7.24
N PRO E 594 -8.24 38.36 -7.98
CA PRO E 594 -8.91 37.19 -7.39
C PRO E 594 -7.95 36.09 -6.92
N ASN E 595 -6.73 36.07 -7.44
CA ASN E 595 -5.79 35.00 -7.14
C ASN E 595 -5.11 35.17 -5.78
N ARG E 596 -4.73 36.41 -5.47
CA ARG E 596 -3.98 36.75 -4.26
C ARG E 596 -4.83 36.49 -2.98
N PRO E 597 -4.23 36.50 -1.78
CA PRO E 597 -5.09 36.26 -0.61
C PRO E 597 -6.01 37.46 -0.31
N ILE E 598 -6.81 37.43 0.77
CA ILE E 598 -7.83 38.47 1.01
C ILE E 598 -7.21 39.82 1.35
N GLY E 599 -6.12 39.76 2.09
CA GLY E 599 -5.39 40.95 2.47
C GLY E 599 -3.99 40.52 2.84
N SER E 600 -3.07 41.45 2.76
CA SER E 600 -1.70 41.20 3.16
C SER E 600 -1.16 42.52 3.73
N PHE E 601 -0.52 42.45 4.89
CA PHE E 601 -0.14 43.67 5.58
C PHE E 601 1.22 43.56 6.22
N LEU E 602 1.99 44.64 6.15
CA LEU E 602 3.21 44.74 6.95
C LEU E 602 2.96 45.66 8.12
N PHE E 603 2.93 45.10 9.33
CA PHE E 603 2.77 45.89 10.53
C PHE E 603 4.14 46.29 11.05
N LEU E 604 4.45 47.59 10.95
CA LEU E 604 5.66 48.15 11.54
C LEU E 604 5.30 48.99 12.77
N GLY E 605 6.19 49.02 13.75
CA GLY E 605 5.93 49.71 15.00
C GLY E 605 6.62 49.10 16.20
N PRO E 606 6.46 49.73 17.38
CA PRO E 606 6.91 49.17 18.65
C PRO E 606 6.20 47.88 19.01
N THR E 607 6.52 47.36 20.19
CA THR E 607 5.93 46.13 20.67
C THR E 607 5.03 46.40 21.88
N GLY E 608 3.82 45.84 21.84
CA GLY E 608 2.84 45.99 22.88
C GLY E 608 1.91 47.18 22.63
N VAL E 609 1.79 47.60 21.37
CA VAL E 609 0.88 48.69 21.01
C VAL E 609 -0.43 48.23 20.34
N GLY E 610 -0.65 46.92 20.24
CA GLY E 610 -1.84 46.38 19.59
C GLY E 610 -1.66 45.70 18.24
N LYS E 611 -0.42 45.42 17.83
CA LYS E 611 -0.20 44.63 16.61
C LYS E 611 -0.93 43.28 16.69
N THR E 612 -0.61 42.46 17.69
CA THR E 612 -1.25 41.16 17.76
C THR E 612 -2.70 41.34 18.19
N GLU E 613 -3.02 42.36 18.96
CA GLU E 613 -4.41 42.53 19.36
C GLU E 613 -5.27 42.78 18.11
N LEU E 614 -4.74 43.53 17.14
CA LEU E 614 -5.47 43.75 15.89
C LEU E 614 -5.52 42.47 15.07
N CYS E 615 -4.46 41.66 15.14
CA CYS E 615 -4.48 40.34 14.50
C CYS E 615 -5.61 39.45 15.01
N LYS E 616 -5.69 39.23 16.32
CA LYS E 616 -6.74 38.41 16.90
C LYS E 616 -8.11 39.08 16.65
N ALA E 617 -8.14 40.41 16.70
CA ALA E 617 -9.39 41.14 16.60
C ALA E 617 -9.99 40.95 15.22
N LEU E 618 -9.09 40.86 14.24
CA LEU E 618 -9.43 40.70 12.84
C LEU E 618 -9.85 39.26 12.54
N ALA E 619 -9.04 38.34 13.02
CA ALA E 619 -9.29 36.92 12.94
C ALA E 619 -10.67 36.64 13.48
N ASN E 620 -11.06 37.36 14.52
CA ASN E 620 -12.37 37.18 15.11
C ASN E 620 -13.44 37.78 14.23
N PHE E 621 -13.22 39.00 13.80
CA PHE E 621 -14.20 39.75 13.01
C PHE E 621 -14.66 39.05 11.74
N MSE E 622 -13.78 38.29 11.10
CA MSE E 622 -14.16 37.56 9.89
C MSE E 622 -14.45 36.10 10.12
N PHE E 623 -13.43 35.42 10.62
CA PHE E 623 -13.43 33.98 10.71
C PHE E 623 -14.08 33.50 12.01
N ASP E 624 -14.75 34.40 12.72
CA ASP E 624 -15.69 34.01 13.76
C ASP E 624 -14.97 33.64 15.06
N SER E 625 -13.64 33.72 15.07
CA SER E 625 -12.85 33.26 16.22
C SER E 625 -11.49 33.93 16.36
N ASP E 626 -10.94 33.91 17.57
CA ASP E 626 -9.53 34.22 17.75
C ASP E 626 -8.69 33.01 17.40
N GLU E 627 -9.22 31.81 17.55
CA GLU E 627 -8.49 30.60 17.14
C GLU E 627 -8.38 30.50 15.63
N ALA E 628 -9.06 31.40 14.93
CA ALA E 628 -9.00 31.39 13.48
C ALA E 628 -7.59 31.46 12.91
N MSE E 629 -6.59 31.85 13.68
CA MSE E 629 -5.27 32.12 13.09
C MSE E 629 -4.24 30.97 13.05
N VAL E 630 -3.13 31.29 12.40
CA VAL E 630 -1.93 30.46 12.34
C VAL E 630 -0.78 31.39 12.67
N ARG E 631 0.04 31.02 13.66
CA ARG E 631 1.19 31.86 14.01
C ARG E 631 2.52 31.15 13.86
N ILE E 632 3.34 31.72 12.99
CA ILE E 632 4.70 31.26 12.81
C ILE E 632 5.66 32.37 13.24
N ASP E 633 6.72 31.99 13.94
CA ASP E 633 7.65 32.94 14.49
C ASP E 633 8.88 32.90 13.62
N MSE E 634 9.15 33.96 12.89
CA MSE E 634 10.24 33.94 11.93
C MSE E 634 11.60 34.12 12.60
N SER E 635 11.61 34.40 13.89
CA SER E 635 12.83 34.36 14.65
C SER E 635 13.45 32.95 14.58
N GLU E 636 12.61 31.93 14.43
CA GLU E 636 13.11 30.55 14.28
C GLU E 636 13.20 30.02 12.84
N PHE E 637 12.92 30.86 11.84
CA PHE E 637 13.13 30.52 10.40
C PHE E 637 14.35 31.10 9.67
N MSE E 638 15.31 31.64 10.42
CA MSE E 638 16.38 32.46 9.87
C MSE E 638 17.40 31.65 9.07
N GLU E 639 17.61 30.39 9.43
CA GLU E 639 18.66 29.58 8.82
C GLU E 639 18.31 29.06 7.43
N LYS E 640 19.24 28.33 6.81
CA LYS E 640 19.16 27.97 5.40
C LYS E 640 18.19 26.82 5.15
N HIS E 641 18.09 25.93 6.13
CA HIS E 641 17.25 24.76 6.02
C HIS E 641 15.77 25.08 6.30
N SER E 642 15.51 26.31 6.71
CA SER E 642 14.22 26.72 7.25
C SER E 642 13.01 26.38 6.37
N VAL E 643 13.12 26.65 5.07
CA VAL E 643 12.01 26.40 4.15
C VAL E 643 11.57 24.93 4.17
N SER E 644 12.48 24.03 4.49
CA SER E 644 12.12 22.61 4.64
C SER E 644 11.05 22.45 5.71
N ARG E 645 11.30 23.05 6.87
CA ARG E 645 10.36 22.98 7.98
C ARG E 645 9.12 23.82 7.68
N LEU E 646 9.28 24.81 6.81
CA LEU E 646 8.21 25.73 6.45
C LEU E 646 7.18 25.18 5.46
N VAL E 647 7.62 24.85 4.25
CA VAL E 647 6.74 24.30 3.23
C VAL E 647 6.78 22.75 3.15
N GLY E 648 7.74 22.14 3.82
CA GLY E 648 7.95 20.71 3.73
C GLY E 648 9.10 20.38 2.78
N ALA E 649 9.82 19.30 3.07
CA ALA E 649 10.99 18.91 2.28
C ALA E 649 10.64 17.86 1.25
N GLY E 659 5.93 17.24 6.23
CA GLY E 659 5.57 18.48 5.57
C GLY E 659 5.98 19.69 6.39
N GLY E 660 5.67 20.87 5.87
CA GLY E 660 6.01 22.11 6.56
C GLY E 660 4.87 22.67 7.38
N TYR E 661 5.20 23.42 8.42
CA TYR E 661 4.19 23.93 9.35
C TYR E 661 3.11 24.73 8.64
N LEU E 662 3.54 25.73 7.86
CA LEU E 662 2.61 26.61 7.15
C LEU E 662 1.67 25.87 6.19
N THR E 663 2.20 25.06 5.29
CA THR E 663 1.34 24.43 4.28
C THR E 663 0.29 23.53 4.93
N GLU E 664 0.64 22.91 6.05
CA GLU E 664 -0.30 22.04 6.77
C GLU E 664 -1.42 22.84 7.39
N ALA E 665 -1.06 23.84 8.19
CA ALA E 665 -2.05 24.67 8.87
C ALA E 665 -3.06 25.26 7.90
N VAL E 666 -2.54 25.91 6.86
CA VAL E 666 -3.41 26.62 5.92
C VAL E 666 -4.31 25.64 5.15
N ARG E 667 -3.92 24.37 5.09
CA ARG E 667 -4.79 23.36 4.48
C ARG E 667 -5.88 22.86 5.43
N ARG E 668 -5.56 22.70 6.71
CA ARG E 668 -6.56 22.25 7.67
C ARG E 668 -7.58 23.36 7.99
N ARG E 669 -7.08 24.57 8.19
CA ARG E 669 -7.92 25.73 8.48
C ARG E 669 -7.74 26.77 7.36
N PRO E 670 -8.49 26.63 6.25
CA PRO E 670 -8.35 27.52 5.11
C PRO E 670 -8.61 28.97 5.48
N TYR E 671 -9.67 29.22 6.24
CA TYR E 671 -10.04 30.60 6.58
C TYR E 671 -9.32 30.94 7.87
N SER E 672 -8.36 31.84 7.78
CA SER E 672 -7.47 32.08 8.91
C SER E 672 -6.52 33.23 8.65
N VAL E 673 -6.07 33.83 9.74
CA VAL E 673 -5.17 34.96 9.70
C VAL E 673 -3.80 34.41 9.96
N ILE E 674 -2.88 34.67 9.04
CA ILE E 674 -1.55 34.11 9.12
C ILE E 674 -0.62 35.20 9.58
N LEU E 675 -0.10 35.03 10.78
CA LEU E 675 0.68 36.04 11.44
C LEU E 675 2.12 35.57 11.50
N LEU E 676 2.99 36.26 10.79
CA LEU E 676 4.41 35.94 10.76
C LEU E 676 5.18 37.03 11.51
N ASP E 677 5.74 36.70 12.67
CA ASP E 677 6.36 37.69 13.54
C ASP E 677 7.83 37.97 13.20
N GLU E 678 8.17 39.25 13.08
CA GLU E 678 9.51 39.69 12.71
C GLU E 678 10.05 38.95 11.49
N VAL E 679 9.51 39.23 10.31
CA VAL E 679 10.00 38.57 9.08
C VAL E 679 11.37 39.06 8.64
N GLU E 680 11.80 40.23 9.12
CA GLU E 680 13.14 40.72 8.79
C GLU E 680 14.16 39.62 9.08
N LYS E 681 13.91 38.88 10.15
CA LYS E 681 14.84 37.88 10.65
C LYS E 681 14.87 36.64 9.74
N ALA E 682 13.88 36.53 8.86
CA ALA E 682 13.66 35.32 8.05
C ALA E 682 14.72 35.14 6.97
N HIS E 683 14.80 33.90 6.47
CA HIS E 683 15.79 33.55 5.46
C HIS E 683 15.32 34.01 4.07
N PRO E 684 16.25 34.27 3.15
CA PRO E 684 15.85 34.70 1.79
C PRO E 684 14.92 33.75 1.02
N ASP E 685 15.23 32.46 0.96
CA ASP E 685 14.27 31.48 0.45
C ASP E 685 12.87 31.65 1.06
N VAL E 686 12.79 31.88 2.37
CA VAL E 686 11.49 32.04 3.03
C VAL E 686 10.77 33.22 2.38
N PHE E 687 11.45 34.36 2.42
CA PHE E 687 10.98 35.62 1.84
C PHE E 687 10.44 35.39 0.41
N ASN E 688 11.04 34.44 -0.32
CA ASN E 688 10.53 34.02 -1.63
C ASN E 688 9.23 33.21 -1.60
N ILE E 689 9.09 32.29 -0.65
CA ILE E 689 7.83 31.56 -0.50
C ILE E 689 6.68 32.51 -0.16
N LEU E 690 6.98 33.53 0.64
CA LEU E 690 6.01 34.57 0.95
C LEU E 690 5.61 35.32 -0.32
N LEU E 691 6.58 35.69 -1.16
CA LEU E 691 6.21 36.24 -2.46
C LEU E 691 5.26 35.32 -3.17
N GLN E 692 5.53 34.02 -3.16
CA GLN E 692 4.67 33.07 -3.88
C GLN E 692 3.22 33.14 -3.40
N VAL E 693 2.99 33.17 -2.11
CA VAL E 693 1.62 33.27 -1.61
C VAL E 693 0.97 34.62 -1.94
N LEU E 694 1.64 35.71 -1.61
CA LEU E 694 1.17 37.06 -1.89
C LEU E 694 0.75 37.28 -3.35
N ASP E 695 1.66 36.99 -4.29
CA ASP E 695 1.40 37.17 -5.72
C ASP E 695 0.49 36.10 -6.34
N ASP E 696 0.84 34.83 -6.18
CA ASP E 696 0.07 33.76 -6.82
C ASP E 696 -1.20 33.43 -6.06
N GLY E 697 -1.10 33.38 -4.74
CA GLY E 697 -2.23 33.03 -3.90
C GLY E 697 -2.33 31.55 -3.59
N ARG E 698 -1.29 30.80 -3.93
CA ARG E 698 -1.24 29.38 -3.66
C ARG E 698 0.22 29.06 -3.41
N LEU E 699 0.48 28.00 -2.66
CA LEU E 699 1.85 27.59 -2.42
C LEU E 699 2.03 26.10 -2.63
N THR E 700 2.85 25.72 -3.62
CA THR E 700 3.16 24.32 -3.85
C THR E 700 4.10 23.83 -2.74
N ASP E 701 3.85 22.63 -2.22
CA ASP E 701 4.62 22.12 -1.10
C ASP E 701 5.73 21.13 -1.44
N GLY E 702 6.45 20.67 -0.42
CA GLY E 702 7.48 19.66 -0.58
C GLY E 702 6.93 18.34 -1.08
N GLN E 703 5.61 18.19 -1.02
CA GLN E 703 4.93 17.02 -1.55
C GLN E 703 4.32 17.22 -2.96
N GLY E 704 4.46 18.42 -3.52
CA GLY E 704 3.97 18.69 -4.88
C GLY E 704 2.58 19.29 -4.98
N ARG E 705 1.82 19.24 -3.89
CA ARG E 705 0.42 19.67 -3.89
C ARG E 705 0.40 21.18 -3.71
N THR E 706 -0.64 21.84 -4.21
CA THR E 706 -0.82 23.28 -3.99
C THR E 706 -1.78 23.54 -2.83
N VAL E 707 -1.39 24.43 -1.94
CA VAL E 707 -2.19 24.82 -0.79
C VAL E 707 -2.86 26.13 -1.11
N ASP E 708 -4.14 26.22 -0.79
CA ASP E 708 -4.93 27.40 -1.15
C ASP E 708 -4.99 28.44 -0.03
N PHE E 709 -4.36 29.58 -0.28
CA PHE E 709 -4.35 30.72 0.63
C PHE E 709 -5.41 31.75 0.25
N ARG E 710 -6.24 31.43 -0.75
CA ARG E 710 -7.15 32.43 -1.33
C ARG E 710 -8.07 33.07 -0.29
N ASN E 711 -8.42 32.35 0.77
CA ASN E 711 -9.08 32.97 1.92
C ASN E 711 -8.16 33.00 3.12
N THR E 712 -7.43 34.09 3.29
CA THR E 712 -6.64 34.32 4.50
C THR E 712 -6.30 35.79 4.52
N VAL E 713 -5.90 36.30 5.68
CA VAL E 713 -5.22 37.57 5.74
C VAL E 713 -3.82 37.31 6.21
N VAL E 714 -2.84 37.61 5.37
CA VAL E 714 -1.46 37.36 5.72
C VAL E 714 -0.90 38.61 6.36
N ILE E 715 -0.20 38.45 7.47
CA ILE E 715 0.27 39.59 8.25
C ILE E 715 1.73 39.43 8.65
N MSE E 716 2.55 40.34 8.15
CA MSE E 716 3.96 40.39 8.49
C MSE E 716 4.04 41.34 9.68
N THR E 717 4.68 40.96 10.79
CA THR E 717 5.07 41.97 11.79
C THR E 717 6.56 42.09 11.82
N SER E 718 7.03 43.31 12.10
CA SER E 718 8.45 43.57 12.19
C SER E 718 8.67 44.83 13.03
N ASN E 719 9.74 44.86 13.83
CA ASN E 719 10.05 46.02 14.68
C ASN E 719 11.05 47.02 14.07
N LEU E 720 11.38 46.82 12.80
CA LEU E 720 12.44 47.57 12.13
C LEU E 720 12.34 49.10 12.26
N GLY E 721 11.17 49.66 11.99
CA GLY E 721 11.00 51.11 12.10
C GLY E 721 10.87 51.59 13.53
N SER E 722 10.60 50.68 14.47
CA SER E 722 10.28 51.03 15.85
C SER E 722 11.30 52.00 16.46
N ASP E 723 12.53 51.93 15.95
CA ASP E 723 13.57 52.89 16.29
C ASP E 723 13.09 54.30 16.00
N LEU E 724 12.92 54.62 14.71
CA LEU E 724 12.53 55.95 14.27
C LEU E 724 11.04 56.19 14.50
N ILE E 725 10.26 55.13 14.74
CA ILE E 725 8.82 55.27 14.83
C ILE E 725 8.37 55.72 16.20
N GLN E 726 8.99 55.17 17.23
CA GLN E 726 8.69 55.57 18.58
C GLN E 726 9.14 57.01 18.80
N GLU E 727 10.29 57.30 18.21
CA GLU E 727 10.97 58.57 18.36
C GLU E 727 10.18 59.76 17.81
N ARG E 728 9.45 59.53 16.74
CA ARG E 728 8.72 60.59 16.04
C ARG E 728 7.28 60.13 15.85
N PHE E 729 6.35 61.05 15.71
CA PHE E 729 5.02 60.74 15.15
C PHE E 729 4.38 62.10 14.98
N LEU E 732 4.64 62.58 13.77
CA LEU E 732 4.50 63.94 13.32
C LEU E 732 3.90 63.89 11.91
N ASP E 733 2.72 64.46 11.74
CA ASP E 733 2.11 64.60 10.42
C ASP E 733 1.85 63.27 9.68
N TYR E 734 1.03 62.40 10.26
CA TYR E 734 0.36 61.31 9.54
C TYR E 734 1.23 60.57 8.48
N ALA E 735 0.77 60.58 7.22
CA ALA E 735 1.40 59.83 6.13
C ALA E 735 2.78 60.36 5.76
N HIS E 736 3.10 61.59 6.17
CA HIS E 736 4.44 62.11 5.90
C HIS E 736 5.49 61.36 6.71
N MSE E 737 5.07 60.70 7.78
CA MSE E 737 5.95 59.82 8.51
C MSE E 737 6.03 58.44 7.86
N LYS E 738 4.88 57.96 7.43
CA LYS E 738 4.82 56.71 6.69
C LYS E 738 5.70 56.83 5.44
N GLU E 739 5.94 58.05 4.97
CA GLU E 739 6.98 58.30 3.97
C GLU E 739 8.39 58.04 4.49
N LEU E 740 8.76 58.70 5.59
CA LEU E 740 10.15 58.70 6.05
C LEU E 740 10.51 57.53 6.98
N VAL E 741 9.55 56.63 7.19
CA VAL E 741 9.87 55.28 7.69
C VAL E 741 10.32 54.40 6.51
N LEU E 742 9.67 54.57 5.36
CA LEU E 742 10.01 53.77 4.19
C LEU E 742 11.45 54.00 3.74
N GLY E 743 12.06 55.10 4.20
CA GLY E 743 13.47 55.33 3.95
C GLY E 743 14.35 54.35 4.71
N VAL E 744 13.87 53.94 5.88
CA VAL E 744 14.60 52.97 6.71
C VAL E 744 14.30 51.55 6.21
N VAL E 745 13.06 51.31 5.78
CA VAL E 745 12.70 49.98 5.29
C VAL E 745 13.40 49.69 3.96
N SER E 746 13.63 50.73 3.16
CA SER E 746 14.30 50.59 1.87
C SER E 746 15.60 49.80 1.99
N HIS E 747 16.52 50.34 2.78
CA HIS E 747 17.85 49.75 2.94
C HIS E 747 17.72 48.24 3.15
N ASN E 748 16.73 47.85 3.95
CA ASN E 748 16.47 46.44 4.22
C ASN E 748 15.66 45.67 3.16
N PHE E 749 14.55 46.24 2.69
CA PHE E 749 13.52 45.47 1.98
C PHE E 749 13.56 45.65 0.47
N ARG E 750 13.53 44.54 -0.25
CA ARG E 750 13.51 44.56 -1.71
C ARG E 750 12.23 45.19 -2.26
N PRO E 751 12.30 45.81 -3.45
CA PRO E 751 11.13 46.44 -4.06
C PRO E 751 10.04 45.45 -4.48
N GLU E 752 10.46 44.34 -5.08
CA GLU E 752 9.55 43.34 -5.64
C GLU E 752 8.52 42.91 -4.59
N PHE E 753 8.96 42.88 -3.32
CA PHE E 753 8.16 42.38 -2.21
C PHE E 753 7.13 43.36 -1.62
N ILE E 754 7.56 44.58 -1.32
CA ILE E 754 6.66 45.57 -0.72
C ILE E 754 5.59 46.00 -1.72
N ASN E 755 5.92 45.93 -3.01
CA ASN E 755 4.90 46.23 -4.03
C ASN E 755 3.70 45.30 -3.94
N ARG E 756 3.91 44.05 -3.53
CA ARG E 756 2.86 43.03 -3.49
C ARG E 756 2.16 42.90 -2.12
N ILE E 757 2.47 43.81 -1.20
CA ILE E 757 1.73 43.92 0.07
C ILE E 757 0.60 44.95 -0.05
N ASP E 758 -0.62 44.59 0.34
CA ASP E 758 -1.77 45.47 0.18
C ASP E 758 -1.59 46.82 0.90
N GLU E 759 -1.20 46.76 2.16
CA GLU E 759 -0.93 47.97 2.93
C GLU E 759 0.26 47.74 3.85
N VAL E 760 1.01 48.80 4.08
CA VAL E 760 2.05 48.78 5.10
C VAL E 760 1.59 49.78 6.15
N VAL E 761 1.36 49.28 7.34
CA VAL E 761 0.77 50.05 8.43
C VAL E 761 1.83 50.50 9.41
N VAL E 762 1.60 51.66 10.00
CA VAL E 762 2.45 52.16 11.06
C VAL E 762 1.68 52.15 12.37
N PHE E 763 2.30 51.56 13.40
CA PHE E 763 1.73 51.52 14.75
C PHE E 763 2.44 52.55 15.61
N HIS E 764 1.68 53.46 16.20
CA HIS E 764 2.24 54.51 17.06
C HIS E 764 2.38 54.05 18.52
N PRO E 765 3.25 54.70 19.31
CA PRO E 765 3.42 54.50 20.76
C PRO E 765 2.17 54.84 21.58
N LEU E 766 2.06 54.33 22.81
CA LEU E 766 0.77 54.40 23.51
C LEU E 766 0.57 55.55 24.50
N GLY E 767 -0.56 56.23 24.34
CA GLY E 767 -0.92 57.39 25.14
C GLY E 767 -1.66 57.12 26.43
N GLU E 768 -1.46 58.00 27.40
CA GLU E 768 -1.95 57.85 28.78
C GLU E 768 -3.40 57.39 28.83
N GLN E 769 -4.27 58.10 28.12
CA GLN E 769 -5.69 57.75 28.07
C GLN E 769 -5.89 56.39 27.38
N HIS E 770 -5.03 56.07 26.41
CA HIS E 770 -5.10 54.75 25.78
C HIS E 770 -4.85 53.64 26.76
N ILE E 771 -3.76 53.71 27.53
CA ILE E 771 -3.42 52.62 28.43
C ILE E 771 -4.49 52.50 29.48
N ALA E 772 -5.10 53.63 29.85
CA ALA E 772 -6.25 53.59 30.73
C ALA E 772 -7.41 52.81 30.09
N SER E 773 -7.69 53.04 28.81
CA SER E 773 -8.81 52.33 28.15
C SER E 773 -8.49 50.85 27.90
N ILE E 774 -7.22 50.57 27.60
CA ILE E 774 -6.71 49.22 27.39
C ILE E 774 -6.92 48.45 28.67
N ALA E 775 -6.60 49.13 29.78
CA ALA E 775 -6.70 48.57 31.11
C ALA E 775 -8.16 48.29 31.44
N GLN E 776 -9.02 49.26 31.13
CA GLN E 776 -10.43 49.11 31.42
C GLN E 776 -10.96 47.92 30.67
N ILE E 777 -10.42 47.67 29.46
CA ILE E 777 -10.81 46.49 28.70
C ILE E 777 -10.36 45.22 29.42
N GLN E 778 -9.14 45.20 29.93
CA GLN E 778 -8.67 44.00 30.63
C GLN E 778 -9.46 43.74 31.91
N LEU E 779 -9.99 44.79 32.52
CA LEU E 779 -10.81 44.62 33.72
C LEU E 779 -12.19 44.07 33.33
N LYS E 780 -12.57 44.15 32.05
CA LYS E 780 -13.84 43.60 31.62
C LYS E 780 -13.91 42.09 31.79
N ARG E 781 -12.91 41.35 31.27
CA ARG E 781 -12.91 39.88 31.38
C ARG E 781 -13.12 39.52 32.83
N LEU E 782 -12.38 40.18 33.71
CA LEU E 782 -12.46 39.94 35.16
C LEU E 782 -13.84 40.26 35.74
N TYR E 783 -14.39 41.42 35.41
CA TYR E 783 -15.64 41.87 36.00
C TYR E 783 -16.68 40.83 35.65
N LYS E 784 -16.62 40.35 34.42
CA LYS E 784 -17.59 39.40 33.88
C LYS E 784 -17.48 38.05 34.59
N ARG E 785 -16.26 37.58 34.81
CA ARG E 785 -16.06 36.31 35.51
C ARG E 785 -16.64 36.38 36.93
N LEU E 786 -16.53 37.56 37.55
CA LEU E 786 -17.15 37.82 38.84
C LEU E 786 -18.64 38.13 38.73
N GLU E 787 -19.06 38.67 37.60
CA GLU E 787 -20.44 39.05 37.37
C GLU E 787 -21.25 37.79 37.54
N GLU E 788 -20.76 36.73 36.90
CA GLU E 788 -21.36 35.41 36.97
C GLU E 788 -21.56 34.94 38.40
N ARG E 789 -20.63 35.33 39.28
CA ARG E 789 -20.62 34.89 40.67
C ARG E 789 -21.37 35.79 41.66
N GLY E 790 -21.86 36.94 41.22
CA GLY E 790 -22.69 37.78 42.06
C GLY E 790 -21.98 38.96 42.69
N TYR E 791 -20.79 39.29 42.18
CA TYR E 791 -20.02 40.41 42.67
C TYR E 791 -20.01 41.52 41.62
N GLU E 792 -20.51 42.70 41.97
CA GLU E 792 -20.34 43.87 41.14
C GLU E 792 -18.97 44.47 41.47
N ILE E 793 -18.33 45.17 40.52
CA ILE E 793 -17.08 45.87 40.82
C ILE E 793 -16.95 47.21 40.14
N HIS E 794 -16.31 48.13 40.85
CA HIS E 794 -15.94 49.43 40.31
C HIS E 794 -14.52 49.69 40.68
N ILE E 795 -13.78 50.35 39.80
CA ILE E 795 -12.41 50.74 40.10
C ILE E 795 -12.31 52.25 40.25
N SER E 796 -11.72 52.65 41.35
CA SER E 796 -11.48 54.05 41.67
C SER E 796 -10.75 54.69 40.52
N ASP E 797 -10.96 55.98 40.29
CA ASP E 797 -10.22 56.66 39.25
C ASP E 797 -8.72 56.57 39.57
N GLU E 798 -8.40 56.60 40.86
CA GLU E 798 -7.00 56.57 41.31
C GLU E 798 -6.39 55.20 41.08
N ALA E 799 -7.07 54.16 41.54
CA ALA E 799 -6.65 52.79 41.31
C ALA E 799 -6.39 52.52 39.83
N LEU E 800 -7.26 53.02 38.96
CA LEU E 800 -7.09 52.77 37.53
C LEU E 800 -5.86 53.47 36.98
N LYS E 801 -5.59 54.70 37.39
CA LYS E 801 -4.36 55.32 36.92
C LYS E 801 -3.12 54.64 37.48
N LEU E 802 -3.22 54.10 38.70
CA LEU E 802 -2.09 53.41 39.31
C LEU E 802 -1.78 52.15 38.51
N LEU E 803 -2.84 51.47 38.10
CA LEU E 803 -2.72 50.26 37.32
C LEU E 803 -2.23 50.58 35.93
N SER E 804 -2.64 51.75 35.42
CA SER E 804 -2.27 52.19 34.08
C SER E 804 -0.80 52.57 34.02
N GLU E 805 -0.26 53.06 35.13
CA GLU E 805 1.16 53.40 35.20
C GLU E 805 2.00 52.16 35.38
N ASN E 806 1.49 51.20 36.16
CA ASN E 806 2.15 49.93 36.32
C ASN E 806 2.31 49.20 34.98
N GLY E 807 1.33 49.37 34.10
CA GLY E 807 1.29 48.59 32.88
C GLY E 807 2.17 49.11 31.75
N TYR E 808 2.54 50.37 31.81
CA TYR E 808 3.11 51.05 30.65
C TYR E 808 4.57 51.41 30.78
N ASP E 809 5.41 50.73 30.03
CA ASP E 809 6.77 51.20 29.76
C ASP E 809 7.02 51.09 28.25
N PRO E 810 7.73 52.07 27.66
CA PRO E 810 8.00 52.07 26.23
C PRO E 810 8.75 50.85 25.67
N VAL E 811 9.37 50.06 26.51
CA VAL E 811 10.14 48.91 26.04
C VAL E 811 9.20 47.76 25.65
N TYR E 812 8.48 47.24 26.64
CA TYR E 812 7.54 46.14 26.43
C TYR E 812 6.08 46.59 26.23
N GLY E 813 5.84 47.90 26.12
CA GLY E 813 4.53 48.41 25.71
C GLY E 813 3.45 48.37 26.77
N ALA E 814 2.26 47.89 26.38
CA ALA E 814 1.18 47.61 27.32
C ALA E 814 1.18 46.15 27.74
N ARG E 815 2.23 45.40 27.37
CA ARG E 815 2.30 43.97 27.67
C ARG E 815 2.20 43.65 29.16
N PRO E 816 2.96 44.37 30.00
CA PRO E 816 2.96 44.09 31.44
C PRO E 816 1.58 44.24 32.08
N LEU E 817 0.71 45.04 31.48
CA LEU E 817 -0.55 45.40 32.10
C LEU E 817 -1.44 44.21 32.53
N LYS E 818 -1.50 43.11 31.77
CA LYS E 818 -2.37 41.99 32.20
C LYS E 818 -1.80 41.24 33.39
N ARG E 819 -0.48 41.12 33.47
CA ARG E 819 0.14 40.43 34.59
C ARG E 819 0.23 41.36 35.80
N ALA E 820 0.10 42.65 35.59
CA ALA E 820 -0.04 43.60 36.69
C ALA E 820 -1.45 43.54 37.26
N ILE E 821 -2.45 43.31 36.42
CA ILE E 821 -3.81 43.16 36.93
C ILE E 821 -3.84 41.91 37.77
N GLN E 822 -3.23 40.86 37.26
CA GLN E 822 -3.21 39.58 37.95
C GLN E 822 -2.65 39.69 39.36
N GLN E 823 -1.43 40.22 39.49
CA GLN E 823 -0.74 40.27 40.77
C GLN E 823 -1.18 41.42 41.70
N GLN E 824 -1.65 42.52 41.15
CA GLN E 824 -2.13 43.66 41.94
C GLN E 824 -3.57 43.51 42.44
N ILE E 825 -4.41 42.89 41.62
CA ILE E 825 -5.85 42.85 41.84
C ILE E 825 -6.35 41.44 42.05
N GLU E 826 -6.13 40.55 41.08
CA GLU E 826 -6.70 39.20 41.13
C GLU E 826 -6.28 38.40 42.38
N ASN E 827 -4.99 38.43 42.75
CA ASN E 827 -4.54 37.67 43.92
C ASN E 827 -5.18 38.08 45.24
N PRO E 828 -5.08 39.37 45.62
CA PRO E 828 -5.66 39.75 46.90
C PRO E 828 -7.16 39.51 46.95
N LEU E 829 -7.84 39.91 45.88
CA LEU E 829 -9.27 39.72 45.74
C LEU E 829 -9.63 38.24 45.90
N ALA E 830 -8.81 37.37 45.30
CA ALA E 830 -9.05 35.93 45.31
C ALA E 830 -9.11 35.38 46.74
N GLN E 831 -8.27 35.91 47.62
CA GLN E 831 -8.23 35.43 48.99
C GLN E 831 -9.41 35.96 49.77
N GLN E 832 -9.68 37.25 49.61
CA GLN E 832 -10.82 37.87 50.27
C GLN E 832 -12.10 37.13 49.90
N ILE E 833 -12.22 36.74 48.64
CA ILE E 833 -13.37 35.97 48.19
C ILE E 833 -13.43 34.63 48.93
N LEU E 834 -12.30 33.93 48.98
CA LEU E 834 -12.21 32.61 49.60
C LEU E 834 -12.37 32.64 51.13
N SER E 835 -11.98 33.74 51.76
CA SER E 835 -12.08 33.89 53.20
C SER E 835 -13.46 34.36 53.67
N GLY E 836 -14.17 35.08 52.80
CA GLY E 836 -15.46 35.66 53.18
C GLY E 836 -15.50 37.16 53.43
N GLU E 837 -14.33 37.79 53.56
CA GLU E 837 -14.24 39.25 53.72
C GLU E 837 -15.14 39.96 52.72
N LEU E 838 -15.06 39.56 51.45
CA LEU E 838 -15.98 40.02 50.42
C LEU E 838 -17.14 39.04 50.24
N VAL E 839 -18.35 39.58 50.27
CA VAL E 839 -19.57 38.80 50.05
C VAL E 839 -20.26 39.24 48.75
N PRO E 840 -20.92 38.28 48.06
CA PRO E 840 -21.75 38.62 46.91
C PRO E 840 -22.97 39.47 47.27
N GLY E 841 -23.34 40.40 46.40
CA GLY E 841 -24.45 41.31 46.68
C GLY E 841 -24.00 42.54 47.44
N LYS E 842 -22.70 42.83 47.35
CA LYS E 842 -22.16 44.08 47.83
C LYS E 842 -21.17 44.50 46.77
N VAL E 843 -21.35 45.69 46.19
CA VAL E 843 -20.40 46.19 45.21
C VAL E 843 -19.02 46.25 45.84
N ILE E 844 -18.03 45.92 45.02
CA ILE E 844 -16.66 45.84 45.45
C ILE E 844 -15.94 47.02 44.84
N ARG E 845 -15.42 47.89 45.67
CA ARG E 845 -14.76 49.07 45.18
C ARG E 845 -13.25 48.83 45.24
N LEU E 846 -12.53 49.20 44.19
CA LEU E 846 -11.09 49.05 44.17
C LEU E 846 -10.44 50.40 44.36
N GLU E 847 -9.87 50.64 45.52
CA GLU E 847 -9.33 51.95 45.88
C GLU E 847 -7.84 51.80 46.12
N VAL E 848 -7.07 52.88 45.95
CA VAL E 848 -5.68 52.86 46.41
C VAL E 848 -5.63 53.14 47.90
N ASN E 849 -4.76 52.40 48.56
CA ASN E 849 -4.45 52.65 49.95
C ASN E 849 -2.95 52.55 50.10
N GLU E 850 -2.32 53.68 50.44
CA GLU E 850 -0.88 53.76 50.58
C GLU E 850 -0.14 52.99 49.48
N ASP E 851 -0.19 53.53 48.26
CA ASP E 851 0.57 53.00 47.14
C ASP E 851 0.21 51.55 46.79
N ARG E 852 -0.99 51.12 47.18
CA ARG E 852 -1.38 49.72 47.02
C ARG E 852 -2.85 49.58 46.66
N ILE E 853 -3.17 48.88 45.57
CA ILE E 853 -4.57 48.69 45.22
C ILE E 853 -5.21 47.66 46.15
N VAL E 854 -6.41 47.97 46.64
CA VAL E 854 -7.13 47.12 47.56
C VAL E 854 -8.61 47.09 47.24
N ALA E 855 -9.31 46.09 47.78
CA ALA E 855 -10.73 45.88 47.53
C ALA E 855 -11.51 45.99 48.83
N VAL E 856 -12.56 46.81 48.83
CA VAL E 856 -13.36 47.05 50.03
C VAL E 856 -14.85 46.92 49.72
N GLN E 857 -15.65 46.73 50.75
CA GLN E 857 -17.10 46.82 50.62
C GLN E 857 -17.62 47.76 51.69
N GLN F 159 -49.42 3.49 -5.94
CA GLN F 159 -49.26 2.69 -4.73
C GLN F 159 -48.00 3.07 -3.98
N ALA F 160 -46.95 3.35 -4.74
CA ALA F 160 -45.61 3.50 -4.17
C ALA F 160 -45.48 4.66 -3.18
N LEU F 161 -46.40 5.62 -3.25
CA LEU F 161 -46.39 6.75 -2.32
C LEU F 161 -46.98 6.41 -0.95
N LYS F 162 -48.10 5.69 -0.95
CA LYS F 162 -48.73 5.32 0.30
C LYS F 162 -47.79 4.45 1.14
N LYS F 163 -46.94 3.66 0.47
CA LYS F 163 -46.01 2.80 1.16
C LYS F 163 -44.79 3.52 1.77
N TYR F 164 -44.04 4.27 0.96
CA TYR F 164 -42.75 4.83 1.43
C TYR F 164 -42.67 6.28 1.86
N THR F 165 -43.77 6.99 1.82
CA THR F 165 -43.78 8.35 2.32
C THR F 165 -44.82 8.47 3.42
N ILE F 166 -44.56 9.36 4.36
CA ILE F 166 -45.53 9.64 5.41
C ILE F 166 -46.23 10.93 5.00
N ASP F 167 -47.52 11.04 5.27
CA ASP F 167 -48.27 12.21 4.83
C ASP F 167 -48.24 13.22 5.95
N LEU F 168 -47.47 14.28 5.76
CA LEU F 168 -47.23 15.26 6.81
C LEU F 168 -48.35 16.27 6.95
N THR F 169 -49.06 16.52 5.86
CA THR F 169 -50.22 17.39 5.91
C THR F 169 -51.40 16.67 6.55
N GLU F 170 -51.47 15.35 6.32
CA GLU F 170 -52.51 14.54 6.93
C GLU F 170 -52.32 14.62 8.44
N ARG F 171 -51.12 14.25 8.89
CA ARG F 171 -50.76 14.35 10.28
C ARG F 171 -51.06 15.74 10.83
N ALA F 172 -50.74 16.76 10.05
CA ALA F 172 -51.01 18.13 10.48
C ALA F 172 -52.49 18.37 10.77
N GLU F 173 -53.40 17.84 9.96
CA GLU F 173 -54.81 18.09 10.24
C GLU F 173 -55.37 17.29 11.42
N GLN F 174 -54.66 16.23 11.79
CA GLN F 174 -55.03 15.45 12.98
C GLN F 174 -54.47 16.11 14.24
N GLY F 175 -53.81 17.25 14.10
CA GLY F 175 -53.15 17.89 15.22
C GLY F 175 -52.02 17.04 15.75
N LYS F 176 -51.58 16.06 14.97
CA LYS F 176 -50.56 15.12 15.39
C LYS F 176 -49.16 15.71 15.28
N LEU F 177 -49.06 16.83 14.57
CA LEU F 177 -47.79 17.54 14.50
C LEU F 177 -47.74 18.58 15.60
N ASP F 178 -46.59 18.64 16.28
CA ASP F 178 -46.38 19.59 17.35
C ASP F 178 -46.18 20.96 16.74
N PRO F 179 -46.49 22.01 17.51
CA PRO F 179 -46.34 23.38 17.02
C PRO F 179 -44.93 23.70 16.59
N VAL F 180 -44.81 24.65 15.66
CA VAL F 180 -43.52 25.17 15.22
C VAL F 180 -43.51 26.65 15.58
N ILE F 181 -42.33 27.23 15.80
CA ILE F 181 -42.22 28.52 16.52
C ILE F 181 -41.22 29.55 16.01
N GLY F 182 -41.69 30.77 15.79
CA GLY F 182 -40.84 31.90 15.47
C GLY F 182 -39.96 31.64 14.25
N ARG F 183 -40.42 30.73 13.40
CA ARG F 183 -39.74 30.41 12.16
C ARG F 183 -40.33 31.18 10.98
N ASP F 184 -41.18 32.16 11.27
CA ASP F 184 -41.97 32.82 10.24
C ASP F 184 -41.12 33.16 9.01
N GLU F 185 -39.89 33.58 9.25
CA GLU F 185 -38.98 34.01 8.20
C GLU F 185 -38.60 32.88 7.25
N GLU F 186 -38.18 31.74 7.80
CA GLU F 186 -37.62 30.67 7.00
C GLU F 186 -38.72 29.96 6.22
N ILE F 187 -39.93 29.97 6.77
CA ILE F 187 -41.06 29.38 6.06
C ILE F 187 -41.41 30.27 4.89
N ARG F 188 -41.55 31.57 5.12
CA ARG F 188 -41.87 32.50 4.02
C ARG F 188 -40.91 32.36 2.85
N ARG F 189 -39.60 32.44 3.13
CA ARG F 189 -38.60 32.23 2.11
C ARG F 189 -38.80 30.89 1.40
N THR F 190 -39.03 29.83 2.17
CA THR F 190 -39.30 28.51 1.58
C THR F 190 -40.49 28.53 0.61
N ILE F 191 -41.54 29.28 0.94
CA ILE F 191 -42.72 29.34 0.08
C ILE F 191 -42.42 30.11 -1.20
N GLN F 192 -41.66 31.20 -1.07
CA GLN F 192 -41.33 32.01 -2.23
C GLN F 192 -40.64 31.12 -3.23
N VAL F 193 -39.66 30.38 -2.73
CA VAL F 193 -38.91 29.43 -3.55
C VAL F 193 -39.79 28.30 -4.09
N LEU F 194 -40.82 27.89 -3.36
CA LEU F 194 -41.76 26.90 -3.89
C LEU F 194 -42.63 27.45 -5.01
N GLN F 195 -42.97 28.74 -4.92
CA GLN F 195 -43.86 29.36 -5.90
C GLN F 195 -43.13 29.79 -7.18
N ARG F 196 -41.81 29.79 -7.13
CA ARG F 196 -41.01 30.26 -8.25
C ARG F 196 -41.23 29.50 -9.54
N ARG F 197 -41.02 30.21 -10.64
CA ARG F 197 -41.11 29.63 -11.97
C ARG F 197 -39.87 28.80 -12.25
N THR F 198 -38.72 29.39 -11.96
CA THR F 198 -37.43 28.78 -12.21
C THR F 198 -36.60 28.85 -10.93
N LYS F 199 -35.81 27.80 -10.68
CA LYS F 199 -35.08 27.65 -9.41
C LYS F 199 -36.12 27.56 -8.29
N ASN F 200 -37.08 26.66 -8.51
CA ASN F 200 -38.28 26.55 -7.71
C ASN F 200 -38.25 25.49 -6.60
N ASN F 201 -37.10 24.84 -6.40
CA ASN F 201 -36.96 23.91 -5.28
C ASN F 201 -36.17 24.49 -4.11
N PRO F 202 -36.84 24.69 -2.95
CA PRO F 202 -36.05 25.06 -1.77
C PRO F 202 -35.33 23.86 -1.15
N VAL F 203 -34.11 24.10 -0.68
CA VAL F 203 -33.37 23.13 0.11
C VAL F 203 -32.98 23.80 1.42
N LEU F 204 -33.29 23.13 2.52
CA LEU F 204 -33.02 23.68 3.83
C LEU F 204 -31.60 23.33 4.26
N ILE F 205 -30.83 24.35 4.65
CA ILE F 205 -29.42 24.18 4.95
C ILE F 205 -29.12 24.63 6.37
N GLY F 206 -28.63 23.71 7.19
CA GLY F 206 -28.30 24.02 8.56
C GLY F 206 -27.67 22.83 9.26
N GLU F 207 -27.24 23.05 10.50
CA GLU F 207 -26.61 21.99 11.27
C GLU F 207 -27.65 20.96 11.71
N PRO F 208 -27.20 19.80 12.21
CA PRO F 208 -28.19 18.82 12.67
C PRO F 208 -28.99 19.29 13.92
N GLY F 209 -30.31 19.13 13.83
CA GLY F 209 -31.18 19.35 14.96
C GLY F 209 -31.59 20.79 15.22
N VAL F 210 -31.55 21.65 14.19
CA VAL F 210 -31.78 23.08 14.41
C VAL F 210 -33.18 23.63 14.07
N GLY F 211 -34.11 22.77 13.66
CA GLY F 211 -35.37 23.24 13.09
C GLY F 211 -35.57 23.00 11.60
N LYS F 212 -34.71 22.17 10.98
CA LYS F 212 -34.86 21.82 9.57
C LYS F 212 -36.19 21.19 9.21
N THR F 213 -36.42 19.95 9.66
CA THR F 213 -37.68 19.27 9.33
C THR F 213 -38.82 20.00 10.03
N ALA F 214 -38.52 20.58 11.20
CA ALA F 214 -39.49 21.39 11.93
C ALA F 214 -40.14 22.39 10.99
N ILE F 215 -39.32 23.03 10.16
CA ILE F 215 -39.81 24.02 9.21
C ILE F 215 -40.73 23.41 8.18
N VAL F 216 -40.40 22.23 7.67
CA VAL F 216 -41.24 21.54 6.69
C VAL F 216 -42.63 21.36 7.27
N GLU F 217 -42.67 21.06 8.56
CA GLU F 217 -43.95 20.84 9.21
C GLU F 217 -44.67 22.13 9.53
N GLY F 218 -43.92 23.21 9.69
CA GLY F 218 -44.55 24.52 9.75
C GLY F 218 -45.33 24.71 8.48
N LEU F 219 -44.65 24.53 7.35
CA LEU F 219 -45.25 24.57 6.02
C LEU F 219 -46.46 23.65 5.94
N ALA F 220 -46.37 22.46 6.52
CA ALA F 220 -47.51 21.54 6.52
C ALA F 220 -48.72 22.20 7.18
N GLN F 221 -48.55 22.69 8.40
CA GLN F 221 -49.69 23.22 9.14
C GLN F 221 -50.21 24.52 8.57
N ARG F 222 -49.37 25.25 7.85
CA ARG F 222 -49.82 26.49 7.21
C ARG F 222 -50.72 26.15 6.03
N ILE F 223 -50.26 25.22 5.19
CA ILE F 223 -51.02 24.74 4.05
C ILE F 223 -52.40 24.35 4.49
N ILE F 224 -52.46 23.54 5.54
CA ILE F 224 -53.73 23.07 6.08
C ILE F 224 -54.58 24.25 6.59
N ASN F 225 -53.97 25.18 7.31
CA ASN F 225 -54.68 26.36 7.85
C ASN F 225 -55.03 27.42 6.82
N GLY F 226 -54.34 27.45 5.69
CA GLY F 226 -54.50 28.52 4.73
C GLY F 226 -53.79 29.78 5.17
N GLU F 227 -52.63 29.58 5.80
CA GLU F 227 -51.69 30.65 6.09
C GLU F 227 -50.70 30.82 4.93
N VAL F 228 -50.97 30.13 3.81
CA VAL F 228 -50.12 30.09 2.64
C VAL F 228 -50.80 30.79 1.45
N PRO F 229 -50.01 31.26 0.46
CA PRO F 229 -50.60 31.85 -0.74
C PRO F 229 -51.46 30.82 -1.44
N GLU F 230 -52.37 31.26 -2.29
CA GLU F 230 -53.43 30.37 -2.75
C GLU F 230 -52.98 29.36 -3.79
N GLY F 231 -51.86 29.60 -4.45
CA GLY F 231 -51.30 28.60 -5.34
C GLY F 231 -50.96 27.33 -4.56
N LEU F 232 -50.60 27.49 -3.29
CA LEU F 232 -50.16 26.37 -2.46
C LEU F 232 -51.27 25.73 -1.64
N LYS F 233 -52.46 26.34 -1.60
CA LYS F 233 -53.56 25.77 -0.82
C LYS F 233 -54.00 24.45 -1.43
N GLY F 234 -54.01 23.40 -0.63
CA GLY F 234 -54.46 22.10 -1.09
C GLY F 234 -53.33 21.16 -1.44
N ARG F 235 -52.10 21.67 -1.55
CA ARG F 235 -50.98 20.80 -1.85
C ARG F 235 -50.80 19.89 -0.66
N ARG F 236 -50.16 18.74 -0.87
CA ARG F 236 -49.98 17.76 0.20
C ARG F 236 -48.50 17.43 0.36
N VAL F 237 -47.96 17.79 1.52
CA VAL F 237 -46.55 17.60 1.82
C VAL F 237 -46.31 16.21 2.38
N LEU F 238 -45.45 15.45 1.71
CA LEU F 238 -45.11 14.11 2.13
C LEU F 238 -43.60 14.05 2.37
N ALA F 239 -43.19 13.18 3.29
CA ALA F 239 -41.78 12.96 3.56
C ALA F 239 -41.38 11.57 3.08
N LEU F 240 -40.53 11.54 2.05
CA LEU F 240 -39.90 10.31 1.60
C LEU F 240 -39.06 9.84 2.73
N ASP F 241 -39.26 8.60 3.13
CA ASP F 241 -38.57 8.08 4.29
C ASP F 241 -37.42 7.20 3.82
N MSE F 242 -36.22 7.60 4.25
CA MSE F 242 -35.02 6.84 4.05
C MSE F 242 -35.23 5.39 4.46
N GLY F 243 -35.66 5.24 5.70
CA GLY F 243 -35.87 3.93 6.27
C GLY F 243 -36.98 3.16 5.61
N ALA F 244 -37.95 3.87 5.04
CA ALA F 244 -39.04 3.21 4.33
C ALA F 244 -38.49 2.40 3.16
N LEU F 245 -37.45 2.90 2.50
CA LEU F 245 -36.84 2.18 1.38
C LEU F 245 -35.73 1.25 1.88
N ARG F 258 -35.34 -1.81 -7.27
CA ARG F 258 -35.32 -0.94 -6.11
C ARG F 258 -36.64 -0.14 -6.04
N LEU F 259 -37.67 -0.60 -6.73
CA LEU F 259 -38.87 0.22 -6.93
C LEU F 259 -38.48 1.49 -7.63
N LYS F 260 -38.55 2.65 -6.96
CA LYS F 260 -38.13 3.92 -7.55
C LYS F 260 -39.07 4.44 -8.65
N GLY F 261 -40.06 3.63 -9.04
CA GLY F 261 -41.17 4.11 -9.84
C GLY F 261 -42.17 4.88 -8.97
N VAL F 262 -41.78 5.19 -7.75
CA VAL F 262 -42.47 6.19 -6.93
C VAL F 262 -42.63 7.48 -7.72
N LEU F 263 -41.55 7.88 -8.39
CA LEU F 263 -41.53 9.10 -9.17
C LEU F 263 -42.64 9.11 -10.23
N ASN F 264 -43.11 7.93 -10.61
CA ASN F 264 -44.26 7.81 -11.49
C ASN F 264 -45.51 8.37 -10.81
N ASP F 265 -45.76 7.94 -9.57
CA ASP F 265 -46.93 8.39 -8.82
C ASP F 265 -46.90 9.89 -8.55
N LEU F 266 -45.71 10.44 -8.34
CA LEU F 266 -45.58 11.91 -8.19
C LEU F 266 -45.70 12.64 -9.52
N ALA F 267 -45.27 11.99 -10.59
CA ALA F 267 -45.39 12.58 -11.92
C ALA F 267 -46.85 12.58 -12.36
N LYS F 268 -47.65 11.66 -11.80
CA LYS F 268 -49.09 11.63 -12.07
C LYS F 268 -49.84 12.83 -11.49
N GLN F 269 -49.39 13.32 -10.34
CA GLN F 269 -50.09 14.39 -9.62
C GLN F 269 -49.52 15.82 -9.81
N GLU F 270 -48.58 16.01 -10.73
CA GLU F 270 -47.65 17.14 -10.64
C GLU F 270 -48.27 18.51 -10.32
N GLY F 271 -47.68 19.17 -9.32
CA GLY F 271 -48.09 20.48 -8.87
C GLY F 271 -48.93 20.48 -7.60
N ASN F 272 -49.63 19.37 -7.35
CA ASN F 272 -50.47 19.25 -6.16
C ASN F 272 -49.83 18.46 -5.01
N VAL F 273 -48.56 18.07 -5.18
CA VAL F 273 -47.84 17.30 -4.15
C VAL F 273 -46.42 17.81 -3.98
N ILE F 274 -46.05 18.15 -2.75
CA ILE F 274 -44.68 18.52 -2.40
C ILE F 274 -44.02 17.34 -1.69
N LEU F 275 -42.80 16.99 -2.09
CA LEU F 275 -42.07 15.86 -1.52
C LEU F 275 -40.92 16.35 -0.61
N PHE F 276 -40.63 15.60 0.45
CA PHE F 276 -39.54 15.97 1.36
C PHE F 276 -38.52 14.84 1.61
N ILE F 277 -37.30 15.07 1.17
CA ILE F 277 -36.19 14.17 1.40
C ILE F 277 -35.23 14.79 2.41
N ASP F 278 -35.17 14.26 3.62
CA ASP F 278 -34.20 14.73 4.59
C ASP F 278 -32.86 14.10 4.23
N GLU F 279 -31.76 14.79 4.56
CA GLU F 279 -30.43 14.32 4.21
C GLU F 279 -30.35 14.01 2.72
N LEU F 280 -30.80 14.97 1.90
CA LEU F 280 -30.85 14.81 0.45
C LEU F 280 -29.49 14.43 -0.17
N HIS F 281 -28.40 14.79 0.51
CA HIS F 281 -27.05 14.43 0.10
C HIS F 281 -26.82 12.93 -0.10
N THR F 282 -27.62 12.11 0.59
CA THR F 282 -27.38 10.66 0.61
C THR F 282 -27.79 9.93 -0.66
N MSE F 283 -28.80 10.43 -1.37
CA MSE F 283 -29.24 9.81 -2.62
C MSE F 283 -28.66 10.46 -3.88
N VAL F 284 -27.80 11.45 -3.68
CA VAL F 284 -26.88 11.89 -4.72
C VAL F 284 -25.51 11.19 -4.55
N GLY F 285 -25.45 10.20 -3.64
CA GLY F 285 -24.28 9.35 -3.51
C GLY F 285 -23.43 9.48 -2.27
N ALA F 286 -23.82 10.34 -1.33
CA ALA F 286 -23.05 10.51 -0.11
C ALA F 286 -23.35 9.39 0.88
N ASP F 294 -25.83 6.15 -5.55
CA ASP F 294 -26.27 7.22 -6.43
C ASP F 294 -27.65 6.93 -7.01
N ALA F 295 -28.66 7.70 -6.58
CA ALA F 295 -29.92 7.78 -7.30
C ALA F 295 -29.95 8.99 -8.21
N GLY F 296 -28.84 9.74 -8.29
CA GLY F 296 -28.82 11.02 -8.97
C GLY F 296 -29.43 11.05 -10.37
N ASN F 297 -29.20 9.99 -11.15
CA ASN F 297 -29.70 9.93 -12.52
C ASN F 297 -31.22 9.81 -12.60
N MSE F 298 -31.82 9.22 -11.57
CA MSE F 298 -33.27 9.11 -11.47
C MSE F 298 -33.94 10.46 -11.34
N LEU F 299 -33.40 11.24 -10.41
CA LEU F 299 -34.06 12.42 -9.90
C LEU F 299 -33.80 13.63 -10.80
N LYS F 300 -32.60 13.68 -11.38
CA LYS F 300 -32.17 14.77 -12.25
C LYS F 300 -33.17 15.15 -13.36
N PRO F 301 -33.71 14.17 -14.08
CA PRO F 301 -34.70 14.55 -15.10
C PRO F 301 -35.99 15.11 -14.49
N ALA F 302 -36.38 14.62 -13.32
CA ALA F 302 -37.65 15.00 -12.71
C ALA F 302 -37.74 16.48 -12.33
N LEU F 303 -36.63 17.05 -11.85
CA LEU F 303 -36.59 18.44 -11.39
C LEU F 303 -36.70 19.43 -12.54
N ALA F 304 -36.12 19.07 -13.68
CA ALA F 304 -36.17 19.91 -14.87
C ALA F 304 -37.47 19.71 -15.64
N ARG F 305 -38.16 18.61 -15.37
CA ARG F 305 -39.47 18.35 -15.98
C ARG F 305 -40.64 18.82 -15.13
N GLY F 306 -40.36 19.32 -13.93
CA GLY F 306 -41.42 19.80 -13.05
C GLY F 306 -42.28 18.71 -12.42
N GLU F 307 -41.97 17.45 -12.72
CA GLU F 307 -42.78 16.32 -12.26
C GLU F 307 -42.64 16.23 -10.76
N LEU F 308 -41.44 16.57 -10.29
CA LEU F 308 -41.05 16.45 -8.90
C LEU F 308 -40.77 17.82 -8.28
N HIS F 309 -41.67 18.24 -7.40
CA HIS F 309 -41.46 19.43 -6.57
C HIS F 309 -41.07 18.88 -5.22
N CYS F 310 -39.84 19.10 -4.76
CA CYS F 310 -39.43 18.59 -3.44
C CYS F 310 -38.72 19.60 -2.51
N VAL F 311 -38.31 19.09 -1.35
CA VAL F 311 -37.60 19.87 -0.35
C VAL F 311 -36.49 19.01 0.26
N GLY F 312 -35.28 19.55 0.30
CA GLY F 312 -34.14 18.84 0.86
C GLY F 312 -33.71 19.33 2.22
N ALA F 313 -32.83 18.57 2.88
CA ALA F 313 -32.14 19.04 4.06
C ALA F 313 -30.75 18.42 4.17
N THR F 314 -29.77 19.23 4.53
CA THR F 314 -28.37 18.82 4.58
C THR F 314 -27.59 19.87 5.38
N THR F 315 -26.29 19.66 5.59
CA THR F 315 -25.47 20.74 6.12
C THR F 315 -24.99 21.57 4.93
N LEU F 316 -24.33 22.71 5.19
CA LEU F 316 -23.90 23.59 4.10
C LEU F 316 -22.76 22.93 3.35
N ASP F 317 -21.91 22.20 4.07
CA ASP F 317 -20.82 21.46 3.46
C ASP F 317 -21.36 20.43 2.46
N GLU F 318 -22.40 19.71 2.87
CA GLU F 318 -23.02 18.71 2.00
C GLU F 318 -23.71 19.34 0.79
N TYR F 319 -24.13 20.61 0.90
CA TYR F 319 -24.72 21.33 -0.23
C TYR F 319 -23.65 21.74 -1.25
N ARG F 320 -22.59 22.35 -0.77
CA ARG F 320 -21.51 22.82 -1.65
C ARG F 320 -20.95 21.63 -2.41
N GLN F 321 -20.69 20.54 -1.68
CA GLN F 321 -20.10 19.35 -2.28
C GLN F 321 -21.01 18.63 -3.26
N TYR F 322 -22.18 18.19 -2.79
CA TYR F 322 -23.05 17.33 -3.59
C TYR F 322 -24.15 18.04 -4.37
N ILE F 323 -24.19 19.38 -4.34
CA ILE F 323 -25.15 20.14 -5.15
C ILE F 323 -24.49 21.23 -5.98
N GLU F 324 -23.88 22.20 -5.31
CA GLU F 324 -23.47 23.42 -5.97
C GLU F 324 -22.48 23.20 -7.12
N LYS F 325 -21.76 22.08 -7.09
CA LYS F 325 -20.78 21.78 -8.14
C LYS F 325 -21.38 21.27 -9.46
N ASP F 326 -22.70 21.05 -9.48
CA ASP F 326 -23.39 20.49 -10.63
C ASP F 326 -24.29 21.55 -11.28
N ALA F 327 -24.52 21.44 -12.59
CA ALA F 327 -25.52 22.26 -13.25
C ALA F 327 -26.91 21.69 -13.02
N ALA F 328 -27.04 20.39 -13.26
CA ALA F 328 -28.33 19.69 -13.16
C ALA F 328 -29.05 19.91 -11.83
N LEU F 329 -28.30 20.01 -10.74
CA LEU F 329 -28.90 20.30 -9.44
C LEU F 329 -29.00 21.80 -9.18
N GLU F 330 -27.85 22.45 -9.09
CA GLU F 330 -27.77 23.85 -8.65
C GLU F 330 -28.67 24.81 -9.43
N ARG F 331 -28.98 24.47 -10.68
CA ARG F 331 -29.85 25.33 -11.49
C ARG F 331 -31.32 25.23 -11.10
N ARG F 332 -31.73 24.09 -10.54
CA ARG F 332 -33.11 23.88 -10.11
C ARG F 332 -33.35 24.22 -8.64
N PHE F 333 -32.29 24.40 -7.86
CA PHE F 333 -32.40 24.45 -6.39
C PHE F 333 -32.01 25.78 -5.77
N GLN F 334 -32.49 25.97 -4.54
CA GLN F 334 -32.21 27.18 -3.78
C GLN F 334 -31.62 26.85 -2.42
N LYS F 335 -30.80 27.75 -1.91
CA LYS F 335 -30.32 27.68 -0.54
C LYS F 335 -31.30 28.45 0.34
N VAL F 336 -31.88 27.79 1.34
CA VAL F 336 -32.61 28.48 2.40
C VAL F 336 -31.98 28.14 3.73
N PHE F 337 -31.35 29.12 4.35
CA PHE F 337 -30.57 28.88 5.56
C PHE F 337 -31.41 28.86 6.83
N VAL F 338 -31.21 27.82 7.61
CA VAL F 338 -31.80 27.70 8.94
C VAL F 338 -30.67 27.79 9.95
N ALA F 339 -30.60 28.92 10.65
CA ALA F 339 -29.58 29.10 11.68
C ALA F 339 -29.92 28.28 12.91
N GLU F 340 -28.92 28.07 13.75
CA GLU F 340 -29.15 27.49 15.06
C GLU F 340 -29.82 28.55 15.92
N PRO F 341 -30.93 28.20 16.60
CA PRO F 341 -31.57 29.15 17.50
C PRO F 341 -30.69 29.81 18.55
N SER F 342 -31.06 31.02 18.91
CA SER F 342 -30.49 31.74 20.04
C SER F 342 -30.90 31.02 21.32
N VAL F 343 -30.25 31.30 22.45
CA VAL F 343 -30.73 30.75 23.71
C VAL F 343 -32.12 31.32 24.02
N GLU F 344 -32.30 32.63 23.82
CA GLU F 344 -33.60 33.27 24.04
C GLU F 344 -34.66 32.70 23.11
N ASP F 345 -34.25 32.47 21.86
CA ASP F 345 -35.14 31.91 20.85
C ASP F 345 -35.58 30.55 21.35
N THR F 346 -34.59 29.76 21.76
CA THR F 346 -34.81 28.40 22.21
C THR F 346 -35.71 28.35 23.42
N ILE F 347 -35.64 29.36 24.28
CA ILE F 347 -36.54 29.42 25.42
C ILE F 347 -37.96 29.62 24.93
N ALA F 348 -38.14 30.46 23.92
CA ALA F 348 -39.46 30.62 23.34
C ALA F 348 -39.93 29.35 22.65
N ILE F 349 -39.01 28.62 21.99
CA ILE F 349 -39.41 27.42 21.29
C ILE F 349 -39.90 26.41 22.32
N LEU F 350 -39.16 26.25 23.41
CA LEU F 350 -39.49 25.25 24.42
C LEU F 350 -40.74 25.66 25.17
N ARG F 351 -40.95 26.96 25.32
CA ARG F 351 -42.14 27.44 26.01
C ARG F 351 -43.37 27.13 25.21
N GLY F 352 -43.27 27.20 23.90
CA GLY F 352 -44.39 26.80 23.07
C GLY F 352 -44.61 25.30 23.04
N LEU F 353 -43.54 24.52 23.04
CA LEU F 353 -43.65 23.05 23.13
C LEU F 353 -44.06 22.58 24.52
N LYS F 354 -43.83 23.41 25.54
CA LYS F 354 -44.00 23.02 26.94
C LYS F 354 -45.32 22.28 27.25
N GLU F 355 -46.45 22.83 26.79
CA GLU F 355 -47.76 22.22 27.03
C GLU F 355 -47.85 20.79 26.51
N ARG F 356 -47.58 20.63 25.22
CA ARG F 356 -47.68 19.33 24.57
C ARG F 356 -46.79 18.32 25.26
N TYR F 357 -45.58 18.74 25.59
CA TYR F 357 -44.59 17.87 26.23
C TYR F 357 -45.00 17.37 27.61
N GLU F 358 -45.58 18.23 28.44
CA GLU F 358 -46.05 17.79 29.74
C GLU F 358 -47.36 17.00 29.65
N LEU F 359 -48.07 17.10 28.54
CA LEU F 359 -49.15 16.14 28.26
C LEU F 359 -48.56 14.79 27.87
N HIS F 360 -47.47 14.82 27.11
CA HIS F 360 -46.83 13.60 26.61
C HIS F 360 -46.32 12.73 27.74
N HIS F 361 -45.44 13.30 28.56
CA HIS F 361 -44.75 12.56 29.62
C HIS F 361 -45.54 12.37 30.91
N HIS F 362 -46.70 12.99 31.02
CA HIS F 362 -47.47 12.89 32.25
C HIS F 362 -46.68 13.46 33.41
N VAL F 363 -46.12 14.64 33.19
CA VAL F 363 -45.35 15.33 34.20
C VAL F 363 -45.74 16.76 34.09
N GLN F 364 -45.01 17.64 34.75
CA GLN F 364 -45.27 19.04 34.66
C GLN F 364 -43.92 19.71 34.58
N ILE F 365 -43.72 20.53 33.56
CA ILE F 365 -42.43 21.12 33.31
C ILE F 365 -42.48 22.55 33.84
N THR F 366 -41.34 23.00 34.36
CA THR F 366 -41.24 24.24 35.12
C THR F 366 -40.55 25.26 34.28
N ASP F 367 -41.01 26.51 34.28
CA ASP F 367 -40.40 27.48 33.38
C ASP F 367 -38.90 27.65 33.66
N PRO F 368 -38.51 27.66 34.94
CA PRO F 368 -37.12 27.41 35.32
C PRO F 368 -36.46 26.20 34.65
N ALA F 369 -37.16 25.07 34.51
CA ALA F 369 -36.61 23.91 33.78
C ALA F 369 -36.35 24.24 32.34
N ILE F 370 -37.20 25.06 31.74
CA ILE F 370 -37.01 25.38 30.35
C ILE F 370 -35.76 26.24 30.18
N VAL F 371 -35.73 27.37 30.86
CA VAL F 371 -34.58 28.28 30.75
C VAL F 371 -33.28 27.59 31.17
N ALA F 372 -33.34 26.66 32.10
CA ALA F 372 -32.14 25.91 32.51
C ALA F 372 -31.72 24.97 31.40
N ALA F 373 -32.68 24.28 30.81
CA ALA F 373 -32.38 23.28 29.78
C ALA F 373 -31.81 23.92 28.52
N ALA F 374 -32.20 25.15 28.25
CA ALA F 374 -31.63 25.91 27.13
C ALA F 374 -30.24 26.44 27.48
N THR F 375 -30.18 27.27 28.52
CA THR F 375 -28.95 27.95 28.96
C THR F 375 -27.75 27.01 29.18
N LEU F 376 -27.96 25.98 29.98
CA LEU F 376 -26.91 25.03 30.34
C LEU F 376 -26.47 24.23 29.14
N SER F 377 -27.43 23.66 28.41
CA SER F 377 -27.11 22.86 27.24
C SER F 377 -26.23 23.65 26.27
N HIS F 378 -26.55 24.92 26.08
CA HIS F 378 -25.71 25.80 25.27
C HIS F 378 -24.30 25.81 25.84
N ARG F 379 -24.20 26.11 27.13
CA ARG F 379 -22.90 26.11 27.81
C ARG F 379 -22.14 24.78 27.75
N TYR F 380 -22.62 23.78 28.46
CA TYR F 380 -21.83 22.59 28.75
C TYR F 380 -21.82 21.50 27.67
N ILE F 381 -22.58 21.67 26.59
CA ILE F 381 -22.55 20.71 25.49
C ILE F 381 -21.94 21.38 24.28
N ALA F 382 -20.72 20.99 23.98
CA ALA F 382 -19.92 21.65 22.97
C ALA F 382 -20.40 21.29 21.57
N ASP F 383 -20.56 19.99 21.34
CA ASP F 383 -20.73 19.45 19.98
C ASP F 383 -22.11 19.56 19.30
N ARG F 384 -23.19 19.22 19.99
CA ARG F 384 -24.52 19.21 19.36
C ARG F 384 -25.13 20.61 19.29
N GLN F 385 -26.30 20.74 18.65
CA GLN F 385 -26.90 22.04 18.34
C GLN F 385 -28.19 22.31 19.11
N LEU F 386 -28.47 23.60 19.29
CA LEU F 386 -29.22 24.06 20.45
C LEU F 386 -30.65 23.58 20.63
N PRO F 387 -31.54 23.84 19.65
CA PRO F 387 -32.95 23.59 19.99
C PRO F 387 -33.16 22.11 20.22
N ASP F 388 -32.30 21.27 19.66
CA ASP F 388 -32.37 19.84 19.90
C ASP F 388 -31.79 19.46 21.28
N LYS F 389 -30.50 19.69 21.52
CA LYS F 389 -29.89 19.28 22.79
C LYS F 389 -30.68 19.76 24.02
N ALA F 390 -31.28 20.95 23.92
CA ALA F 390 -32.11 21.47 25.00
C ALA F 390 -33.29 20.54 25.23
N ILE F 391 -33.93 20.14 24.14
CA ILE F 391 -35.06 19.23 24.23
C ILE F 391 -34.62 17.91 24.86
N ASP F 392 -33.63 17.22 24.29
CA ASP F 392 -33.19 15.92 24.82
C ASP F 392 -32.99 15.99 26.34
N LEU F 393 -32.44 17.11 26.80
CA LEU F 393 -32.27 17.33 28.22
C LEU F 393 -33.60 17.28 28.95
N ILE F 394 -34.55 18.12 28.54
CA ILE F 394 -35.89 18.10 29.14
C ILE F 394 -36.48 16.69 29.13
N ASP F 395 -36.56 16.12 27.94
CA ASP F 395 -37.11 14.79 27.68
C ASP F 395 -36.63 13.76 28.67
N GLU F 396 -35.33 13.72 28.90
CA GLU F 396 -34.77 12.69 29.74
C GLU F 396 -35.03 12.97 31.21
N ALA F 397 -35.04 14.24 31.60
CA ALA F 397 -35.42 14.59 32.96
C ALA F 397 -36.86 14.19 33.19
N ALA F 398 -37.69 14.28 32.14
CA ALA F 398 -39.10 13.94 32.24
C ALA F 398 -39.28 12.45 32.46
N SER F 399 -38.64 11.62 31.63
CA SER F 399 -38.77 10.17 31.79
C SER F 399 -38.09 9.69 33.08
N SER F 400 -37.19 10.48 33.64
CA SER F 400 -36.68 10.18 34.99
C SER F 400 -37.72 10.48 36.06
N ILE F 401 -38.47 11.57 35.93
CA ILE F 401 -39.53 11.85 36.90
C ILE F 401 -40.65 10.84 36.74
N ARG F 402 -40.93 10.42 35.52
CA ARG F 402 -42.09 9.56 35.27
C ARG F 402 -41.83 8.16 35.82
N MSE F 403 -40.55 7.83 36.05
CA MSE F 403 -40.20 6.60 36.78
C MSE F 403 -40.26 6.81 38.29
N GLN F 404 -39.72 7.93 38.77
CA GLN F 404 -39.78 8.25 40.21
C GLN F 404 -41.23 8.34 40.73
N ILE F 405 -42.18 8.55 39.81
CA ILE F 405 -43.62 8.52 40.11
C ILE F 405 -44.18 7.12 40.32
N ASP F 406 -43.80 6.19 39.44
CA ASP F 406 -44.41 4.88 39.37
C ASP F 406 -43.79 3.94 40.44
N SER F 407 -42.87 4.45 41.25
CA SER F 407 -42.22 3.64 42.28
C SER F 407 -42.79 4.01 43.65
N LYS F 408 -42.81 3.04 44.57
CA LYS F 408 -43.34 3.26 45.92
C LYS F 408 -42.56 4.39 46.58
N PRO F 409 -43.17 5.11 47.53
CA PRO F 409 -42.37 6.14 48.22
C PRO F 409 -41.38 5.52 49.20
N GLU F 410 -40.31 6.23 49.54
CA GLU F 410 -39.35 5.74 50.52
C GLU F 410 -39.96 5.77 51.90
N GLU F 411 -40.95 6.64 52.11
CA GLU F 411 -41.52 6.82 53.43
C GLU F 411 -42.15 5.54 53.94
N LEU F 412 -32.91 15.73 44.50
CA LEU F 412 -32.86 14.27 44.44
C LEU F 412 -32.01 13.91 43.23
N ASP F 413 -31.71 12.64 43.05
CA ASP F 413 -30.75 12.18 42.04
C ASP F 413 -29.32 12.64 42.29
N ARG F 414 -29.15 13.62 43.17
CA ARG F 414 -28.00 13.70 44.04
C ARG F 414 -28.21 12.67 45.14
N LEU F 415 -29.45 12.58 45.65
CA LEU F 415 -29.78 11.56 46.64
C LEU F 415 -29.95 10.17 46.02
N ASP F 416 -30.20 10.05 44.71
CA ASP F 416 -30.24 8.72 44.11
C ASP F 416 -28.80 8.22 43.94
N ARG F 417 -27.89 9.14 43.61
CA ARG F 417 -26.47 8.82 43.54
C ARG F 417 -25.94 8.39 44.91
N ARG F 418 -26.34 9.10 45.95
CA ARG F 418 -25.95 8.74 47.32
C ARG F 418 -26.46 7.36 47.68
N ILE F 419 -27.77 7.18 47.55
CA ILE F 419 -28.42 5.94 47.92
C ILE F 419 -27.74 4.77 47.18
N ILE F 420 -27.45 4.95 45.89
CA ILE F 420 -26.94 3.85 45.06
C ILE F 420 -25.54 3.41 45.50
N GLN F 421 -24.66 4.36 45.78
CA GLN F 421 -23.34 4.00 46.29
C GLN F 421 -23.42 3.32 47.65
N LEU F 422 -24.39 3.71 48.47
CA LEU F 422 -24.64 3.01 49.74
C LEU F 422 -25.36 1.67 49.58
N LYS F 423 -26.05 1.46 48.47
CA LYS F 423 -26.65 0.14 48.20
C LYS F 423 -25.56 -0.87 47.87
N LEU F 424 -24.58 -0.45 47.09
CA LEU F 424 -23.44 -1.31 46.77
C LEU F 424 -22.49 -1.56 47.96
N GLU F 425 -22.09 -0.50 48.68
CA GLU F 425 -21.32 -0.68 49.91
C GLU F 425 -22.07 -1.62 50.83
N GLN F 426 -23.37 -1.40 50.98
CA GLN F 426 -24.13 -2.17 51.93
C GLN F 426 -24.23 -3.62 51.53
N GLN F 427 -24.30 -3.93 50.23
CA GLN F 427 -24.25 -5.34 49.85
C GLN F 427 -22.83 -5.93 50.00
N ALA F 428 -21.81 -5.08 49.96
CA ALA F 428 -20.44 -5.52 50.22
C ALA F 428 -20.24 -5.82 51.70
N LEU F 429 -20.60 -4.84 52.50
CA LEU F 429 -20.58 -4.94 53.96
C LEU F 429 -21.61 -5.99 54.44
N MSE F 430 -22.42 -6.52 53.52
CA MSE F 430 -23.34 -7.63 53.79
C MSE F 430 -22.70 -9.03 53.55
N LYS F 431 -21.52 -9.07 52.95
CA LYS F 431 -20.88 -10.35 52.61
C LYS F 431 -19.79 -10.70 53.62
N ARG F 440 -21.30 -1.05 61.82
CA ARG F 440 -21.24 -0.17 60.66
C ARG F 440 -22.29 -0.57 59.64
N LEU F 441 -22.51 -1.88 59.52
CA LEU F 441 -23.51 -2.40 58.60
C LEU F 441 -24.87 -1.82 58.94
N ASP F 442 -25.38 -2.22 60.10
CA ASP F 442 -26.73 -1.88 60.51
C ASP F 442 -26.86 -0.36 60.66
N MSE F 443 -25.78 0.29 61.08
CA MSE F 443 -25.75 1.74 61.22
C MSE F 443 -25.95 2.42 59.87
N LEU F 444 -25.10 2.05 58.93
CA LEU F 444 -25.21 2.53 57.56
C LEU F 444 -26.59 2.19 57.00
N ASN F 445 -27.18 1.11 57.51
CA ASN F 445 -28.52 0.68 57.13
C ASN F 445 -29.60 1.66 57.62
N GLU F 446 -29.40 2.20 58.82
CA GLU F 446 -30.29 3.24 59.34
C GLU F 446 -30.21 4.53 58.51
N GLU F 447 -28.98 5.00 58.28
CA GLU F 447 -28.76 6.16 57.41
C GLU F 447 -29.49 5.93 56.09
N LEU F 448 -29.40 4.70 55.58
CA LEU F 448 -30.04 4.35 54.32
C LEU F 448 -31.56 4.58 54.34
N SER F 449 -32.29 3.93 55.25
CA SER F 449 -33.75 4.11 55.25
C SER F 449 -34.16 5.57 55.44
N ASP F 450 -33.55 6.27 56.40
CA ASP F 450 -33.89 7.66 56.62
C ASP F 450 -33.52 8.55 55.44
N LYS F 451 -32.61 8.07 54.58
CA LYS F 451 -32.34 8.76 53.31
C LYS F 451 -33.19 8.29 52.13
N GLU F 452 -33.90 7.17 52.26
CA GLU F 452 -34.91 6.77 51.28
C GLU F 452 -36.32 7.24 51.66
N ARG F 453 -36.49 7.76 52.87
CA ARG F 453 -37.70 8.48 53.22
C ARG F 453 -37.55 9.89 52.68
N GLN F 454 -36.36 10.46 52.82
CA GLN F 454 -36.03 11.72 52.17
C GLN F 454 -36.37 11.60 50.70
N TYR F 455 -36.08 10.44 50.12
CA TYR F 455 -36.21 10.26 48.68
C TYR F 455 -37.63 10.00 48.18
N SER F 456 -38.47 9.32 48.94
CA SER F 456 -39.87 9.16 48.54
C SER F 456 -40.61 10.48 48.77
N GLU F 457 -40.44 11.07 49.94
CA GLU F 457 -40.98 12.39 50.23
C GLU F 457 -40.60 13.38 49.14
N LEU F 458 -39.36 13.31 48.68
CA LEU F 458 -38.92 14.21 47.63
C LEU F 458 -39.60 13.89 46.31
N GLU F 459 -39.60 12.61 45.93
CA GLU F 459 -40.16 12.22 44.64
C GLU F 459 -41.63 12.60 44.56
N GLU F 460 -42.29 12.58 45.71
CA GLU F 460 -43.72 12.85 45.76
C GLU F 460 -43.98 14.33 45.70
N GLU F 461 -43.15 15.10 46.41
CA GLU F 461 -43.22 16.55 46.33
C GLU F 461 -43.09 16.99 44.89
N TRP F 462 -42.14 16.37 44.19
CA TRP F 462 -41.81 16.71 42.81
C TRP F 462 -42.95 16.35 41.87
N LYS F 463 -43.57 15.20 42.08
CA LYS F 463 -44.76 14.82 41.32
C LYS F 463 -45.90 15.81 41.56
N ALA F 464 -45.98 16.36 42.77
CA ALA F 464 -46.99 17.35 43.08
C ALA F 464 -46.66 18.69 42.46
N GLU F 465 -45.37 18.99 42.26
CA GLU F 465 -44.96 20.19 41.53
C GLU F 465 -45.50 20.09 40.12
N LYS F 466 -45.10 19.01 39.46
CA LYS F 466 -45.45 18.72 38.07
C LYS F 466 -46.94 18.87 37.87
N ALA F 467 -47.73 18.29 38.79
CA ALA F 467 -49.18 18.41 38.75
C ALA F 467 -49.69 19.87 38.87
N SER F 468 -49.21 20.60 39.87
CA SER F 468 -49.64 21.98 40.09
C SER F 468 -49.40 22.84 38.88
N LEU F 469 -48.35 22.50 38.12
CA LEU F 469 -48.07 23.16 36.85
C LEU F 469 -49.09 22.77 35.78
N SER F 470 -49.26 21.48 35.55
CA SER F 470 -50.11 21.02 34.46
C SER F 470 -51.53 21.56 34.59
N GLY F 471 -51.99 21.71 35.83
CA GLY F 471 -53.33 22.22 36.09
C GLY F 471 -53.43 23.68 35.68
N THR F 472 -52.40 24.45 35.99
CA THR F 472 -52.37 25.87 35.66
C THR F 472 -52.31 26.04 34.16
N GLN F 473 -51.70 25.08 33.46
CA GLN F 473 -51.68 25.14 32.01
C GLN F 473 -53.00 24.77 31.40
N THR F 474 -53.70 23.80 31.98
CA THR F 474 -55.01 23.43 31.46
C THR F 474 -55.92 24.62 31.52
N ILE F 475 -56.10 25.18 32.71
CA ILE F 475 -56.93 26.36 32.87
C ILE F 475 -56.47 27.51 32.00
N LYS F 476 -55.16 27.73 31.89
CA LYS F 476 -54.66 28.79 31.04
C LYS F 476 -55.27 28.62 29.63
N ALA F 477 -55.21 27.41 29.13
CA ALA F 477 -55.70 27.09 27.78
C ALA F 477 -57.19 27.32 27.65
N GLU F 478 -57.96 26.72 28.54
CA GLU F 478 -59.42 26.75 28.50
C GLU F 478 -59.91 28.18 28.50
N LEU F 479 -59.27 29.00 29.32
CA LEU F 479 -59.56 30.42 29.32
C LEU F 479 -59.36 30.98 27.91
N GLU F 480 -58.17 30.80 27.32
CA GLU F 480 -57.92 31.33 25.97
C GLU F 480 -58.91 30.86 24.91
N GLN F 481 -59.32 29.59 24.94
CA GLN F 481 -60.25 29.08 23.92
C GLN F 481 -61.64 29.65 24.15
N ALA F 482 -61.94 29.95 25.40
CA ALA F 482 -63.22 30.56 25.71
C ALA F 482 -63.26 32.01 25.22
N LYS F 483 -62.20 32.76 25.45
CA LYS F 483 -62.15 34.15 24.98
C LYS F 483 -62.25 34.17 23.47
N ILE F 484 -61.58 33.23 22.83
CA ILE F 484 -61.73 33.02 21.40
C ILE F 484 -63.20 32.83 21.09
N ALA F 485 -63.90 31.99 21.86
CA ALA F 485 -65.34 31.75 21.64
C ALA F 485 -66.22 33.01 21.67
N ILE F 486 -66.15 33.81 22.73
CA ILE F 486 -67.02 35.00 22.77
C ILE F 486 -66.63 36.08 21.74
N GLU F 487 -65.37 36.14 21.35
CA GLU F 487 -64.98 36.94 20.19
C GLU F 487 -65.41 36.25 18.91
N GLN F 488 -65.61 34.93 18.96
CA GLN F 488 -66.05 34.16 17.82
C GLN F 488 -67.50 34.43 17.48
N ALA F 489 -68.38 34.48 18.48
CA ALA F 489 -69.71 35.04 18.21
C ALA F 489 -70.02 36.31 19.03
N ARG F 490 -69.60 37.43 18.45
CA ARG F 490 -70.37 38.65 18.35
C ARG F 490 -70.98 38.55 16.94
N ARG F 491 -70.52 37.54 16.21
CA ARG F 491 -71.02 37.15 14.90
C ARG F 491 -72.01 36.00 15.00
N MSE F 498 -74.39 32.57 23.36
CA MSE F 498 -73.60 32.43 24.58
C MSE F 498 -73.66 33.77 25.36
N SER F 499 -74.69 33.88 26.22
CA SER F 499 -75.12 35.11 26.90
C SER F 499 -74.34 35.50 28.18
N GLU F 500 -74.87 36.46 28.96
CA GLU F 500 -74.12 37.16 30.04
C GLU F 500 -73.24 36.33 30.99
N LEU F 501 -73.69 35.17 31.46
CA LEU F 501 -72.77 34.28 32.19
C LEU F 501 -72.20 33.12 31.32
N GLN F 502 -72.53 33.11 30.03
CA GLN F 502 -71.69 32.43 29.05
C GLN F 502 -70.54 33.34 28.52
N TYR F 503 -70.82 34.62 28.34
CA TYR F 503 -69.81 35.65 28.47
C TYR F 503 -69.15 35.37 29.80
N GLY F 504 -69.98 34.92 30.72
CA GLY F 504 -69.54 34.36 31.98
C GLY F 504 -68.85 33.04 31.69
N LYS F 505 -68.76 32.13 32.67
CA LYS F 505 -67.71 31.11 32.54
C LYS F 505 -66.37 31.84 32.58
N ILE F 506 -65.96 32.42 31.47
CA ILE F 506 -64.74 33.25 31.40
C ILE F 506 -64.38 34.03 32.72
N PRO F 507 -65.36 34.63 33.47
CA PRO F 507 -65.03 35.26 34.74
C PRO F 507 -64.76 34.25 35.88
N GLU F 508 -65.26 33.02 35.76
CA GLU F 508 -64.82 31.94 36.67
C GLU F 508 -63.47 31.36 36.29
N LEU F 509 -63.27 31.00 35.02
CA LEU F 509 -61.99 30.41 34.62
C LEU F 509 -60.94 31.48 34.79
N GLU F 510 -61.40 32.72 34.93
CA GLU F 510 -60.53 33.82 35.31
C GLU F 510 -60.10 33.65 36.78
N LYS F 511 -61.05 33.31 37.66
CA LYS F 511 -60.70 33.04 39.07
C LYS F 511 -60.01 31.69 39.30
N GLN F 512 -60.31 30.69 38.47
CA GLN F 512 -59.60 29.42 38.55
C GLN F 512 -58.11 29.62 38.22
N LEU F 513 -57.81 30.38 37.17
CA LEU F 513 -56.42 30.70 36.86
C LEU F 513 -55.81 31.65 37.89
N GLU F 514 -56.65 32.50 38.47
CA GLU F 514 -56.26 33.30 39.60
C GLU F 514 -55.87 32.35 40.72
N ALA F 515 -56.63 31.27 40.85
CA ALA F 515 -56.45 30.32 41.95
C ALA F 515 -55.19 29.48 41.78
N ALA F 516 -54.87 29.13 40.53
CA ALA F 516 -53.75 28.25 40.29
C ALA F 516 -52.40 28.91 40.57
N THR F 517 -52.14 30.08 39.99
CA THR F 517 -50.93 30.84 40.31
C THR F 517 -50.92 31.27 41.79
N GLN F 518 -52.10 31.53 42.33
CA GLN F 518 -52.24 31.84 43.75
C GLN F 518 -51.71 30.68 44.57
N LEU F 519 -52.04 29.47 44.12
CA LEU F 519 -51.61 28.24 44.75
C LEU F 519 -50.14 28.00 44.42
N GLU F 520 -49.75 28.32 43.19
CA GLU F 520 -48.46 27.94 42.63
C GLU F 520 -47.35 28.63 43.39
N GLY F 521 -47.60 29.88 43.79
CA GLY F 521 -46.66 30.63 44.60
C GLY F 521 -46.41 29.95 45.93
N LYS F 522 -47.46 29.38 46.51
CA LYS F 522 -47.33 28.68 47.78
C LYS F 522 -46.57 27.35 47.65
N THR F 523 -47.05 26.49 46.76
CA THR F 523 -46.51 25.15 46.58
C THR F 523 -45.04 25.12 46.07
N MSE F 524 -44.69 26.00 45.14
CA MSE F 524 -43.55 25.75 44.24
C MSE F 524 -42.12 26.01 44.73
N ARG F 525 -47.89 15.18 48.16
CA ARG F 525 -46.59 14.92 48.77
C ARG F 525 -46.49 13.41 48.58
N LEU F 526 -45.31 12.81 48.73
CA LEU F 526 -45.03 11.38 48.46
C LEU F 526 -44.83 11.04 46.98
N LEU F 527 -45.30 11.89 46.08
CA LEU F 527 -45.02 11.73 44.66
C LEU F 527 -44.69 13.11 44.14
N ARG F 528 -43.46 13.32 43.67
CA ARG F 528 -43.12 14.60 43.10
C ARG F 528 -43.27 14.56 41.59
N ASN F 529 -44.14 15.43 41.13
CA ASN F 529 -44.66 15.43 39.79
C ASN F 529 -43.88 16.30 38.82
N LYS F 530 -43.00 17.16 39.33
CA LYS F 530 -42.43 18.23 38.53
C LYS F 530 -41.06 17.89 37.97
N VAL F 531 -40.81 18.34 36.74
CA VAL F 531 -39.48 18.34 36.16
C VAL F 531 -39.04 19.78 36.27
N THR F 532 -38.09 20.03 37.15
CA THR F 532 -37.73 21.38 37.51
C THR F 532 -36.24 21.57 37.49
N ASP F 533 -35.77 22.66 36.88
CA ASP F 533 -34.57 23.34 37.33
C ASP F 533 -33.43 22.33 37.57
N ALA F 534 -33.12 22.07 38.84
CA ALA F 534 -32.16 21.04 39.25
C ALA F 534 -32.33 19.65 38.60
N GLU F 535 -33.55 19.25 38.28
CA GLU F 535 -33.79 17.99 37.58
C GLU F 535 -33.15 17.95 36.19
N ILE F 536 -33.15 19.08 35.50
CA ILE F 536 -32.45 19.23 34.24
C ILE F 536 -30.95 19.16 34.52
N ALA F 537 -30.55 19.74 35.65
CA ALA F 537 -29.16 19.81 36.05
C ALA F 537 -28.57 18.44 36.35
N GLU F 538 -29.39 17.54 36.87
CA GLU F 538 -28.96 16.17 37.16
C GLU F 538 -28.60 15.48 35.86
N VAL F 539 -29.53 15.51 34.92
CA VAL F 539 -29.34 14.84 33.64
C VAL F 539 -28.03 15.33 33.02
N LEU F 540 -27.81 16.64 33.04
CA LEU F 540 -26.58 17.17 32.46
C LEU F 540 -25.35 16.91 33.36
N ALA F 541 -25.55 16.60 34.63
CA ALA F 541 -24.46 16.12 35.50
C ALA F 541 -24.00 14.74 35.05
N ARG F 542 -24.93 13.95 34.56
CA ARG F 542 -24.57 12.63 34.04
C ARG F 542 -23.89 12.68 32.68
N TRP F 543 -24.40 13.50 31.78
CA TRP F 543 -23.77 13.62 30.47
C TRP F 543 -22.38 14.22 30.60
N THR F 544 -22.26 15.21 31.47
CA THR F 544 -20.99 15.87 31.72
C THR F 544 -20.07 15.21 32.75
N GLY F 545 -20.63 14.82 33.88
CA GLY F 545 -19.84 14.50 35.05
C GLY F 545 -19.28 15.74 35.73
N ILE F 546 -20.17 16.69 36.01
CA ILE F 546 -19.84 17.88 36.80
C ILE F 546 -20.59 17.67 38.14
N PRO F 547 -20.08 18.23 39.24
CA PRO F 547 -20.66 17.87 40.55
C PRO F 547 -22.03 18.49 40.90
N VAL F 548 -22.33 19.66 40.33
CA VAL F 548 -23.69 20.23 40.27
C VAL F 548 -24.55 20.58 41.51
N SER F 549 -24.07 21.25 42.56
CA SER F 549 -22.73 21.81 42.80
C SER F 549 -22.14 22.79 41.75
N ARG F 550 -20.86 22.66 41.39
CA ARG F 550 -20.10 23.70 40.71
C ARG F 550 -20.82 24.27 39.51
N MSE F 551 -21.68 23.45 38.93
CA MSE F 551 -22.53 23.88 37.83
C MSE F 551 -23.58 24.91 38.25
N MSE F 552 -24.26 24.67 39.38
CA MSE F 552 -25.37 25.53 39.84
C MSE F 552 -25.21 26.54 40.99
N GLU F 553 -19.74 4.36 40.31
CA GLU F 553 -20.13 5.23 41.42
C GLU F 553 -20.05 6.65 40.89
N SER F 554 -21.12 7.45 40.97
CA SER F 554 -20.95 8.79 40.41
C SER F 554 -20.50 9.73 41.49
N GLU F 555 -19.19 9.78 41.66
CA GLU F 555 -18.30 10.96 41.63
C GLU F 555 -18.66 12.26 42.34
N ARG F 556 -19.92 12.47 42.68
CA ARG F 556 -20.34 13.73 43.23
C ARG F 556 -20.03 13.71 44.71
N GLU F 557 -20.28 12.58 45.34
CA GLU F 557 -19.88 12.42 46.73
C GLU F 557 -18.36 12.24 46.78
N LYS F 558 -17.83 11.51 45.81
CA LYS F 558 -16.39 11.34 45.66
C LYS F 558 -15.69 12.70 45.67
N LEU F 559 -15.96 13.54 44.66
CA LEU F 559 -15.38 14.87 44.55
C LEU F 559 -15.53 15.75 45.81
N LEU F 560 -16.66 15.64 46.51
CA LEU F 560 -16.86 16.48 47.68
C LEU F 560 -16.08 15.95 48.87
N ARG F 561 -15.71 14.67 48.80
CA ARG F 561 -14.80 14.04 49.77
C ARG F 561 -13.31 14.19 49.40
N MSE F 562 -13.03 14.85 48.28
CA MSE F 562 -11.74 14.72 47.60
C MSE F 562 -10.46 15.03 48.38
N GLU F 563 -10.50 15.96 49.34
CA GLU F 563 -9.28 16.29 50.06
C GLU F 563 -8.93 15.22 51.10
N GLN F 564 -9.95 14.65 51.72
CA GLN F 564 -9.74 13.64 52.75
C GLN F 564 -9.27 12.39 52.02
N GLU F 565 -9.89 12.13 50.88
CA GLU F 565 -9.52 11.02 50.01
C GLU F 565 -8.06 11.08 49.62
N LEU F 566 -7.67 12.22 49.05
CA LEU F 566 -6.31 12.41 48.59
C LEU F 566 -5.38 12.33 49.78
N HIS F 567 -5.90 12.70 50.95
CA HIS F 567 -5.10 12.67 52.17
C HIS F 567 -4.81 11.28 52.75
N HIS F 568 -5.48 10.24 52.24
CA HIS F 568 -5.17 8.90 52.71
C HIS F 568 -3.77 8.53 52.24
N ARG F 569 -3.43 8.94 51.02
CA ARG F 569 -2.07 8.74 50.53
C ARG F 569 -1.10 9.91 50.70
N VAL F 570 -1.61 11.12 50.89
CA VAL F 570 -0.74 12.29 50.92
C VAL F 570 -0.74 12.91 52.31
N ILE F 571 0.39 12.76 53.00
CA ILE F 571 0.57 13.32 54.33
C ILE F 571 0.99 14.78 54.30
N GLY F 572 0.17 15.65 54.88
CA GLY F 572 0.50 17.05 54.87
C GLY F 572 0.31 17.63 53.48
N GLN F 573 0.99 18.73 53.22
CA GLN F 573 0.84 19.50 52.00
C GLN F 573 -0.61 19.87 51.75
N ASN F 574 -1.18 20.66 52.65
CA ASN F 574 -2.61 20.96 52.56
C ASN F 574 -2.93 22.06 51.55
N GLU F 575 -2.09 23.08 51.45
CA GLU F 575 -2.28 24.12 50.44
C GLU F 575 -2.34 23.42 49.07
N ALA F 576 -1.55 22.36 48.92
CA ALA F 576 -1.48 21.63 47.66
C ALA F 576 -2.74 20.83 47.38
N VAL F 577 -3.15 19.99 48.32
CA VAL F 577 -4.35 19.17 48.14
C VAL F 577 -5.57 20.04 47.88
N ASP F 578 -5.76 21.07 48.70
CA ASP F 578 -6.83 22.06 48.50
C ASP F 578 -6.82 22.63 47.10
N ALA F 579 -5.70 23.21 46.67
CA ALA F 579 -5.62 23.84 45.35
C ALA F 579 -5.97 22.88 44.23
N VAL F 580 -5.47 21.66 44.31
CA VAL F 580 -5.72 20.64 43.31
C VAL F 580 -7.20 20.34 43.27
N SER F 581 -7.79 20.23 44.45
CA SER F 581 -9.16 19.78 44.59
C SER F 581 -10.17 20.82 44.12
N ASN F 582 -9.91 22.06 44.43
CA ASN F 582 -10.76 23.13 44.01
C ASN F 582 -10.61 23.36 42.50
N ALA F 583 -9.39 23.35 41.98
CA ALA F 583 -9.19 23.47 40.54
C ALA F 583 -9.86 22.36 39.74
N ILE F 584 -9.95 21.16 40.30
CA ILE F 584 -10.69 20.10 39.63
C ILE F 584 -12.22 20.15 39.83
N ARG F 585 -12.69 20.57 40.99
CA ARG F 585 -14.12 20.63 41.24
C ARG F 585 -14.75 21.73 40.41
N ARG F 586 -14.00 22.81 40.25
CA ARG F 586 -14.37 23.92 39.40
C ARG F 586 -14.63 23.36 38.03
N SER F 587 -13.66 22.60 37.56
CA SER F 587 -13.70 22.05 36.22
C SER F 587 -14.90 21.15 36.03
N ARG F 588 -15.20 20.34 37.04
CA ARG F 588 -16.28 19.37 36.96
C ARG F 588 -17.68 19.90 37.20
N ALA F 589 -17.78 21.04 37.87
CA ALA F 589 -19.08 21.68 38.03
C ALA F 589 -19.47 22.37 36.72
N GLY F 590 -18.51 22.53 35.81
CA GLY F 590 -18.76 23.12 34.52
C GLY F 590 -18.40 24.59 34.50
N LEU F 591 -17.67 25.03 35.52
CA LEU F 591 -17.32 26.44 35.66
C LEU F 591 -16.01 26.77 34.93
N ALA F 592 -15.52 25.81 34.14
CA ALA F 592 -14.23 25.95 33.47
C ALA F 592 -14.39 25.95 31.95
N ASP F 593 -13.45 26.61 31.27
CA ASP F 593 -13.34 26.58 29.82
C ASP F 593 -13.32 25.14 29.32
N PRO F 594 -14.26 24.76 28.43
CA PRO F 594 -14.42 23.37 27.99
C PRO F 594 -13.28 22.84 27.13
N ASN F 595 -12.53 23.73 26.50
CA ASN F 595 -11.49 23.31 25.57
C ASN F 595 -10.21 22.84 26.27
N ARG F 596 -9.82 23.56 27.32
CA ARG F 596 -8.58 23.31 28.05
C ARG F 596 -8.61 21.93 28.76
N PRO F 597 -7.47 21.43 29.28
CA PRO F 597 -7.56 20.12 29.96
C PRO F 597 -8.28 20.24 31.32
N ILE F 598 -8.40 19.16 32.09
CA ILE F 598 -9.21 19.16 33.33
C ILE F 598 -8.61 20.03 34.42
N GLY F 599 -7.29 20.01 34.49
CA GLY F 599 -6.57 20.81 35.44
C GLY F 599 -5.15 20.95 34.94
N SER F 600 -4.48 21.99 35.38
CA SER F 600 -3.09 22.20 35.05
C SER F 600 -2.43 22.87 36.25
N PHE F 601 -1.29 22.36 36.67
CA PHE F 601 -0.69 22.82 37.92
C PHE F 601 0.79 22.96 37.81
N LEU F 602 1.34 24.01 38.43
CA LEU F 602 2.78 24.10 38.61
C LEU F 602 3.12 23.79 40.05
N PHE F 603 3.76 22.64 40.27
CA PHE F 603 4.18 22.26 41.60
C PHE F 603 5.60 22.80 41.85
N LEU F 604 5.71 23.78 42.74
CA LEU F 604 7.01 24.30 43.18
C LEU F 604 7.28 23.84 44.62
N GLY F 605 8.54 23.62 44.94
CA GLY F 605 8.92 23.10 46.25
C GLY F 605 10.19 22.26 46.24
N PRO F 606 10.61 21.80 47.43
CA PRO F 606 11.71 20.84 47.56
C PRO F 606 11.40 19.50 46.91
N THR F 607 12.32 18.55 47.07
CA THR F 607 12.16 17.22 46.50
C THR F 607 12.02 16.18 47.61
N GLY F 608 11.01 15.34 47.48
CA GLY F 608 10.70 14.30 48.43
C GLY F 608 9.70 14.75 49.48
N VAL F 609 8.91 15.77 49.16
CA VAL F 609 7.86 16.24 50.06
C VAL F 609 6.44 15.81 49.69
N GLY F 610 6.29 14.98 48.65
CA GLY F 610 4.99 14.54 48.18
C GLY F 610 4.48 15.09 46.86
N LYS F 611 5.33 15.75 46.07
CA LYS F 611 4.95 16.17 44.72
C LYS F 611 4.48 14.97 43.89
N THR F 612 5.33 13.97 43.71
CA THR F 612 4.93 12.86 42.89
C THR F 612 3.92 12.01 43.64
N GLU F 613 3.96 11.98 44.96
CA GLU F 613 2.98 11.19 45.68
C GLU F 613 1.57 11.76 45.44
N LEU F 614 1.46 13.08 45.34
CA LEU F 614 0.17 13.70 45.03
C LEU F 614 -0.20 13.45 43.58
N CYS F 615 0.79 13.40 42.70
CA CYS F 615 0.53 13.00 41.31
C CYS F 615 -0.08 11.62 41.19
N LYS F 616 0.56 10.60 41.74
CA LYS F 616 0.03 9.24 41.68
C LYS F 616 -1.31 9.18 42.44
N ALA F 617 -1.41 9.93 43.54
CA ALA F 617 -2.58 9.87 44.40
C ALA F 617 -3.80 10.39 43.65
N LEU F 618 -3.55 11.38 42.80
CA LEU F 618 -4.56 12.04 42.01
C LEU F 618 -4.96 11.17 40.82
N ALA F 619 -3.94 10.68 40.13
CA ALA F 619 -4.09 9.77 39.01
C ALA F 619 -4.96 8.61 39.45
N ASN F 620 -4.79 8.19 40.71
CA ASN F 620 -5.58 7.09 41.24
C ASN F 620 -7.01 7.54 41.50
N PHE F 621 -7.13 8.67 42.18
CA PHE F 621 -8.43 9.18 42.61
C PHE F 621 -9.43 9.37 41.48
N MSE F 622 -8.97 9.73 40.30
CA MSE F 622 -9.87 9.91 39.16
C MSE F 622 -9.88 8.76 38.20
N PHE F 623 -8.71 8.47 37.66
CA PHE F 623 -8.54 7.54 36.56
C PHE F 623 -8.38 6.11 37.07
N ASP F 624 -8.65 5.88 38.35
CA ASP F 624 -8.87 4.54 38.85
C ASP F 624 -7.55 3.80 39.08
N SER F 625 -6.42 4.45 38.81
CA SER F 625 -5.13 3.78 38.86
C SER F 625 -3.94 4.72 39.11
N ASP F 626 -2.83 4.16 39.60
CA ASP F 626 -1.57 4.88 39.57
C ASP F 626 -0.94 4.76 38.20
N GLU F 627 -1.23 3.69 37.47
CA GLU F 627 -0.72 3.56 36.09
C GLU F 627 -1.42 4.54 35.16
N ALA F 628 -2.43 5.24 35.67
CA ALA F 628 -3.14 6.20 34.85
C ALA F 628 -2.25 7.27 34.21
N MSE F 629 -1.01 7.45 34.67
CA MSE F 629 -0.23 8.60 34.22
C MSE F 629 0.70 8.41 33.01
N VAL F 630 1.30 9.53 32.61
CA VAL F 630 2.33 9.62 31.60
C VAL F 630 3.42 10.49 32.21
N ARG F 631 4.65 10.00 32.25
CA ARG F 631 5.76 10.78 32.80
C ARG F 631 6.85 11.07 31.81
N ILE F 632 7.05 12.37 31.56
CA ILE F 632 8.15 12.83 30.74
C ILE F 632 9.10 13.65 31.59
N ASP F 633 10.39 13.44 31.39
CA ASP F 633 11.40 14.10 32.21
C ASP F 633 11.99 15.20 31.36
N MSE F 634 11.75 16.44 31.74
CA MSE F 634 12.19 17.55 30.90
C MSE F 634 13.67 17.85 31.05
N SER F 635 14.33 17.17 31.98
CA SER F 635 15.78 17.21 32.04
C SER F 635 16.38 16.69 30.72
N GLU F 636 15.66 15.79 30.04
CA GLU F 636 16.12 15.28 28.74
C GLU F 636 15.47 15.94 27.50
N PHE F 637 14.64 16.97 27.70
CA PHE F 637 14.10 17.80 26.60
C PHE F 637 14.71 19.19 26.33
N MSE F 638 15.87 19.45 26.90
CA MSE F 638 16.42 20.80 26.97
C MSE F 638 16.94 21.31 25.62
N GLU F 639 17.39 20.40 24.77
CA GLU F 639 18.04 20.79 23.50
C GLU F 639 17.04 21.23 22.42
N LYS F 640 17.57 21.62 21.27
CA LYS F 640 16.79 22.29 20.23
C LYS F 640 15.93 21.32 19.43
N HIS F 641 16.41 20.09 19.28
CA HIS F 641 15.74 19.06 18.51
C HIS F 641 14.61 18.40 19.32
N SER F 642 14.51 18.77 20.59
CA SER F 642 13.66 18.07 21.56
C SER F 642 12.19 17.89 21.13
N VAL F 643 11.59 18.94 20.60
CA VAL F 643 10.20 18.89 20.19
C VAL F 643 9.94 17.78 19.15
N SER F 644 10.95 17.44 18.37
CA SER F 644 10.84 16.33 17.43
C SER F 644 10.50 15.04 18.17
N ARG F 645 11.27 14.76 19.21
CA ARG F 645 11.06 13.57 20.02
C ARG F 645 9.78 13.70 20.84
N LEU F 646 9.39 14.94 21.11
CA LEU F 646 8.22 15.23 21.94
C LEU F 646 6.87 15.08 21.23
N VAL F 647 6.63 15.88 20.19
CA VAL F 647 5.40 15.81 19.41
C VAL F 647 5.51 14.93 18.15
N GLY F 648 6.73 14.57 17.77
CA GLY F 648 6.96 13.86 16.53
C GLY F 648 7.46 14.81 15.44
N ALA F 649 8.30 14.31 14.55
CA ALA F 649 8.93 15.12 13.50
C ALA F 649 8.16 14.99 12.19
N GLY F 659 6.82 9.21 15.68
CA GLY F 659 6.08 10.23 16.40
C GLY F 659 6.76 10.61 17.70
N GLY F 660 6.13 11.53 18.43
CA GLY F 660 6.68 11.98 19.70
C GLY F 660 6.11 11.25 20.90
N TYR F 661 6.88 11.19 21.99
CA TYR F 661 6.47 10.43 23.16
C TYR F 661 5.12 10.87 23.69
N LEU F 662 4.99 12.18 23.95
CA LEU F 662 3.77 12.75 24.51
C LEU F 662 2.52 12.50 23.64
N THR F 663 2.56 12.85 22.36
CA THR F 663 1.36 12.73 21.54
C THR F 663 0.87 11.29 21.45
N GLU F 664 1.80 10.33 21.49
CA GLU F 664 1.45 8.92 21.44
C GLU F 664 0.76 8.48 22.72
N ALA F 665 1.41 8.72 23.85
CA ALA F 665 0.86 8.33 25.15
C ALA F 665 -0.54 8.86 25.35
N VAL F 666 -0.70 10.16 25.16
CA VAL F 666 -1.99 10.81 25.44
C VAL F 666 -3.07 10.31 24.48
N ARG F 667 -2.69 9.76 23.34
CA ARG F 667 -3.66 9.16 22.43
C ARG F 667 -4.06 7.74 22.84
N ARG F 668 -3.10 6.95 23.33
CA ARG F 668 -3.42 5.59 23.77
C ARG F 668 -4.19 5.59 25.09
N ARG F 669 -3.75 6.42 26.03
CA ARG F 669 -4.41 6.55 27.33
C ARG F 669 -4.92 7.97 27.50
N PRO F 670 -6.12 8.27 26.98
CA PRO F 670 -6.67 9.63 27.02
C PRO F 670 -6.81 10.14 28.44
N TYR F 671 -7.33 9.31 29.35
CA TYR F 671 -7.58 9.75 30.71
C TYR F 671 -6.32 9.45 31.50
N SER F 672 -5.61 10.49 31.92
CA SER F 672 -4.28 10.31 32.49
C SER F 672 -3.71 11.60 33.00
N VAL F 673 -2.80 11.45 33.96
CA VAL F 673 -2.14 12.58 34.60
C VAL F 673 -0.80 12.71 33.93
N ILE F 674 -0.53 13.88 33.39
CA ILE F 674 0.69 14.09 32.64
C ILE F 674 1.64 14.88 33.51
N LEU F 675 2.72 14.23 33.89
CA LEU F 675 3.65 14.77 34.84
C LEU F 675 4.94 15.10 34.12
N LEU F 676 5.26 16.38 34.05
CA LEU F 676 6.47 16.86 33.40
C LEU F 676 7.44 17.39 34.47
N ASP F 677 8.54 16.67 34.69
CA ASP F 677 9.44 16.99 35.80
C ASP F 677 10.49 18.05 35.44
N GLU F 678 10.62 19.06 36.31
CA GLU F 678 11.53 20.18 36.09
C GLU F 678 11.41 20.78 34.68
N VAL F 679 10.31 21.48 34.40
CA VAL F 679 10.13 22.10 33.09
C VAL F 679 11.03 23.30 32.87
N GLU F 680 11.54 23.90 33.94
CA GLU F 680 12.49 25.01 33.79
C GLU F 680 13.58 24.64 32.81
N LYS F 681 13.99 23.37 32.88
CA LYS F 681 15.12 22.87 32.11
C LYS F 681 14.76 22.72 30.62
N ALA F 682 13.46 22.79 30.31
CA ALA F 682 12.95 22.47 28.97
C ALA F 682 13.29 23.55 27.95
N HIS F 683 13.20 23.18 26.68
CA HIS F 683 13.54 24.07 25.58
C HIS F 683 12.37 25.05 25.31
N PRO F 684 12.66 26.24 24.75
CA PRO F 684 11.58 27.19 24.47
C PRO F 684 10.46 26.70 23.54
N ASP F 685 10.79 26.10 22.40
CA ASP F 685 9.78 25.40 21.59
C ASP F 685 8.90 24.46 22.44
N VAL F 686 9.51 23.72 23.36
CA VAL F 686 8.74 22.79 24.19
C VAL F 686 7.69 23.60 24.96
N PHE F 687 8.19 24.58 25.71
CA PHE F 687 7.40 25.49 26.52
C PHE F 687 6.21 26.05 25.69
N ASN F 688 6.42 26.22 24.39
CA ASN F 688 5.32 26.59 23.47
C ASN F 688 4.30 25.48 23.18
N ILE F 689 4.75 24.24 23.01
CA ILE F 689 3.82 23.12 22.85
C ILE F 689 2.94 22.95 24.10
N LEU F 690 3.54 23.19 25.27
CA LEU F 690 2.80 23.17 26.51
C LEU F 690 1.74 24.27 26.53
N LEU F 691 2.10 25.48 26.10
CA LEU F 691 1.06 26.48 25.92
C LEU F 691 -0.06 25.96 25.06
N GLN F 692 0.28 25.30 23.96
CA GLN F 692 -0.75 24.80 23.05
C GLN F 692 -1.74 23.87 23.74
N VAL F 693 -1.26 22.93 24.54
CA VAL F 693 -2.17 22.04 25.26
C VAL F 693 -3.00 22.78 26.32
N LEU F 694 -2.34 23.53 27.18
CA LEU F 694 -2.99 24.32 28.23
C LEU F 694 -4.12 25.20 27.71
N ASP F 695 -3.83 26.05 26.74
CA ASP F 695 -4.80 26.98 26.16
C ASP F 695 -5.82 26.33 25.21
N ASP F 696 -5.34 25.61 24.20
CA ASP F 696 -6.24 25.04 23.20
C ASP F 696 -6.90 23.76 23.69
N GLY F 697 -6.12 22.90 24.36
CA GLY F 697 -6.61 21.63 24.83
C GLY F 697 -6.42 20.49 23.85
N ARG F 698 -5.67 20.74 22.80
CA ARG F 698 -5.37 19.73 21.80
C ARG F 698 -3.98 20.04 21.30
N LEU F 699 -3.29 19.03 20.80
CA LEU F 699 -1.96 19.24 20.24
C LEU F 699 -1.80 18.58 18.89
N THR F 700 -1.60 19.36 17.84
CA THR F 700 -1.33 18.80 16.51
C THR F 700 0.07 18.22 16.49
N ASP F 701 0.21 17.04 15.88
CA ASP F 701 1.51 16.35 15.89
C ASP F 701 2.34 16.49 14.62
N GLY F 702 3.52 15.87 14.62
CA GLY F 702 4.39 15.83 13.46
C GLY F 702 3.75 15.11 12.29
N GLN F 703 2.68 14.37 12.55
CA GLN F 703 1.91 13.70 11.51
C GLN F 703 0.65 14.47 11.06
N GLY F 704 0.37 15.62 11.67
CA GLY F 704 -0.76 16.45 11.27
C GLY F 704 -2.05 16.24 12.06
N ARG F 705 -2.12 15.15 12.81
CA ARG F 705 -3.33 14.78 13.53
C ARG F 705 -3.38 15.56 14.83
N THR F 706 -4.57 15.80 15.36
CA THR F 706 -4.71 16.44 16.67
C THR F 706 -4.94 15.40 17.76
N VAL F 707 -4.21 15.55 18.87
CA VAL F 707 -4.32 14.66 20.01
C VAL F 707 -5.16 15.36 21.05
N ASP F 708 -6.09 14.61 21.65
CA ASP F 708 -7.03 15.20 22.59
C ASP F 708 -6.57 15.07 24.04
N PHE F 709 -6.26 16.22 24.65
CA PHE F 709 -5.87 16.30 26.05
C PHE F 709 -7.05 16.70 26.94
N ARG F 710 -8.25 16.78 26.37
CA ARG F 710 -9.40 17.34 27.07
C ARG F 710 -9.68 16.63 28.40
N ASN F 711 -9.37 15.34 28.50
CA ASN F 711 -9.38 14.67 29.80
C ASN F 711 -7.97 14.33 30.23
N THR F 712 -7.34 15.20 31.00
CA THR F 712 -6.06 14.91 31.62
C THR F 712 -5.86 15.94 32.71
N VAL F 713 -4.96 15.68 33.64
CA VAL F 713 -4.45 16.72 34.51
C VAL F 713 -3.00 16.89 34.18
N VAL F 714 -2.64 18.07 33.70
CA VAL F 714 -1.26 18.32 33.33
C VAL F 714 -0.54 18.92 34.53
N ILE F 715 0.64 18.42 34.82
CA ILE F 715 1.36 18.81 36.03
C ILE F 715 2.82 19.12 35.73
N MSE F 716 3.19 20.37 35.96
CA MSE F 716 4.56 20.81 35.82
C MSE F 716 5.18 20.65 37.20
N THR F 717 6.33 19.99 37.32
CA THR F 717 7.10 20.12 38.58
C THR F 717 8.39 20.87 38.28
N SER F 718 8.83 21.63 39.28
CA SER F 718 10.06 22.38 39.17
C SER F 718 10.60 22.68 40.56
N ASN F 719 11.92 22.67 40.74
CA ASN F 719 12.53 22.96 42.04
C ASN F 719 12.99 24.42 42.23
N LEU F 720 12.61 25.28 41.29
CA LEU F 720 13.11 26.66 41.25
C LEU F 720 12.98 27.45 42.55
N GLY F 721 11.80 27.43 43.17
CA GLY F 721 11.61 28.15 44.42
C GLY F 721 12.20 27.45 45.62
N SER F 722 12.54 26.17 45.48
CA SER F 722 12.96 25.33 46.60
C SER F 722 14.07 25.99 47.43
N ASP F 723 14.85 26.83 46.77
CA ASP F 723 15.84 27.66 47.44
C ASP F 723 15.17 28.49 48.54
N LEU F 724 14.33 29.44 48.12
CA LEU F 724 13.66 30.35 49.04
C LEU F 724 12.50 29.68 49.76
N ILE F 725 12.05 28.53 49.25
CA ILE F 725 10.86 27.89 49.80
C ILE F 725 11.16 27.06 51.02
N GLN F 726 12.26 26.34 50.99
CA GLN F 726 12.69 25.55 52.12
C GLN F 726 13.08 26.49 53.26
N GLU F 727 13.73 27.58 52.87
CA GLU F 727 14.28 28.56 53.77
C GLU F 727 13.24 29.28 54.63
N ARG F 728 12.06 29.50 54.05
CA ARG F 728 11.01 30.27 54.70
C ARG F 728 9.72 29.45 54.61
N PHE F 729 8.78 29.67 55.52
CA PHE F 729 7.39 29.24 55.32
C PHE F 729 6.65 29.88 56.48
N LEU F 732 6.20 31.08 56.12
CA LEU F 732 5.74 32.13 56.99
C LEU F 732 4.51 32.75 56.35
N ASP F 733 3.36 32.66 57.02
CA ASP F 733 2.15 33.33 56.57
C ASP F 733 1.64 32.90 55.17
N TYR F 734 1.33 31.61 55.02
CA TYR F 734 0.45 31.12 53.93
C TYR F 734 0.69 31.76 52.54
N ALA F 735 -0.36 32.37 51.97
CA ALA F 735 -0.35 32.93 50.63
C ALA F 735 0.60 34.12 50.48
N HIS F 736 0.99 34.74 51.59
CA HIS F 736 1.94 35.85 51.50
C HIS F 736 3.32 35.35 51.07
N MSE F 737 3.57 34.05 51.24
CA MSE F 737 4.77 33.45 50.70
C MSE F 737 4.61 33.08 49.24
N LYS F 738 3.44 32.54 48.92
CA LYS F 738 3.10 32.24 47.54
C LYS F 738 3.17 33.54 46.72
N GLU F 739 3.05 34.69 47.38
CA GLU F 739 3.38 35.96 46.74
C GLU F 739 4.87 36.11 46.45
N LEU F 740 5.71 35.96 47.47
CA LEU F 740 7.14 36.30 47.36
C LEU F 740 8.02 35.15 46.85
N VAL F 741 7.38 34.03 46.49
CA VAL F 741 8.02 33.05 45.61
C VAL F 741 7.85 33.48 44.15
N LEU F 742 6.68 34.02 43.83
CA LEU F 742 6.41 34.48 42.46
C LEU F 742 7.39 35.56 42.02
N GLY F 743 8.05 36.21 42.97
CA GLY F 743 9.11 37.14 42.65
C GLY F 743 10.32 36.46 42.05
N VAL F 744 10.57 35.23 42.49
CA VAL F 744 11.68 34.44 41.99
C VAL F 744 11.28 33.78 40.66
N VAL F 745 10.02 33.35 40.57
CA VAL F 745 9.57 32.69 39.34
C VAL F 745 9.49 33.71 38.20
N SER F 746 9.18 34.96 38.53
CA SER F 746 9.09 36.03 37.52
C SER F 746 10.31 36.06 36.63
N HIS F 747 11.47 36.30 37.24
CA HIS F 747 12.73 36.44 36.50
C HIS F 747 12.85 35.33 35.46
N ASN F 748 12.44 34.12 35.84
CA ASN F 748 12.48 32.98 34.95
C ASN F 748 11.29 32.83 33.97
N PHE F 749 10.06 32.99 34.46
CA PHE F 749 8.88 32.51 33.74
C PHE F 749 8.11 33.62 33.04
N ARG F 750 7.79 33.41 31.77
CA ARG F 750 7.01 34.37 30.99
C ARG F 750 5.59 34.52 31.54
N PRO F 751 4.97 35.70 31.34
CA PRO F 751 3.60 35.95 31.83
C PRO F 751 2.53 35.12 31.10
N GLU F 752 2.67 35.03 29.78
CA GLU F 752 1.68 34.38 28.93
C GLU F 752 1.39 32.97 29.43
N PHE F 753 2.42 32.31 29.99
CA PHE F 753 2.37 30.93 30.42
C PHE F 753 1.73 30.67 31.78
N ILE F 754 2.16 31.41 32.80
CA ILE F 754 1.62 31.19 34.16
C ILE F 754 0.18 31.62 34.23
N ASN F 755 -0.23 32.57 33.39
CA ASN F 755 -1.64 32.95 33.33
C ASN F 755 -2.55 31.77 32.97
N ARG F 756 -2.05 30.86 32.14
CA ARG F 756 -2.85 29.74 31.64
C ARG F 756 -2.71 28.45 32.47
N ILE F 757 -2.05 28.52 33.62
CA ILE F 757 -2.01 27.43 34.60
C ILE F 757 -3.11 27.62 35.65
N ASP F 758 -3.90 26.58 35.90
CA ASP F 758 -5.04 26.69 36.82
C ASP F 758 -4.62 27.11 38.22
N GLU F 759 -3.62 26.44 38.78
CA GLU F 759 -3.08 26.79 40.08
C GLU F 759 -1.57 26.60 40.08
N VAL F 760 -0.90 27.43 40.85
CA VAL F 760 0.51 27.23 41.12
C VAL F 760 0.59 26.94 42.61
N VAL F 761 1.07 25.74 42.93
CA VAL F 761 1.07 25.23 44.28
C VAL F 761 2.46 25.35 44.89
N VAL F 762 2.48 25.57 46.20
CA VAL F 762 3.72 25.55 46.96
C VAL F 762 3.76 24.33 47.87
N PHE F 763 4.86 23.59 47.80
CA PHE F 763 5.08 22.43 48.67
C PHE F 763 6.06 22.82 49.76
N HIS F 764 5.65 22.63 51.01
CA HIS F 764 6.50 22.97 52.15
C HIS F 764 7.43 21.80 52.56
N PRO F 765 8.53 22.08 53.28
CA PRO F 765 9.44 21.08 53.86
C PRO F 765 8.79 20.18 54.92
N LEU F 766 9.37 19.02 55.22
CA LEU F 766 8.64 18.01 55.99
C LEU F 766 8.90 17.97 57.50
N GLY F 767 7.80 17.96 58.26
CA GLY F 767 7.83 17.98 59.71
C GLY F 767 7.90 16.63 60.40
N GLU F 768 8.51 16.63 61.57
CA GLU F 768 8.82 15.42 62.34
C GLU F 768 7.66 14.43 62.39
N GLN F 769 6.49 14.93 62.80
CA GLN F 769 5.29 14.11 62.86
C GLN F 769 4.86 13.65 61.47
N HIS F 770 5.11 14.48 60.45
CA HIS F 770 4.82 14.06 59.07
C HIS F 770 5.63 12.86 58.66
N ILE F 771 6.95 12.90 58.85
CA ILE F 771 7.80 11.81 58.39
C ILE F 771 7.45 10.56 59.17
N ALA F 772 7.03 10.73 60.41
CA ALA F 772 6.52 9.60 61.18
C ALA F 772 5.26 9.02 60.53
N SER F 773 4.34 9.86 60.07
CA SER F 773 3.11 9.36 59.44
C SER F 773 3.35 8.77 58.06
N ILE F 774 4.29 9.37 57.32
CA ILE F 774 4.71 8.94 56.00
C ILE F 774 5.28 7.54 56.15
N ALA F 775 6.07 7.37 57.21
CA ALA F 775 6.72 6.10 57.52
C ALA F 775 5.68 5.07 57.88
N GLN F 776 4.71 5.45 58.70
CA GLN F 776 3.67 4.54 59.11
C GLN F 776 2.93 4.07 57.89
N ILE F 777 2.78 4.95 56.89
CA ILE F 777 2.13 4.55 55.64
C ILE F 777 2.98 3.52 54.91
N GLN F 778 4.30 3.74 54.85
CA GLN F 778 5.16 2.77 54.15
C GLN F 778 5.17 1.42 54.86
N LEU F 779 4.96 1.41 56.17
CA LEU F 779 4.90 0.15 56.90
C LEU F 779 3.57 -0.56 56.63
N LYS F 780 2.58 0.15 56.10
CA LYS F 780 1.30 -0.48 55.76
C LYS F 780 1.46 -1.54 54.65
N ARG F 781 2.09 -1.19 53.53
CA ARG F 781 2.26 -2.14 52.43
C ARG F 781 2.87 -3.41 52.99
N LEU F 782 3.92 -3.25 53.80
CA LEU F 782 4.61 -4.38 54.42
C LEU F 782 3.73 -5.19 55.36
N TYR F 783 2.99 -4.52 56.25
CA TYR F 783 2.21 -5.22 57.25
C TYR F 783 1.22 -6.09 56.53
N LYS F 784 0.66 -5.55 55.44
CA LYS F 784 -0.36 -6.21 54.66
C LYS F 784 0.20 -7.43 53.95
N ARG F 785 1.40 -7.31 53.36
CA ARG F 785 2.02 -8.44 52.69
C ARG F 785 2.27 -9.59 53.68
N LEU F 786 2.59 -9.23 54.92
CA LEU F 786 2.72 -10.20 56.00
C LEU F 786 1.38 -10.62 56.58
N GLU F 787 0.40 -9.75 56.50
CA GLU F 787 -0.92 -10.00 57.05
C GLU F 787 -1.44 -11.24 56.35
N GLU F 788 -1.27 -11.24 55.03
CA GLU F 788 -1.64 -12.37 54.18
C GLU F 788 -1.02 -13.67 54.66
N ARG F 789 0.19 -13.58 55.19
CA ARG F 789 0.96 -14.75 55.60
C ARG F 789 0.77 -15.21 57.05
N GLY F 790 0.04 -14.43 57.85
CA GLY F 790 -0.29 -14.86 59.21
C GLY F 790 0.56 -14.24 60.30
N TYR F 791 1.26 -13.17 59.97
CA TYR F 791 2.09 -12.44 60.91
C TYR F 791 1.46 -11.09 61.21
N GLU F 792 1.14 -10.84 62.47
CA GLU F 792 0.75 -9.51 62.90
C GLU F 792 2.05 -8.74 63.20
N ILE F 793 2.03 -7.40 63.07
CA ILE F 793 3.21 -6.61 63.46
C ILE F 793 2.86 -5.30 64.12
N HIS F 794 3.70 -4.90 65.07
CA HIS F 794 3.62 -3.59 65.69
C HIS F 794 5.02 -3.03 65.72
N ILE F 795 5.13 -1.72 65.57
CA ILE F 795 6.41 -1.06 65.68
C ILE F 795 6.46 -0.19 66.93
N SER F 796 7.52 -0.40 67.70
CA SER F 796 7.77 0.33 68.92
C SER F 796 7.75 1.81 68.61
N ASP F 797 7.34 2.64 69.57
CA ASP F 797 7.38 4.08 69.32
C ASP F 797 8.82 4.50 69.04
N GLU F 798 9.77 3.82 69.68
CA GLU F 798 11.19 4.15 69.53
C GLU F 798 11.70 3.75 68.15
N ALA F 799 11.44 2.50 67.77
CA ALA F 799 11.79 2.03 66.44
C ALA F 799 11.25 2.96 65.35
N LEU F 800 10.01 3.41 65.50
CA LEU F 800 9.43 4.28 64.47
C LEU F 800 10.13 5.63 64.40
N LYS F 801 10.48 6.23 65.53
CA LYS F 801 11.23 7.48 65.43
C LYS F 801 12.64 7.25 64.88
N LEU F 802 13.22 6.09 65.13
CA LEU F 802 14.55 5.80 64.62
C LEU F 802 14.49 5.69 63.10
N LEU F 803 13.43 5.07 62.61
CA LEU F 803 13.22 4.89 61.19
C LEU F 803 12.89 6.24 60.57
N SER F 804 12.18 7.07 61.32
CA SER F 804 11.76 8.38 60.84
C SER F 804 12.95 9.32 60.72
N GLU F 805 13.95 9.15 61.57
CA GLU F 805 15.16 9.96 61.50
C GLU F 805 16.07 9.48 60.39
N ASN F 806 16.12 8.16 60.20
CA ASN F 806 16.86 7.58 59.08
C ASN F 806 16.34 8.09 57.75
N GLY F 807 15.04 8.32 57.65
CA GLY F 807 14.42 8.62 56.37
C GLY F 807 14.54 10.07 55.93
N TYR F 808 14.80 10.97 56.87
CA TYR F 808 14.62 12.39 56.62
C TYR F 808 15.90 13.20 56.60
N ASP F 809 16.28 13.66 55.41
CA ASP F 809 17.25 14.74 55.28
C ASP F 809 16.69 15.77 54.30
N PRO F 810 16.90 17.08 54.57
CA PRO F 810 16.37 18.14 53.72
C PRO F 810 16.80 18.11 52.25
N VAL F 811 17.85 17.36 51.91
CA VAL F 811 18.34 17.33 50.53
C VAL F 811 17.42 16.46 49.66
N TYR F 812 17.37 15.17 49.98
CA TYR F 812 16.54 14.21 49.24
C TYR F 812 15.16 13.96 49.88
N GLY F 813 14.80 14.71 50.92
CA GLY F 813 13.45 14.68 51.45
C GLY F 813 13.08 13.46 52.29
N ALA F 814 11.91 12.89 52.01
CA ALA F 814 11.50 11.62 52.59
C ALA F 814 11.84 10.46 51.66
N ARG F 815 12.58 10.72 50.58
CA ARG F 815 12.91 9.70 49.59
C ARG F 815 13.63 8.49 50.19
N PRO F 816 14.67 8.72 51.02
CA PRO F 816 15.43 7.60 51.58
C PRO F 816 14.58 6.65 52.40
N LEU F 817 13.48 7.14 52.96
CA LEU F 817 12.71 6.36 53.91
C LEU F 817 12.26 4.96 53.44
N LYS F 818 11.90 4.76 52.17
CA LYS F 818 11.47 3.41 51.74
C LYS F 818 12.64 2.43 51.65
N ARG F 819 13.81 2.93 51.25
CA ARG F 819 14.97 2.05 51.15
C ARG F 819 15.62 1.85 52.52
N ALA F 820 15.29 2.72 53.47
CA ALA F 820 15.67 2.52 54.85
C ALA F 820 14.79 1.46 55.50
N ILE F 821 13.51 1.41 55.12
CA ILE F 821 12.64 0.37 55.63
C ILE F 821 13.15 -0.95 55.13
N GLN F 822 13.47 -0.98 53.84
CA GLN F 822 13.95 -2.18 53.20
C GLN F 822 15.17 -2.79 53.91
N GLN F 823 16.22 -1.99 54.07
CA GLN F 823 17.47 -2.48 54.63
C GLN F 823 17.50 -2.60 56.17
N GLN F 824 16.72 -1.79 56.88
CA GLN F 824 16.64 -1.83 58.34
C GLN F 824 15.70 -2.91 58.88
N ILE F 825 14.60 -3.13 58.16
CA ILE F 825 13.50 -3.95 58.64
C ILE F 825 13.29 -5.17 57.75
N GLU F 826 13.04 -4.97 56.46
CA GLU F 826 12.69 -6.09 55.58
C GLU F 826 13.76 -7.20 55.51
N ASN F 827 15.03 -6.83 55.39
CA ASN F 827 16.09 -7.84 55.31
C ASN F 827 16.21 -8.75 56.53
N PRO F 828 16.39 -8.18 57.73
CA PRO F 828 16.55 -9.04 58.89
C PRO F 828 15.32 -9.91 59.12
N LEU F 829 14.15 -9.28 59.04
CA LEU F 829 12.87 -9.96 59.19
C LEU F 829 12.76 -11.12 58.19
N ALA F 830 13.22 -10.88 56.97
CA ALA F 830 13.14 -11.87 55.89
C ALA F 830 13.87 -13.15 56.24
N GLN F 831 15.00 -13.03 56.94
CA GLN F 831 15.80 -14.20 57.28
C GLN F 831 15.16 -14.92 58.45
N GLN F 832 14.75 -14.17 59.45
CA GLN F 832 14.08 -14.74 60.61
C GLN F 832 12.85 -15.53 60.17
N ILE F 833 12.12 -15.00 59.20
CA ILE F 833 10.96 -15.70 58.65
C ILE F 833 11.41 -17.01 58.01
N LEU F 834 12.44 -16.95 57.17
CA LEU F 834 12.95 -18.12 56.45
C LEU F 834 13.61 -19.17 57.35
N SER F 835 14.19 -18.74 58.46
CA SER F 835 14.85 -19.64 59.40
C SER F 835 13.87 -20.28 60.39
N GLY F 836 12.76 -19.62 60.68
CA GLY F 836 11.83 -20.10 61.68
C GLY F 836 11.82 -19.37 63.02
N GLU F 837 12.83 -18.54 63.29
CA GLU F 837 12.87 -17.73 64.51
C GLU F 837 11.52 -17.06 64.76
N LEU F 838 10.97 -16.43 63.73
CA LEU F 838 9.60 -15.90 63.77
C LEU F 838 8.61 -16.91 63.21
N VAL F 839 7.55 -17.15 63.97
CA VAL F 839 6.47 -18.02 63.56
C VAL F 839 5.17 -17.25 63.38
N PRO F 840 4.32 -17.66 62.42
CA PRO F 840 2.97 -17.10 62.28
C PRO F 840 2.06 -17.37 63.48
N GLY F 841 1.23 -16.40 63.84
CA GLY F 841 0.37 -16.55 65.00
C GLY F 841 1.05 -16.10 66.27
N LYS F 842 2.08 -15.27 66.11
CA LYS F 842 2.71 -14.57 67.22
C LYS F 842 2.95 -13.17 66.72
N VAL F 843 2.40 -12.17 67.39
CA VAL F 843 2.66 -10.80 66.99
C VAL F 843 4.14 -10.53 67.02
N ILE F 844 4.59 -9.75 66.05
CA ILE F 844 5.99 -9.45 65.86
C ILE F 844 6.19 -8.02 66.26
N ARG F 845 7.00 -7.79 67.27
CA ARG F 845 7.22 -6.45 67.76
C ARG F 845 8.54 -5.96 67.20
N LEU F 846 8.57 -4.70 66.75
CA LEU F 846 9.80 -4.13 66.21
C LEU F 846 10.33 -3.14 67.22
N GLU F 847 11.43 -3.50 67.89
CA GLU F 847 11.97 -2.69 68.99
C GLU F 847 13.36 -2.25 68.60
N VAL F 848 13.84 -1.15 69.17
CA VAL F 848 15.26 -0.82 69.03
C VAL F 848 16.07 -1.59 70.05
N ASN F 849 17.21 -2.08 69.60
CA ASN F 849 18.18 -2.71 70.47
C ASN F 849 19.55 -2.17 70.08
N GLU F 850 20.16 -1.42 70.99
CA GLU F 850 21.46 -0.81 70.74
C GLU F 850 21.57 -0.20 69.34
N ASP F 851 20.85 0.89 69.11
CA ASP F 851 20.94 1.65 67.87
C ASP F 851 20.56 0.83 66.63
N ARG F 852 19.78 -0.23 66.82
CA ARG F 852 19.48 -1.14 65.73
C ARG F 852 18.05 -1.67 65.81
N ILE F 853 17.27 -1.53 64.74
CA ILE F 853 15.90 -2.05 64.77
C ILE F 853 15.93 -3.57 64.63
N VAL F 854 15.15 -4.24 65.47
CA VAL F 854 15.09 -5.70 65.49
C VAL F 854 13.66 -6.18 65.69
N ALA F 855 13.43 -7.46 65.37
CA ALA F 855 12.11 -8.07 65.45
C ALA F 855 12.12 -9.21 66.44
N VAL F 856 11.17 -9.19 67.39
CA VAL F 856 11.09 -10.20 68.44
C VAL F 856 9.68 -10.74 68.57
N GLN F 857 9.55 -11.91 69.20
CA GLN F 857 8.25 -12.43 69.57
C GLN F 857 8.28 -12.80 71.05
#